data_8FUF
#
_entry.id   8FUF
#
_cell.length_a   274.011
_cell.length_b   274.011
_cell.length_c   143.078
_cell.angle_alpha   90.000
_cell.angle_beta   90.000
_cell.angle_gamma   120.000
#
_symmetry.space_group_name_H-M   'P 3 2 1'
#
loop_
_entity.id
_entity.type
_entity.pdbx_description
1 polymer 'UDP-N-acetylglucosamine--peptide N-acetylglucosaminyltransferase 110 kDa subunit'
2 polymer 'Zinc finger protein 831'
3 non-polymer URIDINE-DIPHOSPHATE-N-ACETYLGLUCOSAMINE
#
loop_
_entity_poly.entity_id
_entity_poly.type
_entity_poly.pdbx_seq_one_letter_code
_entity_poly.pdbx_strand_id
1 'polypeptide(L)'
;GPGSCPTHADSLNNLANIKREQGNIEEAVRLYRKALEVFPEFAAAHSNLASVLQQQGKLQEALMHYKEAIRISPTFADAY
SNMGNTLKEMQDVQGALQCYTRAIQINPAFADAHSNLASIHKDSGNIPEAIASYRTALKLKPDFPDAYCNLAHCLQIVCD
WTDYDERMKKLVSIVADQLEKNRLPSVHPHHSMLYPLSHGFRKAIAERHGNLCLDKINVLHKPPYEHPKDLKLSDGRLRV
GYVSSDFGNHPTSHLMQSIPGMHNPDKFEVFCYALSPDDGTNFRVKVMAEANHFIDLSQIPCNGKAADRIHQDGIHILVN
MNGYTKGARNELFALRPAPIQAMWLGYPGTSGALFMDYIITDQETSPAEVAEQYSEKLAYMPHTFFIGDHANMFPHLKKK
AVIDFKSNGHIYDNRIVLNGIDLKAFLDSLPDVKIVKMKCPDGGDNADSSNTALNMPVIPMNTIAEAVIEMINRGQIQIT
INGFSISNGLATTQINNKAATGEEVPRTIIVTTRSQYGLPEDAIVYCNFNQLYKIDPSTLQMWANILKRVPNSVLWLLRF
PAVGEPNIQQYAQNMGLPQNRIIFSPVAPKEEHVRRGQLADVCLDTPLCNGHTTGMDVLWAGTPMVTMPGETLASRVAAS
QLTCLGCLELIAKNRQEYEDIAVKLGTDLEYLKKVRGKVWKQRISSPLFNTKQYTMELERLYLQMWEHYAAGNKPDHMIK
PVE
;
A,C,E,G
2 'polypeptide(L)' NAFSPKYLLRLPQ B,D,F,H
#
# COMPACT_ATOMS: atom_id res chain seq x y z
N THR A 7 -3.55 44.46 55.37
CA THR A 7 -4.80 45.07 54.92
C THR A 7 -5.91 44.02 54.84
N HIS A 8 -7.16 44.48 54.94
CA HIS A 8 -8.29 43.57 54.80
C HIS A 8 -8.43 43.08 53.37
N ALA A 9 -7.95 43.85 52.40
CA ALA A 9 -8.01 43.41 51.01
C ALA A 9 -7.19 42.15 50.79
N ASP A 10 -6.02 42.07 51.42
CA ASP A 10 -5.18 40.88 51.27
C ASP A 10 -5.89 39.63 51.78
N SER A 11 -6.53 39.73 52.96
CA SER A 11 -7.24 38.58 53.50
C SER A 11 -8.39 38.18 52.58
N LEU A 12 -9.14 39.15 52.08
CA LEU A 12 -10.20 38.85 51.11
C LEU A 12 -9.62 38.20 49.86
N ASN A 13 -8.49 38.71 49.38
CA ASN A 13 -7.85 38.15 48.19
C ASN A 13 -7.51 36.68 48.40
N ASN A 14 -6.81 36.36 49.49
CA ASN A 14 -6.41 34.99 49.74
C ASN A 14 -7.63 34.07 49.82
N LEU A 15 -8.67 34.51 50.53
CA LEU A 15 -9.90 33.73 50.60
C LEU A 15 -10.45 33.49 49.20
N ALA A 16 -10.46 34.53 48.36
CA ALA A 16 -10.98 34.37 47.01
C ALA A 16 -10.19 33.33 46.24
N ASN A 17 -8.86 33.39 46.31
CA ASN A 17 -8.04 32.39 45.61
C ASN A 17 -8.37 30.99 46.10
N ILE A 18 -8.46 30.81 47.41
CA ILE A 18 -8.79 29.49 47.97
C ILE A 18 -10.15 29.04 47.46
N LYS A 19 -11.17 29.90 47.59
CA LYS A 19 -12.50 29.54 47.14
C LYS A 19 -12.52 29.24 45.64
N ARG A 20 -11.66 29.90 44.87
CA ARG A 20 -11.52 29.56 43.46
C ARG A 20 -11.02 28.13 43.29
N GLU A 21 -9.94 27.77 43.99
CA GLU A 21 -9.49 26.38 43.99
C GLU A 21 -10.58 25.46 44.53
N GLN A 22 -11.39 25.95 45.47
CA GLN A 22 -12.52 25.20 46.01
C GLN A 22 -13.68 25.10 45.04
N GLY A 23 -13.49 25.51 43.78
CA GLY A 23 -14.57 25.49 42.82
C GLY A 23 -15.69 26.46 43.10
N ASN A 24 -15.49 27.36 44.06
CA ASN A 24 -16.51 28.33 44.49
C ASN A 24 -16.30 29.69 43.84
N ILE A 25 -15.87 29.71 42.57
CA ILE A 25 -15.64 30.98 41.88
C ILE A 25 -16.89 31.84 41.92
N GLU A 26 -18.07 31.22 41.88
CA GLU A 26 -19.31 31.98 42.00
C GLU A 26 -19.33 32.78 43.30
N GLU A 27 -18.94 32.14 44.41
CA GLU A 27 -18.87 32.78 45.70
C GLU A 27 -17.44 33.13 46.10
N ALA A 28 -16.52 33.16 45.12
CA ALA A 28 -15.17 33.65 45.32
C ALA A 28 -14.88 34.94 44.57
N VAL A 29 -15.47 35.14 43.40
CA VAL A 29 -15.35 36.41 42.69
C VAL A 29 -15.90 37.53 43.57
N ARG A 30 -16.95 37.25 44.34
CA ARG A 30 -17.43 38.21 45.32
C ARG A 30 -16.33 38.55 46.31
N LEU A 31 -15.56 37.55 46.74
CA LEU A 31 -14.43 37.81 47.64
C LEU A 31 -13.43 38.76 47.00
N TYR A 32 -13.06 38.50 45.74
CA TYR A 32 -12.16 39.41 45.04
C TYR A 32 -12.76 40.81 45.00
N ARG A 33 -14.05 40.91 44.69
CA ARG A 33 -14.72 42.20 44.64
C ARG A 33 -14.58 42.94 45.95
N LYS A 34 -14.88 42.26 47.07
CA LYS A 34 -14.79 42.89 48.37
C LYS A 34 -13.37 43.39 48.64
N ALA A 35 -12.37 42.61 48.24
CA ALA A 35 -10.98 43.04 48.40
C ALA A 35 -10.71 44.30 47.60
N LEU A 36 -11.21 44.36 46.36
CA LEU A 36 -11.05 45.57 45.55
C LEU A 36 -11.76 46.76 46.18
N GLU A 37 -12.94 46.52 46.76
CA GLU A 37 -13.65 47.60 47.45
C GLU A 37 -12.83 48.12 48.63
N VAL A 38 -12.19 47.21 49.37
CA VAL A 38 -11.33 47.62 50.47
C VAL A 38 -10.17 48.46 49.96
N PHE A 39 -9.48 47.97 48.94
CA PHE A 39 -8.35 48.67 48.33
C PHE A 39 -8.63 48.85 46.84
N PRO A 40 -9.02 50.04 46.41
CA PRO A 40 -9.31 50.23 44.98
C PRO A 40 -8.13 49.95 44.06
N GLU A 41 -6.90 50.23 44.52
CA GLU A 41 -5.72 50.09 43.69
C GLU A 41 -4.92 48.82 44.00
N PHE A 42 -5.59 47.76 44.44
CA PHE A 42 -4.93 46.49 44.72
C PHE A 42 -4.54 45.85 43.40
N ALA A 43 -3.25 45.94 43.07
CA ALA A 43 -2.78 45.45 41.77
C ALA A 43 -3.03 43.97 41.61
N ALA A 44 -2.67 43.16 42.62
CA ALA A 44 -2.82 41.73 42.52
C ALA A 44 -4.29 41.34 42.42
N ALA A 45 -5.15 41.99 43.21
CA ALA A 45 -6.58 41.66 43.18
C ALA A 45 -7.19 41.95 41.83
N HIS A 46 -6.84 43.09 41.22
CA HIS A 46 -7.35 43.41 39.89
C HIS A 46 -6.96 42.33 38.89
N SER A 47 -5.71 41.86 38.95
CA SER A 47 -5.23 40.84 38.02
C SER A 47 -6.07 39.58 38.11
N ASN A 48 -6.10 38.94 39.29
CA ASN A 48 -6.77 37.65 39.42
C ASN A 48 -8.26 37.75 39.11
N LEU A 49 -8.93 38.80 39.61
CA LEU A 49 -10.36 38.93 39.36
C LEU A 49 -10.66 38.89 37.88
N ALA A 50 -9.80 39.51 37.07
CA ALA A 50 -9.94 39.38 35.62
C ALA A 50 -9.54 37.98 35.16
N SER A 51 -8.55 37.36 35.81
CA SER A 51 -8.14 36.02 35.41
C SER A 51 -9.28 35.02 35.57
N VAL A 52 -10.00 35.08 36.69
CA VAL A 52 -11.21 34.27 36.81
C VAL A 52 -12.24 34.74 35.80
N LEU A 53 -12.26 36.04 35.51
CA LEU A 53 -13.13 36.55 34.45
C LEU A 53 -12.80 35.92 33.10
N GLN A 54 -11.56 35.45 32.92
CA GLN A 54 -11.20 34.75 31.70
C GLN A 54 -12.07 33.53 31.42
N GLN A 55 -12.85 33.08 32.42
CA GLN A 55 -13.84 32.04 32.16
C GLN A 55 -14.72 32.43 30.98
N GLN A 56 -15.15 33.69 30.94
CA GLN A 56 -15.92 34.24 29.84
C GLN A 56 -16.43 35.62 30.26
N GLY A 57 -17.31 35.64 31.25
CA GLY A 57 -17.86 36.87 31.79
C GLY A 57 -18.11 37.88 30.70
N LYS A 58 -17.49 39.04 30.81
CA LYS A 58 -17.35 39.96 29.68
C LYS A 58 -15.91 39.87 29.21
N LEU A 59 -15.73 39.69 27.90
CA LEU A 59 -14.37 39.57 27.37
C LEU A 59 -13.56 40.81 27.69
N GLN A 60 -14.14 42.00 27.50
CA GLN A 60 -13.46 43.25 27.81
C GLN A 60 -13.42 43.54 29.31
N GLU A 61 -14.28 42.90 30.09
CA GLU A 61 -14.24 43.10 31.54
C GLU A 61 -12.88 42.66 32.11
N ALA A 62 -12.37 41.53 31.65
CA ALA A 62 -11.04 41.10 32.05
C ALA A 62 -9.99 42.11 31.61
N LEU A 63 -10.12 42.63 30.38
CA LEU A 63 -9.17 43.62 29.89
C LEU A 63 -9.11 44.83 30.81
N MET A 64 -10.27 45.29 31.28
CA MET A 64 -10.30 46.46 32.16
C MET A 64 -9.48 46.22 33.42
N HIS A 65 -9.73 45.08 34.10
CA HIS A 65 -8.99 44.79 35.33
C HIS A 65 -7.51 44.57 35.04
N TYR A 66 -7.20 43.88 33.96
CA TYR A 66 -5.80 43.63 33.60
C TYR A 66 -5.07 44.94 33.35
N LYS A 67 -5.69 45.84 32.59
CA LYS A 67 -5.05 47.12 32.30
C LYS A 67 -4.82 47.92 33.58
N GLU A 68 -5.81 47.92 34.48
CA GLU A 68 -5.64 48.61 35.75
C GLU A 68 -4.52 47.99 36.58
N ALA A 69 -4.44 46.66 36.58
CA ALA A 69 -3.37 45.99 37.33
C ALA A 69 -2.00 46.36 36.76
N ILE A 70 -1.88 46.39 35.44
CA ILE A 70 -0.61 46.77 34.82
C ILE A 70 -0.30 48.25 35.09
N ARG A 71 -1.33 49.10 35.01
CA ARG A 71 -1.11 50.52 35.28
C ARG A 71 -0.61 50.74 36.70
N ILE A 72 -1.26 50.08 37.67
CA ILE A 72 -0.88 50.28 39.07
C ILE A 72 0.55 49.79 39.33
N SER A 73 0.90 48.61 38.82
CA SER A 73 2.23 48.04 38.98
C SER A 73 2.78 47.70 37.61
N PRO A 74 3.55 48.60 37.00
CA PRO A 74 3.99 48.39 35.61
C PRO A 74 4.87 47.17 35.41
N THR A 75 5.33 46.53 36.48
CA THR A 75 6.24 45.39 36.40
C THR A 75 5.53 44.05 36.60
N PHE A 76 4.21 44.03 36.51
CA PHE A 76 3.43 42.81 36.74
C PHE A 76 3.39 42.01 35.45
N ALA A 77 4.42 41.18 35.24
CA ALA A 77 4.51 40.40 34.01
C ALA A 77 3.41 39.36 33.91
N ASP A 78 2.87 38.90 35.05
CA ASP A 78 1.75 37.98 35.00
C ASP A 78 0.54 38.63 34.34
N ALA A 79 0.26 39.89 34.67
CA ALA A 79 -0.84 40.60 34.03
C ALA A 79 -0.63 40.71 32.53
N TYR A 80 0.60 41.04 32.11
CA TYR A 80 0.87 41.18 30.68
C TYR A 80 0.59 39.89 29.93
N SER A 81 1.15 38.77 30.40
CA SER A 81 0.97 37.51 29.71
C SER A 81 -0.48 37.05 29.75
N ASN A 82 -1.15 37.20 30.90
CA ASN A 82 -2.56 36.86 30.99
C ASN A 82 -3.40 37.74 30.07
N MET A 83 -3.09 39.04 30.03
CA MET A 83 -3.85 39.94 29.16
C MET A 83 -3.69 39.55 27.70
N GLY A 84 -2.47 39.18 27.31
CA GLY A 84 -2.28 38.71 25.95
C GLY A 84 -3.15 37.52 25.61
N ASN A 85 -3.26 36.56 26.55
CA ASN A 85 -4.15 35.43 26.33
C ASN A 85 -5.59 35.90 26.21
N THR A 86 -6.03 36.79 27.11
CA THR A 86 -7.38 37.32 27.02
C THR A 86 -7.60 38.02 25.68
N LEU A 87 -6.59 38.75 25.21
CA LEU A 87 -6.66 39.34 23.89
C LEU A 87 -6.72 38.27 22.80
N LYS A 88 -6.08 37.12 23.03
CA LYS A 88 -6.14 36.03 22.06
C LYS A 88 -7.57 35.57 21.84
N GLU A 89 -8.33 35.38 22.93
CA GLU A 89 -9.73 34.99 22.79
C GLU A 89 -10.53 36.06 22.07
N MET A 90 -10.10 37.32 22.15
CA MET A 90 -10.82 38.42 21.55
C MET A 90 -10.44 38.66 20.10
N GLN A 91 -9.55 37.83 19.53
CA GLN A 91 -9.11 37.90 18.15
C GLN A 91 -8.17 39.06 17.88
N ASP A 92 -7.63 39.70 18.91
CA ASP A 92 -6.66 40.78 18.72
C ASP A 92 -5.24 40.20 18.78
N VAL A 93 -4.89 39.48 17.73
CA VAL A 93 -3.57 38.86 17.64
C VAL A 93 -2.49 39.93 17.66
N GLN A 94 -2.68 41.02 16.91
CA GLN A 94 -1.68 42.08 16.85
C GLN A 94 -1.31 42.58 18.26
N GLY A 95 -2.28 42.61 19.16
CA GLY A 95 -2.03 43.08 20.51
C GLY A 95 -1.56 41.98 21.46
N ALA A 96 -2.15 40.79 21.34
CA ALA A 96 -1.75 39.70 22.22
C ALA A 96 -0.27 39.35 22.04
N LEU A 97 0.19 39.35 20.79
CA LEU A 97 1.62 39.17 20.54
C LEU A 97 2.44 40.27 21.21
N GLN A 98 1.99 41.53 21.10
CA GLN A 98 2.69 42.62 21.75
C GLN A 98 2.64 42.49 23.27
N CYS A 99 1.53 42.00 23.81
CA CYS A 99 1.44 41.76 25.25
C CYS A 99 2.48 40.75 25.70
N TYR A 100 2.59 39.63 25.00
CA TYR A 100 3.56 38.59 25.37
C TYR A 100 4.98 39.16 25.31
N THR A 101 5.35 39.75 24.17
CA THR A 101 6.69 40.29 24.01
C THR A 101 6.96 41.39 25.03
N ARG A 102 5.98 42.27 25.25
CA ARG A 102 6.12 43.28 26.29
C ARG A 102 6.50 42.65 27.62
N ALA A 103 5.80 41.58 28.00
CA ALA A 103 6.09 40.90 29.25
C ALA A 103 7.47 40.25 29.22
N ILE A 104 7.83 39.59 28.11
CA ILE A 104 9.13 38.93 28.04
C ILE A 104 10.26 39.95 28.18
N GLN A 105 10.13 41.09 27.50
CA GLN A 105 11.18 42.11 27.58
C GLN A 105 11.31 42.64 29.01
N ILE A 106 10.20 42.76 29.72
CA ILE A 106 10.25 43.18 31.12
C ILE A 106 10.91 42.10 31.97
N ASN A 107 10.47 40.86 31.81
CA ASN A 107 10.95 39.73 32.62
C ASN A 107 11.40 38.61 31.68
N PRO A 108 12.68 38.62 31.29
CA PRO A 108 13.16 37.59 30.36
C PRO A 108 13.08 36.18 30.90
N ALA A 109 12.98 36.00 32.22
CA ALA A 109 12.91 34.69 32.84
C ALA A 109 11.48 34.17 32.97
N PHE A 110 10.51 34.88 32.40
CA PHE A 110 9.10 34.53 32.51
C PHE A 110 8.79 33.45 31.48
N ALA A 111 8.70 32.20 31.94
CA ALA A 111 8.51 31.08 31.02
C ALA A 111 7.16 31.14 30.32
N ASP A 112 6.10 31.51 31.06
CA ASP A 112 4.75 31.44 30.51
C ASP A 112 4.61 32.31 29.27
N ALA A 113 5.23 33.50 29.27
CA ALA A 113 5.16 34.36 28.11
C ALA A 113 5.77 33.70 26.89
N HIS A 114 6.91 33.02 27.06
CA HIS A 114 7.52 32.30 25.95
C HIS A 114 6.60 31.19 25.46
N SER A 115 5.93 30.50 26.38
CA SER A 115 4.98 29.48 25.98
C SER A 115 3.84 30.08 25.16
N ASN A 116 3.28 31.20 25.62
CA ASN A 116 2.18 31.83 24.90
C ASN A 116 2.66 32.39 23.56
N LEU A 117 3.86 32.98 23.54
CA LEU A 117 4.43 33.44 22.28
C LEU A 117 4.57 32.28 21.30
N ALA A 118 5.07 31.14 21.77
CA ALA A 118 5.15 29.96 20.91
C ALA A 118 3.78 29.51 20.47
N SER A 119 2.79 29.60 21.36
CA SER A 119 1.45 29.16 21.02
C SER A 119 0.89 29.93 19.83
N ILE A 120 1.06 31.26 19.83
CA ILE A 120 0.55 32.06 18.71
C ILE A 120 1.36 31.80 17.45
N HIS A 121 2.68 31.64 17.59
CA HIS A 121 3.47 31.21 16.44
C HIS A 121 2.95 29.88 15.90
N LYS A 122 2.65 28.94 16.80
CA LYS A 122 2.13 27.65 16.37
C LYS A 122 0.78 27.80 15.69
N ASP A 123 -0.08 28.68 16.21
CA ASP A 123 -1.36 28.92 15.56
C ASP A 123 -1.17 29.55 14.19
N SER A 124 -0.22 30.48 14.08
CA SER A 124 0.04 31.13 12.79
C SER A 124 0.70 30.19 11.79
N GLY A 125 1.25 29.06 12.24
CA GLY A 125 1.90 28.12 11.36
C GLY A 125 3.41 28.14 11.38
N ASN A 126 4.03 29.06 12.13
CA ASN A 126 5.48 29.08 12.26
C ASN A 126 5.88 28.03 13.30
N ILE A 127 5.66 26.76 12.93
CA ILE A 127 5.91 25.66 13.86
C ILE A 127 7.34 25.68 14.39
N PRO A 128 8.38 25.83 13.56
CA PRO A 128 9.74 25.88 14.12
C PRO A 128 9.90 26.94 15.19
N GLU A 129 9.32 28.12 14.99
CA GLU A 129 9.43 29.17 16.00
C GLU A 129 8.62 28.85 17.24
N ALA A 130 7.48 28.18 17.07
CA ALA A 130 6.72 27.72 18.24
C ALA A 130 7.52 26.71 19.05
N ILE A 131 8.22 25.80 18.36
CA ILE A 131 9.07 24.84 19.06
C ILE A 131 10.18 25.56 19.81
N ALA A 132 10.81 26.54 19.17
CA ALA A 132 11.89 27.28 19.82
C ALA A 132 11.40 27.96 21.10
N SER A 133 10.31 28.73 21.00
CA SER A 133 9.81 29.44 22.18
C SER A 133 9.36 28.45 23.25
N TYR A 134 8.71 27.36 22.85
CA TYR A 134 8.34 26.34 23.82
C TYR A 134 9.57 25.80 24.54
N ARG A 135 10.63 25.50 23.78
CA ARG A 135 11.85 25.01 24.40
C ARG A 135 12.44 26.05 25.35
N THR A 136 12.39 27.32 24.98
CA THR A 136 12.86 28.38 25.89
C THR A 136 12.03 28.41 27.17
N ALA A 137 10.72 28.24 27.05
CA ALA A 137 9.86 28.21 28.23
C ALA A 137 10.23 27.03 29.13
N LEU A 138 10.43 25.86 28.53
CA LEU A 138 10.77 24.67 29.32
C LEU A 138 12.11 24.83 30.02
N LYS A 139 13.09 25.44 29.36
CA LYS A 139 14.35 25.72 30.03
C LYS A 139 14.14 26.59 31.26
N LEU A 140 13.32 27.65 31.13
CA LEU A 140 13.05 28.52 32.26
C LEU A 140 12.25 27.80 33.35
N LYS A 141 11.34 26.92 32.96
CA LYS A 141 10.49 26.21 33.93
C LYS A 141 10.23 24.81 33.40
N PRO A 142 11.13 23.87 33.69
CA PRO A 142 10.96 22.51 33.15
C PRO A 142 9.66 21.84 33.56
N ASP A 143 9.17 22.09 34.78
CA ASP A 143 7.88 21.56 35.21
C ASP A 143 6.79 22.48 34.67
N PHE A 144 6.47 22.30 33.40
CA PHE A 144 5.49 23.15 32.71
C PHE A 144 4.74 22.29 31.70
N PRO A 145 3.69 21.58 32.16
CA PRO A 145 3.01 20.64 31.27
C PRO A 145 2.48 21.25 29.99
N ASP A 146 1.96 22.47 30.05
CA ASP A 146 1.35 23.07 28.87
C ASP A 146 2.34 23.18 27.72
N ALA A 147 3.51 23.75 27.98
CA ALA A 147 4.50 23.91 26.93
C ALA A 147 4.98 22.55 26.42
N TYR A 148 5.21 21.61 27.33
CA TYR A 148 5.68 20.28 26.92
C TYR A 148 4.70 19.62 25.97
N CYS A 149 3.41 19.59 26.35
CA CYS A 149 2.41 18.94 25.52
C CYS A 149 2.30 19.63 24.16
N ASN A 150 2.25 20.96 24.16
CA ASN A 150 2.21 21.69 22.90
C ASN A 150 3.45 21.41 22.06
N LEU A 151 4.62 21.43 22.68
CA LEU A 151 5.84 21.08 21.96
C LEU A 151 5.78 19.65 21.45
N ALA A 152 5.29 18.73 22.27
CA ALA A 152 5.13 17.35 21.81
C ALA A 152 4.21 17.27 20.60
N HIS A 153 3.11 18.03 20.63
CA HIS A 153 2.25 18.11 19.46
C HIS A 153 2.98 18.70 18.27
N CYS A 154 3.76 19.76 18.49
CA CYS A 154 4.51 20.37 17.39
C CYS A 154 5.47 19.36 16.78
N LEU A 155 6.18 18.60 17.62
CA LEU A 155 7.07 17.56 17.10
C LEU A 155 6.29 16.51 16.34
N GLN A 156 5.14 16.08 16.87
CA GLN A 156 4.30 15.12 16.16
C GLN A 156 3.94 15.64 14.77
N ILE A 157 3.68 16.94 14.66
CA ILE A 157 3.24 17.52 13.39
C ILE A 157 4.34 17.48 12.35
N VAL A 158 5.60 17.69 12.78
CA VAL A 158 6.73 17.69 11.86
C VAL A 158 7.44 16.35 11.81
N CYS A 159 6.90 15.33 12.47
CA CYS A 159 7.51 14.00 12.49
C CYS A 159 8.94 14.06 13.05
N ASP A 160 9.11 14.80 14.13
CA ASP A 160 10.35 14.80 14.91
C ASP A 160 10.17 13.79 16.03
N TRP A 161 10.76 12.60 15.87
CA TRP A 161 10.60 11.52 16.82
C TRP A 161 11.82 11.34 17.72
N THR A 162 12.64 12.38 17.87
CA THR A 162 13.76 12.32 18.78
C THR A 162 13.27 12.05 20.20
N ASP A 163 13.82 11.02 20.83
CA ASP A 163 13.41 10.61 22.17
C ASP A 163 11.90 10.44 22.22
N TYR A 164 11.36 9.75 21.21
CA TYR A 164 9.91 9.66 21.04
C TYR A 164 9.26 8.90 22.19
N ASP A 165 9.78 7.72 22.51
CA ASP A 165 9.10 6.85 23.49
C ASP A 165 8.98 7.53 24.84
N GLU A 166 10.09 8.05 25.37
CA GLU A 166 10.05 8.71 26.67
C GLU A 166 9.11 9.90 26.65
N ARG A 167 9.11 10.66 25.55
CA ARG A 167 8.17 11.76 25.41
C ARG A 167 6.74 11.27 25.59
N MET A 168 6.38 10.18 24.91
CA MET A 168 5.05 9.61 25.07
C MET A 168 4.79 9.23 26.52
N LYS A 169 5.75 8.56 27.15
CA LYS A 169 5.57 8.18 28.56
C LYS A 169 5.43 9.42 29.44
N LYS A 170 6.24 10.45 29.18
CA LYS A 170 6.13 11.68 29.96
C LYS A 170 4.73 12.28 29.85
N LEU A 171 4.17 12.30 28.64
CA LEU A 171 2.84 12.87 28.46
C LEU A 171 1.80 12.12 29.29
N VAL A 172 1.86 10.78 29.28
CA VAL A 172 0.89 10.00 30.05
C VAL A 172 1.01 10.32 31.53
N SER A 173 2.25 10.42 32.04
CA SER A 173 2.45 10.78 33.44
C SER A 173 1.83 12.14 33.74
N ILE A 174 2.01 13.11 32.85
CA ILE A 174 1.45 14.44 33.06
C ILE A 174 -0.07 14.37 33.15
N VAL A 175 -0.69 13.62 32.23
CA VAL A 175 -2.14 13.48 32.25
C VAL A 175 -2.60 12.85 33.56
N ALA A 176 -1.91 11.81 34.01
CA ALA A 176 -2.26 11.17 35.27
C ALA A 176 -2.27 12.19 36.41
N ASP A 177 -1.17 12.93 36.57
CA ASP A 177 -1.08 13.90 37.66
C ASP A 177 -2.17 14.96 37.53
N GLN A 178 -2.36 15.51 36.33
CA GLN A 178 -3.40 16.52 36.14
C GLN A 178 -4.79 15.92 36.31
N LEU A 179 -4.96 14.65 35.98
CA LEU A 179 -6.24 13.99 36.22
C LEU A 179 -6.46 13.75 37.71
N GLU A 180 -5.39 13.49 38.46
CA GLU A 180 -5.53 13.33 39.91
C GLU A 180 -6.08 14.59 40.56
N LYS A 181 -5.55 15.75 40.17
CA LYS A 181 -5.87 17.01 40.82
C LYS A 181 -7.09 17.70 40.21
N ASN A 182 -7.76 17.06 39.25
CA ASN A 182 -8.90 17.65 38.55
C ASN A 182 -8.52 18.91 37.80
N ARG A 183 -7.22 19.09 37.53
CA ARG A 183 -6.76 20.22 36.74
C ARG A 183 -7.06 19.99 35.27
N LEU A 184 -6.95 21.07 34.50
CA LEU A 184 -7.19 20.97 33.07
C LEU A 184 -6.05 20.22 32.40
N PRO A 185 -6.31 19.06 31.78
CA PRO A 185 -5.22 18.34 31.11
C PRO A 185 -4.61 19.18 30.00
N SER A 186 -3.28 19.07 29.85
CA SER A 186 -2.56 19.82 28.84
C SER A 186 -2.66 19.22 27.45
N VAL A 187 -3.18 18.00 27.33
CA VAL A 187 -3.36 17.34 26.04
C VAL A 187 -4.77 17.64 25.54
N HIS A 188 -4.86 18.25 24.37
CA HIS A 188 -6.16 18.50 23.76
C HIS A 188 -6.83 17.17 23.41
N PRO A 189 -8.14 17.04 23.61
CA PRO A 189 -8.79 15.76 23.31
C PRO A 189 -8.61 15.31 21.87
N HIS A 190 -8.57 16.25 20.93
CA HIS A 190 -8.25 15.90 19.55
C HIS A 190 -6.88 15.27 19.45
N HIS A 191 -5.93 15.76 20.25
CA HIS A 191 -4.58 15.21 20.27
C HIS A 191 -4.50 13.87 21.00
N SER A 192 -5.49 13.56 21.84
CA SER A 192 -5.45 12.32 22.60
C SER A 192 -5.34 11.10 21.69
N MET A 193 -5.94 11.16 20.50
CA MET A 193 -5.90 10.02 19.59
C MET A 193 -4.48 9.71 19.10
N LEU A 194 -3.58 10.69 19.16
CA LEU A 194 -2.22 10.50 18.70
C LEU A 194 -1.26 9.99 19.78
N TYR A 195 -1.71 9.88 21.02
CA TYR A 195 -0.80 9.43 22.06
C TYR A 195 -1.30 8.15 22.69
N PRO A 196 -0.38 7.29 23.13
CA PRO A 196 -0.79 6.01 23.73
C PRO A 196 -1.34 6.18 25.15
N LEU A 197 -2.63 6.51 25.26
CA LEU A 197 -3.30 6.67 26.53
C LEU A 197 -4.43 5.65 26.65
N SER A 198 -4.78 5.31 27.89
CA SER A 198 -5.93 4.44 28.13
C SER A 198 -7.21 5.15 27.70
N HIS A 199 -8.16 4.37 27.21
CA HIS A 199 -9.44 4.94 26.76
C HIS A 199 -10.07 5.78 27.86
N GLY A 200 -9.91 5.37 29.12
CA GLY A 200 -10.42 6.19 30.21
C GLY A 200 -9.78 7.57 30.26
N PHE A 201 -8.46 7.63 30.05
CA PHE A 201 -7.78 8.92 30.07
C PHE A 201 -8.33 9.85 28.99
N ARG A 202 -8.49 9.33 27.77
CA ARG A 202 -8.99 10.15 26.68
C ARG A 202 -10.39 10.67 26.98
N LYS A 203 -11.27 9.77 27.44
CA LYS A 203 -12.64 10.18 27.76
C LYS A 203 -12.65 11.19 28.89
N ALA A 204 -11.76 11.01 29.89
CA ALA A 204 -11.67 11.98 30.98
C ALA A 204 -11.21 13.35 30.47
N ILE A 205 -10.26 13.36 29.54
CA ILE A 205 -9.81 14.63 28.97
C ILE A 205 -10.95 15.32 28.24
N ALA A 206 -11.70 14.57 27.44
CA ALA A 206 -12.86 15.16 26.76
C ALA A 206 -13.88 15.67 27.77
N GLU A 207 -14.11 14.92 28.84
CA GLU A 207 -15.06 15.37 29.87
C GLU A 207 -14.61 16.69 30.47
N ARG A 208 -13.32 16.82 30.79
CA ARG A 208 -12.82 18.06 31.37
C ARG A 208 -13.03 19.23 30.41
N HIS A 209 -12.73 19.03 29.13
CA HIS A 209 -12.97 20.07 28.14
C HIS A 209 -14.46 20.35 27.99
N GLY A 210 -15.28 19.29 28.01
CA GLY A 210 -16.72 19.50 27.98
C GLY A 210 -17.23 20.26 29.18
N ASN A 211 -16.61 20.05 30.35
CA ASN A 211 -17.01 20.80 31.53
C ASN A 211 -16.63 22.27 31.43
N LEU A 212 -15.64 22.61 30.60
CA LEU A 212 -15.22 24.01 30.50
C LEU A 212 -16.35 24.90 30.00
N CYS A 213 -17.07 24.45 28.96
CA CYS A 213 -18.18 25.25 28.45
C CYS A 213 -19.32 25.32 29.46
N LEU A 214 -19.55 24.24 30.23
CA LEU A 214 -20.57 24.30 31.27
C LEU A 214 -20.32 25.44 32.23
N ASP A 215 -19.07 25.61 32.66
CA ASP A 215 -18.76 26.69 33.61
C ASP A 215 -19.04 28.06 33.00
N LYS A 216 -18.74 28.24 31.72
CA LYS A 216 -18.93 29.54 31.08
C LYS A 216 -20.38 29.80 30.70
N ILE A 217 -21.25 28.80 30.74
CA ILE A 217 -22.68 29.03 30.51
C ILE A 217 -23.45 29.29 31.78
N ASN A 218 -22.94 28.85 32.94
CA ASN A 218 -23.65 29.08 34.19
C ASN A 218 -23.81 30.57 34.49
N VAL A 219 -22.90 31.40 33.98
CA VAL A 219 -23.00 32.83 34.22
C VAL A 219 -24.31 33.38 33.69
N LEU A 220 -24.85 32.77 32.64
CA LEU A 220 -26.14 33.20 32.11
C LEU A 220 -27.29 32.80 33.03
N HIS A 221 -27.12 31.73 33.81
CA HIS A 221 -28.18 31.19 34.66
C HIS A 221 -29.44 30.89 33.85
N LYS A 222 -29.28 30.65 32.55
CA LYS A 222 -30.43 30.40 31.70
C LYS A 222 -31.19 29.18 32.21
N PRO A 223 -32.51 29.26 32.38
CA PRO A 223 -33.26 28.12 32.91
C PRO A 223 -33.22 26.95 31.95
N PRO A 224 -33.65 25.77 32.39
CA PRO A 224 -33.75 24.65 31.45
C PRO A 224 -34.67 25.00 30.29
N TYR A 225 -34.54 24.23 29.21
CA TYR A 225 -35.25 24.49 27.97
C TYR A 225 -36.37 23.48 27.81
N GLU A 226 -37.60 23.97 27.73
CA GLU A 226 -38.77 23.10 27.52
C GLU A 226 -38.69 22.47 26.14
N HIS A 227 -38.67 21.13 26.10
CA HIS A 227 -38.46 20.44 24.84
C HIS A 227 -39.77 19.84 24.34
N PRO A 228 -39.98 19.82 23.03
CA PRO A 228 -41.23 19.25 22.49
C PRO A 228 -41.30 17.74 22.72
N LYS A 229 -42.53 17.25 22.87
CA LYS A 229 -42.77 15.82 23.07
C LYS A 229 -43.53 15.16 21.93
N ASP A 230 -43.79 15.88 20.84
CA ASP A 230 -44.49 15.30 19.70
C ASP A 230 -44.13 16.08 18.45
N LEU A 231 -44.40 15.47 17.30
CA LEU A 231 -44.23 16.12 16.00
C LEU A 231 -45.51 16.82 15.53
N LYS A 232 -46.53 16.88 16.38
CA LYS A 232 -47.81 17.45 15.96
C LYS A 232 -47.65 18.92 15.57
N LEU A 233 -46.87 19.68 16.33
CA LEU A 233 -46.65 21.08 16.01
C LEU A 233 -45.79 21.29 14.78
N SER A 234 -45.16 20.23 14.26
CA SER A 234 -44.28 20.33 13.09
C SER A 234 -44.82 19.58 11.88
N ASP A 235 -46.14 19.35 11.83
CA ASP A 235 -46.76 18.64 10.72
C ASP A 235 -46.19 17.23 10.56
N GLY A 236 -45.91 16.58 11.70
CA GLY A 236 -45.37 15.24 11.68
C GLY A 236 -43.97 15.17 11.10
N ARG A 237 -43.32 16.32 10.98
CA ARG A 237 -41.98 16.42 10.44
C ARG A 237 -40.97 16.53 11.57
N LEU A 238 -39.98 15.64 11.57
CA LEU A 238 -38.90 15.73 12.55
C LEU A 238 -38.00 16.90 12.20
N ARG A 239 -37.78 17.79 13.16
CA ARG A 239 -36.93 18.96 12.96
C ARG A 239 -35.52 18.64 13.43
N VAL A 240 -34.58 18.64 12.48
CA VAL A 240 -33.20 18.28 12.75
C VAL A 240 -32.32 19.48 12.40
N GLY A 241 -31.52 19.92 13.37
CA GLY A 241 -30.64 21.04 13.15
C GLY A 241 -29.18 20.65 13.11
N TYR A 242 -28.54 20.82 11.96
CA TYR A 242 -27.13 20.51 11.78
C TYR A 242 -26.32 21.75 12.13
N VAL A 243 -25.57 21.68 13.23
CA VAL A 243 -24.79 22.81 13.72
C VAL A 243 -23.34 22.59 13.35
N SER A 244 -22.76 23.54 12.64
CA SER A 244 -21.38 23.42 12.20
C SER A 244 -20.83 24.80 11.88
N SER A 245 -19.52 24.96 12.09
CA SER A 245 -18.80 26.16 11.69
C SER A 245 -18.05 25.96 10.38
N ASP A 246 -18.32 24.88 9.66
CA ASP A 246 -17.57 24.49 8.49
C ASP A 246 -18.44 24.44 7.24
N PHE A 247 -19.47 25.28 7.18
CA PHE A 247 -20.30 25.40 5.99
C PHE A 247 -19.56 26.29 5.01
N GLY A 248 -18.79 25.65 4.14
CA GLY A 248 -17.92 26.36 3.22
C GLY A 248 -16.88 25.41 2.66
N ASN A 249 -15.73 25.98 2.27
CA ASN A 249 -14.64 25.19 1.70
C ASN A 249 -13.87 24.54 2.86
N HIS A 250 -14.48 23.51 3.42
CA HIS A 250 -13.88 22.76 4.51
C HIS A 250 -14.22 21.29 4.32
N PRO A 251 -13.36 20.38 4.79
CA PRO A 251 -13.60 18.94 4.57
C PRO A 251 -15.01 18.51 4.96
N THR A 252 -15.58 19.07 6.02
CA THR A 252 -16.93 18.70 6.43
C THR A 252 -17.93 18.94 5.30
N SER A 253 -17.85 20.09 4.64
CA SER A 253 -18.76 20.37 3.54
C SER A 253 -18.52 19.43 2.36
N HIS A 254 -17.25 19.12 2.08
CA HIS A 254 -16.95 18.26 0.93
C HIS A 254 -17.53 16.86 1.08
N LEU A 255 -17.93 16.48 2.29
CA LEU A 255 -18.47 15.14 2.52
C LEU A 255 -20.00 15.11 2.55
N MET A 256 -20.63 16.16 3.07
CA MET A 256 -22.04 16.11 3.42
C MET A 256 -22.88 17.23 2.80
N GLN A 257 -22.31 18.02 1.88
CA GLN A 257 -23.05 19.13 1.30
C GLN A 257 -24.34 18.68 0.65
N SER A 258 -24.40 17.43 0.18
CA SER A 258 -25.59 16.94 -0.50
C SER A 258 -26.65 16.41 0.44
N ILE A 259 -26.26 15.91 1.62
CA ILE A 259 -27.23 15.29 2.52
C ILE A 259 -28.36 16.24 2.90
N PRO A 260 -28.12 17.51 3.21
CA PRO A 260 -29.25 18.39 3.58
C PRO A 260 -30.36 18.42 2.54
N GLY A 261 -30.00 18.44 1.26
CA GLY A 261 -31.01 18.46 0.21
C GLY A 261 -31.69 17.11 -0.01
N MET A 262 -31.07 16.03 0.45
CA MET A 262 -31.58 14.69 0.20
C MET A 262 -32.56 14.21 1.26
N HIS A 263 -32.76 14.97 2.33
CA HIS A 263 -33.72 14.58 3.34
C HIS A 263 -35.13 14.62 2.74
N ASN A 264 -35.95 13.65 3.14
CA ASN A 264 -37.32 13.59 2.66
C ASN A 264 -38.13 14.70 3.31
N PRO A 265 -38.46 15.78 2.59
CA PRO A 265 -39.17 16.90 3.22
C PRO A 265 -40.56 16.54 3.70
N ASP A 266 -41.15 15.44 3.22
CA ASP A 266 -42.47 15.05 3.69
C ASP A 266 -42.45 14.74 5.18
N LYS A 267 -41.36 14.15 5.67
CA LYS A 267 -41.28 13.73 7.06
C LYS A 267 -40.16 14.40 7.84
N PHE A 268 -39.38 15.29 7.21
CA PHE A 268 -38.25 15.92 7.88
C PHE A 268 -38.21 17.41 7.56
N GLU A 269 -37.68 18.19 8.50
CA GLU A 269 -37.46 19.62 8.31
C GLU A 269 -36.03 19.94 8.73
N VAL A 270 -35.21 20.38 7.77
CA VAL A 270 -33.77 20.50 7.95
C VAL A 270 -33.43 21.93 8.35
N PHE A 271 -32.69 22.09 9.44
CA PHE A 271 -32.15 23.36 9.89
C PHE A 271 -30.63 23.28 9.88
N CYS A 272 -29.98 24.26 9.25
CA CYS A 272 -28.53 24.32 9.17
C CYS A 272 -28.06 25.56 9.92
N TYR A 273 -27.52 25.36 11.12
CA TYR A 273 -27.02 26.43 11.96
C TYR A 273 -25.52 26.56 11.73
N ALA A 274 -25.10 27.67 11.15
CA ALA A 274 -23.71 27.90 10.81
C ALA A 274 -23.07 28.77 11.88
N LEU A 275 -22.00 28.27 12.49
CA LEU A 275 -21.21 29.05 13.43
C LEU A 275 -20.13 29.85 12.74
N SER A 276 -20.14 29.86 11.40
CA SER A 276 -19.15 30.54 10.57
C SER A 276 -19.85 31.45 9.58
N PRO A 277 -19.24 32.56 9.22
CA PRO A 277 -19.81 33.44 8.19
C PRO A 277 -19.69 32.83 6.81
N ASP A 278 -20.51 33.36 5.89
CA ASP A 278 -20.44 32.90 4.51
C ASP A 278 -19.04 33.15 3.95
N ASP A 279 -18.46 32.12 3.35
CA ASP A 279 -17.11 32.19 2.79
C ASP A 279 -17.11 32.32 1.28
N GLY A 280 -18.26 32.61 0.67
CA GLY A 280 -18.32 32.83 -0.76
C GLY A 280 -18.10 31.61 -1.61
N THR A 281 -18.11 30.42 -1.01
CA THR A 281 -17.90 29.19 -1.75
C THR A 281 -19.24 28.60 -2.18
N ASN A 282 -19.19 27.79 -3.25
CA ASN A 282 -20.38 27.10 -3.71
C ASN A 282 -20.89 26.10 -2.67
N PHE A 283 -20.04 25.63 -1.76
CA PHE A 283 -20.49 24.73 -0.71
C PHE A 283 -21.51 25.42 0.18
N ARG A 284 -21.16 26.60 0.70
CA ARG A 284 -22.12 27.37 1.48
C ARG A 284 -23.37 27.66 0.67
N VAL A 285 -23.20 28.02 -0.61
CA VAL A 285 -24.35 28.30 -1.47
C VAL A 285 -25.27 27.10 -1.52
N LYS A 286 -24.69 25.90 -1.72
CA LYS A 286 -25.50 24.69 -1.82
C LYS A 286 -26.28 24.45 -0.54
N VAL A 287 -25.60 24.49 0.60
CA VAL A 287 -26.27 24.21 1.87
C VAL A 287 -27.32 25.26 2.18
N MET A 288 -27.00 26.54 1.94
CA MET A 288 -27.97 27.59 2.20
C MET A 288 -29.22 27.43 1.34
N ALA A 289 -29.08 26.89 0.13
CA ALA A 289 -30.21 26.79 -0.79
C ALA A 289 -31.01 25.51 -0.60
N GLU A 290 -30.33 24.37 -0.49
CA GLU A 290 -31.02 23.09 -0.43
C GLU A 290 -31.64 22.82 0.93
N ALA A 291 -31.02 23.29 2.01
CA ALA A 291 -31.55 23.07 3.35
C ALA A 291 -32.86 23.83 3.51
N ASN A 292 -33.79 23.24 4.27
CA ASN A 292 -35.07 23.89 4.49
C ASN A 292 -34.89 25.25 5.17
N HIS A 293 -33.93 25.34 6.09
CA HIS A 293 -33.66 26.60 6.77
C HIS A 293 -32.17 26.71 7.10
N PHE A 294 -31.63 27.91 6.94
CA PHE A 294 -30.23 28.20 7.23
C PHE A 294 -30.15 29.39 8.18
N ILE A 295 -29.34 29.26 9.23
CA ILE A 295 -29.20 30.29 10.26
C ILE A 295 -27.72 30.58 10.45
N ASP A 296 -27.34 31.85 10.37
CA ASP A 296 -25.95 32.28 10.58
C ASP A 296 -25.79 32.72 12.03
N LEU A 297 -25.61 31.74 12.91
CA LEU A 297 -25.31 32.04 14.31
C LEU A 297 -24.04 32.84 14.47
N SER A 298 -23.23 32.96 13.42
CA SER A 298 -22.06 33.83 13.47
C SER A 298 -22.43 35.28 13.76
N GLN A 299 -23.68 35.66 13.51
CA GLN A 299 -24.19 36.97 13.88
C GLN A 299 -24.89 36.95 15.23
N ILE A 300 -24.90 35.81 15.92
CA ILE A 300 -25.51 35.68 17.24
C ILE A 300 -24.42 35.29 18.22
N PRO A 301 -23.51 36.22 18.57
CA PRO A 301 -22.38 35.82 19.42
C PRO A 301 -22.80 35.22 20.75
N CYS A 302 -23.72 35.87 21.47
CA CYS A 302 -24.14 35.36 22.77
C CYS A 302 -24.69 33.94 22.63
N ASN A 303 -24.03 32.99 23.29
CA ASN A 303 -24.44 31.60 23.18
C ASN A 303 -25.87 31.41 23.68
N GLY A 304 -26.22 32.04 24.79
CA GLY A 304 -27.58 31.96 25.29
C GLY A 304 -28.60 32.45 24.28
N LYS A 305 -28.31 33.58 23.64
CA LYS A 305 -29.20 34.08 22.59
C LYS A 305 -29.34 33.06 21.46
N ALA A 306 -28.21 32.50 21.01
CA ALA A 306 -28.25 31.52 19.93
C ALA A 306 -29.03 30.28 20.35
N ALA A 307 -28.69 29.71 21.51
CA ALA A 307 -29.39 28.51 21.97
C ALA A 307 -30.88 28.77 22.09
N ASP A 308 -31.27 29.93 22.62
CA ASP A 308 -32.68 30.29 22.69
C ASP A 308 -33.31 30.25 21.30
N ARG A 309 -32.63 30.81 20.30
CA ARG A 309 -33.17 30.80 18.94
C ARG A 309 -33.38 29.37 18.44
N ILE A 310 -32.43 28.48 18.73
CA ILE A 310 -32.62 27.08 18.37
C ILE A 310 -33.88 26.53 19.00
N HIS A 311 -34.12 26.88 20.27
CA HIS A 311 -35.33 26.45 20.95
C HIS A 311 -36.58 26.90 20.20
N GLN A 312 -36.59 28.16 19.75
CA GLN A 312 -37.76 28.69 19.05
C GLN A 312 -38.06 27.88 17.80
N ASP A 313 -37.03 27.57 17.00
CA ASP A 313 -37.25 26.82 15.78
C ASP A 313 -37.92 25.48 16.04
N GLY A 314 -37.70 24.90 17.23
CA GLY A 314 -38.33 23.66 17.59
C GLY A 314 -37.56 22.42 17.16
N ILE A 315 -36.24 22.47 17.28
CA ILE A 315 -35.41 21.35 16.87
C ILE A 315 -35.64 20.17 17.80
N HIS A 316 -35.96 19.01 17.21
CA HIS A 316 -36.10 17.78 17.98
C HIS A 316 -34.76 17.05 18.14
N ILE A 317 -33.97 17.00 17.09
CA ILE A 317 -32.64 16.39 17.12
C ILE A 317 -31.62 17.43 16.69
N LEU A 318 -30.60 17.63 17.51
CA LEU A 318 -29.51 18.57 17.21
C LEU A 318 -28.23 17.78 16.96
N VAL A 319 -27.53 18.11 15.88
CA VAL A 319 -26.38 17.36 15.41
C VAL A 319 -25.14 18.22 15.57
N ASN A 320 -24.13 17.70 16.27
CA ASN A 320 -22.88 18.41 16.51
C ASN A 320 -21.85 17.92 15.50
N MET A 321 -21.49 18.79 14.56
CA MET A 321 -20.55 18.47 13.49
C MET A 321 -19.18 19.09 13.73
N ASN A 322 -18.89 19.54 14.94
CA ASN A 322 -17.63 20.18 15.27
C ASN A 322 -16.83 19.42 16.33
N GLY A 323 -17.48 19.00 17.40
CA GLY A 323 -16.72 18.42 18.51
C GLY A 323 -15.74 19.44 19.07
N TYR A 324 -14.56 18.97 19.42
CA TYR A 324 -13.51 19.86 19.94
C TYR A 324 -12.55 20.26 18.82
N THR A 325 -13.12 20.85 17.77
CA THR A 325 -12.36 21.41 16.66
C THR A 325 -12.45 22.93 16.71
N LYS A 326 -11.63 23.59 15.88
CA LYS A 326 -11.66 25.04 15.84
C LYS A 326 -13.03 25.53 15.42
N GLY A 327 -13.45 26.66 16.00
CA GLY A 327 -14.73 27.24 15.68
C GLY A 327 -15.91 26.58 16.35
N ALA A 328 -15.70 25.51 17.11
CA ALA A 328 -16.79 24.87 17.80
C ALA A 328 -17.36 25.78 18.88
N ARG A 329 -18.68 25.76 19.03
CA ARG A 329 -19.35 26.54 20.05
C ARG A 329 -20.18 25.62 20.92
N ASN A 330 -19.56 24.53 21.37
CA ASN A 330 -20.23 23.50 22.15
C ASN A 330 -21.05 24.08 23.31
N GLU A 331 -20.72 25.29 23.76
CA GLU A 331 -21.50 25.92 24.81
C GLU A 331 -22.99 25.90 24.47
N LEU A 332 -23.30 26.05 23.18
CA LEU A 332 -24.70 26.01 22.76
C LEU A 332 -25.32 24.66 23.06
N PHE A 333 -24.58 23.57 22.82
CA PHE A 333 -25.09 22.25 23.15
C PHE A 333 -25.22 22.03 24.65
N ALA A 334 -24.34 22.67 25.44
CA ALA A 334 -24.44 22.56 26.89
C ALA A 334 -25.79 23.07 27.38
N LEU A 335 -26.36 24.08 26.72
CA LEU A 335 -27.63 24.65 27.14
C LEU A 335 -28.79 23.71 26.90
N ARG A 336 -28.57 22.56 26.28
CA ARG A 336 -29.62 21.59 25.98
C ARG A 336 -30.81 22.25 25.27
N PRO A 337 -30.57 22.97 24.17
CA PRO A 337 -31.69 23.61 23.46
C PRO A 337 -32.62 22.62 22.78
N ALA A 338 -32.21 21.36 22.61
CA ALA A 338 -33.03 20.35 21.99
C ALA A 338 -33.07 19.10 22.85
N PRO A 339 -34.15 18.32 22.76
CA PRO A 339 -34.23 17.09 23.58
C PRO A 339 -33.14 16.10 23.25
N ILE A 340 -33.04 15.71 21.98
CA ILE A 340 -32.07 14.73 21.51
C ILE A 340 -30.88 15.47 20.91
N GLN A 341 -29.68 15.16 21.40
CA GLN A 341 -28.44 15.76 20.93
C GLN A 341 -27.44 14.65 20.64
N ALA A 342 -26.81 14.70 19.47
CA ALA A 342 -25.92 13.64 19.03
C ALA A 342 -24.75 14.22 18.24
N MET A 343 -23.64 13.49 18.25
CA MET A 343 -22.48 13.82 17.45
C MET A 343 -22.57 13.18 16.07
N TRP A 344 -21.92 13.82 15.10
CA TRP A 344 -21.84 13.30 13.75
C TRP A 344 -20.42 13.55 13.25
N LEU A 345 -20.22 13.42 11.94
CA LEU A 345 -18.89 13.56 11.35
C LEU A 345 -18.23 14.85 11.83
N GLY A 346 -16.90 14.89 11.82
CA GLY A 346 -16.18 16.09 12.19
C GLY A 346 -15.26 15.94 13.37
N TYR A 347 -15.70 15.24 14.41
CA TYR A 347 -14.84 14.93 15.55
C TYR A 347 -14.71 13.42 15.67
N PRO A 348 -13.54 12.85 15.35
CA PRO A 348 -13.34 11.39 15.46
C PRO A 348 -13.05 10.95 16.89
N GLY A 349 -13.96 11.28 17.80
CA GLY A 349 -13.78 10.91 19.20
C GLY A 349 -15.00 11.25 20.01
N THR A 350 -14.99 10.79 21.26
CA THR A 350 -16.08 11.03 22.18
C THR A 350 -15.97 12.42 22.80
N SER A 351 -17.12 13.00 23.13
CA SER A 351 -17.13 14.30 23.79
C SER A 351 -16.98 14.19 25.30
N GLY A 352 -17.31 13.04 25.88
CA GLY A 352 -17.23 12.89 27.32
C GLY A 352 -18.14 13.83 28.09
N ALA A 353 -19.17 14.36 27.43
CA ALA A 353 -20.05 15.36 28.04
C ALA A 353 -21.48 14.83 28.11
N LEU A 354 -22.20 15.30 29.13
CA LEU A 354 -23.57 14.84 29.35
C LEU A 354 -24.52 15.36 28.27
N PHE A 355 -24.29 16.58 27.77
CA PHE A 355 -25.24 17.15 26.82
C PHE A 355 -25.27 16.39 25.50
N MET A 356 -24.20 15.69 25.15
CA MET A 356 -24.20 14.84 23.96
C MET A 356 -24.84 13.50 24.32
N ASP A 357 -26.07 13.27 23.84
CA ASP A 357 -26.78 12.05 24.17
C ASP A 357 -26.39 10.88 23.30
N TYR A 358 -25.97 11.13 22.06
CA TYR A 358 -25.77 10.06 21.09
C TYR A 358 -24.51 10.34 20.27
N ILE A 359 -24.03 9.31 19.58
CA ILE A 359 -22.87 9.44 18.71
C ILE A 359 -23.01 8.48 17.53
N ILE A 360 -23.08 9.02 16.32
CA ILE A 360 -23.33 8.21 15.13
C ILE A 360 -22.04 7.48 14.74
N THR A 361 -22.16 6.17 14.54
CA THR A 361 -21.01 5.34 14.19
C THR A 361 -21.53 4.07 13.52
N ASP A 362 -20.64 3.08 13.37
CA ASP A 362 -21.00 1.79 12.83
C ASP A 362 -20.17 0.72 13.53
N GLN A 363 -20.61 -0.53 13.41
CA GLN A 363 -19.95 -1.63 14.11
C GLN A 363 -18.43 -1.56 13.97
N GLU A 364 -17.94 -1.58 12.73
CA GLU A 364 -16.50 -1.57 12.52
C GLU A 364 -15.85 -0.35 13.16
N THR A 365 -16.43 0.83 12.93
CA THR A 365 -15.83 2.06 13.46
C THR A 365 -15.82 2.06 14.98
N SER A 366 -16.92 1.67 15.60
CA SER A 366 -17.04 1.58 17.06
C SER A 366 -17.69 0.26 17.44
N PRO A 367 -16.90 -0.81 17.53
CA PRO A 367 -17.47 -2.10 17.97
C PRO A 367 -18.05 -2.00 19.37
N ALA A 368 -18.91 -2.96 19.70
CA ALA A 368 -19.51 -2.98 21.03
C ALA A 368 -18.44 -3.08 22.11
N GLU A 369 -17.42 -3.90 21.88
CA GLU A 369 -16.35 -4.04 22.87
C GLU A 369 -15.61 -2.73 23.08
N VAL A 370 -15.55 -1.87 22.05
CA VAL A 370 -14.80 -0.62 22.13
C VAL A 370 -15.68 0.43 22.79
N ALA A 371 -16.81 0.00 23.33
CA ALA A 371 -17.68 0.90 24.08
C ALA A 371 -17.02 1.26 25.41
N GLU A 372 -17.71 2.10 26.18
CA GLU A 372 -17.20 2.64 27.44
C GLU A 372 -16.12 3.67 27.16
N GLN A 373 -15.67 3.74 25.91
CA GLN A 373 -14.77 4.80 25.46
C GLN A 373 -15.55 6.03 25.03
N TYR A 374 -16.88 5.92 24.99
CA TYR A 374 -17.76 6.98 24.54
C TYR A 374 -18.72 7.31 25.67
N SER A 375 -18.74 8.57 26.08
CA SER A 375 -19.75 9.00 27.05
C SER A 375 -21.15 9.04 26.44
N GLU A 376 -21.24 8.98 25.11
CA GLU A 376 -22.51 9.06 24.40
C GLU A 376 -23.00 7.66 24.05
N LYS A 377 -24.32 7.50 24.03
CA LYS A 377 -24.91 6.26 23.56
C LYS A 377 -24.61 6.08 22.07
N LEU A 378 -24.31 4.85 21.69
CA LEU A 378 -23.89 4.58 20.32
C LEU A 378 -25.08 4.60 19.37
N ALA A 379 -24.87 5.13 18.17
CA ALA A 379 -25.87 5.18 17.11
C ALA A 379 -25.35 4.38 15.92
N TYR A 380 -26.01 3.27 15.62
CA TYR A 380 -25.55 2.38 14.56
C TYR A 380 -25.94 2.94 13.20
N MET A 381 -24.99 2.90 12.26
CA MET A 381 -25.28 3.24 10.87
C MET A 381 -25.11 1.98 10.04
N PRO A 382 -26.11 1.61 9.23
CA PRO A 382 -26.15 0.24 8.68
C PRO A 382 -24.82 -0.26 8.11
N HIS A 383 -24.17 0.50 7.25
CA HIS A 383 -22.87 0.10 6.69
C HIS A 383 -21.72 0.90 7.30
N THR A 384 -21.76 2.22 7.20
CA THR A 384 -20.68 3.05 7.71
C THR A 384 -21.22 4.42 8.08
N PHE A 385 -20.59 5.05 9.07
CA PHE A 385 -20.97 6.41 9.43
C PHE A 385 -20.38 7.43 8.48
N PHE A 386 -19.27 7.10 7.82
CA PHE A 386 -18.61 8.03 6.92
C PHE A 386 -19.29 8.06 5.56
N ILE A 387 -19.47 9.26 5.02
CA ILE A 387 -20.08 9.45 3.71
C ILE A 387 -19.27 10.47 2.93
N GLY A 388 -19.30 10.36 1.61
CA GLY A 388 -18.54 11.25 0.76
C GLY A 388 -19.31 11.79 -0.43
N ASP A 389 -19.03 13.06 -0.77
CA ASP A 389 -19.69 13.72 -1.88
C ASP A 389 -18.86 13.68 -3.16
N HIS A 390 -17.85 12.80 -3.22
CA HIS A 390 -17.00 12.72 -4.40
C HIS A 390 -17.82 12.37 -5.64
N ALA A 391 -18.82 11.51 -5.49
CA ALA A 391 -19.64 11.13 -6.63
C ALA A 391 -20.21 12.35 -7.33
N ASN A 392 -20.55 13.39 -6.56
CA ASN A 392 -21.07 14.63 -7.11
C ASN A 392 -19.96 15.62 -7.45
N MET A 393 -18.93 15.71 -6.61
CA MET A 393 -17.91 16.73 -6.81
C MET A 393 -16.97 16.39 -7.95
N PHE A 394 -16.68 15.10 -8.15
CA PHE A 394 -15.76 14.65 -9.19
C PHE A 394 -16.37 13.49 -9.98
N PRO A 395 -17.46 13.75 -10.71
CA PRO A 395 -18.02 12.68 -11.57
C PRO A 395 -17.21 12.44 -12.82
N HIS A 396 -16.32 13.36 -13.19
CA HIS A 396 -15.42 13.15 -14.32
C HIS A 396 -14.42 12.04 -14.07
N LEU A 397 -14.29 11.59 -12.83
CA LEU A 397 -13.40 10.49 -12.47
C LEU A 397 -14.10 9.14 -12.49
N LYS A 398 -15.40 9.09 -12.83
CA LYS A 398 -16.10 7.82 -12.90
C LYS A 398 -15.49 6.90 -13.96
N LYS A 399 -15.07 7.47 -15.08
CA LYS A 399 -14.40 6.72 -16.13
C LYS A 399 -13.08 7.39 -16.47
N LYS A 400 -12.11 6.57 -16.89
CA LYS A 400 -10.78 7.06 -17.23
C LYS A 400 -10.30 6.39 -18.51
N ALA A 401 -9.23 6.94 -19.07
CA ALA A 401 -8.58 6.40 -20.25
C ALA A 401 -7.06 6.54 -20.07
N VAL A 402 -6.31 5.73 -20.81
CA VAL A 402 -4.86 5.67 -20.70
C VAL A 402 -4.25 5.74 -22.08
N ILE A 403 -2.95 5.99 -22.13
CA ILE A 403 -2.18 6.02 -23.37
C ILE A 403 -1.10 4.96 -23.28
N ASP A 404 -1.01 4.11 -24.31
CA ASP A 404 -0.02 3.05 -24.37
C ASP A 404 1.32 3.66 -24.79
N PHE A 405 2.23 3.83 -23.83
CA PHE A 405 3.50 4.48 -24.11
C PHE A 405 4.54 3.52 -24.69
N LYS A 406 4.43 2.23 -24.39
CA LYS A 406 5.46 1.27 -24.79
C LYS A 406 4.98 0.29 -25.85
N SER A 407 3.93 -0.48 -25.58
CA SER A 407 3.48 -1.53 -26.48
C SER A 407 2.21 -2.18 -25.97
N ILE A 411 -1.00 -2.03 -21.01
CA ILE A 411 -2.18 -2.09 -20.16
C ILE A 411 -1.92 -1.38 -18.83
N TYR A 412 -1.16 -0.29 -18.88
CA TYR A 412 -0.80 0.46 -17.68
C TYR A 412 -1.89 1.49 -17.38
N ASP A 413 -2.60 1.30 -16.28
CA ASP A 413 -3.71 2.18 -15.90
C ASP A 413 -3.31 3.28 -14.93
N ASN A 414 -2.03 3.39 -14.58
CA ASN A 414 -1.61 4.35 -13.56
C ASN A 414 -0.36 5.12 -13.99
N ARG A 415 -0.13 5.26 -15.30
CA ARG A 415 1.01 6.05 -15.79
C ARG A 415 0.57 7.29 -16.55
N ILE A 416 -0.30 7.15 -17.56
CA ILE A 416 -0.81 8.27 -18.34
C ILE A 416 -2.32 8.13 -18.37
N VAL A 417 -3.01 8.88 -17.50
CA VAL A 417 -4.45 8.74 -17.32
C VAL A 417 -5.13 10.03 -17.78
N LEU A 418 -6.30 9.88 -18.40
CA LEU A 418 -7.11 11.00 -18.86
C LEU A 418 -8.50 10.91 -18.27
N ASN A 419 -9.03 12.05 -17.86
CA ASN A 419 -10.37 12.15 -17.30
C ASN A 419 -11.11 13.27 -18.01
N GLY A 420 -12.44 13.18 -18.00
CA GLY A 420 -13.25 14.22 -18.59
C GLY A 420 -14.71 13.83 -18.75
N ILE A 421 -15.60 14.80 -18.60
CA ILE A 421 -17.01 14.55 -18.82
C ILE A 421 -17.27 14.25 -20.29
N ASP A 422 -16.62 14.97 -21.19
CA ASP A 422 -16.71 14.75 -22.62
C ASP A 422 -15.71 13.72 -23.13
N LEU A 423 -15.23 12.84 -22.26
CA LEU A 423 -14.22 11.86 -22.67
C LEU A 423 -14.77 10.95 -23.77
N LYS A 424 -16.02 10.51 -23.64
CA LYS A 424 -16.58 9.57 -24.60
C LYS A 424 -16.55 10.14 -26.01
N ALA A 425 -17.02 11.38 -26.17
CA ALA A 425 -17.06 11.98 -27.50
C ALA A 425 -15.65 12.16 -28.07
N PHE A 426 -14.70 12.56 -27.22
CA PHE A 426 -13.32 12.71 -27.67
C PHE A 426 -12.76 11.39 -28.17
N LEU A 427 -13.00 10.30 -27.44
CA LEU A 427 -12.51 9.00 -27.86
C LEU A 427 -13.15 8.56 -29.17
N ASP A 428 -14.45 8.85 -29.35
CA ASP A 428 -15.12 8.49 -30.59
C ASP A 428 -14.51 9.23 -31.78
N SER A 429 -13.92 10.41 -31.54
CA SER A 429 -13.26 11.15 -32.59
C SER A 429 -11.89 10.58 -32.94
N LEU A 430 -11.38 9.62 -32.17
CA LEU A 430 -10.06 9.03 -32.35
C LEU A 430 -10.15 7.77 -33.20
N PRO A 431 -9.21 7.58 -34.12
CA PRO A 431 -9.31 6.47 -35.08
C PRO A 431 -9.04 5.10 -34.47
N ASP A 432 -7.96 4.98 -33.69
CA ASP A 432 -7.43 3.68 -33.29
C ASP A 432 -7.60 3.41 -31.80
N VAL A 433 -8.76 3.78 -31.24
CA VAL A 433 -9.02 3.54 -29.83
C VAL A 433 -9.19 2.05 -29.59
N LYS A 434 -8.48 1.54 -28.58
CA LYS A 434 -8.58 0.15 -28.17
C LYS A 434 -9.17 0.07 -26.77
N ILE A 435 -9.80 -1.06 -26.46
CA ILE A 435 -10.53 -1.24 -25.22
C ILE A 435 -9.98 -2.44 -24.48
N VAL A 436 -9.60 -2.24 -23.22
CA VAL A 436 -9.08 -3.28 -22.35
C VAL A 436 -10.12 -3.55 -21.27
N LYS A 437 -10.58 -4.79 -21.19
CA LYS A 437 -11.60 -5.17 -20.22
C LYS A 437 -10.97 -5.67 -18.94
N MET A 438 -11.49 -5.20 -17.81
CA MET A 438 -10.89 -5.46 -16.50
C MET A 438 -11.41 -6.76 -15.89
N LEU A 454 -16.37 -0.96 -16.09
CA LEU A 454 -16.60 -2.06 -17.00
C LEU A 454 -15.36 -2.36 -17.84
N ASN A 455 -14.83 -1.32 -18.49
CA ASN A 455 -13.69 -1.48 -19.38
C ASN A 455 -12.91 -0.17 -19.43
N MET A 456 -11.69 -0.24 -19.92
CA MET A 456 -10.77 0.90 -19.95
C MET A 456 -10.35 1.21 -21.37
N PRO A 457 -10.71 2.38 -21.92
CA PRO A 457 -10.18 2.77 -23.23
C PRO A 457 -8.68 2.99 -23.17
N VAL A 458 -8.01 2.78 -24.31
CA VAL A 458 -6.57 2.95 -24.42
C VAL A 458 -6.25 3.61 -25.76
N ILE A 459 -5.43 4.65 -25.72
CA ILE A 459 -5.00 5.35 -26.92
C ILE A 459 -3.66 4.77 -27.36
N PRO A 460 -3.54 4.28 -28.59
CA PRO A 460 -2.22 3.85 -29.07
C PRO A 460 -1.30 5.05 -29.26
N MET A 461 0.01 4.76 -29.22
CA MET A 461 1.03 5.82 -29.28
C MET A 461 1.09 6.37 -30.69
N ASN A 462 0.15 7.27 -30.99
CA ASN A 462 0.01 7.88 -32.30
C ASN A 462 0.24 9.39 -32.18
N THR A 463 -0.02 10.10 -33.29
CA THR A 463 0.23 11.54 -33.32
C THR A 463 -0.56 12.28 -32.24
N ILE A 464 -1.77 11.80 -31.93
CA ILE A 464 -2.56 12.44 -30.87
C ILE A 464 -1.84 12.32 -29.53
N ALA A 465 -1.33 11.13 -29.23
CA ALA A 465 -0.56 10.94 -28.00
C ALA A 465 0.70 11.80 -28.02
N GLU A 466 1.31 11.96 -29.20
CA GLU A 466 2.48 12.82 -29.31
C GLU A 466 2.15 14.25 -28.93
N ALA A 467 1.01 14.76 -29.39
CA ALA A 467 0.60 16.11 -29.05
C ALA A 467 0.38 16.25 -27.55
N VAL A 468 -0.28 15.26 -26.94
CA VAL A 468 -0.51 15.30 -25.51
C VAL A 468 0.82 15.27 -24.76
N ILE A 469 1.75 14.42 -25.20
CA ILE A 469 3.04 14.32 -24.53
C ILE A 469 3.79 15.64 -24.60
N GLU A 470 3.79 16.28 -25.76
CA GLU A 470 4.46 17.58 -25.87
C GLU A 470 3.84 18.59 -24.91
N MET A 471 2.51 18.60 -24.82
CA MET A 471 1.85 19.46 -23.83
C MET A 471 2.44 19.24 -22.44
N ILE A 472 2.54 17.99 -22.02
CA ILE A 472 3.03 17.70 -20.68
C ILE A 472 4.50 18.06 -20.56
N ASN A 473 5.32 17.63 -21.51
CA ASN A 473 6.77 17.87 -21.43
C ASN A 473 7.08 19.36 -21.48
N ARG A 474 6.45 20.08 -22.41
CA ARG A 474 6.68 21.52 -22.50
C ARG A 474 6.03 22.28 -21.34
N GLY A 475 5.20 21.61 -20.54
CA GLY A 475 4.46 22.32 -19.51
C GLY A 475 3.47 23.32 -20.06
N GLN A 476 2.88 23.03 -21.21
CA GLN A 476 1.89 23.91 -21.80
C GLN A 476 0.56 23.78 -21.06
N ILE A 477 -0.14 24.90 -20.94
CA ILE A 477 -1.36 24.94 -20.14
C ILE A 477 -2.41 24.00 -20.71
N GLN A 478 -2.56 24.01 -22.04
CA GLN A 478 -3.67 23.31 -22.69
C GLN A 478 -3.37 23.20 -24.18
N ILE A 479 -4.16 22.37 -24.85
CA ILE A 479 -4.09 22.20 -26.30
C ILE A 479 -5.49 21.88 -26.80
N THR A 480 -5.66 21.88 -28.11
CA THR A 480 -6.92 21.53 -28.74
C THR A 480 -6.69 20.36 -29.69
N ILE A 481 -7.54 19.33 -29.57
CA ILE A 481 -7.44 18.13 -30.38
C ILE A 481 -8.83 17.83 -30.91
N ASN A 482 -9.02 17.96 -32.21
CA ASN A 482 -10.34 17.82 -32.83
C ASN A 482 -11.35 18.78 -32.20
N GLY A 483 -10.87 19.96 -31.80
CA GLY A 483 -11.70 20.93 -31.14
C GLY A 483 -11.92 20.69 -29.67
N PHE A 484 -11.49 19.54 -29.15
CA PHE A 484 -11.65 19.23 -27.74
C PHE A 484 -10.58 19.93 -26.92
N SER A 485 -10.98 20.48 -25.78
CA SER A 485 -10.03 21.08 -24.86
C SER A 485 -9.28 19.98 -24.12
N ILE A 486 -7.96 20.05 -24.13
CA ILE A 486 -7.11 19.13 -23.39
C ILE A 486 -6.29 19.95 -22.41
N SER A 487 -6.44 19.66 -21.12
CA SER A 487 -5.88 20.48 -20.07
C SER A 487 -4.77 19.74 -19.35
N ASN A 488 -3.66 20.43 -19.12
CA ASN A 488 -2.59 19.89 -18.29
C ASN A 488 -3.08 19.81 -16.84
N GLY A 489 -2.91 18.62 -16.25
CA GLY A 489 -3.46 18.39 -14.91
C GLY A 489 -2.87 19.28 -13.84
N LEU A 490 -1.72 19.88 -14.09
CA LEU A 490 -1.05 20.72 -13.09
C LEU A 490 -1.45 22.19 -13.16
N ALA A 491 -2.23 22.59 -14.16
CA ALA A 491 -2.59 23.99 -14.35
C ALA A 491 -4.10 24.21 -14.24
N THR A 492 -4.79 23.34 -13.49
CA THR A 492 -6.24 23.50 -13.35
C THR A 492 -6.60 24.82 -12.68
N THR A 493 -5.74 25.33 -11.79
CA THR A 493 -6.07 26.55 -11.06
C THR A 493 -6.27 27.72 -12.00
N GLN A 494 -5.32 27.95 -12.90
CA GLN A 494 -5.42 29.07 -13.83
C GLN A 494 -6.30 28.74 -15.03
N ILE A 495 -6.67 27.48 -15.23
CA ILE A 495 -7.62 27.16 -16.29
C ILE A 495 -9.05 27.37 -15.80
N ASN A 496 -9.37 26.89 -14.61
CA ASN A 496 -10.69 27.14 -14.00
C ASN A 496 -10.52 27.04 -12.49
N ASN A 497 -10.37 28.19 -11.84
CA ASN A 497 -10.11 28.20 -10.40
C ASN A 497 -11.23 27.49 -9.63
N LYS A 498 -12.48 27.71 -10.05
CA LYS A 498 -13.60 27.05 -9.37
C LYS A 498 -13.49 25.54 -9.45
N ALA A 499 -13.06 25.01 -10.60
CA ALA A 499 -12.98 23.57 -10.78
C ALA A 499 -11.90 22.95 -9.91
N ALA A 500 -10.75 23.61 -9.79
CA ALA A 500 -9.64 23.04 -9.02
C ALA A 500 -10.01 22.88 -7.55
N THR A 501 -10.75 23.84 -6.99
CA THR A 501 -11.18 23.76 -5.61
C THR A 501 -12.21 22.68 -5.36
N GLY A 502 -12.81 22.13 -6.42
CA GLY A 502 -13.91 21.20 -6.28
C GLY A 502 -15.28 21.84 -6.26
N GLU A 503 -15.35 23.17 -6.25
CA GLU A 503 -16.64 23.84 -6.35
C GLU A 503 -17.32 23.56 -7.68
N GLU A 504 -16.54 23.35 -8.74
CA GLU A 504 -17.05 23.12 -10.07
C GLU A 504 -16.43 21.87 -10.66
N VAL A 505 -17.24 21.06 -11.32
CA VAL A 505 -16.70 19.91 -12.06
C VAL A 505 -16.00 20.42 -13.31
N PRO A 506 -14.75 20.05 -13.56
CA PRO A 506 -14.04 20.58 -14.72
C PRO A 506 -14.82 20.33 -16.00
N ARG A 507 -14.97 21.37 -16.81
CA ARG A 507 -15.68 21.29 -18.07
C ARG A 507 -14.75 20.98 -19.23
N THR A 508 -13.56 20.45 -18.94
CA THR A 508 -12.56 20.12 -19.95
C THR A 508 -12.10 18.68 -19.78
N ILE A 509 -11.08 18.26 -20.53
CA ILE A 509 -10.45 16.96 -20.36
C ILE A 509 -9.06 17.17 -19.80
N ILE A 510 -8.77 16.48 -18.70
CA ILE A 510 -7.56 16.72 -17.92
C ILE A 510 -6.62 15.53 -18.08
N VAL A 511 -5.34 15.83 -18.29
CA VAL A 511 -4.30 14.80 -18.49
C VAL A 511 -3.46 14.75 -17.23
N THR A 512 -3.35 13.55 -16.65
CA THR A 512 -2.54 13.33 -15.46
C THR A 512 -1.54 12.22 -15.74
N THR A 513 -0.27 12.47 -15.39
CA THR A 513 0.81 11.53 -15.69
C THR A 513 1.78 11.47 -14.53
N ARG A 514 2.41 10.31 -14.37
CA ARG A 514 3.46 10.16 -13.37
C ARG A 514 4.60 11.14 -13.59
N SER A 515 4.92 11.43 -14.85
CA SER A 515 5.99 12.37 -15.15
C SER A 515 5.71 13.74 -14.55
N GLN A 516 4.44 14.09 -14.36
CA GLN A 516 4.10 15.37 -13.75
C GLN A 516 4.66 15.45 -12.33
N TYR A 517 4.62 14.35 -11.59
CA TYR A 517 5.03 14.33 -10.19
C TYR A 517 6.30 13.55 -9.95
N GLY A 518 7.04 13.20 -11.01
CA GLY A 518 8.31 12.53 -10.84
C GLY A 518 8.23 11.10 -10.36
N LEU A 519 7.09 10.45 -10.54
CA LEU A 519 6.99 9.04 -10.15
C LEU A 519 7.64 8.14 -11.20
N PRO A 520 8.36 7.11 -10.77
CA PRO A 520 8.95 6.19 -11.75
C PRO A 520 7.87 5.55 -12.61
N GLU A 521 8.19 5.38 -13.90
CA GLU A 521 7.19 4.86 -14.84
C GLU A 521 6.88 3.40 -14.53
N ASP A 522 7.87 2.53 -14.58
CA ASP A 522 7.69 1.10 -14.33
C ASP A 522 8.07 0.74 -12.90
N ALA A 523 7.32 1.28 -11.94
CA ALA A 523 7.61 1.04 -10.54
C ALA A 523 6.31 0.95 -9.75
N ILE A 524 6.35 0.20 -8.65
CA ILE A 524 5.22 0.16 -7.73
C ILE A 524 5.16 1.48 -6.96
N VAL A 525 3.96 2.03 -6.84
CA VAL A 525 3.75 3.32 -6.20
C VAL A 525 2.89 3.09 -4.96
N TYR A 526 3.53 3.09 -3.79
CA TYR A 526 2.82 3.13 -2.52
C TYR A 526 2.64 4.58 -2.10
N CYS A 527 1.44 4.91 -1.61
CA CYS A 527 1.10 6.29 -1.35
C CYS A 527 0.36 6.43 -0.02
N ASN A 528 0.48 7.62 0.57
CA ASN A 528 -0.37 8.02 1.68
C ASN A 528 -0.36 9.53 1.74
N PHE A 529 -1.50 10.16 1.44
CA PHE A 529 -1.61 11.60 1.33
C PHE A 529 -2.19 12.24 2.59
N ASN A 530 -2.16 11.54 3.72
CA ASN A 530 -2.59 12.15 4.97
C ASN A 530 -1.56 13.17 5.44
N GLN A 531 -1.95 13.94 6.45
CA GLN A 531 -1.01 14.85 7.09
C GLN A 531 0.08 14.05 7.80
N LEU A 532 1.31 14.56 7.74
CA LEU A 532 2.44 13.80 8.28
C LEU A 532 2.27 13.47 9.76
N TYR A 533 1.47 14.24 10.49
CA TYR A 533 1.32 13.98 11.92
C TYR A 533 0.73 12.59 12.18
N LYS A 534 -0.07 12.06 11.24
CA LYS A 534 -0.63 10.73 11.40
C LYS A 534 0.42 9.63 11.28
N ILE A 535 1.69 9.98 11.09
CA ILE A 535 2.77 9.01 10.95
C ILE A 535 3.53 8.94 12.27
N ASP A 536 3.78 7.73 12.74
CA ASP A 536 4.56 7.46 13.93
C ASP A 536 5.66 6.47 13.56
N PRO A 537 6.71 6.39 14.38
CA PRO A 537 7.88 5.56 13.99
C PRO A 537 7.52 4.13 13.63
N SER A 538 6.60 3.50 14.35
CA SER A 538 6.23 2.13 14.03
C SER A 538 5.61 2.04 12.65
N THR A 539 4.75 3.00 12.30
CA THR A 539 4.17 3.02 10.96
C THR A 539 5.24 3.17 9.90
N LEU A 540 6.21 4.06 10.13
CA LEU A 540 7.29 4.24 9.16
C LEU A 540 8.10 2.97 8.99
N GLN A 541 8.40 2.29 10.10
CA GLN A 541 9.14 1.03 10.01
C GLN A 541 8.39 -0.01 9.19
N MET A 542 7.08 -0.11 9.41
CA MET A 542 6.28 -1.06 8.62
C MET A 542 6.39 -0.76 7.14
N TRP A 543 6.26 0.52 6.77
CA TRP A 543 6.36 0.90 5.37
C TRP A 543 7.75 0.65 4.83
N ALA A 544 8.78 0.92 5.64
CA ALA A 544 10.14 0.62 5.21
C ALA A 544 10.32 -0.85 4.93
N ASN A 545 9.80 -1.72 5.80
CA ASN A 545 9.87 -3.15 5.55
C ASN A 545 9.13 -3.51 4.26
N ILE A 546 8.01 -2.83 3.99
CA ILE A 546 7.29 -3.05 2.75
C ILE A 546 8.17 -2.74 1.55
N LEU A 547 8.84 -1.59 1.60
CA LEU A 547 9.68 -1.17 0.48
C LEU A 547 10.84 -2.12 0.27
N LYS A 548 11.48 -2.59 1.34
CA LYS A 548 12.58 -3.52 1.21
C LYS A 548 12.13 -4.83 0.58
N ARG A 549 10.98 -5.35 1.00
CA ARG A 549 10.50 -6.63 0.49
C ARG A 549 9.97 -6.53 -0.93
N VAL A 550 9.58 -5.34 -1.37
CA VAL A 550 9.04 -5.13 -2.72
C VAL A 550 10.10 -4.38 -3.53
N PRO A 551 10.71 -5.01 -4.52
CA PRO A 551 11.65 -4.29 -5.38
C PRO A 551 10.93 -3.33 -6.31
N ASN A 552 11.67 -2.32 -6.76
CA ASN A 552 11.16 -1.34 -7.71
C ASN A 552 9.97 -0.55 -7.17
N SER A 553 9.84 -0.48 -5.85
CA SER A 553 8.73 0.21 -5.22
C SER A 553 9.21 1.53 -4.62
N VAL A 554 8.32 2.53 -4.62
CA VAL A 554 8.59 3.82 -4.02
C VAL A 554 7.41 4.20 -3.14
N LEU A 555 7.66 5.10 -2.19
CA LEU A 555 6.64 5.61 -1.29
C LEU A 555 6.38 7.07 -1.62
N TRP A 556 5.13 7.39 -1.91
CA TRP A 556 4.74 8.73 -2.33
C TRP A 556 4.07 9.44 -1.17
N LEU A 557 4.67 10.54 -0.73
CA LEU A 557 4.16 11.34 0.37
C LEU A 557 3.99 12.79 -0.09
N LEU A 558 3.47 13.61 0.80
CA LEU A 558 3.18 15.01 0.51
C LEU A 558 3.90 15.91 1.50
N ARG A 559 4.48 17.00 1.00
CA ARG A 559 5.05 18.00 1.88
C ARG A 559 3.92 18.68 2.63
N PHE A 560 3.57 18.14 3.79
CA PHE A 560 2.32 18.50 4.46
C PHE A 560 2.45 18.23 5.95
N PRO A 561 3.26 19.01 6.68
CA PRO A 561 4.03 20.19 6.26
C PRO A 561 5.31 19.84 5.51
N ALA A 562 5.96 20.82 4.88
CA ALA A 562 7.19 20.56 4.14
C ALA A 562 8.38 20.33 5.04
N VAL A 563 8.34 20.81 6.29
CA VAL A 563 9.46 20.59 7.21
C VAL A 563 9.58 19.13 7.59
N GLY A 564 8.50 18.35 7.49
CA GLY A 564 8.55 16.94 7.81
C GLY A 564 9.32 16.10 6.81
N GLU A 565 9.53 16.62 5.60
CA GLU A 565 10.26 15.86 4.60
C GLU A 565 11.69 15.54 5.04
N PRO A 566 12.49 16.52 5.49
CA PRO A 566 13.84 16.16 5.96
C PRO A 566 13.83 15.16 7.11
N ASN A 567 12.90 15.30 8.05
CA ASN A 567 12.83 14.36 9.17
C ASN A 567 12.50 12.95 8.68
N ILE A 568 11.54 12.82 7.76
CA ILE A 568 11.20 11.51 7.24
C ILE A 568 12.36 10.93 6.45
N GLN A 569 13.03 11.75 5.64
CA GLN A 569 14.16 11.27 4.86
C GLN A 569 15.28 10.78 5.76
N GLN A 570 15.59 11.51 6.82
CA GLN A 570 16.64 11.10 7.73
C GLN A 570 16.30 9.79 8.42
N TYR A 571 15.05 9.63 8.87
CA TYR A 571 14.65 8.38 9.51
C TYR A 571 14.66 7.22 8.52
N ALA A 572 14.43 7.50 7.24
CA ALA A 572 14.57 6.45 6.23
C ALA A 572 16.03 6.06 6.04
N GLN A 573 16.93 7.05 6.03
CA GLN A 573 18.36 6.75 5.93
C GLN A 573 18.80 5.88 7.09
N ASN A 574 18.39 6.23 8.32
CA ASN A 574 18.69 5.40 9.47
C ASN A 574 18.07 4.02 9.32
N MET A 575 16.98 3.91 8.56
CA MET A 575 16.33 2.64 8.29
C MET A 575 16.91 1.93 7.07
N GLY A 576 17.87 2.53 6.38
CA GLY A 576 18.54 1.89 5.27
C GLY A 576 17.94 2.14 3.91
N LEU A 577 17.00 3.08 3.79
CA LEU A 577 16.36 3.35 2.52
C LEU A 577 17.03 4.53 1.84
N PRO A 578 17.51 4.38 0.60
CA PRO A 578 18.11 5.52 -0.10
C PRO A 578 17.10 6.64 -0.29
N GLN A 579 17.62 7.83 -0.60
CA GLN A 579 16.75 9.00 -0.71
C GLN A 579 15.70 8.81 -1.79
N ASN A 580 16.08 8.23 -2.93
CA ASN A 580 15.17 8.11 -4.06
C ASN A 580 13.98 7.19 -3.78
N ARG A 581 14.02 6.42 -2.70
CA ARG A 581 12.93 5.50 -2.40
C ARG A 581 11.66 6.22 -1.92
N ILE A 582 11.78 7.47 -1.48
CA ILE A 582 10.64 8.25 -1.01
C ILE A 582 10.53 9.50 -1.87
N ILE A 583 9.35 9.73 -2.43
CA ILE A 583 9.08 10.88 -3.30
C ILE A 583 8.07 11.77 -2.62
N PHE A 584 8.43 13.04 -2.46
CA PHE A 584 7.57 14.03 -1.81
C PHE A 584 7.02 15.00 -2.84
N SER A 585 5.72 15.27 -2.77
CA SER A 585 5.08 16.20 -3.67
C SER A 585 4.31 17.24 -2.87
N PRO A 586 4.24 18.47 -3.34
CA PRO A 586 3.49 19.51 -2.63
C PRO A 586 2.00 19.22 -2.64
N VAL A 587 1.32 19.77 -1.64
CA VAL A 587 -0.14 19.63 -1.59
C VAL A 587 -0.76 20.30 -2.81
N ALA A 588 -1.89 19.78 -3.26
CA ALA A 588 -2.54 20.23 -4.48
C ALA A 588 -4.01 20.53 -4.20
N PRO A 589 -4.64 21.35 -5.06
CA PRO A 589 -6.08 21.61 -4.92
C PRO A 589 -6.88 20.33 -4.80
N LYS A 590 -8.10 20.43 -4.25
CA LYS A 590 -8.89 19.23 -3.98
C LYS A 590 -9.05 18.38 -5.23
N GLU A 591 -9.44 18.99 -6.35
CA GLU A 591 -9.61 18.22 -7.58
C GLU A 591 -8.31 17.58 -8.02
N GLU A 592 -7.23 18.35 -8.03
CA GLU A 592 -5.93 17.80 -8.42
C GLU A 592 -5.47 16.74 -7.43
N HIS A 593 -5.67 16.98 -6.14
CA HIS A 593 -5.24 16.00 -5.14
C HIS A 593 -5.96 14.68 -5.31
N VAL A 594 -7.27 14.72 -5.56
CA VAL A 594 -8.01 13.48 -5.78
C VAL A 594 -7.61 12.85 -7.11
N ARG A 595 -7.34 13.67 -8.12
CA ARG A 595 -6.98 13.14 -9.43
C ARG A 595 -5.63 12.42 -9.40
N ARG A 596 -4.70 12.90 -8.58
CA ARG A 596 -3.39 12.24 -8.49
C ARG A 596 -3.49 10.81 -7.99
N GLY A 597 -4.56 10.48 -7.26
CA GLY A 597 -4.66 9.15 -6.68
C GLY A 597 -4.65 8.05 -7.71
N GLN A 598 -5.10 8.33 -8.93
CA GLN A 598 -5.08 7.33 -9.99
C GLN A 598 -3.65 6.96 -10.38
N LEU A 599 -2.71 7.91 -10.24
CA LEU A 599 -1.33 7.63 -10.63
C LEU A 599 -0.70 6.54 -9.76
N ALA A 600 -1.12 6.44 -8.50
CA ALA A 600 -0.54 5.48 -7.59
C ALA A 600 -1.13 4.10 -7.81
N ASP A 601 -0.56 3.11 -7.11
CA ASP A 601 -0.99 1.72 -7.20
C ASP A 601 -1.72 1.25 -5.94
N VAL A 602 -1.16 1.54 -4.77
CA VAL A 602 -1.78 1.14 -3.50
C VAL A 602 -1.46 2.21 -2.47
N CYS A 603 -2.44 2.47 -1.60
CA CYS A 603 -2.32 3.47 -0.55
C CYS A 603 -2.14 2.78 0.79
N LEU A 604 -1.20 3.27 1.59
CA LEU A 604 -0.91 2.71 2.91
C LEU A 604 -1.54 3.61 3.97
N ASP A 605 -2.61 3.12 4.59
CA ASP A 605 -3.31 3.90 5.60
C ASP A 605 -2.49 4.01 6.88
N THR A 606 -2.51 5.19 7.47
CA THR A 606 -1.80 5.42 8.73
C THR A 606 -2.56 4.75 9.88
N PRO A 607 -2.03 3.67 10.46
CA PRO A 607 -2.78 2.99 11.53
C PRO A 607 -3.01 3.84 12.76
N LEU A 608 -2.12 4.79 13.05
CA LEU A 608 -2.30 5.63 14.24
C LEU A 608 -3.57 6.46 14.14
N CYS A 609 -3.75 7.16 13.02
CA CYS A 609 -4.96 7.95 12.75
C CYS A 609 -5.37 7.67 11.31
N ASN A 610 -6.21 6.65 11.12
CA ASN A 610 -6.62 6.24 9.78
C ASN A 610 -7.11 7.44 8.98
N GLY A 611 -6.57 7.58 7.77
CA GLY A 611 -7.01 8.66 6.90
C GLY A 611 -8.49 8.61 6.63
N HIS A 612 -9.24 9.54 7.20
CA HIS A 612 -10.70 9.49 7.12
C HIS A 612 -11.19 10.08 5.80
N THR A 613 -10.99 11.38 5.59
CA THR A 613 -11.36 12.00 4.32
C THR A 613 -10.39 11.59 3.22
N THR A 614 -9.09 11.60 3.54
CA THR A 614 -8.11 11.18 2.56
C THR A 614 -8.37 9.76 2.07
N GLY A 615 -8.88 8.90 2.96
CA GLY A 615 -9.26 7.56 2.53
C GLY A 615 -10.38 7.57 1.51
N MET A 616 -11.38 8.44 1.71
CA MET A 616 -12.44 8.58 0.72
C MET A 616 -11.88 9.04 -0.62
N ASP A 617 -11.00 10.04 -0.59
CA ASP A 617 -10.44 10.58 -1.84
C ASP A 617 -9.70 9.51 -2.62
N VAL A 618 -8.86 8.73 -1.94
CA VAL A 618 -8.11 7.68 -2.62
C VAL A 618 -9.04 6.62 -3.17
N LEU A 619 -10.03 6.21 -2.37
CA LEU A 619 -10.95 5.17 -2.82
C LEU A 619 -11.72 5.61 -4.07
N TRP A 620 -12.16 6.87 -4.10
CA TRP A 620 -12.81 7.38 -5.31
C TRP A 620 -11.90 7.20 -6.52
N ALA A 621 -10.60 7.42 -6.35
CA ALA A 621 -9.65 7.29 -7.43
C ALA A 621 -9.48 5.84 -7.89
N GLY A 622 -10.03 4.88 -7.15
CA GLY A 622 -9.85 3.48 -7.48
C GLY A 622 -8.59 2.87 -6.94
N THR A 623 -7.83 3.60 -6.13
CA THR A 623 -6.58 3.10 -5.58
C THR A 623 -6.86 2.25 -4.35
N PRO A 624 -6.44 0.98 -4.32
CA PRO A 624 -6.66 0.16 -3.14
C PRO A 624 -5.90 0.69 -1.93
N MET A 625 -6.50 0.52 -0.76
CA MET A 625 -5.95 1.03 0.49
C MET A 625 -5.83 -0.11 1.50
N VAL A 626 -4.63 -0.25 2.07
CA VAL A 626 -4.36 -1.26 3.10
C VAL A 626 -4.39 -0.57 4.45
N THR A 627 -5.17 -1.11 5.38
CA THR A 627 -5.34 -0.51 6.69
C THR A 627 -5.19 -1.56 7.78
N MET A 628 -4.77 -1.11 8.96
CA MET A 628 -4.71 -1.93 10.15
C MET A 628 -5.56 -1.28 11.24
N PRO A 629 -6.79 -1.74 11.44
CA PRO A 629 -7.64 -1.10 12.46
C PRO A 629 -6.98 -1.12 13.83
N GLY A 630 -7.19 -0.05 14.59
CA GLY A 630 -6.64 0.08 15.91
C GLY A 630 -7.70 0.00 16.99
N GLU A 631 -7.37 0.57 18.16
CA GLU A 631 -8.28 0.59 19.29
C GLU A 631 -9.16 1.84 19.31
N THR A 632 -8.64 2.96 18.82
CA THR A 632 -9.39 4.20 18.80
C THR A 632 -10.36 4.22 17.62
N LEU A 633 -11.37 5.10 17.72
CA LEU A 633 -12.29 5.29 16.60
C LEU A 633 -11.55 5.76 15.36
N ALA A 634 -10.66 6.73 15.53
CA ALA A 634 -9.91 7.27 14.38
C ALA A 634 -9.11 6.17 13.69
N SER A 635 -8.51 5.27 14.47
CA SER A 635 -7.79 4.14 13.89
C SER A 635 -8.76 3.19 13.19
N ARG A 636 -9.95 2.97 13.77
CA ARG A 636 -10.88 2.00 13.21
C ARG A 636 -11.57 2.51 11.96
N VAL A 637 -11.49 3.80 11.66
CA VAL A 637 -12.04 4.30 10.41
C VAL A 637 -11.20 3.79 9.25
N ALA A 638 -11.78 3.87 8.06
CA ALA A 638 -11.16 3.42 6.82
C ALA A 638 -11.12 1.90 6.78
N ALA A 639 -11.41 1.27 7.92
CA ALA A 639 -11.76 -0.14 7.95
C ALA A 639 -13.24 -0.30 7.68
N SER A 640 -14.05 0.46 8.42
CA SER A 640 -15.47 0.56 8.10
C SER A 640 -15.68 0.90 6.63
N GLN A 641 -14.89 1.83 6.10
CA GLN A 641 -14.99 2.18 4.69
C GLN A 641 -14.73 0.96 3.82
N LEU A 642 -13.54 0.36 3.95
CA LEU A 642 -13.20 -0.83 3.18
C LEU A 642 -14.28 -1.90 3.35
N THR A 643 -14.74 -2.08 4.59
CA THR A 643 -15.83 -3.03 4.86
C THR A 643 -17.04 -2.72 3.99
N CYS A 644 -17.57 -1.49 4.11
CA CYS A 644 -18.72 -1.10 3.31
C CYS A 644 -18.42 -1.24 1.82
N LEU A 645 -17.16 -1.05 1.42
CA LEU A 645 -16.79 -1.16 0.01
C LEU A 645 -16.87 -2.59 -0.49
N GLY A 646 -16.73 -3.58 0.40
CA GLY A 646 -16.67 -4.96 -0.01
C GLY A 646 -15.30 -5.46 -0.36
N CYS A 647 -14.26 -4.91 0.27
CA CYS A 647 -12.86 -5.25 0.00
C CYS A 647 -12.17 -5.65 1.29
N LEU A 648 -12.79 -6.58 2.02
CA LEU A 648 -12.31 -6.96 3.35
C LEU A 648 -10.86 -7.43 3.34
N GLU A 649 -10.36 -7.91 2.20
CA GLU A 649 -9.02 -8.49 2.13
C GLU A 649 -7.92 -7.46 2.32
N LEU A 650 -8.23 -6.17 2.30
CA LEU A 650 -7.25 -5.12 2.49
C LEU A 650 -7.15 -4.63 3.93
N ILE A 651 -7.84 -5.29 4.86
CA ILE A 651 -7.82 -4.94 6.27
C ILE A 651 -6.89 -5.90 6.99
N ALA A 652 -5.84 -5.38 7.61
CA ALA A 652 -4.84 -6.20 8.27
C ALA A 652 -5.19 -6.37 9.74
N LYS A 653 -4.93 -7.58 10.26
CA LYS A 653 -5.21 -7.90 11.65
C LYS A 653 -4.02 -7.66 12.57
N ASN A 654 -2.83 -7.41 12.03
CA ASN A 654 -1.66 -7.15 12.86
C ASN A 654 -0.57 -6.57 11.96
N ARG A 655 0.56 -6.21 12.58
CA ARG A 655 1.67 -5.62 11.84
C ARG A 655 2.09 -6.49 10.68
N GLN A 656 2.26 -7.80 10.92
CA GLN A 656 2.72 -8.70 9.88
C GLN A 656 1.70 -8.77 8.75
N GLU A 657 0.41 -8.84 9.08
CA GLU A 657 -0.62 -8.91 8.05
C GLU A 657 -0.60 -7.67 7.17
N TYR A 658 -0.46 -6.50 7.78
CA TYR A 658 -0.33 -5.26 7.00
C TYR A 658 0.84 -5.34 6.04
N GLU A 659 2.01 -5.77 6.53
CA GLU A 659 3.19 -5.86 5.67
C GLU A 659 2.97 -6.87 4.55
N ASP A 660 2.43 -8.04 4.87
CA ASP A 660 2.24 -9.06 3.87
C ASP A 660 1.25 -8.62 2.80
N ILE A 661 0.13 -8.02 3.21
CA ILE A 661 -0.88 -7.58 2.25
C ILE A 661 -0.29 -6.54 1.30
N ALA A 662 0.43 -5.56 1.85
CA ALA A 662 1.06 -4.56 1.00
C ALA A 662 2.08 -5.19 0.06
N VAL A 663 2.86 -6.14 0.56
CA VAL A 663 3.91 -6.75 -0.25
C VAL A 663 3.30 -7.60 -1.36
N LYS A 664 2.22 -8.33 -1.08
CA LYS A 664 1.57 -9.10 -2.12
C LYS A 664 1.05 -8.20 -3.24
N LEU A 665 0.44 -7.07 -2.87
CA LEU A 665 -0.09 -6.16 -3.89
C LEU A 665 1.03 -5.65 -4.79
N GLY A 666 2.21 -5.38 -4.22
CA GLY A 666 3.31 -4.86 -5.00
C GLY A 666 4.03 -5.88 -5.86
N THR A 667 3.88 -7.17 -5.55
CA THR A 667 4.57 -8.22 -6.28
C THR A 667 3.66 -9.01 -7.20
N ASP A 668 2.50 -9.44 -6.71
CA ASP A 668 1.53 -10.19 -7.53
C ASP A 668 0.75 -9.19 -8.38
N LEU A 669 1.28 -8.91 -9.57
CA LEU A 669 0.67 -7.88 -10.41
C LEU A 669 -0.73 -8.28 -10.86
N GLU A 670 -0.94 -9.54 -11.17
CA GLU A 670 -2.30 -9.99 -11.53
C GLU A 670 -3.26 -9.79 -10.36
N TYR A 671 -2.80 -10.07 -9.14
CA TYR A 671 -3.62 -9.81 -7.96
C TYR A 671 -3.90 -8.32 -7.82
N LEU A 672 -2.89 -7.47 -8.07
CA LEU A 672 -3.11 -6.04 -8.02
C LEU A 672 -4.15 -5.60 -9.03
N LYS A 673 -4.07 -6.11 -10.25
CA LYS A 673 -5.06 -5.75 -11.27
C LYS A 673 -6.46 -6.17 -10.84
N LYS A 674 -6.59 -7.37 -10.27
CA LYS A 674 -7.90 -7.82 -9.80
C LYS A 674 -8.43 -6.95 -8.68
N VAL A 675 -7.57 -6.62 -7.70
CA VAL A 675 -8.00 -5.81 -6.58
C VAL A 675 -8.35 -4.40 -7.02
N ARG A 676 -7.52 -3.81 -7.88
CA ARG A 676 -7.81 -2.47 -8.38
C ARG A 676 -9.12 -2.45 -9.17
N GLY A 677 -9.38 -3.52 -9.94
CA GLY A 677 -10.65 -3.62 -10.61
C GLY A 677 -11.82 -3.69 -9.65
N LYS A 678 -11.67 -4.48 -8.58
CA LYS A 678 -12.76 -4.60 -7.61
C LYS A 678 -13.01 -3.27 -6.91
N VAL A 679 -11.95 -2.54 -6.56
CA VAL A 679 -12.12 -1.20 -6.00
C VAL A 679 -12.82 -0.30 -7.00
N TRP A 680 -12.43 -0.39 -8.27
CA TRP A 680 -13.01 0.46 -9.31
C TRP A 680 -14.52 0.28 -9.41
N LYS A 681 -14.99 -0.96 -9.27
CA LYS A 681 -16.43 -1.20 -9.35
C LYS A 681 -17.12 -0.88 -8.03
N GLN A 682 -16.59 -1.38 -6.91
CA GLN A 682 -17.27 -1.26 -5.64
C GLN A 682 -17.44 0.20 -5.22
N ARG A 683 -16.55 1.09 -5.66
CA ARG A 683 -16.68 2.50 -5.30
C ARG A 683 -18.02 3.07 -5.76
N ILE A 684 -18.61 2.50 -6.81
CA ILE A 684 -19.88 2.95 -7.31
C ILE A 684 -21.01 1.96 -7.02
N SER A 685 -20.71 0.67 -6.87
CA SER A 685 -21.74 -0.31 -6.57
C SER A 685 -22.05 -0.38 -5.07
N SER A 686 -21.01 -0.43 -4.25
CA SER A 686 -21.22 -0.47 -2.82
C SER A 686 -21.86 0.84 -2.34
N PRO A 687 -22.72 0.78 -1.31
CA PRO A 687 -23.39 1.97 -0.78
C PRO A 687 -22.47 2.85 0.07
N LEU A 688 -21.25 3.07 -0.42
CA LEU A 688 -20.30 3.93 0.28
C LEU A 688 -20.43 5.38 -0.14
N PHE A 689 -20.60 5.63 -1.44
CA PHE A 689 -20.76 6.97 -1.97
C PHE A 689 -22.21 7.29 -2.34
N ASN A 690 -23.14 6.37 -2.08
CA ASN A 690 -24.55 6.59 -2.35
C ASN A 690 -25.09 7.52 -1.26
N THR A 691 -25.02 8.82 -1.53
CA THR A 691 -25.44 9.81 -0.53
C THR A 691 -26.93 9.68 -0.23
N LYS A 692 -27.76 9.43 -1.26
CA LYS A 692 -29.19 9.27 -1.02
C LYS A 692 -29.46 8.11 -0.08
N GLN A 693 -28.76 6.98 -0.29
CA GLN A 693 -28.90 5.85 0.62
C GLN A 693 -28.48 6.23 2.03
N TYR A 694 -27.34 6.91 2.17
CA TYR A 694 -26.87 7.34 3.48
C TYR A 694 -27.91 8.21 4.17
N THR A 695 -28.43 9.20 3.44
CA THR A 695 -29.42 10.10 4.04
C THR A 695 -30.64 9.34 4.53
N MET A 696 -31.16 8.42 3.71
CA MET A 696 -32.32 7.64 4.10
C MET A 696 -32.04 6.83 5.36
N GLU A 697 -30.88 6.17 5.41
CA GLU A 697 -30.51 5.43 6.61
C GLU A 697 -30.36 6.37 7.80
N LEU A 698 -29.76 7.54 7.57
CA LEU A 698 -29.69 8.55 8.62
C LEU A 698 -31.10 8.93 9.09
N GLU A 699 -32.02 9.13 8.15
CA GLU A 699 -33.39 9.45 8.51
C GLU A 699 -34.00 8.34 9.36
N ARG A 700 -33.74 7.08 9.00
CA ARG A 700 -34.24 5.97 9.82
C ARG A 700 -33.75 6.08 11.25
N LEU A 701 -32.43 6.17 11.43
CA LEU A 701 -31.86 6.30 12.77
C LEU A 701 -32.52 7.44 13.53
N TYR A 702 -32.59 8.62 12.89
CA TYR A 702 -33.25 9.77 13.47
C TYR A 702 -34.59 9.38 14.08
N LEU A 703 -35.46 8.77 13.28
CA LEU A 703 -36.77 8.35 13.77
C LEU A 703 -36.63 7.41 14.96
N GLN A 704 -35.79 6.39 14.84
CA GLN A 704 -35.60 5.44 15.93
C GLN A 704 -35.36 6.16 17.25
N MET A 705 -34.42 7.10 17.25
CA MET A 705 -34.13 7.84 18.48
C MET A 705 -35.36 8.57 18.99
N TRP A 706 -36.07 9.28 18.10
CA TRP A 706 -37.24 10.04 18.52
C TRP A 706 -38.25 9.14 19.22
N GLU A 707 -38.56 8.00 18.61
CA GLU A 707 -39.49 7.06 19.23
C GLU A 707 -39.06 6.73 20.65
N HIS A 708 -37.79 6.37 20.82
CA HIS A 708 -37.23 6.13 22.14
C HIS A 708 -37.56 7.28 23.08
N TYR A 709 -37.28 8.51 22.65
CA TYR A 709 -37.53 9.67 23.51
C TYR A 709 -39.03 9.90 23.68
N ALA A 710 -39.82 9.64 22.63
CA ALA A 710 -41.26 9.84 22.73
C ALA A 710 -41.88 8.93 23.78
N ALA A 711 -41.45 7.67 23.81
CA ALA A 711 -41.94 6.71 24.80
C ALA A 711 -41.34 6.93 26.18
N GLY A 712 -40.54 7.98 26.35
CA GLY A 712 -39.94 8.29 27.63
C GLY A 712 -38.61 7.62 27.89
N ASN A 713 -38.24 6.61 27.11
CA ASN A 713 -36.97 5.93 27.31
C ASN A 713 -35.81 6.88 27.12
N LYS A 714 -34.85 6.84 28.05
CA LYS A 714 -33.67 7.67 27.96
C LYS A 714 -32.64 7.04 27.03
N PRO A 715 -31.63 7.79 26.61
CA PRO A 715 -30.71 7.31 25.57
C PRO A 715 -30.17 5.92 25.87
N ASP A 716 -30.35 5.02 24.92
CA ASP A 716 -29.83 3.65 24.97
C ASP A 716 -29.29 3.29 23.60
N HIS A 717 -28.17 2.56 23.59
CA HIS A 717 -27.50 2.20 22.35
C HIS A 717 -28.50 1.72 21.30
N MET A 718 -28.43 2.30 20.11
CA MET A 718 -29.25 1.90 18.98
C MET A 718 -28.42 1.02 18.04
N ILE A 719 -28.84 -0.22 17.87
CA ILE A 719 -28.12 -1.16 17.01
C ILE A 719 -29.10 -2.06 16.25
N ALA B 2 9.13 27.58 -17.77
CA ALA B 2 9.22 26.57 -16.72
C ALA B 2 7.84 25.98 -16.39
N PHE B 3 7.71 25.41 -15.20
CA PHE B 3 6.47 24.77 -14.76
C PHE B 3 6.12 23.60 -15.69
N SER B 4 7.04 22.64 -15.75
CA SER B 4 6.96 21.47 -16.61
C SER B 4 7.07 20.19 -15.77
N PRO B 5 6.99 19.01 -16.38
CA PRO B 5 7.04 17.78 -15.58
C PRO B 5 8.40 17.60 -14.93
N LYS B 6 8.41 16.81 -13.85
CA LYS B 6 9.67 16.57 -13.14
C LYS B 6 10.69 15.92 -14.07
N TYR B 7 10.27 14.96 -14.90
CA TYR B 7 11.12 14.38 -15.91
C TYR B 7 10.36 14.30 -17.24
N LEU B 8 11.12 14.33 -18.33
CA LEU B 8 10.56 14.33 -19.66
C LEU B 8 10.09 12.92 -20.03
N LEU B 9 9.54 12.79 -21.23
CA LEU B 9 9.09 11.49 -21.75
C LEU B 9 9.65 11.33 -23.15
N ARG B 10 10.63 10.43 -23.30
CA ARG B 10 11.23 10.20 -24.60
C ARG B 10 10.16 9.76 -25.60
N LEU B 11 10.37 10.09 -26.86
CA LEU B 11 9.43 9.78 -27.93
C LEU B 11 10.13 9.85 -29.28
N PRO B 12 9.91 8.86 -30.16
CA PRO B 12 10.55 8.84 -31.48
C PRO B 12 10.12 10.03 -32.35
N THR C 7 -43.62 85.80 -37.97
CA THR C 7 -43.91 85.30 -39.30
C THR C 7 -42.72 84.53 -39.87
N HIS C 8 -41.55 85.17 -39.87
CA HIS C 8 -40.37 84.52 -40.40
C HIS C 8 -40.11 83.19 -39.70
N ALA C 9 -40.49 83.08 -38.44
CA ALA C 9 -40.41 81.79 -37.74
C ALA C 9 -41.30 80.76 -38.40
N ASP C 10 -42.49 81.17 -38.86
CA ASP C 10 -43.41 80.24 -39.50
C ASP C 10 -42.80 79.66 -40.76
N SER C 11 -42.15 80.49 -41.58
CA SER C 11 -41.51 79.99 -42.79
C SER C 11 -40.38 79.03 -42.44
N LEU C 12 -39.60 79.33 -41.39
CA LEU C 12 -38.55 78.42 -40.97
C LEU C 12 -39.13 77.07 -40.58
N ASN C 13 -40.24 77.06 -39.84
CA ASN C 13 -40.86 75.80 -39.45
C ASN C 13 -41.34 75.02 -40.66
N ASN C 14 -41.97 75.70 -41.62
CA ASN C 14 -42.50 75.01 -42.79
C ASN C 14 -41.38 74.30 -43.55
N LEU C 15 -40.30 75.02 -43.86
CA LEU C 15 -39.18 74.39 -44.56
C LEU C 15 -38.58 73.27 -43.72
N ALA C 16 -38.42 73.50 -42.41
CA ALA C 16 -37.89 72.46 -41.53
C ALA C 16 -38.77 71.23 -41.57
N ASN C 17 -40.09 71.41 -41.56
CA ASN C 17 -41.00 70.28 -41.67
C ASN C 17 -40.70 69.47 -42.92
N ILE C 18 -40.51 70.15 -44.05
CA ILE C 18 -40.17 69.45 -45.29
C ILE C 18 -38.84 68.73 -45.14
N LYS C 19 -37.85 69.39 -44.54
CA LYS C 19 -36.55 68.77 -44.32
C LYS C 19 -36.71 67.46 -43.56
N ARG C 20 -37.47 67.48 -42.46
CA ARG C 20 -37.74 66.26 -41.72
C ARG C 20 -38.54 65.26 -42.55
N GLU C 21 -39.53 65.76 -43.29
CA GLU C 21 -40.34 64.87 -44.13
C GLU C 21 -39.45 64.03 -45.05
N GLN C 22 -38.39 64.64 -45.59
CA GLN C 22 -37.44 63.90 -46.41
C GLN C 22 -36.46 63.10 -45.54
N GLY C 23 -36.05 63.66 -44.40
CA GLY C 23 -35.11 62.98 -43.53
C GLY C 23 -33.93 63.85 -43.14
N ASN C 24 -33.98 65.13 -43.52
CA ASN C 24 -32.90 66.08 -43.23
C ASN C 24 -33.05 66.61 -41.80
N ILE C 25 -32.98 65.69 -40.84
CA ILE C 25 -33.20 66.04 -39.44
C ILE C 25 -32.13 67.01 -38.95
N GLU C 26 -30.90 66.86 -39.43
CA GLU C 26 -29.83 67.77 -39.01
C GLU C 26 -30.19 69.21 -39.32
N GLU C 27 -30.45 69.51 -40.60
CA GLU C 27 -30.85 70.87 -40.97
C GLU C 27 -32.25 71.20 -40.47
N ALA C 28 -33.13 70.21 -40.41
CA ALA C 28 -34.50 70.46 -39.92
C ALA C 28 -34.48 70.93 -38.47
N VAL C 29 -33.68 70.27 -37.63
CA VAL C 29 -33.58 70.69 -36.24
C VAL C 29 -32.98 72.09 -36.14
N ARG C 30 -31.96 72.36 -36.96
CA ARG C 30 -31.38 73.70 -36.98
C ARG C 30 -32.39 74.73 -37.46
N LEU C 31 -33.27 74.34 -38.39
CA LEU C 31 -34.31 75.24 -38.86
C LEU C 31 -35.28 75.58 -37.73
N TYR C 32 -35.89 74.57 -37.12
CA TYR C 32 -36.75 74.81 -35.97
C TYR C 32 -36.02 75.63 -34.91
N ARG C 33 -34.76 75.28 -34.65
CA ARG C 33 -33.93 76.09 -33.76
C ARG C 33 -34.06 77.56 -34.12
N LYS C 34 -33.63 77.93 -35.33
CA LYS C 34 -33.63 79.32 -35.73
C LYS C 34 -35.04 79.91 -35.69
N ALA C 35 -36.05 79.12 -36.07
CA ALA C 35 -37.42 79.58 -35.95
C ALA C 35 -37.71 80.01 -34.51
N LEU C 36 -37.26 79.22 -33.54
CA LEU C 36 -37.44 79.58 -32.14
C LEU C 36 -36.69 80.85 -31.79
N GLU C 37 -35.43 80.97 -32.23
CA GLU C 37 -34.73 82.24 -32.03
C GLU C 37 -35.48 83.39 -32.69
N VAL C 38 -36.10 83.13 -33.84
CA VAL C 38 -36.92 84.17 -34.48
C VAL C 38 -38.07 84.56 -33.57
N PHE C 39 -38.96 83.61 -33.27
CA PHE C 39 -40.13 83.85 -32.45
C PHE C 39 -40.23 82.77 -31.37
N PRO C 40 -39.91 83.09 -30.12
CA PRO C 40 -40.19 82.14 -29.03
C PRO C 40 -41.68 81.92 -28.91
N GLU C 41 -42.05 80.91 -28.13
CA GLU C 41 -43.44 80.55 -27.88
C GLU C 41 -44.16 80.11 -29.15
N PHE C 42 -43.42 79.89 -30.24
CA PHE C 42 -44.02 79.39 -31.47
C PHE C 42 -44.83 78.13 -31.24
N ALA C 43 -44.63 77.46 -30.10
CA ALA C 43 -45.42 76.30 -29.72
C ALA C 43 -45.19 75.15 -30.67
N ALA C 44 -45.86 75.18 -31.83
CA ALA C 44 -45.68 74.12 -32.82
C ALA C 44 -44.21 73.83 -33.06
N ALA C 45 -43.39 74.88 -33.12
CA ALA C 45 -41.95 74.68 -33.30
C ALA C 45 -41.35 73.90 -32.13
N HIS C 46 -41.68 74.30 -30.90
CA HIS C 46 -41.26 73.52 -29.74
C HIS C 46 -41.69 72.06 -29.89
N SER C 47 -42.95 71.85 -30.28
CA SER C 47 -43.44 70.50 -30.50
C SER C 47 -42.60 69.76 -31.53
N ASN C 48 -42.38 70.39 -32.69
CA ASN C 48 -41.54 69.77 -33.72
C ASN C 48 -40.17 69.42 -33.15
N LEU C 49 -39.54 70.37 -32.45
CA LEU C 49 -38.27 70.10 -31.81
C LEU C 49 -38.39 68.92 -30.86
N ALA C 50 -39.43 68.92 -30.01
CA ALA C 50 -39.60 67.83 -29.05
C ALA C 50 -39.77 66.49 -29.76
N SER C 51 -40.57 66.45 -30.83
CA SER C 51 -40.77 65.20 -31.55
C SER C 51 -39.51 64.77 -32.28
N VAL C 52 -38.82 65.71 -32.94
CA VAL C 52 -37.60 65.36 -33.66
C VAL C 52 -36.48 65.02 -32.68
N LEU C 53 -36.34 65.80 -31.60
CA LEU C 53 -35.37 65.46 -30.57
C LEU C 53 -35.69 64.10 -29.96
N GLN C 54 -36.97 63.83 -29.69
CA GLN C 54 -37.37 62.50 -29.28
C GLN C 54 -37.04 61.48 -30.36
N GLN C 55 -37.30 61.84 -31.62
CA GLN C 55 -36.88 60.99 -32.73
C GLN C 55 -35.37 60.82 -32.74
N GLN C 56 -34.63 61.91 -32.51
CA GLN C 56 -33.17 61.84 -32.55
C GLN C 56 -32.63 60.90 -31.49
N GLY C 57 -33.20 60.94 -30.28
CA GLY C 57 -32.77 60.06 -29.21
C GLY C 57 -32.72 60.72 -27.85
N LYS C 58 -32.66 62.05 -27.82
CA LYS C 58 -32.62 62.81 -26.57
C LYS C 58 -34.04 63.01 -26.08
N LEU C 59 -34.55 62.01 -25.34
CA LEU C 59 -35.89 62.10 -24.77
C LEU C 59 -36.02 63.36 -23.92
N GLN C 60 -35.22 63.45 -22.86
CA GLN C 60 -35.12 64.72 -22.14
C GLN C 60 -34.32 65.70 -22.99
N GLU C 61 -34.35 66.97 -22.59
CA GLU C 61 -33.87 68.06 -23.44
C GLU C 61 -34.89 68.28 -24.56
N ALA C 62 -35.88 67.38 -24.64
CA ALA C 62 -36.97 67.48 -25.60
C ALA C 62 -38.34 67.46 -24.93
N LEU C 63 -38.49 66.73 -23.82
CA LEU C 63 -39.67 66.91 -23.00
C LEU C 63 -39.78 68.33 -22.49
N MET C 64 -38.65 69.04 -22.39
CA MET C 64 -38.69 70.45 -22.01
C MET C 64 -39.52 71.26 -23.00
N HIS C 65 -39.33 71.02 -24.29
CA HIS C 65 -40.16 71.69 -25.30
C HIS C 65 -41.62 71.34 -25.13
N TYR C 66 -41.91 70.04 -24.90
CA TYR C 66 -43.30 69.63 -24.70
C TYR C 66 -43.92 70.37 -23.52
N LYS C 67 -43.20 70.48 -22.41
CA LYS C 67 -43.73 71.20 -21.25
C LYS C 67 -43.96 72.67 -21.59
N GLU C 68 -42.94 73.35 -22.09
CA GLU C 68 -43.06 74.77 -22.39
C GLU C 68 -44.18 75.01 -23.40
N ALA C 69 -44.21 74.22 -24.48
CA ALA C 69 -45.26 74.39 -25.49
C ALA C 69 -46.65 74.23 -24.89
N ILE C 70 -46.79 73.40 -23.86
CA ILE C 70 -48.10 73.17 -23.28
C ILE C 70 -48.63 74.42 -22.61
N ARG C 71 -47.80 75.06 -21.79
CA ARG C 71 -48.26 76.28 -21.10
C ARG C 71 -48.53 77.39 -22.10
N ILE C 72 -47.85 77.39 -23.24
CA ILE C 72 -48.17 78.33 -24.30
C ILE C 72 -49.63 78.17 -24.73
N SER C 73 -49.96 76.99 -25.24
CA SER C 73 -51.31 76.67 -25.72
C SER C 73 -51.80 75.46 -24.96
N PRO C 74 -52.43 75.65 -23.79
CA PRO C 74 -52.85 74.50 -22.98
C PRO C 74 -53.89 73.62 -23.66
N THR C 75 -54.34 74.01 -24.84
CA THR C 75 -55.25 73.20 -25.64
C THR C 75 -54.52 72.31 -26.64
N PHE C 76 -53.19 72.30 -26.62
CA PHE C 76 -52.38 71.57 -27.59
C PHE C 76 -52.44 70.08 -27.27
N ALA C 77 -53.53 69.45 -27.68
CA ALA C 77 -53.72 68.03 -27.39
C ALA C 77 -52.68 67.17 -28.11
N ASP C 78 -52.31 67.53 -29.33
CA ASP C 78 -51.26 66.79 -30.03
C ASP C 78 -49.96 66.84 -29.24
N ALA C 79 -49.61 68.02 -28.75
CA ALA C 79 -48.57 68.12 -27.74
C ALA C 79 -49.08 67.45 -26.46
N TYR C 80 -48.13 66.93 -25.68
CA TYR C 80 -48.37 66.18 -24.44
C TYR C 80 -49.13 64.88 -24.74
N SER C 81 -49.53 64.68 -25.99
CA SER C 81 -49.91 63.36 -26.45
C SER C 81 -48.71 62.65 -27.08
N ASN C 82 -47.88 63.42 -27.77
CA ASN C 82 -46.55 62.95 -28.12
C ASN C 82 -45.60 63.02 -26.93
N MET C 83 -45.78 64.01 -26.04
CA MET C 83 -44.99 64.03 -24.81
C MET C 83 -45.25 62.76 -23.99
N GLY C 84 -46.50 62.28 -24.00
CA GLY C 84 -46.78 61.01 -23.35
C GLY C 84 -45.97 59.88 -23.95
N ASN C 85 -45.82 59.86 -25.27
CA ASN C 85 -44.96 58.86 -25.90
C ASN C 85 -43.51 59.04 -25.47
N THR C 86 -43.06 60.30 -25.36
CA THR C 86 -41.71 60.55 -24.87
C THR C 86 -41.53 60.02 -23.45
N LEU C 87 -42.53 60.21 -22.59
CA LEU C 87 -42.47 59.63 -21.25
C LEU C 87 -42.53 58.10 -21.29
N LYS C 88 -43.20 57.54 -22.30
CA LYS C 88 -43.18 56.08 -22.46
C LYS C 88 -41.75 55.58 -22.59
N GLU C 89 -40.93 56.27 -23.38
CA GLU C 89 -39.53 55.91 -23.50
C GLU C 89 -38.83 55.97 -22.14
N MET C 90 -39.09 57.04 -21.38
CA MET C 90 -38.50 57.19 -20.06
C MET C 90 -38.84 56.05 -19.13
N GLN C 91 -39.75 55.16 -19.52
CA GLN C 91 -40.15 53.95 -18.82
C GLN C 91 -41.07 54.21 -17.63
N ASP C 92 -41.33 55.47 -17.30
CA ASP C 92 -42.32 55.80 -16.26
C ASP C 92 -43.69 55.87 -16.92
N VAL C 93 -44.38 54.72 -16.95
CA VAL C 93 -45.65 54.62 -17.66
C VAL C 93 -46.69 55.54 -17.03
N GLN C 94 -46.70 55.63 -15.69
CA GLN C 94 -47.71 56.44 -15.03
C GLN C 94 -47.69 57.87 -15.53
N GLY C 95 -46.49 58.46 -15.67
CA GLY C 95 -46.41 59.81 -16.20
C GLY C 95 -46.94 59.90 -17.63
N ALA C 96 -46.52 58.97 -18.48
CA ALA C 96 -47.02 58.97 -19.86
C ALA C 96 -48.52 58.75 -19.90
N LEU C 97 -49.06 58.00 -18.93
CA LEU C 97 -50.51 57.82 -18.88
C LEU C 97 -51.23 59.13 -18.56
N GLN C 98 -50.67 59.93 -17.65
CA GLN C 98 -51.27 61.23 -17.34
C GLN C 98 -51.36 62.10 -18.60
N CYS C 99 -50.28 62.15 -19.38
CA CYS C 99 -50.28 62.95 -20.60
C CYS C 99 -51.33 62.43 -21.58
N TYR C 100 -51.43 61.11 -21.75
CA TYR C 100 -52.46 60.56 -22.62
C TYR C 100 -53.84 60.94 -22.14
N THR C 101 -54.12 60.73 -20.86
CA THR C 101 -55.45 61.03 -20.32
C THR C 101 -55.78 62.51 -20.45
N ARG C 102 -54.81 63.39 -20.17
CA ARG C 102 -55.04 64.82 -20.37
C ARG C 102 -55.54 65.09 -21.78
N ALA C 103 -54.97 64.41 -22.78
CA ALA C 103 -55.36 64.66 -24.16
C ALA C 103 -56.81 64.28 -24.40
N ILE C 104 -57.26 63.13 -23.89
CA ILE C 104 -58.63 62.70 -24.10
C ILE C 104 -59.60 63.66 -23.41
N GLN C 105 -59.27 64.13 -22.21
CA GLN C 105 -60.17 65.04 -21.50
C GLN C 105 -60.35 66.33 -22.28
N ILE C 106 -59.24 66.92 -22.74
CA ILE C 106 -59.32 68.19 -23.47
C ILE C 106 -60.03 68.01 -24.80
N ASN C 107 -59.63 66.99 -25.57
CA ASN C 107 -60.21 66.71 -26.88
C ASN C 107 -60.69 65.27 -26.94
N PRO C 108 -61.98 65.02 -26.69
CA PRO C 108 -62.50 63.64 -26.75
C PRO C 108 -62.56 63.07 -28.16
N ALA C 109 -62.10 63.80 -29.17
CA ALA C 109 -62.08 63.30 -30.55
C ALA C 109 -60.66 63.03 -31.05
N PHE C 110 -59.67 63.05 -30.17
CA PHE C 110 -58.27 62.85 -30.53
C PHE C 110 -58.01 61.34 -30.62
N ALA C 111 -58.10 60.79 -31.82
CA ALA C 111 -57.98 59.34 -31.98
C ALA C 111 -56.58 58.84 -31.65
N ASP C 112 -55.56 59.67 -31.84
CA ASP C 112 -54.19 59.24 -31.58
C ASP C 112 -54.00 58.90 -30.10
N ALA C 113 -54.57 59.71 -29.22
CA ALA C 113 -54.42 59.45 -27.78
C ALA C 113 -55.01 58.10 -27.40
N HIS C 114 -56.17 57.76 -27.94
CA HIS C 114 -56.77 56.45 -27.64
C HIS C 114 -55.89 55.32 -28.14
N SER C 115 -55.29 55.48 -29.33
CA SER C 115 -54.38 54.45 -29.83
C SER C 115 -53.17 54.30 -28.91
N ASN C 116 -52.59 55.41 -28.48
CA ASN C 116 -51.47 55.34 -27.53
C ASN C 116 -51.91 54.67 -26.24
N LEU C 117 -53.07 55.08 -25.70
CA LEU C 117 -53.58 54.45 -24.49
C LEU C 117 -53.79 52.95 -24.69
N ALA C 118 -54.43 52.58 -25.80
CA ALA C 118 -54.58 51.16 -26.11
C ALA C 118 -53.23 50.47 -26.17
N SER C 119 -52.20 51.19 -26.62
CA SER C 119 -50.85 50.62 -26.67
C SER C 119 -50.38 50.20 -25.28
N ILE C 120 -50.59 51.07 -24.28
CA ILE C 120 -50.11 50.77 -22.93
C ILE C 120 -50.94 49.65 -22.30
N HIS C 121 -52.26 49.65 -22.53
CA HIS C 121 -53.06 48.49 -22.13
C HIS C 121 -52.55 47.23 -22.81
N LYS C 122 -52.21 47.36 -24.09
CA LYS C 122 -51.55 46.27 -24.81
C LYS C 122 -50.30 45.81 -24.09
N ASP C 123 -49.45 46.77 -23.69
CA ASP C 123 -48.19 46.42 -23.05
C ASP C 123 -48.41 45.81 -21.66
N SER C 124 -49.38 46.33 -20.90
CA SER C 124 -49.64 45.83 -19.57
C SER C 124 -50.34 44.48 -19.56
N GLY C 125 -50.80 44.01 -20.72
CA GLY C 125 -51.52 42.75 -20.79
C GLY C 125 -53.02 42.87 -20.65
N ASN C 126 -53.56 44.08 -20.58
CA ASN C 126 -55.01 44.26 -20.60
C ASN C 126 -55.47 44.33 -22.06
N ILE C 127 -55.33 43.18 -22.73
CA ILE C 127 -55.64 43.10 -24.16
C ILE C 127 -57.06 43.55 -24.46
N PRO C 128 -58.09 43.08 -23.76
CA PRO C 128 -59.45 43.53 -24.09
C PRO C 128 -59.62 45.03 -24.05
N GLU C 129 -58.97 45.70 -23.09
CA GLU C 129 -59.06 47.16 -23.02
C GLU C 129 -58.24 47.81 -24.14
N ALA C 130 -57.08 47.21 -24.46
CA ALA C 130 -56.30 47.72 -25.59
C ALA C 130 -57.08 47.59 -26.90
N ILE C 131 -57.81 46.49 -27.07
CA ILE C 131 -58.68 46.34 -28.23
C ILE C 131 -59.74 47.43 -28.23
N ALA C 132 -60.37 47.67 -27.08
CA ALA C 132 -61.43 48.68 -27.01
C ALA C 132 -60.90 50.06 -27.37
N SER C 133 -59.75 50.43 -26.80
CA SER C 133 -59.20 51.76 -27.06
C SER C 133 -58.74 51.89 -28.51
N TYR C 134 -58.19 50.83 -29.08
CA TYR C 134 -57.83 50.87 -30.49
C TYR C 134 -59.05 51.00 -31.38
N ARG C 135 -60.13 50.30 -31.03
CA ARG C 135 -61.37 50.43 -31.78
C ARG C 135 -61.89 51.86 -31.71
N THR C 136 -61.87 52.46 -30.51
CA THR C 136 -62.30 53.86 -30.37
C THR C 136 -61.41 54.79 -31.20
N ALA C 137 -60.10 54.55 -31.18
CA ALA C 137 -59.20 55.40 -31.95
C ALA C 137 -59.49 55.31 -33.44
N LEU C 138 -59.76 54.09 -33.94
CA LEU C 138 -60.09 53.93 -35.35
C LEU C 138 -61.49 54.45 -35.65
N LYS C 139 -62.40 54.42 -34.68
CA LYS C 139 -63.72 55.00 -34.87
C LYS C 139 -63.62 56.50 -35.12
N LEU C 140 -62.76 57.18 -34.35
CA LEU C 140 -62.54 58.62 -34.54
C LEU C 140 -61.71 58.93 -35.76
N LYS C 141 -60.97 57.95 -36.30
CA LYS C 141 -60.12 58.15 -37.46
C LYS C 141 -59.87 56.81 -38.15
N PRO C 142 -60.79 56.36 -39.02
CA PRO C 142 -60.63 55.02 -39.60
C PRO C 142 -59.36 54.83 -40.40
N ASP C 143 -58.88 55.87 -41.10
CA ASP C 143 -57.62 55.78 -41.83
C ASP C 143 -56.48 56.05 -40.85
N PHE C 144 -56.16 55.04 -40.06
CA PHE C 144 -55.20 55.16 -38.95
C PHE C 144 -54.38 53.88 -38.92
N PRO C 145 -53.31 53.81 -39.72
CA PRO C 145 -52.57 52.54 -39.83
C PRO C 145 -52.10 51.97 -38.50
N ASP C 146 -51.56 52.81 -37.62
CA ASP C 146 -50.95 52.30 -36.39
C ASP C 146 -51.97 51.54 -35.55
N ALA C 147 -53.13 52.15 -35.30
CA ALA C 147 -54.14 51.48 -34.47
C ALA C 147 -54.64 50.20 -35.12
N TYR C 148 -54.81 50.21 -36.45
CA TYR C 148 -55.29 49.01 -37.13
C TYR C 148 -54.31 47.86 -36.98
N CYS C 149 -53.02 48.12 -37.27
CA CYS C 149 -52.02 47.07 -37.14
C CYS C 149 -51.97 46.52 -35.72
N ASN C 150 -51.90 47.42 -34.73
CA ASN C 150 -51.85 46.97 -33.34
C ASN C 150 -53.11 46.21 -32.97
N LEU C 151 -54.28 46.72 -33.39
CA LEU C 151 -55.53 46.02 -33.12
C LEU C 151 -55.56 44.66 -33.79
N ALA C 152 -55.08 44.59 -35.04
CA ALA C 152 -55.03 43.31 -35.73
C ALA C 152 -54.12 42.33 -35.01
N HIS C 153 -52.99 42.82 -34.50
CA HIS C 153 -52.10 41.97 -33.72
C HIS C 153 -52.78 41.48 -32.44
N CYS C 154 -53.51 42.37 -31.77
CA CYS C 154 -54.24 41.97 -30.56
C CYS C 154 -55.28 40.90 -30.88
N LEU C 155 -55.98 41.05 -32.00
CA LEU C 155 -56.97 40.05 -32.40
C LEU C 155 -56.30 38.71 -32.67
N GLN C 156 -55.16 38.73 -33.36
CA GLN C 156 -54.40 37.49 -33.57
C GLN C 156 -54.00 36.87 -32.23
N ILE C 157 -53.67 37.72 -31.25
CA ILE C 157 -53.24 37.22 -29.95
C ILE C 157 -54.36 36.44 -29.27
N VAL C 158 -55.57 36.99 -29.28
CA VAL C 158 -56.71 36.35 -28.64
C VAL C 158 -57.44 35.40 -29.58
N CYS C 159 -56.97 35.24 -30.81
CA CYS C 159 -57.60 34.37 -31.80
C CYS C 159 -59.01 34.84 -32.13
N ASP C 160 -59.15 36.14 -32.37
CA ASP C 160 -60.37 36.74 -32.87
C ASP C 160 -60.21 36.88 -34.37
N TRP C 161 -60.70 35.89 -35.11
CA TRP C 161 -60.48 35.80 -36.56
C TRP C 161 -61.70 36.23 -37.37
N THR C 162 -62.63 36.95 -36.77
CA THR C 162 -63.77 37.45 -37.54
C THR C 162 -63.28 38.34 -38.67
N ASP C 163 -63.78 38.08 -39.88
CA ASP C 163 -63.36 38.83 -41.07
C ASP C 163 -61.84 38.82 -41.21
N TYR C 164 -61.25 37.65 -41.01
CA TYR C 164 -59.79 37.55 -40.98
C TYR C 164 -59.18 37.87 -42.34
N ASP C 165 -59.73 37.29 -43.41
CA ASP C 165 -59.07 37.35 -44.71
C ASP C 165 -58.86 38.79 -45.17
N GLU C 166 -59.93 39.61 -45.13
CA GLU C 166 -59.80 41.00 -45.54
C GLU C 166 -58.84 41.76 -44.63
N ARG C 167 -58.84 41.44 -43.34
CA ARG C 167 -57.88 42.07 -42.42
C ARG C 167 -56.46 41.88 -42.93
N MET C 168 -56.11 40.67 -43.35
CA MET C 168 -54.77 40.40 -43.85
C MET C 168 -54.48 41.25 -45.09
N LYS C 169 -55.43 41.32 -46.02
CA LYS C 169 -55.21 42.09 -47.23
C LYS C 169 -55.02 43.58 -46.92
N LYS C 170 -55.79 44.11 -45.98
CA LYS C 170 -55.63 45.51 -45.62
C LYS C 170 -54.26 45.77 -45.00
N LEU C 171 -53.78 44.84 -44.18
CA LEU C 171 -52.45 44.99 -43.61
C LEU C 171 -51.38 44.99 -44.69
N VAL C 172 -51.51 44.11 -45.69
CA VAL C 172 -50.55 44.07 -46.78
C VAL C 172 -50.59 45.38 -47.55
N SER C 173 -51.78 45.84 -47.89
CA SER C 173 -51.91 47.11 -48.61
C SER C 173 -51.36 48.26 -47.78
N ILE C 174 -51.64 48.27 -46.48
CA ILE C 174 -51.13 49.33 -45.62
C ILE C 174 -49.62 49.34 -45.63
N VAL C 175 -49.01 48.15 -45.55
CA VAL C 175 -47.54 48.06 -45.58
C VAL C 175 -47.00 48.63 -46.89
N ALA C 176 -47.61 48.24 -48.01
CA ALA C 176 -47.17 48.72 -49.30
C ALA C 176 -47.23 50.24 -49.37
N ASP C 177 -48.37 50.81 -48.96
CA ASP C 177 -48.50 52.27 -49.00
C ASP C 177 -47.48 52.95 -48.11
N GLN C 178 -47.26 52.42 -46.91
CA GLN C 178 -46.29 53.03 -46.01
C GLN C 178 -44.89 52.98 -46.58
N LEU C 179 -44.52 51.86 -47.20
CA LEU C 179 -43.21 51.78 -47.85
C LEU C 179 -43.11 52.75 -49.02
N GLU C 180 -44.23 53.02 -49.69
CA GLU C 180 -44.23 54.00 -50.78
C GLU C 180 -43.87 55.38 -50.28
N LYS C 181 -44.44 55.80 -49.15
CA LYS C 181 -44.21 57.14 -48.62
C LYS C 181 -42.94 57.24 -47.79
N ASN C 182 -42.16 56.17 -47.68
CA ASN C 182 -40.93 56.16 -46.90
C ASN C 182 -41.19 56.45 -45.43
N ARG C 183 -42.43 56.29 -44.98
CA ARG C 183 -42.77 56.41 -43.57
C ARG C 183 -42.61 55.04 -42.90
N LEU C 184 -42.31 55.07 -41.61
CA LEU C 184 -42.02 53.84 -40.89
C LEU C 184 -43.21 52.89 -40.96
N PRO C 185 -43.03 51.66 -41.43
CA PRO C 185 -44.16 50.72 -41.47
C PRO C 185 -44.74 50.51 -40.08
N SER C 186 -46.06 50.37 -40.03
CA SER C 186 -46.75 50.20 -38.75
C SER C 186 -46.51 48.81 -38.17
N VAL C 187 -46.60 47.77 -39.00
CA VAL C 187 -46.43 46.41 -38.50
C VAL C 187 -45.01 46.25 -37.97
N HIS C 188 -44.91 45.88 -36.69
CA HIS C 188 -43.59 45.66 -36.10
C HIS C 188 -42.94 44.45 -36.76
N PRO C 189 -41.65 44.52 -37.08
CA PRO C 189 -41.03 43.43 -37.85
C PRO C 189 -41.20 42.07 -37.20
N HIS C 190 -41.16 42.00 -35.86
CA HIS C 190 -41.36 40.73 -35.18
C HIS C 190 -42.74 40.15 -35.48
N HIS C 191 -43.73 41.01 -35.74
CA HIS C 191 -45.06 40.54 -36.09
C HIS C 191 -45.17 40.17 -37.56
N SER C 192 -44.31 40.73 -38.42
CA SER C 192 -44.46 40.54 -39.87
C SER C 192 -44.39 39.08 -40.25
N MET C 193 -43.74 38.24 -39.44
CA MET C 193 -43.70 36.81 -39.72
C MET C 193 -45.10 36.19 -39.68
N LEU C 194 -46.04 36.83 -38.97
CA LEU C 194 -47.38 36.28 -38.77
C LEU C 194 -48.38 36.75 -39.82
N TYR C 195 -47.98 37.65 -40.73
CA TYR C 195 -48.88 38.15 -41.76
C TYR C 195 -48.38 37.76 -43.14
N PRO C 196 -49.29 37.56 -44.10
CA PRO C 196 -48.87 37.18 -45.45
C PRO C 196 -48.23 38.34 -46.21
N LEU C 197 -46.95 38.60 -45.95
CA LEU C 197 -46.21 39.65 -46.61
C LEU C 197 -45.09 39.04 -47.45
N SER C 198 -44.74 39.72 -48.54
CA SER C 198 -43.61 39.30 -49.35
C SER C 198 -42.32 39.39 -48.54
N HIS C 199 -41.39 38.48 -48.83
CA HIS C 199 -40.11 38.49 -48.10
C HIS C 199 -39.44 39.86 -48.20
N GLY C 200 -39.58 40.52 -49.34
CA GLY C 200 -39.05 41.88 -49.45
C GLY C 200 -39.71 42.83 -48.48
N PHE C 201 -41.03 42.73 -48.32
CA PHE C 201 -41.73 43.59 -47.37
C PHE C 201 -41.17 43.43 -45.97
N ARG C 202 -41.04 42.19 -45.51
CA ARG C 202 -40.52 41.94 -44.16
C ARG C 202 -39.10 42.47 -44.02
N LYS C 203 -38.27 42.21 -45.03
CA LYS C 203 -36.90 42.72 -45.00
C LYS C 203 -36.87 44.24 -45.00
N ALA C 204 -37.72 44.87 -45.82
CA ALA C 204 -37.81 46.33 -45.81
C ALA C 204 -38.27 46.85 -44.47
N ILE C 205 -39.28 46.21 -43.88
CA ILE C 205 -39.78 46.63 -42.57
C ILE C 205 -38.65 46.61 -41.55
N ALA C 206 -37.89 45.51 -41.50
CA ALA C 206 -36.75 45.43 -40.61
C ALA C 206 -35.74 46.53 -40.92
N GLU C 207 -35.47 46.77 -42.21
CA GLU C 207 -34.49 47.77 -42.59
C GLU C 207 -34.87 49.13 -42.02
N ARG C 208 -36.15 49.51 -42.15
CA ARG C 208 -36.59 50.79 -41.61
C ARG C 208 -36.41 50.84 -40.09
N HIS C 209 -36.78 49.76 -39.41
CA HIS C 209 -36.63 49.72 -37.95
C HIS C 209 -35.16 49.83 -37.55
N GLY C 210 -34.28 49.13 -38.27
CA GLY C 210 -32.86 49.28 -38.01
C GLY C 210 -32.38 50.70 -38.26
N ASN C 211 -32.90 51.33 -39.32
CA ASN C 211 -32.55 52.72 -39.60
C ASN C 211 -32.92 53.63 -38.43
N LEU C 212 -33.92 53.24 -37.64
CA LEU C 212 -34.27 54.02 -36.45
C LEU C 212 -33.11 54.08 -35.48
N CYS C 213 -32.47 52.94 -35.24
CA CYS C 213 -31.29 52.92 -34.37
C CYS C 213 -30.14 53.71 -34.98
N LEU C 214 -30.01 53.67 -36.31
CA LEU C 214 -28.97 54.45 -36.97
C LEU C 214 -29.16 55.93 -36.71
N ASP C 215 -30.39 56.44 -36.89
CA ASP C 215 -30.65 57.85 -36.62
C ASP C 215 -30.42 58.18 -35.15
N LYS C 216 -30.83 57.29 -34.25
CA LYS C 216 -30.65 57.55 -32.82
C LYS C 216 -29.19 57.71 -32.45
N ILE C 217 -28.29 56.99 -33.14
CA ILE C 217 -26.87 57.00 -32.78
C ILE C 217 -26.05 58.00 -33.60
N ASN C 218 -26.60 58.54 -34.69
CA ASN C 218 -25.85 59.49 -35.50
C ASN C 218 -25.52 60.75 -34.71
N VAL C 219 -26.37 61.12 -33.74
CA VAL C 219 -26.19 62.37 -33.03
C VAL C 219 -24.86 62.40 -32.28
N LEU C 220 -24.33 61.24 -31.91
CA LEU C 220 -23.11 61.18 -31.12
C LEU C 220 -21.85 61.49 -31.94
N HIS C 221 -21.91 61.37 -33.26
CA HIS C 221 -20.78 61.72 -34.13
C HIS C 221 -19.53 60.90 -33.78
N LYS C 222 -19.71 59.73 -33.22
CA LYS C 222 -18.56 58.91 -32.84
C LYS C 222 -17.84 58.40 -34.07
N PRO C 223 -16.52 58.55 -34.16
CA PRO C 223 -15.79 58.06 -35.32
C PRO C 223 -15.80 56.54 -35.38
N PRO C 224 -15.58 55.95 -36.56
CA PRO C 224 -15.58 54.49 -36.65
C PRO C 224 -14.49 53.88 -35.79
N TYR C 225 -14.80 52.68 -35.25
CA TYR C 225 -13.90 52.02 -34.34
C TYR C 225 -12.76 51.33 -35.08
N GLU C 226 -11.56 51.37 -34.50
CA GLU C 226 -10.43 50.62 -35.02
C GLU C 226 -10.53 49.18 -34.55
N HIS C 227 -10.64 48.25 -35.49
CA HIS C 227 -10.91 46.88 -35.06
C HIS C 227 -9.64 46.04 -35.09
N PRO C 228 -9.53 45.09 -34.17
CA PRO C 228 -8.36 44.20 -34.16
C PRO C 228 -8.25 43.42 -35.46
N LYS C 229 -7.02 43.28 -35.95
CA LYS C 229 -6.75 42.54 -37.18
C LYS C 229 -6.13 41.18 -36.92
N ASP C 230 -5.91 40.82 -35.66
CA ASP C 230 -5.28 39.54 -35.32
C ASP C 230 -5.63 39.19 -33.89
N LEU C 231 -5.39 37.93 -33.53
CA LEU C 231 -5.57 37.45 -32.16
C LEU C 231 -4.30 37.56 -31.33
N LYS C 232 -3.27 38.26 -31.83
CA LYS C 232 -2.02 38.37 -31.10
C LYS C 232 -2.23 39.00 -29.73
N LEU C 233 -3.03 40.06 -29.67
CA LEU C 233 -3.28 40.75 -28.40
C LEU C 233 -4.10 39.92 -27.42
N SER C 234 -4.79 38.88 -27.91
CA SER C 234 -5.61 38.03 -27.05
C SER C 234 -5.02 36.63 -26.87
N ASP C 235 -3.71 36.48 -27.07
CA ASP C 235 -3.03 35.20 -26.92
C ASP C 235 -3.69 34.14 -27.80
N GLY C 236 -3.92 34.50 -29.06
CA GLY C 236 -4.51 33.57 -30.01
C GLY C 236 -5.90 33.11 -29.64
N ARG C 237 -6.58 33.84 -28.76
CA ARG C 237 -7.92 33.48 -28.29
C ARG C 237 -8.92 34.42 -28.94
N LEU C 238 -9.91 33.85 -29.63
CA LEU C 238 -10.94 34.67 -30.27
C LEU C 238 -11.91 35.19 -29.21
N ARG C 239 -12.01 36.51 -29.12
CA ARG C 239 -12.87 37.15 -28.12
C ARG C 239 -14.27 37.28 -28.69
N VAL C 240 -15.21 36.53 -28.12
CA VAL C 240 -16.59 36.50 -28.58
C VAL C 240 -17.47 37.08 -27.47
N GLY C 241 -18.19 38.17 -27.80
CA GLY C 241 -19.08 38.79 -26.86
C GLY C 241 -20.53 38.50 -27.21
N TYR C 242 -21.22 37.84 -26.28
CA TYR C 242 -22.65 37.58 -26.41
C TYR C 242 -23.41 38.69 -25.69
N VAL C 243 -24.24 39.42 -26.43
CA VAL C 243 -25.00 40.54 -25.90
C VAL C 243 -26.46 40.14 -25.86
N SER C 244 -27.05 40.15 -24.68
CA SER C 244 -28.46 39.81 -24.55
C SER C 244 -29.01 40.41 -23.25
N SER C 245 -30.31 40.68 -23.27
CA SER C 245 -31.05 41.15 -22.10
C SER C 245 -31.77 40.01 -21.38
N ASP C 246 -31.48 38.77 -21.74
CA ASP C 246 -32.23 37.62 -21.27
C ASP C 246 -31.36 36.66 -20.46
N PHE C 247 -30.33 37.19 -19.81
CA PHE C 247 -29.49 36.40 -18.91
C PHE C 247 -30.23 36.30 -17.57
N GLY C 248 -31.18 35.38 -17.52
CA GLY C 248 -32.01 35.19 -16.35
C GLY C 248 -33.10 34.18 -16.59
N ASN C 249 -34.23 34.32 -15.88
CA ASN C 249 -35.36 33.40 -16.04
C ASN C 249 -36.07 33.74 -17.35
N HIS C 250 -35.45 33.34 -18.46
CA HIS C 250 -35.96 33.64 -19.79
C HIS C 250 -35.67 32.46 -20.70
N PRO C 251 -36.49 32.26 -21.74
CA PRO C 251 -36.22 31.15 -22.66
C PRO C 251 -34.80 31.13 -23.21
N THR C 252 -34.26 32.30 -23.56
CA THR C 252 -32.88 32.37 -24.03
C THR C 252 -31.94 31.68 -23.05
N SER C 253 -32.12 31.93 -21.76
CA SER C 253 -31.29 31.28 -20.75
C SER C 253 -31.59 29.79 -20.65
N HIS C 254 -32.87 29.40 -20.83
CA HIS C 254 -33.23 28.00 -20.83
C HIS C 254 -32.67 27.24 -22.02
N LEU C 255 -32.15 27.94 -23.02
CA LEU C 255 -31.62 27.32 -24.24
C LEU C 255 -30.11 27.28 -24.31
N MET C 256 -29.43 28.34 -23.84
CA MET C 256 -27.98 28.44 -24.01
C MET C 256 -27.26 28.83 -22.72
N GLN C 257 -27.86 28.57 -21.56
CA GLN C 257 -27.18 28.93 -20.31
C GLN C 257 -25.86 28.19 -20.16
N SER C 258 -25.78 26.95 -20.66
CA SER C 258 -24.58 26.15 -20.51
C SER C 258 -23.55 26.39 -21.61
N ILE C 259 -23.91 27.09 -22.69
CA ILE C 259 -22.97 27.29 -23.79
C ILE C 259 -21.71 28.02 -23.33
N PRO C 260 -21.79 29.13 -22.59
CA PRO C 260 -20.56 29.87 -22.26
C PRO C 260 -19.50 29.03 -21.57
N GLY C 261 -19.90 28.14 -20.67
CA GLY C 261 -18.93 27.33 -19.96
C GLY C 261 -18.27 26.26 -20.80
N MET C 262 -18.92 25.83 -21.88
CA MET C 262 -18.42 24.75 -22.71
C MET C 262 -17.49 25.23 -23.82
N HIS C 263 -17.25 26.53 -23.92
CA HIS C 263 -16.31 27.03 -24.92
C HIS C 263 -14.90 26.59 -24.58
N ASN C 264 -14.12 26.29 -25.61
CA ASN C 264 -12.74 25.86 -25.46
C ASN C 264 -11.88 27.04 -25.04
N PRO C 265 -11.42 27.11 -23.77
CA PRO C 265 -10.62 28.27 -23.35
C PRO C 265 -9.31 28.39 -24.11
N ASP C 266 -8.81 27.31 -24.69
CA ASP C 266 -7.55 27.39 -25.42
C ASP C 266 -7.67 28.28 -26.65
N LYS C 267 -8.87 28.41 -27.21
CA LYS C 267 -9.08 29.11 -28.47
C LYS C 267 -10.07 30.27 -28.39
N PHE C 268 -10.86 30.37 -27.32
CA PHE C 268 -11.89 31.40 -27.23
C PHE C 268 -11.86 32.08 -25.87
N GLU C 269 -12.26 33.35 -25.87
CA GLU C 269 -12.47 34.13 -24.65
C GLU C 269 -13.91 34.63 -24.67
N VAL C 270 -14.70 34.18 -23.69
CA VAL C 270 -16.14 34.43 -23.69
C VAL C 270 -16.43 35.68 -22.87
N PHE C 271 -17.08 36.65 -23.50
CA PHE C 271 -17.60 37.83 -22.83
C PHE C 271 -19.12 37.79 -22.86
N CYS C 272 -19.75 38.14 -21.74
CA CYS C 272 -21.20 38.23 -21.66
C CYS C 272 -21.58 39.65 -21.30
N TYR C 273 -22.34 40.30 -22.17
CA TYR C 273 -22.80 41.68 -21.99
C TYR C 273 -24.30 41.63 -21.73
N ALA C 274 -24.67 41.66 -20.46
CA ALA C 274 -26.08 41.58 -20.07
C ALA C 274 -26.73 42.94 -20.20
N LEU C 275 -27.87 42.98 -20.90
CA LEU C 275 -28.65 44.21 -21.05
C LEU C 275 -29.69 44.39 -19.94
N SER C 276 -29.79 43.43 -19.02
CA SER C 276 -30.75 43.49 -17.94
C SER C 276 -30.04 43.32 -16.61
N PRO C 277 -30.57 43.89 -15.54
CA PRO C 277 -29.96 43.70 -14.22
C PRO C 277 -30.18 42.29 -13.70
N ASP C 278 -29.30 41.90 -12.77
CA ASP C 278 -29.41 40.58 -12.18
C ASP C 278 -30.79 40.37 -11.57
N ASP C 279 -31.51 39.36 -12.07
CA ASP C 279 -32.82 39.01 -11.58
C ASP C 279 -32.78 37.98 -10.45
N GLY C 280 -31.58 37.57 -10.02
CA GLY C 280 -31.45 36.65 -8.92
C GLY C 280 -31.70 35.19 -9.24
N THR C 281 -31.80 34.83 -10.51
CA THR C 281 -32.03 33.45 -10.89
C THR C 281 -30.70 32.72 -11.06
N ASN C 282 -30.76 31.39 -10.92
CA ASN C 282 -29.58 30.57 -11.13
C ASN C 282 -29.06 30.69 -12.56
N PHE C 283 -29.95 31.00 -13.51
CA PHE C 283 -29.53 31.19 -14.89
C PHE C 283 -28.56 32.35 -15.03
N ARG C 284 -28.87 33.48 -14.38
CA ARG C 284 -27.93 34.59 -14.37
C ARG C 284 -26.66 34.24 -13.62
N VAL C 285 -26.79 33.50 -12.51
CA VAL C 285 -25.62 33.09 -11.74
C VAL C 285 -24.73 32.17 -12.58
N LYS C 286 -25.34 31.22 -13.28
CA LYS C 286 -24.56 30.28 -14.09
C LYS C 286 -23.78 31.03 -15.18
N VAL C 287 -24.44 31.95 -15.88
CA VAL C 287 -23.76 32.70 -16.93
C VAL C 287 -22.66 33.58 -16.34
N MET C 288 -22.93 34.22 -15.21
CA MET C 288 -21.95 35.11 -14.61
C MET C 288 -20.70 34.36 -14.18
N ALA C 289 -20.83 33.09 -13.80
CA ALA C 289 -19.69 32.31 -13.33
C ALA C 289 -18.95 31.61 -14.46
N GLU C 290 -19.69 31.06 -15.44
CA GLU C 290 -19.06 30.26 -16.49
C GLU C 290 -18.35 31.12 -17.51
N ALA C 291 -18.90 32.27 -17.84
CA ALA C 291 -18.29 33.14 -18.84
C ALA C 291 -16.97 33.70 -18.33
N ASN C 292 -15.97 33.77 -19.21
CA ASN C 292 -14.68 34.35 -18.83
C ASN C 292 -14.87 35.75 -18.27
N HIS C 293 -15.76 36.53 -18.87
CA HIS C 293 -16.04 37.88 -18.41
C HIS C 293 -17.52 38.16 -18.58
N PHE C 294 -18.11 38.79 -17.55
CA PHE C 294 -19.52 39.17 -17.56
C PHE C 294 -19.61 40.65 -17.24
N ILE C 295 -20.21 41.42 -18.14
CA ILE C 295 -20.36 42.86 -17.99
C ILE C 295 -21.84 43.21 -18.02
N ASP C 296 -22.27 44.00 -17.05
CA ASP C 296 -23.68 44.35 -16.87
C ASP C 296 -23.90 45.73 -17.50
N LEU C 297 -24.31 45.74 -18.77
CA LEU C 297 -24.55 47.00 -19.46
C LEU C 297 -25.83 47.69 -18.99
N SER C 298 -26.67 47.02 -18.20
CA SER C 298 -27.84 47.70 -17.66
C SER C 298 -27.46 48.89 -16.78
N GLN C 299 -26.21 48.92 -16.31
CA GLN C 299 -25.68 50.05 -15.55
C GLN C 299 -24.97 51.07 -16.44
N ILE C 300 -25.04 50.91 -17.76
CA ILE C 300 -24.43 51.84 -18.70
C ILE C 300 -25.45 52.22 -19.76
N PRO C 301 -26.47 53.03 -19.42
CA PRO C 301 -27.52 53.33 -20.40
C PRO C 301 -26.99 54.00 -21.66
N CYS C 302 -26.00 54.88 -21.55
CA CYS C 302 -25.44 55.55 -22.72
C CYS C 302 -24.86 54.53 -23.68
N ASN C 303 -25.47 54.40 -24.86
CA ASN C 303 -25.01 53.39 -25.81
C ASN C 303 -23.58 53.67 -26.28
N GLY C 304 -23.25 54.95 -26.48
CA GLY C 304 -21.89 55.28 -26.88
C GLY C 304 -20.86 54.85 -25.85
N LYS C 305 -21.13 55.12 -24.57
CA LYS C 305 -20.22 54.69 -23.51
C LYS C 305 -20.16 53.17 -23.44
N ALA C 306 -21.30 52.50 -23.57
CA ALA C 306 -21.31 51.03 -23.56
C ALA C 306 -20.52 50.47 -24.73
N ALA C 307 -20.70 51.03 -25.93
CA ALA C 307 -19.95 50.55 -27.08
C ALA C 307 -18.46 50.74 -26.86
N ASP C 308 -18.06 51.83 -26.22
CA ASP C 308 -16.66 52.01 -25.88
C ASP C 308 -16.16 50.89 -24.98
N ARG C 309 -16.98 50.46 -24.02
CA ARG C 309 -16.60 49.35 -23.16
C ARG C 309 -16.39 48.07 -23.97
N ILE C 310 -17.29 47.79 -24.92
CA ILE C 310 -17.14 46.61 -25.75
C ILE C 310 -15.87 46.71 -26.60
N HIS C 311 -15.63 47.89 -27.18
CA HIS C 311 -14.45 48.05 -28.03
C HIS C 311 -13.17 47.83 -27.26
N GLN C 312 -13.05 48.41 -26.06
CA GLN C 312 -11.83 48.26 -25.28
C GLN C 312 -11.65 46.84 -24.77
N ASP C 313 -12.75 46.12 -24.54
CA ASP C 313 -12.64 44.70 -24.21
C ASP C 313 -12.00 43.91 -25.34
N GLY C 314 -12.03 44.43 -26.58
CA GLY C 314 -11.37 43.77 -27.68
C GLY C 314 -12.16 42.66 -28.33
N ILE C 315 -13.49 42.71 -28.29
CA ILE C 315 -14.30 41.65 -28.89
C ILE C 315 -14.01 41.57 -30.37
N HIS C 316 -13.79 40.34 -30.87
CA HIS C 316 -13.67 40.13 -32.30
C HIS C 316 -15.03 39.86 -32.94
N ILE C 317 -15.84 39.01 -32.32
CA ILE C 317 -17.16 38.65 -32.82
C ILE C 317 -18.20 39.03 -31.77
N LEU C 318 -19.20 39.78 -32.18
CA LEU C 318 -20.27 40.24 -31.31
C LEU C 318 -21.57 39.54 -31.71
N VAL C 319 -22.21 38.90 -30.73
CA VAL C 319 -23.37 38.05 -30.97
C VAL C 319 -24.61 38.80 -30.48
N ASN C 320 -25.57 39.01 -31.37
CA ASN C 320 -26.82 39.70 -31.04
C ASN C 320 -27.87 38.64 -30.73
N MET C 321 -28.24 38.55 -29.45
CA MET C 321 -29.19 37.55 -28.97
C MET C 321 -30.57 38.15 -28.71
N ASN C 322 -30.82 39.36 -29.18
CA ASN C 322 -32.06 40.08 -28.93
C ASN C 322 -32.85 40.34 -30.21
N GLY C 323 -32.21 40.91 -31.22
CA GLY C 323 -32.95 41.27 -32.43
C GLY C 323 -33.92 42.40 -32.15
N TYR C 324 -35.15 42.24 -32.64
CA TYR C 324 -36.23 43.21 -32.43
C TYR C 324 -37.20 42.76 -31.36
N THR C 325 -36.69 42.13 -30.30
CA THR C 325 -37.51 41.70 -29.18
C THR C 325 -37.41 42.73 -28.05
N LYS C 326 -38.22 42.50 -27.01
CA LYS C 326 -38.26 43.42 -25.89
C LYS C 326 -36.88 43.53 -25.24
N GLY C 327 -36.52 44.75 -24.85
CA GLY C 327 -35.24 45.00 -24.20
C GLY C 327 -34.06 45.13 -25.13
N ALA C 328 -34.27 45.00 -26.44
CA ALA C 328 -33.16 45.10 -27.38
C ALA C 328 -32.51 46.47 -27.31
N ARG C 329 -31.19 46.49 -27.46
CA ARG C 329 -30.39 47.72 -27.48
C ARG C 329 -29.53 47.76 -28.74
N ASN C 330 -30.17 47.53 -29.89
CA ASN C 330 -29.44 47.32 -31.14
C ASN C 330 -28.61 48.53 -31.53
N GLU C 331 -28.84 49.70 -30.91
CA GLU C 331 -27.99 50.85 -31.19
C GLU C 331 -26.53 50.52 -30.96
N LEU C 332 -26.24 49.65 -30.00
CA LEU C 332 -24.86 49.24 -29.73
C LEU C 332 -24.25 48.59 -30.98
N PHE C 333 -24.97 47.63 -31.57
CA PHE C 333 -24.45 46.97 -32.77
C PHE C 333 -24.31 47.95 -33.92
N ALA C 334 -25.24 48.89 -34.03
CA ALA C 334 -25.19 49.87 -35.10
C ALA C 334 -23.92 50.71 -35.06
N LEU C 335 -23.28 50.82 -33.89
CA LEU C 335 -22.03 51.57 -33.76
C LEU C 335 -20.82 50.78 -34.21
N ARG C 336 -20.99 49.53 -34.59
CA ARG C 336 -19.90 48.68 -35.07
C ARG C 336 -18.72 48.70 -34.09
N PRO C 337 -18.92 48.26 -32.84
CA PRO C 337 -17.79 48.15 -31.92
C PRO C 337 -16.87 46.99 -32.21
N ALA C 338 -17.32 46.01 -32.99
CA ALA C 338 -16.55 44.83 -33.31
C ALA C 338 -16.50 44.60 -34.80
N PRO C 339 -15.40 44.03 -35.31
CA PRO C 339 -15.32 43.77 -36.76
C PRO C 339 -16.40 42.84 -37.27
N ILE C 340 -16.78 41.85 -36.47
CA ILE C 340 -17.78 40.84 -36.86
C ILE C 340 -18.92 40.88 -35.85
N GLN C 341 -20.14 40.97 -36.35
CA GLN C 341 -21.34 40.96 -35.51
C GLN C 341 -22.42 40.17 -36.22
N ALA C 342 -23.10 39.29 -35.48
CA ALA C 342 -24.07 38.39 -36.09
C ALA C 342 -25.18 38.06 -35.10
N MET C 343 -26.33 37.66 -35.65
CA MET C 343 -27.53 37.36 -34.88
C MET C 343 -27.62 35.88 -34.60
N TRP C 344 -28.14 35.53 -33.42
CA TRP C 344 -28.14 34.12 -33.02
C TRP C 344 -29.24 33.87 -32.00
N LEU C 345 -30.22 33.03 -32.36
CA LEU C 345 -31.21 32.48 -31.42
C LEU C 345 -32.13 33.50 -30.77
N GLY C 346 -31.92 34.78 -31.02
CA GLY C 346 -32.73 35.77 -30.33
C GLY C 346 -34.00 36.06 -31.11
N TYR C 347 -33.82 36.54 -32.33
CA TYR C 347 -34.92 36.97 -33.18
C TYR C 347 -35.07 36.00 -34.34
N PRO C 348 -36.22 35.30 -34.46
CA PRO C 348 -36.41 34.32 -35.54
C PRO C 348 -36.75 34.97 -36.88
N GLY C 349 -35.91 35.91 -37.30
CA GLY C 349 -36.11 36.60 -38.57
C GLY C 349 -34.94 37.50 -38.88
N THR C 350 -34.96 38.06 -40.09
CA THR C 350 -33.89 38.92 -40.55
C THR C 350 -33.96 40.29 -39.90
N SER C 351 -32.79 40.88 -39.66
CA SER C 351 -32.72 42.24 -39.12
C SER C 351 -32.84 43.29 -40.23
N GLY C 352 -32.46 42.94 -41.45
CA GLY C 352 -32.42 43.92 -42.52
C GLY C 352 -31.40 45.02 -42.32
N ALA C 353 -30.52 44.87 -41.34
CA ALA C 353 -29.58 45.93 -40.96
C ALA C 353 -28.22 45.69 -41.57
N LEU C 354 -27.55 46.79 -41.96
CA LEU C 354 -26.22 46.68 -42.54
C LEU C 354 -25.20 46.21 -41.50
N PHE C 355 -25.31 46.71 -40.26
CA PHE C 355 -24.29 46.40 -39.26
C PHE C 355 -24.28 44.94 -38.87
N MET C 356 -25.42 44.24 -39.01
CA MET C 356 -25.48 42.81 -38.75
C MET C 356 -24.96 42.06 -39.99
N ASP C 357 -23.79 41.44 -39.87
CA ASP C 357 -23.15 40.80 -40.99
C ASP C 357 -23.61 39.36 -41.23
N TYR C 358 -23.92 38.63 -40.16
CA TYR C 358 -24.20 37.21 -40.27
C TYR C 358 -25.47 36.88 -39.51
N ILE C 359 -26.00 35.68 -39.78
CA ILE C 359 -27.16 35.14 -39.08
C ILE C 359 -26.92 33.65 -38.89
N ILE C 360 -26.69 33.23 -37.65
CA ILE C 360 -26.46 31.82 -37.37
C ILE C 360 -27.74 31.04 -37.64
N THR C 361 -27.67 30.08 -38.55
CA THR C 361 -28.83 29.28 -38.92
C THR C 361 -28.32 27.96 -39.52
N ASP C 362 -29.26 27.14 -39.97
CA ASP C 362 -28.92 25.87 -40.61
C ASP C 362 -29.74 25.71 -41.89
N GLN C 363 -29.31 24.77 -42.72
CA GLN C 363 -29.90 24.61 -44.05
C GLN C 363 -31.41 24.40 -43.97
N GLU C 364 -31.85 23.50 -43.08
CA GLU C 364 -33.29 23.22 -42.99
C GLU C 364 -34.07 24.46 -42.58
N THR C 365 -33.57 25.21 -41.60
CA THR C 365 -34.31 26.40 -41.15
C THR C 365 -34.38 27.44 -42.26
N SER C 366 -33.26 27.73 -42.90
CA SER C 366 -33.17 28.78 -43.92
C SER C 366 -32.42 28.25 -45.14
N PRO C 367 -33.13 27.60 -46.06
CA PRO C 367 -32.47 27.11 -47.28
C PRO C 367 -31.84 28.25 -48.07
N ALA C 368 -30.95 27.87 -49.00
CA ALA C 368 -30.20 28.86 -49.78
C ALA C 368 -31.10 29.61 -50.75
N GLU C 369 -32.19 28.98 -51.21
CA GLU C 369 -33.09 29.65 -52.14
C GLU C 369 -33.72 30.90 -51.55
N VAL C 370 -33.79 30.98 -50.22
CA VAL C 370 -34.39 32.12 -49.54
C VAL C 370 -33.33 33.10 -49.04
N ALA C 371 -32.12 33.04 -49.61
CA ALA C 371 -31.04 33.92 -49.15
C ALA C 371 -31.45 35.38 -49.26
N GLU C 372 -32.20 35.72 -50.30
CA GLU C 372 -32.66 37.10 -50.45
C GLU C 372 -33.59 37.53 -49.33
N GLN C 373 -34.18 36.55 -48.62
CA GLN C 373 -35.09 36.86 -47.52
C GLN C 373 -34.36 37.59 -46.38
N TYR C 374 -33.11 37.24 -46.13
CA TYR C 374 -32.35 37.80 -45.03
C TYR C 374 -31.34 38.81 -45.56
N SER C 375 -31.25 39.97 -44.90
CA SER C 375 -30.25 40.95 -45.26
C SER C 375 -28.86 40.55 -44.80
N GLU C 376 -28.76 39.64 -43.84
CA GLU C 376 -27.49 39.19 -43.32
C GLU C 376 -26.99 37.98 -44.11
N LYS C 377 -25.68 37.90 -44.29
CA LYS C 377 -25.09 36.74 -44.94
C LYS C 377 -25.38 35.48 -44.12
N LEU C 378 -25.58 34.37 -44.82
CA LEU C 378 -25.93 33.12 -44.16
C LEU C 378 -24.70 32.46 -43.54
N ALA C 379 -24.88 31.95 -42.32
CA ALA C 379 -23.84 31.20 -41.61
C ALA C 379 -24.50 29.93 -41.08
N TYR C 380 -24.26 28.81 -41.76
CA TYR C 380 -24.93 27.57 -41.43
C TYR C 380 -24.17 26.77 -40.39
N MET C 381 -24.94 26.15 -39.47
CA MET C 381 -24.45 25.15 -38.53
C MET C 381 -24.82 23.76 -39.01
N PRO C 382 -24.03 22.76 -38.63
CA PRO C 382 -24.15 21.43 -39.23
C PRO C 382 -25.57 20.90 -39.37
N HIS C 383 -26.29 20.71 -38.26
CA HIS C 383 -27.62 20.14 -38.30
C HIS C 383 -28.71 21.18 -38.10
N THR C 384 -28.69 21.89 -36.98
CA THR C 384 -29.73 22.86 -36.66
C THR C 384 -29.13 23.92 -35.75
N PHE C 385 -29.74 25.11 -35.76
CA PHE C 385 -29.38 26.16 -34.81
C PHE C 385 -30.56 26.37 -33.87
N PHE C 386 -30.72 25.44 -32.93
CA PHE C 386 -31.58 25.68 -31.80
C PHE C 386 -31.19 24.72 -30.68
N ILE C 387 -30.40 25.18 -29.73
CA ILE C 387 -29.88 24.32 -28.68
C ILE C 387 -30.69 24.57 -27.42
N GLY C 388 -31.24 23.49 -26.85
CA GLY C 388 -31.99 23.56 -25.61
C GLY C 388 -31.20 22.92 -24.49
N ASP C 389 -31.16 23.60 -23.35
CA ASP C 389 -30.46 23.10 -22.18
C ASP C 389 -31.29 22.11 -21.38
N HIS C 390 -32.33 21.54 -22.00
CA HIS C 390 -33.21 20.61 -21.29
C HIS C 390 -32.43 19.46 -20.69
N ALA C 391 -31.40 18.99 -21.38
CA ALA C 391 -30.61 17.87 -20.87
C ALA C 391 -30.03 18.17 -19.49
N ASN C 392 -29.69 19.44 -19.23
CA ASN C 392 -29.19 19.86 -17.93
C ASN C 392 -30.32 20.24 -16.98
N MET C 393 -31.34 20.93 -17.48
CA MET C 393 -32.39 21.43 -16.60
C MET C 393 -33.30 20.31 -16.11
N PHE C 394 -33.62 19.35 -16.97
CA PHE C 394 -34.63 18.33 -16.68
C PHE C 394 -34.07 16.94 -16.96
N PRO C 395 -33.01 16.54 -16.24
CA PRO C 395 -32.51 15.17 -16.38
C PRO C 395 -33.39 14.14 -15.69
N HIS C 396 -34.21 14.55 -14.72
CA HIS C 396 -35.14 13.62 -14.09
C HIS C 396 -36.17 13.08 -15.06
N LEU C 397 -36.32 13.71 -16.24
CA LEU C 397 -37.18 13.21 -17.29
C LEU C 397 -36.46 12.27 -18.25
N LYS C 398 -35.18 11.98 -17.99
CA LYS C 398 -34.44 11.08 -18.88
C LYS C 398 -35.05 9.68 -18.89
N LYS C 399 -35.40 9.18 -17.71
CA LYS C 399 -36.05 7.88 -17.57
C LYS C 399 -37.43 8.08 -16.94
N LYS C 400 -38.36 7.19 -17.28
CA LYS C 400 -39.71 7.27 -16.77
C LYS C 400 -40.24 5.88 -16.44
N ALA C 401 -41.33 5.86 -15.68
CA ALA C 401 -42.03 4.63 -15.33
C ALA C 401 -43.53 4.91 -15.32
N VAL C 402 -44.32 3.85 -15.43
CA VAL C 402 -45.76 3.95 -15.50
C VAL C 402 -46.39 2.93 -14.56
N ILE C 403 -47.66 3.15 -14.25
CA ILE C 403 -48.46 2.24 -13.42
C ILE C 403 -49.52 1.60 -14.30
N ASP C 404 -49.59 0.27 -14.26
CA ASP C 404 -50.57 -0.50 -15.03
C ASP C 404 -51.92 -0.36 -14.35
N PHE C 405 -52.76 0.54 -14.86
CA PHE C 405 -54.05 0.80 -14.23
C PHE C 405 -55.02 -0.35 -14.45
N LYS C 406 -55.11 -0.85 -15.68
CA LYS C 406 -56.15 -1.81 -16.07
C LYS C 406 -55.58 -3.19 -16.36
N SER C 407 -54.66 -3.29 -17.31
CA SER C 407 -54.11 -4.58 -17.71
C SER C 407 -52.89 -4.38 -18.61
N ILE C 411 -51.76 -1.62 -22.04
CA ILE C 411 -50.60 -1.01 -21.39
C ILE C 411 -50.25 0.30 -22.10
N TYR C 412 -50.35 1.40 -21.38
CA TYR C 412 -50.14 2.73 -21.93
C TYR C 412 -48.99 3.43 -21.23
N ASP C 413 -48.22 4.21 -21.99
CA ASP C 413 -47.10 4.95 -21.46
C ASP C 413 -47.40 6.42 -21.17
N ASN C 414 -48.41 6.98 -21.83
CA ASN C 414 -48.77 8.39 -21.67
C ASN C 414 -49.80 8.62 -20.58
N ARG C 415 -50.18 7.57 -19.87
CA ARG C 415 -51.02 7.66 -18.67
C ARG C 415 -50.09 7.79 -17.46
N ILE C 416 -50.59 7.46 -16.27
CA ILE C 416 -49.88 7.71 -15.02
C ILE C 416 -48.40 7.40 -15.22
N VAL C 417 -47.55 8.36 -14.88
CA VAL C 417 -46.13 8.31 -15.18
C VAL C 417 -45.35 8.87 -13.99
N LEU C 418 -44.14 8.34 -13.79
CA LEU C 418 -43.29 8.76 -12.69
C LEU C 418 -41.89 9.07 -13.19
N ASN C 419 -41.33 10.16 -12.70
CA ASN C 419 -39.97 10.57 -13.03
C ASN C 419 -39.23 10.92 -11.74
N GLY C 420 -37.91 10.83 -11.80
CA GLY C 420 -37.10 11.16 -10.64
C GLY C 420 -35.66 10.72 -10.75
N ILE C 421 -34.76 11.45 -10.09
CA ILE C 421 -33.35 11.07 -10.09
C ILE C 421 -33.15 9.75 -9.36
N ASP C 422 -33.85 9.57 -8.25
CA ASP C 422 -33.77 8.35 -7.44
C ASP C 422 -34.77 7.29 -7.89
N LEU C 423 -35.41 7.48 -9.04
CA LEU C 423 -36.46 6.57 -9.48
C LEU C 423 -35.97 5.13 -9.54
N LYS C 424 -34.77 4.91 -10.09
CA LYS C 424 -34.27 3.55 -10.23
C LYS C 424 -34.19 2.86 -8.88
N ALA C 425 -33.68 3.54 -7.86
CA ALA C 425 -33.60 2.95 -6.53
C ALA C 425 -34.98 2.61 -5.98
N PHE C 426 -35.95 3.51 -6.16
CA PHE C 426 -37.29 3.24 -5.66
C PHE C 426 -37.89 2.00 -6.32
N LEU C 427 -37.64 1.82 -7.62
CA LEU C 427 -38.15 0.64 -8.30
C LEU C 427 -37.59 -0.64 -7.70
N ASP C 428 -36.30 -0.63 -7.34
CA ASP C 428 -35.71 -1.79 -6.70
C ASP C 428 -36.36 -2.11 -5.36
N SER C 429 -36.98 -1.12 -4.71
CA SER C 429 -37.67 -1.33 -3.45
C SER C 429 -39.05 -1.93 -3.63
N LEU C 430 -39.54 -2.05 -4.88
CA LEU C 430 -40.85 -2.63 -5.10
C LEU C 430 -40.75 -4.10 -5.47
N PRO C 431 -41.70 -4.92 -5.03
CA PRO C 431 -41.57 -6.37 -5.25
C PRO C 431 -41.81 -6.81 -6.68
N ASP C 432 -42.85 -6.28 -7.33
CA ASP C 432 -43.35 -6.83 -8.59
C ASP C 432 -43.16 -5.88 -9.77
N VAL C 433 -41.99 -5.25 -9.86
CA VAL C 433 -41.74 -4.35 -10.97
C VAL C 433 -41.51 -5.16 -12.24
N LYS C 434 -42.20 -4.79 -13.31
CA LYS C 434 -42.07 -5.42 -14.61
C LYS C 434 -41.41 -4.46 -15.59
N ILE C 435 -40.79 -5.03 -16.63
CA ILE C 435 -40.01 -4.26 -17.59
C ILE C 435 -40.55 -4.55 -18.99
N VAL C 436 -40.79 -3.49 -19.75
CA VAL C 436 -41.25 -3.58 -21.13
C VAL C 436 -40.13 -3.12 -22.03
N LYS C 437 -39.71 -3.99 -22.95
CA LYS C 437 -38.69 -3.63 -23.92
C LYS C 437 -39.30 -2.85 -25.07
N MET C 438 -38.62 -1.78 -25.49
CA MET C 438 -39.10 -0.92 -26.55
C MET C 438 -38.91 -1.55 -27.92
N LEU C 454 -34.13 2.39 -23.52
CA LEU C 454 -33.88 0.97 -23.70
C LEU C 454 -35.08 0.14 -23.27
N ASN C 455 -35.68 0.50 -22.14
CA ASN C 455 -36.79 -0.24 -21.58
C ASN C 455 -37.58 0.65 -20.63
N MET C 456 -38.83 0.25 -20.36
CA MET C 456 -39.74 1.02 -19.53
C MET C 456 -40.24 0.20 -18.35
N PRO C 457 -39.95 0.59 -17.12
CA PRO C 457 -40.53 -0.10 -15.97
C PRO C 457 -42.04 0.09 -15.89
N VAL C 458 -42.71 -0.88 -15.26
CA VAL C 458 -44.15 -0.84 -15.07
C VAL C 458 -44.48 -1.40 -13.69
N ILE C 459 -45.21 -0.63 -12.89
CA ILE C 459 -45.60 -1.04 -11.54
C ILE C 459 -46.99 -1.66 -11.61
N PRO C 460 -47.18 -2.88 -11.13
CA PRO C 460 -48.52 -3.46 -11.08
C PRO C 460 -49.38 -2.77 -10.03
N MET C 461 -50.70 -2.95 -10.18
CA MET C 461 -51.65 -2.30 -9.29
C MET C 461 -51.63 -3.01 -7.93
N ASN C 462 -50.70 -2.59 -7.07
CA ASN C 462 -50.51 -3.18 -5.75
C ASN C 462 -50.78 -2.13 -4.67
N THR C 463 -50.47 -2.48 -3.42
CA THR C 463 -50.68 -1.54 -2.32
C THR C 463 -49.91 -0.25 -2.56
N ILE C 464 -48.71 -0.34 -3.13
CA ILE C 464 -47.93 0.86 -3.41
C ILE C 464 -48.63 1.72 -4.45
N ALA C 465 -49.07 1.11 -5.55
CA ALA C 465 -49.80 1.86 -6.57
C ALA C 465 -51.09 2.43 -5.99
N GLU C 466 -51.75 1.69 -5.11
CA GLU C 466 -52.96 2.18 -4.47
C GLU C 466 -52.68 3.42 -3.63
N ALA C 467 -51.57 3.41 -2.87
CA ALA C 467 -51.21 4.58 -2.08
C ALA C 467 -50.93 5.79 -2.97
N VAL C 468 -50.25 5.57 -4.09
CA VAL C 468 -49.95 6.66 -5.01
C VAL C 468 -51.23 7.23 -5.59
N ILE C 469 -52.15 6.35 -6.02
CA ILE C 469 -53.40 6.82 -6.60
C ILE C 469 -54.21 7.61 -5.59
N GLU C 470 -54.21 7.15 -4.32
CA GLU C 470 -54.91 7.89 -3.29
C GLU C 470 -54.31 9.29 -3.11
N MET C 471 -52.98 9.40 -3.17
CA MET C 471 -52.35 10.71 -3.11
C MET C 471 -52.89 11.62 -4.21
N ILE C 472 -52.93 11.13 -5.45
CA ILE C 472 -53.37 11.95 -6.56
C ILE C 472 -54.84 12.32 -6.39
N ASN C 473 -55.68 11.33 -6.08
CA ASN C 473 -57.11 11.59 -5.98
C ASN C 473 -57.43 12.56 -4.84
N ARG C 474 -56.78 12.37 -3.68
CA ARG C 474 -57.01 13.27 -2.56
C ARG C 474 -56.31 14.62 -2.72
N GLY C 475 -55.47 14.77 -3.74
CA GLY C 475 -54.78 16.04 -3.94
C GLY C 475 -53.81 16.38 -2.83
N GLN C 476 -53.14 15.37 -2.28
CA GLN C 476 -52.13 15.59 -1.26
C GLN C 476 -50.80 15.93 -1.91
N ILE C 477 -50.05 16.82 -1.27
CA ILE C 477 -48.82 17.33 -1.87
C ILE C 477 -47.83 16.20 -2.08
N GLN C 478 -47.63 15.36 -1.08
CA GLN C 478 -46.55 14.39 -1.11
C GLN C 478 -46.85 13.25 -0.15
N ILE C 479 -46.12 12.14 -0.35
CA ILE C 479 -46.19 10.97 0.51
C ILE C 479 -44.79 10.38 0.63
N THR C 480 -44.66 9.40 1.52
CA THR C 480 -43.40 8.68 1.69
C THR C 480 -43.67 7.19 1.58
N ILE C 481 -42.80 6.49 0.87
CA ILE C 481 -42.91 5.05 0.68
C ILE C 481 -41.52 4.45 0.81
N ASN C 482 -41.30 3.66 1.86
CA ASN C 482 -40.00 3.05 2.11
C ASN C 482 -38.91 4.11 2.22
N GLY C 483 -39.25 5.26 2.80
CA GLY C 483 -38.30 6.34 2.94
C GLY C 483 -38.07 7.17 1.69
N PHE C 484 -38.77 6.86 0.59
CA PHE C 484 -38.63 7.62 -0.64
C PHE C 484 -39.71 8.70 -0.70
N SER C 485 -39.29 9.92 -1.00
CA SER C 485 -40.23 11.03 -1.13
C SER C 485 -40.98 10.89 -2.45
N ILE C 486 -42.31 10.86 -2.37
CA ILE C 486 -43.17 10.82 -3.55
C ILE C 486 -43.99 12.11 -3.53
N SER C 487 -43.88 12.88 -4.62
CA SER C 487 -44.48 14.20 -4.71
C SER C 487 -45.53 14.25 -5.80
N ASN C 488 -46.61 14.96 -5.53
CA ASN C 488 -47.65 15.16 -6.54
C ASN C 488 -47.16 16.18 -7.57
N GLY C 489 -47.27 15.82 -8.85
CA GLY C 489 -46.72 16.65 -9.90
C GLY C 489 -47.32 18.03 -9.99
N LEU C 490 -48.46 18.25 -9.35
CA LEU C 490 -49.13 19.55 -9.35
C LEU C 490 -48.71 20.44 -8.19
N ALA C 491 -47.84 19.94 -7.30
CA ALA C 491 -47.41 20.68 -6.12
C ALA C 491 -45.91 20.97 -6.15
N THR C 492 -45.33 21.03 -7.35
CA THR C 492 -43.88 21.24 -7.45
C THR C 492 -43.48 22.59 -6.86
N THR C 493 -44.30 23.62 -7.08
CA THR C 493 -43.96 24.94 -6.58
C THR C 493 -43.87 24.97 -5.06
N GLN C 494 -44.78 24.26 -4.39
CA GLN C 494 -44.81 24.27 -2.93
C GLN C 494 -43.62 23.49 -2.35
N ILE C 495 -43.23 22.40 -3.00
CA ILE C 495 -42.14 21.58 -2.49
C ILE C 495 -40.80 22.30 -2.66
N ASN C 496 -40.51 22.77 -3.88
CA ASN C 496 -39.28 23.50 -4.13
C ASN C 496 -39.53 24.45 -5.31
N ASN C 497 -39.77 25.72 -5.00
CA ASN C 497 -40.03 26.71 -6.05
C ASN C 497 -38.90 26.72 -7.08
N LYS C 498 -37.66 26.61 -6.63
CA LYS C 498 -36.53 26.63 -7.55
C LYS C 498 -36.61 25.48 -8.54
N ALA C 499 -37.00 24.29 -8.06
CA ALA C 499 -37.09 23.13 -8.95
C ALA C 499 -38.15 23.34 -10.03
N ALA C 500 -39.30 23.90 -9.66
CA ALA C 500 -40.37 24.09 -10.64
C ALA C 500 -39.95 25.06 -11.74
N THR C 501 -39.23 26.12 -11.39
CA THR C 501 -38.79 27.09 -12.38
C THR C 501 -37.77 26.50 -13.35
N GLY C 502 -37.16 25.37 -13.01
CA GLY C 502 -36.05 24.82 -13.77
C GLY C 502 -34.70 25.27 -13.28
N GLU C 503 -34.63 26.21 -12.34
CA GLU C 503 -33.36 26.63 -11.79
C GLU C 503 -32.67 25.51 -11.03
N GLU C 504 -33.44 24.55 -10.50
CA GLU C 504 -32.91 23.45 -9.72
C GLU C 504 -33.53 22.15 -10.20
N VAL C 505 -32.72 21.10 -10.28
CA VAL C 505 -33.25 19.79 -10.67
C VAL C 505 -34.07 19.23 -9.52
N PRO C 506 -35.27 18.71 -9.76
CA PRO C 506 -36.08 18.17 -8.66
C PRO C 506 -35.32 17.08 -7.92
N ARG C 507 -35.37 17.14 -6.59
CA ARG C 507 -34.67 16.19 -5.74
C ARG C 507 -35.57 15.07 -5.25
N THR C 508 -36.80 14.99 -5.75
CA THR C 508 -37.77 13.98 -5.33
C THR C 508 -38.24 13.18 -6.55
N ILE C 509 -39.18 12.28 -6.31
CA ILE C 509 -39.84 11.51 -7.37
C ILE C 509 -41.20 12.15 -7.62
N ILE C 510 -41.45 12.54 -8.88
CA ILE C 510 -42.61 13.33 -9.25
C ILE C 510 -43.58 12.45 -10.03
N VAL C 511 -44.86 12.56 -9.70
CA VAL C 511 -45.91 11.77 -10.32
C VAL C 511 -46.72 12.69 -11.23
N THR C 512 -46.89 12.27 -12.48
CA THR C 512 -47.72 12.99 -13.45
C THR C 512 -48.72 12.03 -14.06
N THR C 513 -49.98 12.44 -14.10
CA THR C 513 -51.06 11.59 -14.58
C THR C 513 -51.98 12.40 -15.48
N ARG C 514 -52.65 11.71 -16.40
CA ARG C 514 -53.66 12.36 -17.23
C ARG C 514 -54.83 12.86 -16.39
N SER C 515 -55.18 12.13 -15.33
CA SER C 515 -56.30 12.55 -14.48
C SER C 515 -56.02 13.91 -13.84
N GLN C 516 -54.75 14.27 -13.68
CA GLN C 516 -54.42 15.56 -13.11
C GLN C 516 -55.00 16.70 -13.96
N TYR C 517 -54.88 16.58 -15.27
CA TYR C 517 -55.33 17.62 -16.20
C TYR C 517 -56.63 17.28 -16.91
N GLY C 518 -57.31 16.21 -16.49
CA GLY C 518 -58.58 15.87 -17.08
C GLY C 518 -58.51 15.29 -18.48
N LEU C 519 -57.36 14.75 -18.88
CA LEU C 519 -57.27 14.11 -20.18
C LEU C 519 -57.87 12.71 -20.15
N PRO C 520 -58.43 12.25 -21.25
CA PRO C 520 -59.01 10.90 -21.28
C PRO C 520 -57.96 9.83 -21.04
N GLU C 521 -58.35 8.77 -20.32
CA GLU C 521 -57.42 7.69 -20.03
C GLU C 521 -57.20 6.76 -21.22
N ASP C 522 -58.17 6.65 -22.12
CA ASP C 522 -58.11 5.72 -23.25
C ASP C 522 -58.40 6.44 -24.55
N ALA C 523 -57.77 7.61 -24.75
CA ALA C 523 -57.99 8.40 -25.95
C ALA C 523 -56.69 9.03 -26.40
N ILE C 524 -56.57 9.23 -27.72
CA ILE C 524 -55.43 9.94 -28.29
C ILE C 524 -55.48 11.40 -27.86
N VAL C 525 -54.35 11.94 -27.48
CA VAL C 525 -54.25 13.32 -27.01
C VAL C 525 -53.25 14.06 -27.89
N TYR C 526 -53.75 14.85 -28.83
CA TYR C 526 -52.93 15.79 -29.56
C TYR C 526 -52.77 17.06 -28.73
N CYS C 527 -51.67 17.77 -28.95
CA CYS C 527 -51.34 18.89 -28.07
C CYS C 527 -50.59 19.97 -28.84
N ASN C 528 -50.65 21.19 -28.31
CA ASN C 528 -49.83 22.30 -28.78
C ASN C 528 -49.72 23.31 -27.66
N PHE C 529 -48.49 23.66 -27.26
CA PHE C 529 -48.23 24.45 -26.06
C PHE C 529 -47.70 25.84 -26.38
N ASN C 530 -47.86 26.31 -27.62
CA ASN C 530 -47.37 27.63 -27.96
C ASN C 530 -48.36 28.71 -27.56
N GLN C 531 -47.94 29.95 -27.70
CA GLN C 531 -48.85 31.08 -27.56
C GLN C 531 -49.95 30.97 -28.61
N LEU C 532 -51.18 31.30 -28.22
CA LEU C 532 -52.29 31.15 -29.14
C LEU C 532 -52.12 31.99 -30.40
N TYR C 533 -51.30 33.05 -30.35
CA TYR C 533 -51.10 33.91 -31.50
C TYR C 533 -50.49 33.17 -32.68
N LYS C 534 -49.81 32.05 -32.45
CA LYS C 534 -49.25 31.26 -33.53
C LYS C 534 -50.30 30.47 -34.30
N ILE C 535 -51.55 30.51 -33.86
CA ILE C 535 -52.63 29.73 -34.47
C ILE C 535 -53.43 30.63 -35.40
N ASP C 536 -53.67 30.14 -36.62
CA ASP C 536 -54.52 30.84 -37.57
C ASP C 536 -55.69 29.95 -37.97
N PRO C 537 -56.70 30.49 -38.66
CA PRO C 537 -57.86 29.66 -39.01
C PRO C 537 -57.50 28.41 -39.78
N SER C 538 -56.53 28.49 -40.70
CA SER C 538 -56.15 27.32 -41.48
C SER C 538 -55.60 26.22 -40.59
N THR C 539 -54.72 26.57 -39.64
CA THR C 539 -54.18 25.57 -38.73
C THR C 539 -55.28 24.92 -37.90
N LEU C 540 -56.24 25.72 -37.42
CA LEU C 540 -57.35 25.16 -36.67
C LEU C 540 -58.19 24.24 -37.55
N GLN C 541 -58.42 24.63 -38.80
CA GLN C 541 -59.19 23.78 -39.70
C GLN C 541 -58.50 22.44 -39.92
N MET C 542 -57.18 22.46 -40.11
CA MET C 542 -56.45 21.20 -40.25
C MET C 542 -56.61 20.33 -39.01
N TRP C 543 -56.50 20.94 -37.83
CA TRP C 543 -56.65 20.18 -36.59
C TRP C 543 -58.05 19.60 -36.48
N ALA C 544 -59.07 20.37 -36.86
CA ALA C 544 -60.43 19.85 -36.83
C ALA C 544 -60.58 18.62 -37.72
N ASN C 545 -60.02 18.68 -38.93
CA ASN C 545 -60.09 17.54 -39.84
C ASN C 545 -59.41 16.31 -39.22
N ILE C 546 -58.22 16.50 -38.66
CA ILE C 546 -57.53 15.39 -38.02
C ILE C 546 -58.34 14.88 -36.83
N LEU C 547 -58.90 15.79 -36.04
CA LEU C 547 -59.69 15.39 -34.89
C LEU C 547 -60.91 14.58 -35.30
N LYS C 548 -61.56 14.98 -36.40
CA LYS C 548 -62.69 14.21 -36.90
C LYS C 548 -62.24 12.82 -37.36
N ARG C 549 -61.16 12.76 -38.15
CA ARG C 549 -60.73 11.49 -38.72
C ARG C 549 -60.26 10.52 -37.63
N VAL C 550 -59.79 11.04 -36.50
CA VAL C 550 -59.33 10.18 -35.42
C VAL C 550 -60.41 10.15 -34.34
N PRO C 551 -61.17 9.06 -34.24
CA PRO C 551 -62.25 9.02 -33.24
C PRO C 551 -61.70 9.01 -31.82
N ASN C 552 -62.49 9.60 -30.92
CA ASN C 552 -62.18 9.65 -29.50
C ASN C 552 -60.90 10.43 -29.19
N SER C 553 -60.42 11.23 -30.14
CA SER C 553 -59.22 12.01 -29.94
C SER C 553 -59.57 13.40 -29.41
N VAL C 554 -58.67 13.94 -28.60
CA VAL C 554 -58.84 15.27 -28.02
C VAL C 554 -57.60 16.08 -28.33
N LEU C 555 -57.76 17.41 -28.33
CA LEU C 555 -56.67 18.34 -28.55
C LEU C 555 -56.37 19.08 -27.25
N TRP C 556 -55.10 19.08 -26.86
CA TRP C 556 -54.66 19.73 -25.63
C TRP C 556 -54.10 21.10 -25.97
N LEU C 557 -54.68 22.14 -25.38
CA LEU C 557 -54.26 23.51 -25.61
C LEU C 557 -54.15 24.23 -24.28
N LEU C 558 -53.57 25.43 -24.32
CA LEU C 558 -53.24 26.18 -23.12
C LEU C 558 -54.02 27.49 -23.07
N ARG C 559 -54.47 27.85 -21.86
CA ARG C 559 -55.12 29.14 -21.64
C ARG C 559 -54.05 30.22 -21.66
N PHE C 560 -53.52 30.51 -22.86
CA PHE C 560 -52.30 31.29 -23.01
C PHE C 560 -52.42 32.21 -24.21
N PRO C 561 -53.19 33.30 -24.08
CA PRO C 561 -53.97 33.75 -22.92
C PRO C 561 -55.34 33.07 -22.81
N ALA C 562 -55.98 33.12 -21.65
CA ALA C 562 -57.26 32.45 -21.46
C ALA C 562 -58.37 33.07 -22.30
N VAL C 563 -58.24 34.33 -22.71
CA VAL C 563 -59.30 34.99 -23.45
C VAL C 563 -59.53 34.28 -24.78
N GLY C 564 -58.46 33.77 -25.40
CA GLY C 564 -58.59 33.04 -26.64
C GLY C 564 -59.27 31.69 -26.51
N GLU C 565 -59.43 31.19 -25.29
CA GLU C 565 -60.07 29.89 -25.10
C GLU C 565 -61.49 29.86 -25.66
N PRO C 566 -62.38 30.78 -25.31
CA PRO C 566 -63.73 30.73 -25.90
C PRO C 566 -63.72 30.92 -27.41
N ASN C 567 -62.92 31.86 -27.93
CA ASN C 567 -62.88 32.09 -29.36
C ASN C 567 -62.57 30.80 -30.11
N ILE C 568 -61.53 30.09 -29.67
CA ILE C 568 -61.17 28.84 -30.31
C ILE C 568 -62.30 27.82 -30.18
N GLN C 569 -62.89 27.73 -28.99
CA GLN C 569 -64.00 26.80 -28.81
C GLN C 569 -65.16 27.12 -29.75
N GLN C 570 -65.49 28.41 -29.88
CA GLN C 570 -66.55 28.81 -30.79
C GLN C 570 -66.20 28.46 -32.23
N TYR C 571 -64.98 28.80 -32.65
CA TYR C 571 -64.54 28.45 -34.01
C TYR C 571 -64.53 26.94 -34.21
N ALA C 572 -64.11 26.20 -33.18
CA ALA C 572 -64.12 24.74 -33.28
C ALA C 572 -65.52 24.21 -33.53
N GLN C 573 -66.51 24.73 -32.80
CA GLN C 573 -67.88 24.32 -33.01
C GLN C 573 -68.37 24.72 -34.40
N ASN C 574 -68.00 25.93 -34.85
CA ASN C 574 -68.33 26.33 -36.21
C ASN C 574 -67.66 25.43 -37.24
N MET C 575 -66.55 24.80 -36.87
CA MET C 575 -65.84 23.89 -37.76
C MET C 575 -66.40 22.47 -37.69
N GLY C 576 -67.45 22.24 -36.92
CA GLY C 576 -68.03 20.92 -36.78
C GLY C 576 -67.51 20.12 -35.62
N LEU C 577 -66.82 20.75 -34.67
CA LEU C 577 -66.17 20.04 -33.57
C LEU C 577 -66.91 20.30 -32.27
N PRO C 578 -67.42 19.26 -31.60
CA PRO C 578 -68.08 19.46 -30.30
C PRO C 578 -67.10 20.03 -29.27
N GLN C 579 -67.67 20.57 -28.20
CA GLN C 579 -66.86 21.24 -27.19
C GLN C 579 -65.87 20.29 -26.53
N ASN C 580 -66.31 19.09 -26.17
CA ASN C 580 -65.47 18.19 -25.38
C ASN C 580 -64.26 17.67 -26.14
N ARG C 581 -64.18 17.88 -27.45
CA ARG C 581 -63.03 17.41 -28.22
C ARG C 581 -61.78 18.25 -27.99
N ILE C 582 -61.89 19.42 -27.37
CA ILE C 582 -60.75 20.27 -27.09
C ILE C 582 -60.66 20.48 -25.57
N ILE C 583 -59.48 20.24 -25.02
CA ILE C 583 -59.24 20.36 -23.58
C ILE C 583 -58.24 21.49 -23.36
N PHE C 584 -58.63 22.49 -22.59
CA PHE C 584 -57.79 23.64 -22.27
C PHE C 584 -57.24 23.48 -20.86
N SER C 585 -55.96 23.79 -20.70
CA SER C 585 -55.33 23.75 -19.39
C SER C 585 -54.55 25.03 -19.14
N PRO C 586 -54.47 25.46 -17.88
CA PRO C 586 -53.73 26.68 -17.57
C PRO C 586 -52.23 26.50 -17.75
N VAL C 587 -51.55 27.63 -17.98
CA VAL C 587 -50.10 27.60 -18.08
C VAL C 587 -49.51 27.14 -16.75
N ALA C 588 -48.39 26.44 -16.83
CA ALA C 588 -47.74 25.82 -15.68
C ALA C 588 -46.29 26.20 -15.64
N PRO C 589 -45.63 26.00 -14.49
CA PRO C 589 -44.20 26.32 -14.39
C PRO C 589 -43.39 25.48 -15.37
N LYS C 590 -42.20 25.99 -15.71
CA LYS C 590 -41.38 25.36 -16.74
C LYS C 590 -41.22 23.85 -16.50
N GLU C 591 -40.82 23.47 -15.29
CA GLU C 591 -40.61 22.06 -15.01
C GLU C 591 -41.89 21.25 -15.23
N GLU C 592 -42.99 21.71 -14.66
CA GLU C 592 -44.26 21.00 -14.85
C GLU C 592 -44.71 21.06 -16.30
N HIS C 593 -44.47 22.18 -16.98
CA HIS C 593 -44.83 22.28 -18.39
C HIS C 593 -44.12 21.21 -19.21
N VAL C 594 -42.81 21.07 -19.05
CA VAL C 594 -42.07 20.07 -19.79
C VAL C 594 -42.45 18.67 -19.33
N ARG C 595 -42.67 18.49 -18.02
CA ARG C 595 -42.95 17.17 -17.48
C ARG C 595 -44.26 16.61 -18.04
N ARG C 596 -45.31 17.44 -18.12
CA ARG C 596 -46.60 16.93 -18.56
C ARG C 596 -46.62 16.54 -20.02
N GLY C 597 -45.62 16.98 -20.81
CA GLY C 597 -45.58 16.62 -22.21
C GLY C 597 -45.57 15.12 -22.43
N GLN C 598 -45.07 14.36 -21.46
CA GLN C 598 -45.11 12.91 -21.55
C GLN C 598 -46.53 12.39 -21.67
N LEU C 599 -47.49 13.07 -21.01
CA LEU C 599 -48.87 12.61 -21.04
C LEU C 599 -49.47 12.65 -22.44
N ALA C 600 -48.96 13.49 -23.32
CA ALA C 600 -49.48 13.59 -24.67
C ALA C 600 -49.03 12.41 -25.53
N ASP C 601 -49.71 12.24 -26.66
CA ASP C 601 -49.36 11.21 -27.64
C ASP C 601 -48.64 11.79 -28.85
N VAL C 602 -49.21 12.84 -29.44
CA VAL C 602 -48.58 13.53 -30.57
C VAL C 602 -48.78 15.03 -30.41
N CYS C 603 -47.81 15.79 -30.87
CA CYS C 603 -47.85 17.25 -30.83
C CYS C 603 -48.06 17.78 -32.24
N LEU C 604 -49.02 18.69 -32.40
CA LEU C 604 -49.31 19.31 -33.68
C LEU C 604 -48.73 20.71 -33.69
N ASP C 605 -47.65 20.91 -34.43
CA ASP C 605 -46.97 22.18 -34.49
C ASP C 605 -47.78 23.20 -35.28
N THR C 606 -47.63 24.47 -34.90
CA THR C 606 -48.34 25.56 -35.58
C THR C 606 -47.63 25.93 -36.88
N PRO C 607 -48.26 25.67 -38.03
CA PRO C 607 -47.59 25.97 -39.31
C PRO C 607 -47.17 27.42 -39.46
N LEU C 608 -47.99 28.36 -38.99
CA LEU C 608 -47.65 29.78 -39.16
C LEU C 608 -46.37 30.14 -38.43
N CYS C 609 -46.29 29.78 -37.15
CA CYS C 609 -45.14 30.09 -36.30
C CYS C 609 -44.75 28.81 -35.57
N ASN C 610 -43.81 28.06 -36.16
CA ASN C 610 -43.33 26.84 -35.52
C ASN C 610 -42.98 27.11 -34.07
N GLY C 611 -43.27 26.13 -33.21
CA GLY C 611 -42.94 26.30 -31.81
C GLY C 611 -41.46 26.10 -31.59
N HIS C 612 -40.73 27.20 -31.39
CA HIS C 612 -39.27 27.11 -31.38
C HIS C 612 -38.75 26.51 -30.08
N THR C 613 -38.94 27.22 -28.95
CA THR C 613 -38.54 26.65 -27.68
C THR C 613 -39.50 25.56 -27.25
N THR C 614 -40.80 25.81 -27.38
CA THR C 614 -41.78 24.78 -27.05
C THR C 614 -41.49 23.49 -27.80
N GLY C 615 -41.02 23.60 -29.04
CA GLY C 615 -40.63 22.44 -29.80
C GLY C 615 -39.61 21.58 -29.09
N MET C 616 -38.50 22.18 -28.68
CA MET C 616 -37.51 21.44 -27.89
C MET C 616 -38.16 20.78 -26.68
N ASP C 617 -39.04 21.51 -25.98
CA ASP C 617 -39.68 20.98 -24.79
C ASP C 617 -40.48 19.72 -25.10
N VAL C 618 -41.31 19.76 -26.15
CA VAL C 618 -42.18 18.62 -26.43
C VAL C 618 -41.37 17.41 -26.87
N LEU C 619 -40.35 17.62 -27.71
CA LEU C 619 -39.50 16.51 -28.11
C LEU C 619 -38.80 15.88 -26.90
N TRP C 620 -38.32 16.71 -25.98
CA TRP C 620 -37.63 16.18 -24.80
C TRP C 620 -38.49 15.16 -24.07
N ALA C 621 -39.80 15.38 -24.04
CA ALA C 621 -40.71 14.44 -23.37
C ALA C 621 -40.93 13.16 -24.17
N GLY C 622 -40.23 12.98 -25.29
CA GLY C 622 -40.43 11.83 -26.13
C GLY C 622 -41.70 11.87 -26.97
N THR C 623 -42.37 13.02 -27.04
CA THR C 623 -43.63 13.13 -27.76
C THR C 623 -43.38 13.50 -29.21
N PRO C 624 -43.86 12.73 -30.17
CA PRO C 624 -43.66 13.08 -31.59
C PRO C 624 -44.31 14.41 -31.92
N MET C 625 -43.69 15.13 -32.85
CA MET C 625 -44.18 16.42 -33.30
C MET C 625 -44.36 16.40 -34.81
N VAL C 626 -45.53 16.80 -35.27
CA VAL C 626 -45.84 16.90 -36.70
C VAL C 626 -45.76 18.36 -37.10
N THR C 627 -45.00 18.66 -38.16
CA THR C 627 -44.77 20.03 -38.59
C THR C 627 -44.93 20.12 -40.10
N MET C 628 -45.24 21.34 -40.56
CA MET C 628 -45.37 21.67 -41.98
C MET C 628 -44.52 22.90 -42.26
N PRO C 629 -43.24 22.71 -42.56
CA PRO C 629 -42.35 23.87 -42.76
C PRO C 629 -42.85 24.78 -43.87
N GLY C 630 -42.69 26.08 -43.65
CA GLY C 630 -43.13 27.07 -44.61
C GLY C 630 -42.01 27.80 -45.30
N GLU C 631 -42.22 29.08 -45.62
CA GLU C 631 -41.22 29.89 -46.30
C GLU C 631 -40.42 30.78 -45.36
N THR C 632 -41.04 31.25 -44.27
CA THR C 632 -40.34 32.09 -43.31
C THR C 632 -39.48 31.25 -42.37
N LEU C 633 -38.53 31.93 -41.71
CA LEU C 633 -37.64 31.24 -40.78
C LEU C 633 -38.42 30.58 -39.67
N ALA C 634 -39.33 31.33 -39.02
CA ALA C 634 -40.07 30.80 -37.88
C ALA C 634 -41.00 29.66 -38.26
N SER C 635 -41.36 29.54 -39.54
CA SER C 635 -42.22 28.46 -40.01
C SER C 635 -41.45 27.21 -40.37
N ARG C 636 -40.15 27.16 -40.06
CA ARG C 636 -39.30 26.04 -40.46
C ARG C 636 -38.50 25.45 -39.32
N VAL C 637 -38.49 26.06 -38.14
CA VAL C 637 -37.64 25.57 -37.05
C VAL C 637 -38.04 24.16 -36.65
N ALA C 638 -39.34 23.90 -36.53
CA ALA C 638 -39.80 22.56 -36.15
C ALA C 638 -39.27 21.52 -37.14
N ALA C 639 -39.27 21.83 -38.43
CA ALA C 639 -38.67 20.94 -39.40
C ALA C 639 -37.19 20.75 -39.12
N SER C 640 -36.48 21.84 -38.81
CA SER C 640 -35.05 21.74 -38.54
C SER C 640 -34.78 20.90 -37.30
N GLN C 641 -35.59 21.08 -36.25
CA GLN C 641 -35.41 20.24 -35.06
C GLN C 641 -35.65 18.78 -35.37
N LEU C 642 -36.72 18.49 -36.12
CA LEU C 642 -37.00 17.11 -36.51
C LEU C 642 -35.89 16.53 -37.37
N THR C 643 -35.38 17.33 -38.33
CA THR C 643 -34.30 16.86 -39.19
C THR C 643 -33.06 16.52 -38.38
N CYS C 644 -32.67 17.40 -37.46
CA CYS C 644 -31.52 17.11 -36.61
C CYS C 644 -31.80 15.92 -35.69
N LEU C 645 -33.04 15.79 -35.23
CA LEU C 645 -33.42 14.63 -34.44
C LEU C 645 -33.38 13.35 -35.27
N GLY C 646 -33.55 13.46 -36.58
CA GLY C 646 -33.57 12.28 -37.44
C GLY C 646 -34.93 11.67 -37.65
N CYS C 647 -35.99 12.48 -37.62
CA CYS C 647 -37.36 11.99 -37.82
C CYS C 647 -37.98 12.80 -38.96
N LEU C 648 -37.72 12.37 -40.19
CA LEU C 648 -38.22 13.07 -41.36
C LEU C 648 -39.67 12.73 -41.66
N GLU C 649 -40.16 11.58 -41.21
CA GLU C 649 -41.54 11.18 -41.46
C GLU C 649 -42.55 12.09 -40.76
N LEU C 650 -42.11 12.93 -39.84
CA LEU C 650 -42.99 13.88 -39.16
C LEU C 650 -43.03 15.24 -39.85
N ILE C 651 -42.32 15.40 -40.97
CA ILE C 651 -42.27 16.66 -41.69
C ILE C 651 -43.22 16.58 -42.88
N ALA C 652 -44.22 17.46 -42.89
CA ALA C 652 -45.23 17.48 -43.94
C ALA C 652 -44.93 18.59 -44.94
N LYS C 653 -45.27 18.32 -46.21
CA LYS C 653 -45.04 19.26 -47.28
C LYS C 653 -46.29 19.98 -47.75
N ASN C 654 -47.47 19.55 -47.30
CA ASN C 654 -48.72 20.21 -47.65
C ASN C 654 -49.76 19.86 -46.58
N ARG C 655 -50.89 20.55 -46.65
CA ARG C 655 -51.91 20.40 -45.61
C ARG C 655 -52.36 18.95 -45.49
N GLN C 656 -52.61 18.27 -46.62
CA GLN C 656 -53.11 16.90 -46.55
C GLN C 656 -52.10 15.97 -45.89
N GLU C 657 -50.82 16.11 -46.24
CA GLU C 657 -49.81 15.26 -45.62
C GLU C 657 -49.79 15.47 -44.11
N TYR C 658 -49.88 16.72 -43.67
CA TYR C 658 -49.95 17.03 -42.24
C TYR C 658 -51.09 16.28 -41.58
N GLU C 659 -52.29 16.36 -42.16
CA GLU C 659 -53.45 15.68 -41.59
C GLU C 659 -53.29 14.17 -41.61
N ASP C 660 -52.79 13.62 -42.72
CA ASP C 660 -52.64 12.18 -42.83
C ASP C 660 -51.63 11.65 -41.82
N ILE C 661 -50.54 12.38 -41.60
CA ILE C 661 -49.54 11.95 -40.64
C ILE C 661 -50.16 11.84 -39.25
N ALA C 662 -50.92 12.86 -38.84
CA ALA C 662 -51.57 12.83 -37.54
C ALA C 662 -52.57 11.67 -37.45
N VAL C 663 -53.38 11.48 -38.50
CA VAL C 663 -54.38 10.42 -38.48
C VAL C 663 -53.71 9.06 -38.42
N LYS C 664 -52.65 8.87 -39.19
CA LYS C 664 -51.95 7.57 -39.19
C LYS C 664 -51.40 7.25 -37.80
N LEU C 665 -50.82 8.25 -37.12
CA LEU C 665 -50.34 8.02 -35.76
C LEU C 665 -51.50 7.72 -34.81
N GLY C 666 -52.61 8.42 -34.96
CA GLY C 666 -53.74 8.23 -34.06
C GLY C 666 -54.50 6.92 -34.29
N THR C 667 -54.29 6.28 -35.43
CA THR C 667 -54.95 5.03 -35.75
C THR C 667 -54.00 3.84 -35.76
N ASP C 668 -52.85 3.97 -36.41
CA ASP C 668 -51.85 2.91 -36.45
C ASP C 668 -51.14 2.88 -35.10
N LEU C 669 -51.71 2.12 -34.16
CA LEU C 669 -51.21 2.14 -32.79
C LEU C 669 -49.77 1.65 -32.72
N GLU C 670 -49.44 0.57 -33.43
CA GLU C 670 -48.06 0.11 -33.45
C GLU C 670 -47.15 1.16 -34.07
N TYR C 671 -47.63 1.85 -35.11
CA TYR C 671 -46.84 2.91 -35.71
C TYR C 671 -46.58 4.03 -34.71
N LEU C 672 -47.60 4.40 -33.93
CA LEU C 672 -47.41 5.42 -32.90
C LEU C 672 -46.42 4.96 -31.84
N LYS C 673 -46.52 3.69 -31.43
CA LYS C 673 -45.58 3.16 -30.45
C LYS C 673 -44.16 3.23 -30.98
N LYS C 674 -43.95 2.88 -32.25
CA LYS C 674 -42.62 2.96 -32.84
C LYS C 674 -42.10 4.39 -32.87
N VAL C 675 -42.97 5.35 -33.22
CA VAL C 675 -42.54 6.73 -33.35
C VAL C 675 -42.18 7.31 -31.99
N ARG C 676 -43.00 7.06 -30.97
CA ARG C 676 -42.69 7.56 -29.63
C ARG C 676 -41.40 6.95 -29.11
N GLY C 677 -41.19 5.65 -29.36
CA GLY C 677 -39.93 5.04 -28.99
C GLY C 677 -38.75 5.66 -29.71
N LYS C 678 -38.93 5.99 -30.99
CA LYS C 678 -37.87 6.64 -31.74
C LYS C 678 -37.50 7.97 -31.11
N VAL C 679 -38.50 8.76 -30.73
CA VAL C 679 -38.23 10.06 -30.10
C VAL C 679 -37.56 9.86 -28.74
N TRP C 680 -38.04 8.89 -27.95
CA TRP C 680 -37.49 8.67 -26.62
C TRP C 680 -36.00 8.35 -26.66
N LYS C 681 -35.52 7.74 -27.75
CA LYS C 681 -34.11 7.43 -27.90
C LYS C 681 -33.36 8.47 -28.72
N GLN C 682 -33.96 8.96 -29.80
CA GLN C 682 -33.27 9.94 -30.64
C GLN C 682 -32.93 11.21 -29.88
N ARG C 683 -33.78 11.62 -28.94
CA ARG C 683 -33.50 12.83 -28.18
C ARG C 683 -32.10 12.78 -27.56
N ILE C 684 -31.69 11.61 -27.07
CA ILE C 684 -30.38 11.48 -26.45
C ILE C 684 -29.30 11.35 -27.54
N SER C 685 -29.47 10.40 -28.46
CA SER C 685 -28.47 10.18 -29.48
C SER C 685 -28.35 11.36 -30.44
N SER C 686 -29.48 11.89 -30.89
CA SER C 686 -29.46 12.96 -31.87
C SER C 686 -28.76 14.19 -31.29
N PRO C 687 -28.04 14.93 -32.13
CA PRO C 687 -27.28 16.08 -31.63
C PRO C 687 -28.15 17.26 -31.23
N LEU C 688 -29.47 17.04 -31.19
CA LEU C 688 -30.40 18.14 -30.92
C LEU C 688 -30.15 18.74 -29.54
N PHE C 689 -29.95 17.90 -28.53
CA PHE C 689 -29.76 18.37 -27.16
C PHE C 689 -28.32 18.25 -26.68
N ASN C 690 -27.38 17.86 -27.54
CA ASN C 690 -25.98 17.75 -27.16
C ASN C 690 -25.37 19.15 -27.16
N THR C 691 -25.34 19.76 -25.98
CA THR C 691 -24.81 21.12 -25.86
C THR C 691 -23.39 21.21 -26.40
N LYS C 692 -22.49 20.36 -25.91
CA LYS C 692 -21.09 20.38 -26.35
C LYS C 692 -20.98 20.46 -27.87
N GLN C 693 -21.58 19.50 -28.57
CA GLN C 693 -21.57 19.50 -30.02
C GLN C 693 -21.88 20.88 -30.57
N TYR C 694 -23.06 21.41 -30.23
CA TYR C 694 -23.44 22.76 -30.63
C TYR C 694 -22.30 23.74 -30.39
N THR C 695 -21.88 23.84 -29.12
CA THR C 695 -20.75 24.70 -28.77
C THR C 695 -19.58 24.48 -29.73
N MET C 696 -19.11 23.24 -29.80
CA MET C 696 -18.00 22.90 -30.68
C MET C 696 -18.28 23.37 -32.11
N GLU C 697 -19.42 22.96 -32.66
CA GLU C 697 -19.76 23.32 -34.03
C GLU C 697 -19.81 24.83 -34.18
N LEU C 698 -20.60 25.49 -33.33
CA LEU C 698 -20.62 26.95 -33.29
C LEU C 698 -19.21 27.52 -33.28
N GLU C 699 -18.35 26.94 -32.45
CA GLU C 699 -16.97 27.42 -32.36
C GLU C 699 -16.28 27.32 -33.73
N ARG C 700 -16.44 26.18 -34.40
CA ARG C 700 -15.86 26.04 -35.74
C ARG C 700 -16.40 27.11 -36.68
N LEU C 701 -17.70 27.39 -36.60
CA LEU C 701 -18.28 28.44 -37.43
C LEU C 701 -17.68 29.81 -37.08
N TYR C 702 -17.50 30.09 -35.79
CA TYR C 702 -16.83 31.32 -35.37
C TYR C 702 -15.46 31.43 -36.03
N LEU C 703 -14.69 30.34 -35.97
CA LEU C 703 -13.35 30.35 -36.55
C LEU C 703 -13.42 30.60 -38.06
N GLN C 704 -14.35 29.94 -38.75
CA GLN C 704 -14.50 30.17 -40.18
C GLN C 704 -14.75 31.64 -40.46
N MET C 705 -15.62 32.28 -39.68
CA MET C 705 -15.90 33.69 -39.85
C MET C 705 -14.65 34.54 -39.61
N TRP C 706 -13.92 34.24 -38.53
CA TRP C 706 -12.73 35.03 -38.23
C TRP C 706 -11.66 34.87 -39.29
N GLU C 707 -11.45 33.63 -39.75
CA GLU C 707 -10.47 33.41 -40.81
C GLU C 707 -10.84 34.17 -42.07
N HIS C 708 -12.13 34.16 -42.43
CA HIS C 708 -12.58 34.89 -43.61
C HIS C 708 -12.28 36.38 -43.49
N TYR C 709 -12.61 36.96 -42.33
CA TYR C 709 -12.32 38.39 -42.14
C TYR C 709 -10.84 38.64 -41.97
N ALA C 710 -10.10 37.69 -41.39
CA ALA C 710 -8.67 37.88 -41.17
C ALA C 710 -7.95 38.10 -42.50
N ALA C 711 -8.35 37.38 -43.54
CA ALA C 711 -7.78 37.55 -44.88
C ALA C 711 -8.20 38.85 -45.54
N GLY C 712 -8.89 39.73 -44.82
CA GLY C 712 -9.36 40.99 -45.37
C GLY C 712 -10.71 40.91 -46.06
N ASN C 713 -11.27 39.71 -46.20
CA ASN C 713 -12.52 39.56 -46.91
C ASN C 713 -13.67 40.17 -46.11
N LYS C 714 -14.81 40.29 -46.75
CA LYS C 714 -16.01 40.83 -46.14
C LYS C 714 -17.07 39.74 -45.99
N PRO C 715 -18.04 39.93 -45.10
CA PRO C 715 -18.98 38.85 -44.78
C PRO C 715 -19.56 38.19 -46.02
N ASP C 716 -19.50 36.86 -46.05
CA ASP C 716 -20.02 36.07 -47.15
C ASP C 716 -20.55 34.74 -46.60
N HIS C 717 -21.47 34.14 -47.36
CA HIS C 717 -22.12 32.92 -46.90
C HIS C 717 -21.09 31.85 -46.57
N MET C 718 -21.31 31.15 -45.45
CA MET C 718 -20.40 30.13 -44.95
C MET C 718 -21.07 28.76 -45.04
N ILE C 719 -20.35 27.79 -45.60
CA ILE C 719 -20.83 26.42 -45.70
C ILE C 719 -19.74 25.53 -46.27
N ALA D 2 -59.71 20.66 -1.45
CA ALA D 2 -59.66 21.01 -2.87
C ALA D 2 -58.23 20.89 -3.41
N PHE D 3 -57.99 21.49 -4.57
CA PHE D 3 -56.67 21.43 -5.22
C PHE D 3 -56.32 19.97 -5.54
N SER D 4 -57.22 19.34 -6.31
CA SER D 4 -57.20 17.92 -6.64
C SER D 4 -57.21 17.76 -8.16
N PRO D 5 -57.09 16.55 -8.69
CA PRO D 5 -57.15 16.37 -10.14
C PRO D 5 -58.55 16.62 -10.69
N LYS D 6 -58.63 16.79 -12.01
CA LYS D 6 -59.91 17.10 -12.63
C LYS D 6 -60.90 15.95 -12.45
N TYR D 7 -60.43 14.71 -12.56
CA TYR D 7 -61.27 13.55 -12.33
C TYR D 7 -60.50 12.52 -11.50
N LEU D 8 -61.24 11.59 -10.91
CA LEU D 8 -60.71 10.62 -9.97
C LEU D 8 -60.29 9.33 -10.69
N LEU D 9 -59.57 8.49 -9.96
CA LEU D 9 -59.11 7.19 -10.46
C LEU D 9 -59.80 6.09 -9.66
N ARG D 10 -60.68 5.34 -10.31
CA ARG D 10 -61.27 4.17 -9.69
C ARG D 10 -60.20 3.12 -9.44
N LEU D 11 -60.24 2.48 -8.27
CA LEU D 11 -59.20 1.52 -7.93
C LEU D 11 -59.72 0.47 -6.98
N PRO D 12 -59.35 -0.80 -7.17
CA PRO D 12 -59.77 -1.92 -6.32
C PRO D 12 -59.13 -1.88 -4.94
N THR E 7 55.48 -67.80 13.57
CA THR E 7 54.44 -68.80 13.35
C THR E 7 54.03 -69.46 14.67
N HIS E 8 54.97 -69.52 15.61
CA HIS E 8 54.63 -70.05 16.93
C HIS E 8 53.69 -69.10 17.68
N ALA E 9 54.00 -67.80 17.67
CA ALA E 9 53.08 -66.83 18.22
C ALA E 9 51.73 -66.88 17.52
N ASP E 10 51.73 -67.25 16.23
CA ASP E 10 50.48 -67.37 15.49
C ASP E 10 49.60 -68.46 16.09
N SER E 11 50.19 -69.61 16.41
CA SER E 11 49.43 -70.67 17.05
C SER E 11 48.97 -70.26 18.45
N LEU E 12 49.78 -69.48 19.16
CA LEU E 12 49.40 -69.02 20.48
C LEU E 12 48.16 -68.13 20.41
N ASN E 13 48.12 -67.21 19.44
CA ASN E 13 46.95 -66.35 19.29
C ASN E 13 45.72 -67.15 18.87
N ASN E 14 45.91 -68.19 18.05
CA ASN E 14 44.79 -69.03 17.65
C ASN E 14 44.17 -69.71 18.87
N LEU E 15 45.01 -70.28 19.74
CA LEU E 15 44.49 -70.89 20.95
C LEU E 15 43.89 -69.86 21.89
N ALA E 16 44.46 -68.65 21.94
CA ALA E 16 43.85 -67.58 22.72
C ALA E 16 42.48 -67.23 22.17
N ASN E 17 42.36 -67.15 20.84
CA ASN E 17 41.06 -66.87 20.24
C ASN E 17 40.06 -67.98 20.57
N ILE E 18 40.51 -69.24 20.58
CA ILE E 18 39.63 -70.32 20.97
C ILE E 18 39.26 -70.20 22.45
N LYS E 19 40.20 -69.75 23.27
CA LYS E 19 39.90 -69.56 24.69
C LYS E 19 38.79 -68.53 24.87
N ARG E 20 38.87 -67.41 24.14
CA ARG E 20 37.77 -66.45 24.17
C ARG E 20 36.50 -67.03 23.55
N GLU E 21 36.66 -67.89 22.54
CA GLU E 21 35.51 -68.55 21.95
C GLU E 21 34.70 -69.28 23.01
N GLN E 22 35.37 -69.94 23.95
CA GLN E 22 34.70 -70.67 25.01
C GLN E 22 34.17 -69.72 26.09
N GLY E 23 35.07 -68.95 26.70
CA GLY E 23 34.67 -68.02 27.74
C GLY E 23 35.68 -67.92 28.88
N ASN E 24 36.67 -68.81 28.89
CA ASN E 24 37.72 -68.78 29.92
C ASN E 24 38.71 -67.68 29.54
N ILE E 25 38.30 -66.44 29.84
CA ILE E 25 39.09 -65.28 29.42
C ILE E 25 40.46 -65.29 30.07
N GLU E 26 40.52 -65.65 31.37
CA GLU E 26 41.78 -65.59 32.10
C GLU E 26 42.89 -66.33 31.37
N GLU E 27 42.62 -67.57 30.95
CA GLU E 27 43.61 -68.32 30.19
C GLU E 27 43.87 -67.68 28.83
N ALA E 28 42.84 -67.10 28.21
CA ALA E 28 43.05 -66.40 26.95
C ALA E 28 44.00 -65.23 27.12
N VAL E 29 43.86 -64.48 28.22
CA VAL E 29 44.76 -63.36 28.47
C VAL E 29 46.20 -63.83 28.61
N ARG E 30 46.42 -64.92 29.36
CA ARG E 30 47.76 -65.49 29.44
C ARG E 30 48.25 -65.90 28.05
N LEU E 31 47.37 -66.53 27.27
CA LEU E 31 47.77 -67.04 25.96
C LEU E 31 48.14 -65.90 25.01
N TYR E 32 47.36 -64.82 25.01
CA TYR E 32 47.73 -63.65 24.22
C TYR E 32 49.07 -63.09 24.68
N ARG E 33 49.25 -62.98 26.01
CA ARG E 33 50.53 -62.49 26.52
C ARG E 33 51.68 -63.36 26.04
N LYS E 34 51.55 -64.68 26.18
CA LYS E 34 52.60 -65.58 25.72
C LYS E 34 52.93 -65.34 24.24
N ALA E 35 51.89 -65.20 23.41
CA ALA E 35 52.13 -64.93 22.00
C ALA E 35 52.87 -63.61 21.81
N LEU E 36 52.55 -62.60 22.62
CA LEU E 36 53.26 -61.33 22.54
C LEU E 36 54.73 -61.50 22.90
N GLU E 37 55.02 -62.30 23.93
CA GLU E 37 56.41 -62.57 24.29
C GLU E 37 57.14 -63.28 23.15
N VAL E 38 56.44 -64.16 22.43
CA VAL E 38 57.04 -64.83 21.28
C VAL E 38 57.38 -63.82 20.20
N PHE E 39 56.36 -63.13 19.67
CA PHE E 39 56.53 -62.16 18.60
C PHE E 39 56.13 -60.78 19.10
N PRO E 40 57.08 -59.86 19.31
CA PRO E 40 56.71 -58.54 19.85
C PRO E 40 55.78 -57.74 18.95
N GLU E 41 55.90 -57.89 17.62
CA GLU E 41 55.15 -57.08 16.68
C GLU E 41 53.95 -57.84 16.10
N PHE E 42 53.35 -58.73 16.87
CA PHE E 42 52.16 -59.47 16.44
C PHE E 42 50.96 -58.53 16.57
N ALA E 43 50.69 -57.78 15.50
CA ALA E 43 49.64 -56.77 15.55
C ALA E 43 48.30 -57.37 15.95
N ALA E 44 47.95 -58.52 15.38
CA ALA E 44 46.70 -59.17 15.77
C ALA E 44 46.71 -59.56 17.24
N ALA E 45 47.89 -59.88 17.79
CA ALA E 45 47.98 -60.24 19.20
C ALA E 45 47.61 -59.07 20.09
N HIS E 46 48.17 -57.89 19.82
CA HIS E 46 47.81 -56.70 20.60
C HIS E 46 46.32 -56.40 20.46
N SER E 47 45.79 -56.48 19.24
CA SER E 47 44.39 -56.13 19.02
C SER E 47 43.47 -57.04 19.82
N ASN E 48 43.67 -58.36 19.72
CA ASN E 48 42.84 -59.28 20.48
C ASN E 48 43.08 -59.11 21.99
N LEU E 49 44.34 -58.94 22.39
CA LEU E 49 44.62 -58.68 23.80
C LEU E 49 43.98 -57.39 24.27
N ALA E 50 44.03 -56.34 23.43
CA ALA E 50 43.38 -55.10 23.81
C ALA E 50 41.88 -55.29 24.01
N SER E 51 41.26 -56.11 23.16
CA SER E 51 39.83 -56.37 23.29
C SER E 51 39.52 -57.09 24.60
N VAL E 52 40.35 -58.06 24.98
CA VAL E 52 40.11 -58.77 26.24
C VAL E 52 40.32 -57.84 27.42
N LEU E 53 41.38 -57.01 27.38
CA LEU E 53 41.56 -56.02 28.43
C LEU E 53 40.39 -55.05 28.49
N GLN E 54 39.78 -54.75 27.33
CA GLN E 54 38.57 -53.96 27.33
C GLN E 54 37.47 -54.64 28.12
N GLN E 55 37.32 -55.96 27.97
CA GLN E 55 36.36 -56.69 28.77
C GLN E 55 36.72 -56.62 30.25
N GLN E 56 37.99 -56.79 30.58
CA GLN E 56 38.41 -56.74 31.98
C GLN E 56 38.10 -55.40 32.62
N GLY E 57 38.17 -54.32 31.84
CA GLY E 57 38.08 -52.98 32.37
C GLY E 57 39.39 -52.26 32.52
N LYS E 58 40.49 -52.84 32.01
CA LYS E 58 41.82 -52.24 32.06
C LYS E 58 42.09 -51.39 30.83
N LEU E 59 41.05 -50.78 30.26
CA LEU E 59 41.13 -49.94 29.06
C LEU E 59 42.33 -48.99 29.08
N GLN E 60 42.78 -48.58 30.27
CA GLN E 60 43.96 -47.72 30.34
C GLN E 60 45.15 -48.38 29.65
N GLU E 61 45.21 -49.71 29.65
CA GLU E 61 46.24 -50.46 28.95
C GLU E 61 45.76 -51.04 27.64
N ALA E 62 44.47 -51.38 27.53
CA ALA E 62 43.91 -51.83 26.26
C ALA E 62 44.12 -50.79 25.18
N LEU E 63 44.09 -49.50 25.55
CA LEU E 63 44.39 -48.45 24.58
C LEU E 63 45.83 -48.57 24.08
N MET E 64 46.76 -48.89 24.97
CA MET E 64 48.15 -49.04 24.57
C MET E 64 48.31 -50.14 23.52
N HIS E 65 47.65 -51.28 23.73
CA HIS E 65 47.73 -52.37 22.77
C HIS E 65 47.15 -51.95 21.42
N TYR E 66 46.00 -51.27 21.43
CA TYR E 66 45.38 -50.83 20.19
C TYR E 66 46.28 -49.83 19.47
N LYS E 67 46.83 -48.85 20.19
CA LYS E 67 47.67 -47.85 19.55
C LYS E 67 48.89 -48.47 18.92
N GLU E 68 49.58 -49.36 19.65
CA GLU E 68 50.76 -50.00 19.08
C GLU E 68 50.39 -50.94 17.95
N ALA E 69 49.25 -51.61 18.05
CA ALA E 69 48.77 -52.44 16.95
C ALA E 69 48.56 -51.60 15.69
N ILE E 70 47.99 -50.41 15.84
CA ILE E 70 47.85 -49.51 14.71
C ILE E 70 49.21 -49.16 14.13
N ARG E 71 50.21 -48.97 14.99
CA ARG E 71 51.56 -48.68 14.51
C ARG E 71 52.10 -49.83 13.67
N ILE E 72 51.85 -51.07 14.08
CA ILE E 72 52.32 -52.23 13.33
C ILE E 72 51.71 -52.23 11.92
N SER E 73 50.38 -52.32 11.85
CA SER E 73 49.64 -52.35 10.59
C SER E 73 48.67 -51.19 10.57
N PRO E 74 49.05 -50.06 9.96
CA PRO E 74 48.18 -48.87 9.98
C PRO E 74 46.87 -49.04 9.23
N THR E 75 46.68 -50.19 8.56
CA THR E 75 45.42 -50.47 7.88
C THR E 75 44.47 -51.33 8.71
N PHE E 76 44.77 -51.51 10.00
CA PHE E 76 43.95 -52.32 10.90
C PHE E 76 42.68 -51.52 11.22
N ALA E 77 41.75 -51.55 10.28
CA ALA E 77 40.50 -50.80 10.47
C ALA E 77 39.76 -51.26 11.71
N ASP E 78 39.68 -52.58 11.92
CA ASP E 78 38.98 -53.09 13.09
C ASP E 78 39.63 -52.60 14.38
N ALA E 79 40.95 -52.41 14.37
CA ALA E 79 41.63 -51.88 15.54
C ALA E 79 41.22 -50.44 15.82
N TYR E 80 41.18 -49.60 14.78
CA TYR E 80 40.69 -48.24 14.96
C TYR E 80 39.28 -48.24 15.56
N SER E 81 38.41 -49.11 15.04
CA SER E 81 37.03 -49.16 15.53
C SER E 81 36.98 -49.55 17.01
N ASN E 82 37.67 -50.63 17.38
CA ASN E 82 37.70 -51.03 18.78
C ASN E 82 38.38 -49.97 19.63
N MET E 83 39.48 -49.39 19.13
CA MET E 83 40.16 -48.32 19.87
C MET E 83 39.20 -47.17 20.14
N GLY E 84 38.38 -46.81 19.15
CA GLY E 84 37.35 -45.82 19.40
C GLY E 84 36.35 -46.28 20.45
N ASN E 85 35.91 -47.54 20.36
CA ASN E 85 35.00 -48.07 21.36
C ASN E 85 35.66 -48.11 22.74
N THR E 86 36.92 -48.54 22.80
CA THR E 86 37.65 -48.49 24.07
C THR E 86 37.81 -47.05 24.54
N LEU E 87 38.11 -46.14 23.61
CA LEU E 87 38.16 -44.72 23.96
C LEU E 87 36.78 -44.23 24.38
N LYS E 88 35.73 -44.74 23.76
CA LYS E 88 34.38 -44.32 24.10
C LYS E 88 34.04 -44.65 25.55
N GLU E 89 34.47 -45.82 26.03
CA GLU E 89 34.20 -46.21 27.41
C GLU E 89 34.82 -45.20 28.38
N MET E 90 36.03 -44.73 28.09
CA MET E 90 36.69 -43.70 28.89
C MET E 90 36.35 -42.30 28.41
N GLN E 91 35.18 -42.13 27.78
CA GLN E 91 34.74 -40.84 27.25
C GLN E 91 35.53 -40.45 26.01
N ASP E 92 36.15 -39.27 26.04
CA ASP E 92 36.91 -38.75 24.90
C ASP E 92 36.18 -39.05 23.58
N VAL E 93 34.94 -38.58 23.51
CA VAL E 93 34.12 -38.84 22.32
C VAL E 93 34.78 -38.23 21.09
N GLN E 94 35.50 -37.13 21.27
CA GLN E 94 36.28 -36.56 20.16
C GLN E 94 37.25 -37.58 19.61
N GLY E 95 38.03 -38.23 20.48
CA GLY E 95 38.96 -39.25 20.02
C GLY E 95 38.26 -40.43 19.39
N ALA E 96 37.22 -40.93 20.05
CA ALA E 96 36.48 -42.06 19.51
C ALA E 96 35.91 -41.74 18.13
N LEU E 97 35.35 -40.54 17.97
CA LEU E 97 34.86 -40.13 16.67
C LEU E 97 35.98 -40.14 15.64
N GLN E 98 37.16 -39.64 16.02
CA GLN E 98 38.29 -39.65 15.08
C GLN E 98 38.68 -41.09 14.71
N CYS E 99 38.65 -42.01 15.68
CA CYS E 99 38.97 -43.39 15.36
C CYS E 99 37.99 -43.97 14.34
N TYR E 100 36.69 -43.77 14.57
CA TYR E 100 35.70 -44.29 13.62
C TYR E 100 35.88 -43.67 12.24
N THR E 101 36.03 -42.35 12.18
CA THR E 101 36.20 -41.70 10.88
C THR E 101 37.48 -42.17 10.20
N ARG E 102 38.57 -42.32 10.97
CA ARG E 102 39.80 -42.82 10.38
C ARG E 102 39.62 -44.24 9.85
N ALA E 103 38.88 -45.07 10.58
CA ALA E 103 38.64 -46.44 10.10
C ALA E 103 37.85 -46.45 8.80
N ILE E 104 36.81 -45.62 8.70
CA ILE E 104 36.03 -45.55 7.47
C ILE E 104 36.83 -44.87 6.36
N GLN E 105 37.67 -43.89 6.72
CA GLN E 105 38.54 -43.28 5.72
C GLN E 105 39.49 -44.31 5.12
N ILE E 106 40.09 -45.15 5.96
CA ILE E 106 40.96 -46.22 5.46
C ILE E 106 40.14 -47.23 4.67
N ASN E 107 39.05 -47.72 5.26
CA ASN E 107 38.18 -48.70 4.61
C ASN E 107 36.76 -48.15 4.54
N PRO E 108 36.35 -47.59 3.40
CA PRO E 108 34.96 -47.10 3.28
C PRO E 108 33.91 -48.19 3.41
N ALA E 109 34.28 -49.47 3.30
CA ALA E 109 33.34 -50.57 3.34
C ALA E 109 33.26 -51.25 4.71
N PHE E 110 33.83 -50.64 5.75
CA PHE E 110 33.87 -51.25 7.08
C PHE E 110 32.57 -50.94 7.80
N ALA E 111 31.69 -51.94 7.92
CA ALA E 111 30.37 -51.73 8.50
C ALA E 111 30.44 -51.43 9.99
N ASP E 112 31.41 -52.01 10.70
CA ASP E 112 31.49 -51.81 12.15
C ASP E 112 31.74 -50.34 12.48
N ALA E 113 32.63 -49.69 11.73
CA ALA E 113 32.89 -48.28 11.97
C ALA E 113 31.64 -47.43 11.72
N HIS E 114 30.88 -47.76 10.68
CA HIS E 114 29.61 -47.05 10.45
C HIS E 114 28.66 -47.23 11.62
N SER E 115 28.56 -48.46 12.13
CA SER E 115 27.66 -48.72 13.26
C SER E 115 28.09 -47.93 14.49
N ASN E 116 29.39 -47.93 14.80
CA ASN E 116 29.87 -47.17 15.94
C ASN E 116 29.64 -45.68 15.74
N LEU E 117 29.89 -45.18 14.53
CA LEU E 117 29.68 -43.76 14.27
C LEU E 117 28.22 -43.39 14.45
N ALA E 118 27.31 -44.22 13.95
CA ALA E 118 25.89 -43.95 14.18
C ALA E 118 25.52 -44.10 15.65
N SER E 119 26.23 -44.96 16.39
CA SER E 119 25.96 -45.09 17.82
C SER E 119 26.22 -43.78 18.55
N ILE E 120 27.35 -43.13 18.27
CA ILE E 120 27.65 -41.87 18.93
C ILE E 120 26.67 -40.79 18.49
N HIS E 121 26.31 -40.78 17.20
CA HIS E 121 25.26 -39.86 16.75
C HIS E 121 23.98 -40.07 17.54
N LYS E 122 23.59 -41.32 17.75
CA LYS E 122 22.38 -41.62 18.51
C LYS E 122 22.52 -41.18 19.96
N ASP E 123 23.70 -41.38 20.56
CA ASP E 123 23.91 -40.96 21.93
C ASP E 123 23.82 -39.45 22.08
N SER E 124 24.38 -38.71 21.12
CA SER E 124 24.35 -37.26 21.16
C SER E 124 23.00 -36.67 20.78
N GLY E 125 22.06 -37.49 20.32
CA GLY E 125 20.73 -37.03 19.97
C GLY E 125 20.48 -36.84 18.49
N ASN E 126 21.50 -37.01 17.65
CA ASN E 126 21.31 -36.90 16.20
C ASN E 126 20.73 -38.22 15.68
N ILE E 127 19.45 -38.41 16.03
CA ILE E 127 18.77 -39.66 15.66
C ILE E 127 18.80 -39.88 14.15
N PRO E 128 18.46 -38.90 13.30
CA PRO E 128 18.52 -39.15 11.85
C PRO E 128 19.90 -39.57 11.37
N GLU E 129 20.95 -38.97 11.91
CA GLU E 129 22.31 -39.37 11.53
C GLU E 129 22.64 -40.77 12.03
N ALA E 130 22.15 -41.12 13.22
CA ALA E 130 22.32 -42.48 13.71
C ALA E 130 21.64 -43.48 12.77
N ILE E 131 20.43 -43.15 12.32
CA ILE E 131 19.70 -44.04 11.41
C ILE E 131 20.42 -44.13 10.06
N ALA E 132 20.94 -43.01 9.56
CA ALA E 132 21.61 -43.01 8.27
C ALA E 132 22.84 -43.91 8.29
N SER E 133 23.72 -43.70 9.27
CA SER E 133 24.93 -44.51 9.35
C SER E 133 24.61 -45.98 9.61
N TYR E 134 23.60 -46.24 10.44
CA TYR E 134 23.16 -47.61 10.65
C TYR E 134 22.70 -48.25 9.35
N ARG E 135 21.94 -47.51 8.54
CA ARG E 135 21.49 -48.05 7.27
C ARG E 135 22.66 -48.29 6.33
N THR E 136 23.62 -47.36 6.29
CA THR E 136 24.81 -47.56 5.45
C THR E 136 25.59 -48.79 5.92
N ALA E 137 25.74 -48.95 7.24
CA ALA E 137 26.45 -50.12 7.76
C ALA E 137 25.72 -51.41 7.39
N LEU E 138 24.40 -51.43 7.55
CA LEU E 138 23.64 -52.63 7.17
C LEU E 138 23.71 -52.88 5.67
N LYS E 139 23.70 -51.81 4.88
CA LYS E 139 23.98 -51.95 3.45
C LYS E 139 25.28 -52.68 3.22
N LEU E 140 26.33 -52.27 3.95
CA LEU E 140 27.64 -52.91 3.81
C LEU E 140 27.61 -54.34 4.34
N LYS E 141 26.87 -54.60 5.42
CA LYS E 141 26.80 -55.93 6.02
C LYS E 141 25.38 -56.18 6.51
N PRO E 142 24.54 -56.81 5.69
CA PRO E 142 23.16 -57.07 6.14
C PRO E 142 23.07 -57.90 7.40
N ASP E 143 23.98 -58.85 7.60
CA ASP E 143 23.99 -59.68 8.81
C ASP E 143 24.79 -58.94 9.87
N PHE E 144 24.12 -58.04 10.59
CA PHE E 144 24.76 -57.22 11.61
C PHE E 144 23.73 -56.91 12.69
N PRO E 145 23.54 -57.82 13.64
CA PRO E 145 22.47 -57.64 14.62
C PRO E 145 22.57 -56.34 15.41
N ASP E 146 23.78 -55.89 15.72
CA ASP E 146 23.93 -54.70 16.54
C ASP E 146 23.30 -53.48 15.87
N ALA E 147 23.67 -53.22 14.62
CA ALA E 147 23.09 -52.07 13.92
C ALA E 147 21.59 -52.23 13.74
N TYR E 148 21.14 -53.44 13.40
CA TYR E 148 19.71 -53.67 13.18
C TYR E 148 18.90 -53.34 14.44
N CYS E 149 19.32 -53.90 15.59
CA CYS E 149 18.58 -53.67 16.82
C CYS E 149 18.63 -52.21 17.23
N ASN E 150 19.82 -51.60 17.18
CA ASN E 150 19.93 -50.18 17.51
C ASN E 150 19.12 -49.33 16.55
N LEU E 151 19.15 -49.66 15.25
CA LEU E 151 18.36 -48.93 14.28
C LEU E 151 16.87 -49.10 14.55
N ALA E 152 16.45 -50.31 14.95
CA ALA E 152 15.06 -50.51 15.33
C ALA E 152 14.67 -49.62 16.51
N HIS E 153 15.58 -49.46 17.47
CA HIS E 153 15.31 -48.58 18.60
C HIS E 153 15.14 -47.13 18.14
N CYS E 154 16.02 -46.67 17.24
CA CYS E 154 15.90 -45.31 16.73
C CYS E 154 14.56 -45.11 16.02
N LEU E 155 14.15 -46.09 15.21
CA LEU E 155 12.86 -46.01 14.55
C LEU E 155 11.73 -45.93 15.58
N GLN E 156 11.82 -46.76 16.63
CA GLN E 156 10.83 -46.70 17.70
C GLN E 156 10.80 -45.31 18.33
N ILE E 157 11.97 -44.70 18.50
CA ILE E 157 12.03 -43.38 19.14
C ILE E 157 11.25 -42.35 18.33
N VAL E 158 11.48 -42.32 17.01
CA VAL E 158 10.82 -41.35 16.15
C VAL E 158 9.46 -41.84 15.65
N CYS E 159 9.05 -43.04 16.02
CA CYS E 159 7.76 -43.59 15.61
C CYS E 159 7.73 -43.86 14.11
N ASP E 160 8.83 -44.37 13.57
CA ASP E 160 8.90 -44.81 12.18
C ASP E 160 8.57 -46.30 12.15
N TRP E 161 7.31 -46.62 11.87
CA TRP E 161 6.81 -47.98 11.99
C TRP E 161 6.75 -48.71 10.65
N THR E 162 7.52 -48.25 9.66
CA THR E 162 7.54 -48.93 8.37
C THR E 162 7.99 -50.38 8.56
N ASP E 163 7.20 -51.31 8.02
CA ASP E 163 7.50 -52.73 8.13
C ASP E 163 7.69 -53.14 9.60
N TYR E 164 6.73 -52.74 10.43
CA TYR E 164 6.88 -52.89 11.87
C TYR E 164 6.85 -54.36 12.29
N ASP E 165 5.85 -55.11 11.80
CA ASP E 165 5.66 -56.48 12.30
C ASP E 165 6.86 -57.36 11.99
N GLU E 166 7.29 -57.39 10.72
CA GLU E 166 8.45 -58.20 10.35
C GLU E 166 9.70 -57.73 11.07
N ARG E 167 9.82 -56.43 11.33
CA ARG E 167 10.92 -55.94 12.14
C ARG E 167 10.90 -56.55 13.53
N MET E 168 9.71 -56.60 14.16
CA MET E 168 9.60 -57.15 15.50
C MET E 168 10.04 -58.61 15.55
N LYS E 169 9.49 -59.44 14.65
CA LYS E 169 9.86 -60.85 14.65
C LYS E 169 11.28 -61.05 14.14
N LYS E 170 11.78 -60.17 13.29
CA LYS E 170 13.19 -60.22 12.91
C LYS E 170 14.08 -60.05 14.12
N LEU E 171 13.73 -59.11 15.01
CA LEU E 171 14.48 -58.94 16.25
C LEU E 171 14.36 -60.19 17.11
N VAL E 172 13.17 -60.79 17.18
CA VAL E 172 12.98 -61.97 18.01
C VAL E 172 13.88 -63.10 17.53
N SER E 173 13.93 -63.33 16.21
CA SER E 173 14.80 -64.37 15.68
C SER E 173 16.26 -64.06 15.99
N ILE E 174 16.67 -62.81 15.83
CA ILE E 174 18.05 -62.43 16.14
C ILE E 174 18.35 -62.70 17.61
N VAL E 175 17.40 -62.42 18.50
CA VAL E 175 17.59 -62.70 19.91
C VAL E 175 17.77 -64.20 20.13
N ALA E 176 16.94 -65.02 19.49
CA ALA E 176 17.05 -66.46 19.65
C ALA E 176 18.40 -66.97 19.19
N ASP E 177 18.84 -66.53 18.01
CA ASP E 177 20.11 -67.02 17.48
C ASP E 177 21.28 -66.63 18.37
N GLN E 178 21.30 -65.38 18.86
CA GLN E 178 22.38 -64.96 19.73
C GLN E 178 22.33 -65.65 21.09
N LEU E 179 21.13 -65.98 21.57
CA LEU E 179 21.02 -66.75 22.80
C LEU E 179 21.56 -68.17 22.61
N GLU E 180 21.39 -68.74 21.42
CA GLU E 180 21.89 -70.08 21.16
C GLU E 180 23.40 -70.15 21.36
N LYS E 181 24.13 -69.19 20.78
CA LYS E 181 25.58 -69.16 20.86
C LYS E 181 26.08 -68.48 22.13
N ASN E 182 25.19 -68.04 23.01
CA ASN E 182 25.58 -67.36 24.25
C ASN E 182 26.36 -66.08 23.97
N ARG E 183 26.12 -65.48 22.80
CA ARG E 183 26.71 -64.19 22.49
C ARG E 183 25.89 -63.08 23.12
N LEU E 184 26.50 -61.91 23.24
CA LEU E 184 25.83 -60.78 23.87
C LEU E 184 24.66 -60.34 23.01
N PRO E 185 23.43 -60.34 23.52
CA PRO E 185 22.29 -59.88 22.72
C PRO E 185 22.44 -58.40 22.34
N SER E 186 22.08 -58.09 21.10
CA SER E 186 22.12 -56.70 20.64
C SER E 186 21.03 -55.85 21.27
N VAL E 187 20.07 -56.46 21.96
CA VAL E 187 18.97 -55.73 22.58
C VAL E 187 19.32 -55.47 24.03
N HIS E 188 19.36 -54.19 24.41
CA HIS E 188 19.63 -53.83 25.79
C HIS E 188 18.47 -54.24 26.67
N PRO E 189 18.74 -54.65 27.92
CA PRO E 189 17.64 -55.16 28.77
C PRO E 189 16.49 -54.18 28.92
N HIS E 190 16.79 -52.89 29.07
CA HIS E 190 15.73 -51.90 29.16
C HIS E 190 14.86 -51.89 27.91
N HIS E 191 15.48 -52.07 26.74
CA HIS E 191 14.76 -52.04 25.48
C HIS E 191 13.79 -53.22 25.33
N SER E 192 14.00 -54.30 26.10
CA SER E 192 13.18 -55.49 25.92
C SER E 192 11.70 -55.21 26.18
N MET E 193 11.39 -54.28 27.09
CA MET E 193 10.00 -53.94 27.36
C MET E 193 9.31 -53.35 26.14
N LEU E 194 10.07 -52.85 25.17
CA LEU E 194 9.53 -52.19 23.99
C LEU E 194 9.27 -53.15 22.84
N TYR E 195 9.63 -54.42 22.97
CA TYR E 195 9.48 -55.38 21.90
C TYR E 195 8.77 -56.62 22.42
N PRO E 196 8.05 -57.34 21.54
CA PRO E 196 7.27 -58.53 21.92
C PRO E 196 8.11 -59.81 22.05
N LEU E 197 8.75 -59.97 23.21
CA LEU E 197 9.56 -61.13 23.50
C LEU E 197 8.99 -61.90 24.69
N SER E 198 9.37 -63.17 24.78
CA SER E 198 8.96 -63.97 25.92
C SER E 198 9.57 -63.43 27.20
N HIS E 199 8.83 -63.54 28.30
CA HIS E 199 9.33 -63.05 29.58
C HIS E 199 10.66 -63.70 29.93
N GLY E 200 10.78 -65.01 29.69
CA GLY E 200 12.07 -65.66 29.88
C GLY E 200 13.13 -65.14 28.95
N PHE E 201 12.78 -64.92 27.68
CA PHE E 201 13.72 -64.31 26.75
C PHE E 201 14.30 -63.03 27.33
N ARG E 202 13.43 -62.14 27.81
CA ARG E 202 13.89 -60.88 28.40
C ARG E 202 14.80 -61.14 29.60
N LYS E 203 14.37 -62.05 30.48
CA LYS E 203 15.13 -62.31 31.71
C LYS E 203 16.59 -62.63 31.39
N ALA E 204 16.82 -63.52 30.43
CA ALA E 204 18.17 -63.92 30.10
C ALA E 204 19.03 -62.72 29.72
N ILE E 205 18.46 -61.78 28.96
CA ILE E 205 19.20 -60.60 28.53
C ILE E 205 19.76 -59.88 29.75
N ALA E 206 18.95 -59.69 30.78
CA ALA E 206 19.41 -59.05 32.00
C ALA E 206 20.60 -59.79 32.59
N GLU E 207 20.48 -61.12 32.73
CA GLU E 207 21.59 -61.89 33.31
C GLU E 207 22.86 -61.68 32.51
N ARG E 208 22.79 -61.82 31.18
CA ARG E 208 23.96 -61.63 30.34
C ARG E 208 24.68 -60.34 30.69
N HIS E 209 23.93 -59.23 30.75
CA HIS E 209 24.53 -57.94 31.09
C HIS E 209 25.06 -57.95 32.51
N GLY E 210 24.31 -58.56 33.45
CA GLY E 210 24.83 -58.74 34.79
C GLY E 210 26.10 -59.57 34.80
N ASN E 211 26.14 -60.64 34.00
CA ASN E 211 27.35 -61.42 33.87
C ASN E 211 28.49 -60.58 33.30
N LEU E 212 28.16 -59.59 32.46
CA LEU E 212 29.18 -58.66 31.98
C LEU E 212 29.81 -57.90 33.14
N CYS E 213 28.99 -57.44 34.09
CA CYS E 213 29.53 -56.81 35.29
C CYS E 213 30.35 -57.80 36.11
N LEU E 214 29.87 -59.05 36.21
CA LEU E 214 30.62 -60.06 36.95
C LEU E 214 32.01 -60.25 36.35
N ASP E 215 32.08 -60.35 35.02
CA ASP E 215 33.37 -60.51 34.36
C ASP E 215 34.27 -59.30 34.57
N LYS E 216 33.69 -58.10 34.62
CA LYS E 216 34.49 -56.89 34.80
C LYS E 216 35.05 -56.80 36.20
N ILE E 217 34.41 -57.44 37.18
CA ILE E 217 34.90 -57.38 38.56
C ILE E 217 35.83 -58.53 38.91
N ASN E 218 35.84 -59.61 38.11
CA ASN E 218 36.70 -60.75 38.44
C ASN E 218 38.16 -60.36 38.49
N VAL E 219 38.57 -59.35 37.71
CA VAL E 219 39.99 -58.99 37.63
C VAL E 219 40.51 -58.56 39.00
N LEU E 220 39.66 -57.96 39.84
CA LEU E 220 40.12 -57.56 41.16
C LEU E 220 40.40 -58.74 42.08
N HIS E 221 39.78 -59.90 41.83
CA HIS E 221 39.96 -61.09 42.65
C HIS E 221 39.66 -60.82 44.12
N LYS E 222 38.86 -59.79 44.40
CA LYS E 222 38.58 -59.44 45.79
C LYS E 222 37.82 -60.57 46.48
N PRO E 223 38.21 -60.94 47.69
CA PRO E 223 37.49 -62.01 48.41
C PRO E 223 36.11 -61.55 48.82
N PRO E 224 35.19 -62.48 49.06
CA PRO E 224 33.83 -62.10 49.47
C PRO E 224 33.86 -61.27 50.74
N TYR E 225 32.96 -60.30 50.82
CA TYR E 225 32.91 -59.41 51.96
C TYR E 225 32.18 -60.06 53.13
N GLU E 226 32.71 -59.87 54.33
CA GLU E 226 32.07 -60.36 55.54
C GLU E 226 30.98 -59.37 55.96
N HIS E 227 29.74 -59.84 56.00
CA HIS E 227 28.63 -58.93 56.25
C HIS E 227 28.18 -59.03 57.71
N PRO E 228 27.85 -57.90 58.33
CA PRO E 228 27.33 -57.95 59.70
C PRO E 228 26.05 -58.78 59.77
N LYS E 229 25.91 -59.55 60.84
CA LYS E 229 24.71 -60.34 61.08
C LYS E 229 23.79 -59.74 62.12
N ASP E 230 24.12 -58.56 62.66
CA ASP E 230 23.29 -57.91 63.67
C ASP E 230 23.52 -56.41 63.59
N LEU E 231 22.65 -55.67 64.26
CA LEU E 231 22.77 -54.22 64.35
C LEU E 231 23.43 -53.76 65.65
N LYS E 232 24.07 -54.68 66.38
CA LYS E 232 24.74 -54.30 67.61
C LYS E 232 25.79 -53.22 67.35
N LEU E 233 26.55 -53.36 66.26
CA LEU E 233 27.50 -52.33 65.87
C LEU E 233 26.81 -51.06 65.39
N SER E 234 25.53 -51.15 65.02
CA SER E 234 24.78 -50.01 64.49
C SER E 234 23.79 -49.43 65.50
N ASP E 235 23.95 -49.76 66.78
CA ASP E 235 23.05 -49.28 67.83
C ASP E 235 21.60 -49.60 67.49
N GLY E 236 21.36 -50.81 67.00
CA GLY E 236 20.01 -51.22 66.65
C GLY E 236 19.43 -50.48 65.47
N ARG E 237 20.26 -49.81 64.68
CA ARG E 237 19.81 -49.04 63.52
C ARG E 237 20.12 -49.81 62.24
N LEU E 238 19.12 -50.00 61.40
CA LEU E 238 19.33 -50.65 60.11
C LEU E 238 20.00 -49.67 59.16
N ARG E 239 21.20 -50.01 58.71
CA ARG E 239 21.97 -49.17 57.80
C ARG E 239 21.56 -49.50 56.37
N VAL E 240 20.98 -48.53 55.68
CA VAL E 240 20.50 -48.70 54.31
C VAL E 240 21.23 -47.71 53.42
N GLY E 241 21.84 -48.23 52.35
CA GLY E 241 22.55 -47.38 51.42
C GLY E 241 21.86 -47.29 50.08
N TYR E 242 21.41 -46.09 49.72
CA TYR E 242 20.78 -45.84 48.43
C TYR E 242 21.87 -45.47 47.43
N VAL E 243 22.03 -46.29 46.40
CA VAL E 243 23.07 -46.10 45.38
C VAL E 243 22.38 -45.74 44.07
N SER E 244 22.68 -44.55 43.55
CA SER E 244 22.07 -44.09 42.32
C SER E 244 22.92 -42.99 41.72
N SER E 245 22.83 -42.84 40.40
CA SER E 245 23.52 -41.78 39.67
C SER E 245 22.60 -40.62 39.32
N ASP E 246 21.39 -40.60 39.88
CA ASP E 246 20.38 -39.61 39.54
C ASP E 246 20.08 -38.68 40.71
N PHE E 247 21.08 -38.40 41.54
CA PHE E 247 20.93 -37.47 42.66
C PHE E 247 21.10 -36.05 42.13
N GLY E 248 20.01 -35.51 41.58
CA GLY E 248 20.02 -34.19 41.00
C GLY E 248 18.75 -33.91 40.22
N ASN E 249 18.86 -33.21 39.10
CA ASN E 249 17.71 -32.88 38.27
C ASN E 249 17.34 -34.06 37.37
N HIS E 250 17.05 -35.19 38.00
CA HIS E 250 16.66 -36.38 37.28
C HIS E 250 15.35 -36.91 37.84
N PRO E 251 14.49 -37.48 36.98
CA PRO E 251 13.17 -37.95 37.44
C PRO E 251 13.22 -38.71 38.74
N THR E 252 14.19 -39.61 38.87
CA THR E 252 14.33 -40.39 40.10
C THR E 252 14.37 -39.47 41.32
N SER E 253 15.23 -38.45 41.28
CA SER E 253 15.31 -37.51 42.39
C SER E 253 13.99 -36.76 42.58
N HIS E 254 13.37 -36.33 41.50
CA HIS E 254 12.07 -35.67 41.59
C HIS E 254 10.99 -36.58 42.16
N LEU E 255 11.26 -37.87 42.28
CA LEU E 255 10.29 -38.84 42.76
C LEU E 255 10.47 -39.22 44.22
N MET E 256 11.70 -39.33 44.71
CA MET E 256 11.95 -39.85 46.05
C MET E 256 12.90 -38.95 46.84
N GLN E 257 12.85 -37.63 46.62
CA GLN E 257 13.79 -36.75 47.28
C GLN E 257 13.47 -36.56 48.76
N SER E 258 12.21 -36.74 49.16
CA SER E 258 11.84 -36.57 50.56
C SER E 258 12.11 -37.81 51.40
N ILE E 259 12.18 -38.99 50.79
CA ILE E 259 12.31 -40.23 51.56
C ILE E 259 13.55 -40.21 52.45
N PRO E 260 14.74 -39.84 51.96
CA PRO E 260 15.93 -39.91 52.83
C PRO E 260 15.78 -39.14 54.14
N GLY E 261 15.12 -37.98 54.11
CA GLY E 261 14.90 -37.24 55.33
C GLY E 261 13.77 -37.75 56.20
N MET E 262 12.91 -38.60 55.64
CA MET E 262 11.74 -39.10 56.36
C MET E 262 11.99 -40.40 57.11
N HIS E 263 13.15 -41.03 56.91
CA HIS E 263 13.46 -42.26 57.62
C HIS E 263 13.52 -42.02 59.11
N ASN E 264 13.01 -42.98 59.88
CA ASN E 264 13.02 -42.87 61.32
C ASN E 264 14.44 -43.01 61.83
N PRO E 265 15.05 -41.96 62.40
CA PRO E 265 16.46 -42.07 62.82
C PRO E 265 16.68 -43.03 63.98
N ASP E 266 15.63 -43.39 64.72
CA ASP E 266 15.80 -44.30 65.85
C ASP E 266 16.11 -45.72 65.40
N LYS E 267 15.58 -46.13 64.25
CA LYS E 267 15.74 -47.50 63.78
C LYS E 267 16.56 -47.63 62.50
N PHE E 268 16.87 -46.54 61.82
CA PHE E 268 17.55 -46.59 60.54
C PHE E 268 18.68 -45.57 60.48
N GLU E 269 19.67 -45.87 59.64
CA GLU E 269 20.74 -44.93 59.30
C GLU E 269 20.85 -44.91 57.78
N VAL E 270 20.67 -43.72 57.20
CA VAL E 270 20.53 -43.58 55.75
C VAL E 270 21.86 -43.15 55.16
N PHE E 271 22.35 -43.92 54.19
CA PHE E 271 23.53 -43.57 53.43
C PHE E 271 23.14 -43.39 51.97
N CYS E 272 23.63 -42.31 51.36
CA CYS E 272 23.37 -42.02 49.96
C CYS E 272 24.68 -42.12 49.20
N TYR E 273 24.73 -43.00 48.20
CA TYR E 273 25.93 -43.22 47.39
C TYR E 273 25.64 -42.70 45.99
N ALA E 274 26.17 -41.52 45.69
CA ALA E 274 25.91 -40.84 44.43
C ALA E 274 26.93 -41.30 43.39
N LEU E 275 26.44 -41.80 42.26
CA LEU E 275 27.29 -42.21 41.16
C LEU E 275 27.59 -41.06 40.20
N SER E 276 27.08 -39.87 40.47
CA SER E 276 27.26 -38.69 39.64
C SER E 276 27.75 -37.54 40.49
N PRO E 277 28.44 -36.57 39.89
CA PRO E 277 28.88 -35.39 40.63
C PRO E 277 27.72 -34.44 40.90
N ASP E 278 27.96 -33.50 41.82
CA ASP E 278 26.95 -32.52 42.17
C ASP E 278 26.59 -31.67 40.95
N ASP E 279 25.30 -31.60 40.64
CA ASP E 279 24.82 -30.81 39.52
C ASP E 279 24.40 -29.40 39.93
N GLY E 280 24.54 -29.05 41.22
CA GLY E 280 24.22 -27.72 41.69
C GLY E 280 22.75 -27.45 41.92
N THR E 281 21.88 -28.42 41.67
CA THR E 281 20.45 -28.20 41.83
C THR E 281 20.03 -28.41 43.28
N ASN E 282 18.85 -27.88 43.61
CA ASN E 282 18.32 -28.03 44.97
C ASN E 282 17.98 -29.47 45.31
N PHE E 283 17.77 -30.33 44.31
CA PHE E 283 17.48 -31.73 44.57
C PHE E 283 18.65 -32.41 45.28
N ARG E 284 19.85 -32.27 44.73
CA ARG E 284 21.02 -32.83 45.39
C ARG E 284 21.22 -32.21 46.78
N VAL E 285 21.03 -30.89 46.89
CA VAL E 285 21.22 -30.23 48.17
C VAL E 285 20.29 -30.82 49.22
N LYS E 286 19.05 -31.09 48.85
CA LYS E 286 18.09 -31.66 49.79
C LYS E 286 18.51 -33.06 50.23
N VAL E 287 18.86 -33.92 49.26
CA VAL E 287 19.29 -35.27 49.60
C VAL E 287 20.55 -35.23 50.46
N MET E 288 21.50 -34.38 50.10
CA MET E 288 22.76 -34.33 50.84
C MET E 288 22.54 -33.90 52.28
N ALA E 289 21.68 -32.91 52.50
CA ALA E 289 21.47 -32.40 53.85
C ALA E 289 20.60 -33.33 54.70
N GLU E 290 19.55 -33.91 54.11
CA GLU E 290 18.62 -34.71 54.90
C GLU E 290 19.19 -36.07 55.26
N ALA E 291 19.87 -36.72 54.33
CA ALA E 291 20.41 -38.05 54.58
C ALA E 291 21.47 -38.01 55.67
N ASN E 292 21.52 -39.06 56.48
CA ASN E 292 22.50 -39.11 57.57
C ASN E 292 23.92 -39.00 57.03
N HIS E 293 24.21 -39.68 55.92
CA HIS E 293 25.53 -39.61 55.30
C HIS E 293 25.37 -39.62 53.79
N PHE E 294 26.13 -38.74 53.12
CA PHE E 294 26.17 -38.66 51.67
C PHE E 294 27.59 -38.90 51.20
N ILE E 295 27.77 -39.87 50.31
CA ILE E 295 29.07 -40.23 49.79
C ILE E 295 29.04 -40.07 48.27
N ASP E 296 29.99 -39.30 47.74
CA ASP E 296 30.11 -39.11 46.29
C ASP E 296 31.13 -40.11 45.77
N LEU E 297 30.64 -41.17 45.14
CA LEU E 297 31.52 -42.16 44.51
C LEU E 297 32.09 -41.68 43.18
N SER E 298 31.65 -40.52 42.68
CA SER E 298 32.19 -39.98 41.45
C SER E 298 33.70 -39.72 41.55
N GLN E 299 34.22 -39.54 42.76
CA GLN E 299 35.66 -39.44 42.98
C GLN E 299 36.29 -40.79 43.32
N ILE E 300 35.53 -41.88 43.23
CA ILE E 300 36.04 -43.21 43.51
C ILE E 300 35.72 -44.11 42.31
N PRO E 301 36.34 -43.87 41.15
CA PRO E 301 36.01 -44.70 39.98
C PRO E 301 36.27 -46.18 40.18
N CYS E 302 37.32 -46.54 40.92
CA CYS E 302 37.63 -47.95 41.16
C CYS E 302 36.48 -48.64 41.88
N ASN E 303 35.83 -49.57 41.20
CA ASN E 303 34.68 -50.27 41.81
C ASN E 303 35.10 -51.05 43.04
N GLY E 304 36.29 -51.67 43.01
CA GLY E 304 36.76 -52.38 44.18
C GLY E 304 36.90 -51.48 45.39
N LYS E 305 37.53 -50.32 45.20
CA LYS E 305 37.71 -49.39 46.31
C LYS E 305 36.37 -48.79 46.74
N ALA E 306 35.49 -48.49 45.78
CA ALA E 306 34.16 -47.97 46.13
C ALA E 306 33.37 -49.00 46.92
N ALA E 307 33.43 -50.27 46.51
CA ALA E 307 32.78 -51.32 47.29
C ALA E 307 33.40 -51.43 48.67
N ASP E 308 34.71 -51.25 48.77
CA ASP E 308 35.37 -51.23 50.07
C ASP E 308 34.80 -50.11 50.95
N ARG E 309 34.57 -48.94 50.36
CA ARG E 309 33.96 -47.84 51.10
C ARG E 309 32.55 -48.21 51.56
N ILE E 310 31.77 -48.86 50.70
CA ILE E 310 30.44 -49.30 51.08
C ILE E 310 30.51 -50.29 52.23
N HIS E 311 31.43 -51.26 52.12
CA HIS E 311 31.54 -52.28 53.16
C HIS E 311 31.92 -51.67 54.50
N GLN E 312 32.95 -50.81 54.52
CA GLN E 312 33.39 -50.23 55.78
C GLN E 312 32.32 -49.33 56.40
N ASP E 313 31.41 -48.78 55.59
CA ASP E 313 30.30 -48.01 56.15
C ASP E 313 29.34 -48.88 56.94
N GLY E 314 29.41 -50.20 56.78
CA GLY E 314 28.54 -51.09 57.52
C GLY E 314 27.13 -51.19 56.98
N ILE E 315 26.93 -50.98 55.68
CA ILE E 315 25.60 -51.08 55.09
C ILE E 315 25.06 -52.49 55.30
N HIS E 316 23.82 -52.58 55.78
CA HIS E 316 23.13 -53.85 55.90
C HIS E 316 22.23 -54.15 54.71
N ILE E 317 21.57 -53.14 54.16
CA ILE E 317 20.72 -53.27 52.97
C ILE E 317 21.17 -52.26 51.94
N LEU E 318 21.45 -52.72 50.73
CA LEU E 318 21.88 -51.88 49.63
C LEU E 318 20.78 -51.81 48.58
N VAL E 319 20.46 -50.60 48.13
CA VAL E 319 19.36 -50.36 47.21
C VAL E 319 19.93 -49.86 45.89
N ASN E 320 19.62 -50.57 44.81
CA ASN E 320 20.05 -50.21 43.47
C ASN E 320 18.92 -49.42 42.80
N MET E 321 19.18 -48.14 42.50
CA MET E 321 18.20 -47.25 41.90
C MET E 321 18.55 -46.91 40.46
N ASN E 322 19.44 -47.67 39.83
CA ASN E 322 19.89 -47.40 38.47
C ASN E 322 19.49 -48.47 37.47
N GLY E 323 19.55 -49.74 37.85
CA GLY E 323 19.28 -50.78 36.88
C GLY E 323 20.28 -50.71 35.74
N TYR E 324 19.79 -50.95 34.52
CA TYR E 324 20.62 -50.88 33.32
C TYR E 324 20.48 -49.54 32.61
N THR E 325 20.20 -48.47 33.37
CA THR E 325 20.09 -47.14 32.80
C THR E 325 21.46 -46.47 32.74
N LYS E 326 21.49 -45.30 32.10
CA LYS E 326 22.75 -44.58 31.93
C LYS E 326 23.36 -44.23 33.28
N GLY E 327 24.69 -44.25 33.33
CA GLY E 327 25.41 -43.90 34.53
C GLY E 327 25.49 -44.99 35.58
N ALA E 328 24.89 -46.15 35.34
CA ALA E 328 24.90 -47.22 36.32
C ALA E 328 26.30 -47.77 36.52
N ARG E 329 26.58 -48.20 37.75
CA ARG E 329 27.83 -48.85 38.13
C ARG E 329 27.54 -50.18 38.81
N ASN E 330 26.71 -51.00 38.16
CA ASN E 330 26.23 -52.25 38.75
C ASN E 330 27.36 -53.16 39.20
N GLU E 331 28.59 -52.95 38.71
CA GLU E 331 29.70 -53.76 39.16
C GLU E 331 29.83 -53.75 40.68
N LEU E 332 29.50 -52.62 41.31
CA LEU E 332 29.56 -52.54 42.77
C LEU E 332 28.62 -53.54 43.42
N PHE E 333 27.39 -53.65 42.92
CA PHE E 333 26.47 -54.65 43.44
C PHE E 333 26.94 -56.06 43.12
N ALA E 334 27.71 -56.23 42.03
CA ALA E 334 28.26 -57.53 41.72
C ALA E 334 29.24 -58.00 42.78
N LEU E 335 29.87 -57.06 43.49
CA LEU E 335 30.81 -57.39 44.56
C LEU E 335 30.12 -57.74 45.87
N ARG E 336 28.81 -57.61 45.94
CA ARG E 336 28.03 -57.92 47.14
C ARG E 336 28.67 -57.32 48.40
N PRO E 337 28.86 -56.00 48.44
CA PRO E 337 29.40 -55.37 49.66
C PRO E 337 28.44 -55.40 50.83
N ALA E 338 27.17 -55.74 50.61
CA ALA E 338 26.17 -55.79 51.66
C ALA E 338 25.44 -57.13 51.64
N PRO E 339 24.97 -57.59 52.79
CA PRO E 339 24.27 -58.88 52.82
C PRO E 339 22.98 -58.88 52.00
N ILE E 340 22.24 -57.77 52.01
CA ILE E 340 20.97 -57.66 51.31
C ILE E 340 21.08 -56.55 50.27
N GLN E 341 20.82 -56.89 49.02
CA GLN E 341 20.83 -55.93 47.92
C GLN E 341 19.58 -56.15 47.08
N ALA E 342 18.85 -55.07 46.80
CA ALA E 342 17.59 -55.17 46.09
C ALA E 342 17.45 -54.02 45.10
N MET E 343 16.64 -54.25 44.08
CA MET E 343 16.34 -53.25 43.07
C MET E 343 15.06 -52.51 43.44
N TRP E 344 15.08 -51.19 43.29
CA TRP E 344 13.94 -50.37 43.64
C TRP E 344 13.82 -49.21 42.65
N LEU E 345 12.58 -48.85 42.32
CA LEU E 345 12.32 -47.80 41.33
C LEU E 345 13.23 -48.00 40.12
N GLY E 346 13.89 -46.93 39.70
CA GLY E 346 14.91 -47.03 38.67
C GLY E 346 14.53 -47.92 37.51
N TYR E 347 15.27 -49.01 37.34
CA TYR E 347 15.02 -49.94 36.25
C TYR E 347 13.63 -50.55 36.37
N PRO E 348 12.76 -50.42 35.35
CA PRO E 348 11.42 -51.03 35.39
C PRO E 348 11.39 -52.45 34.82
N GLY E 349 12.30 -53.29 35.28
CA GLY E 349 12.37 -54.66 34.80
C GLY E 349 13.25 -55.49 35.69
N THR E 350 13.33 -56.77 35.36
CA THR E 350 14.14 -57.69 36.14
C THR E 350 15.62 -57.48 35.88
N SER E 351 16.43 -57.85 36.87
CA SER E 351 17.88 -57.77 36.74
C SER E 351 18.50 -59.09 36.28
N GLY E 352 17.87 -60.21 36.60
CA GLY E 352 18.42 -61.52 36.27
C GLY E 352 19.82 -61.69 36.80
N ALA E 353 20.17 -60.88 37.81
CA ALA E 353 21.53 -60.84 38.33
C ALA E 353 21.59 -61.60 39.65
N LEU E 354 22.59 -62.47 39.78
CA LEU E 354 22.72 -63.27 40.99
C LEU E 354 22.87 -62.39 42.22
N PHE E 355 23.62 -61.29 42.10
CA PHE E 355 23.90 -60.42 43.24
C PHE E 355 22.72 -59.55 43.64
N MET E 356 21.67 -59.46 42.81
CA MET E 356 20.46 -58.72 43.16
C MET E 356 19.47 -59.68 43.80
N ASP E 357 19.21 -59.48 45.09
CA ASP E 357 18.37 -60.43 45.84
C ASP E 357 16.88 -60.16 45.64
N TYR E 358 16.47 -58.89 45.72
CA TYR E 358 15.05 -58.55 45.74
C TYR E 358 14.75 -57.49 44.69
N ILE E 359 13.45 -57.30 44.47
CA ILE E 359 12.93 -56.26 43.58
C ILE E 359 11.62 -55.76 44.19
N ILE E 360 11.63 -54.50 44.63
CA ILE E 360 10.44 -53.94 45.28
C ILE E 360 9.35 -53.71 44.24
N THR E 361 8.16 -54.23 44.53
CA THR E 361 7.04 -54.17 43.59
C THR E 361 5.74 -54.27 44.38
N ASP E 362 4.64 -54.27 43.64
CA ASP E 362 3.31 -54.47 44.22
C ASP E 362 2.54 -55.44 43.34
N GLN E 363 1.51 -56.06 43.93
CA GLN E 363 0.79 -57.13 43.24
C GLN E 363 0.36 -56.71 41.84
N GLU E 364 -0.26 -55.54 41.70
CA GLU E 364 -0.67 -55.07 40.39
C GLU E 364 0.53 -55.00 39.44
N THR E 365 1.60 -54.32 39.87
CA THR E 365 2.77 -54.18 39.02
C THR E 365 3.36 -55.53 38.67
N SER E 366 3.63 -56.36 39.68
CA SER E 366 4.24 -57.68 39.51
C SER E 366 3.37 -58.71 40.23
N PRO E 367 2.30 -59.17 39.61
CA PRO E 367 1.48 -60.22 40.24
C PRO E 367 2.32 -61.45 40.54
N ALA E 368 2.00 -62.11 41.66
CA ALA E 368 2.78 -63.26 42.09
C ALA E 368 2.87 -64.31 40.98
N GLU E 369 1.79 -64.46 40.21
CA GLU E 369 1.78 -65.41 39.09
C GLU E 369 3.04 -65.27 38.25
N VAL E 370 3.32 -64.07 37.78
CA VAL E 370 4.56 -63.80 37.07
C VAL E 370 5.69 -63.74 38.10
N ALA E 371 6.54 -64.76 38.09
CA ALA E 371 7.71 -64.78 38.95
C ALA E 371 9.00 -65.02 38.18
N GLU E 372 8.97 -65.88 37.16
CA GLU E 372 10.16 -66.09 36.33
C GLU E 372 10.54 -64.82 35.60
N GLN E 373 9.58 -63.95 35.30
CA GLN E 373 9.88 -62.69 34.65
C GLN E 373 10.91 -61.89 35.44
N TYR E 374 10.88 -61.97 36.77
CA TYR E 374 11.80 -61.25 37.64
C TYR E 374 12.60 -62.28 38.45
N SER E 375 13.90 -62.37 38.16
CA SER E 375 14.75 -63.33 38.87
C SER E 375 14.80 -63.02 40.36
N GLU E 376 14.93 -61.74 40.72
CA GLU E 376 15.04 -61.36 42.11
C GLU E 376 13.75 -61.68 42.87
N LYS E 377 13.89 -62.00 44.15
CA LYS E 377 12.73 -62.28 44.98
C LYS E 377 11.81 -61.06 45.01
N LEU E 378 10.50 -61.33 44.97
CA LEU E 378 9.51 -60.25 44.91
C LEU E 378 9.29 -59.68 46.31
N ALA E 379 9.48 -58.37 46.44
CA ALA E 379 9.21 -57.65 47.68
C ALA E 379 8.03 -56.72 47.42
N TYR E 380 6.92 -56.98 48.11
CA TYR E 380 5.67 -56.30 47.82
C TYR E 380 5.49 -55.08 48.72
N MET E 381 5.22 -53.91 48.10
CA MET E 381 4.72 -52.80 48.90
C MET E 381 3.21 -52.93 49.05
N PRO E 382 2.64 -52.41 50.15
CA PRO E 382 1.21 -52.64 50.40
C PRO E 382 0.30 -52.08 49.31
N HIS E 383 0.45 -50.81 48.95
CA HIS E 383 -0.42 -50.17 47.96
C HIS E 383 0.23 -50.12 46.58
N THR E 384 1.40 -49.49 46.48
CA THR E 384 2.10 -49.38 45.21
C THR E 384 3.56 -49.04 45.48
N PHE E 385 4.45 -49.58 44.65
CA PHE E 385 5.87 -49.31 44.82
C PHE E 385 6.22 -47.90 44.37
N PHE E 386 5.48 -47.34 43.42
CA PHE E 386 5.82 -46.03 42.87
C PHE E 386 5.39 -44.93 43.83
N ILE E 387 6.20 -43.88 43.90
CA ILE E 387 5.98 -42.77 44.81
C ILE E 387 6.46 -41.49 44.15
N GLY E 388 5.71 -40.42 44.35
CA GLY E 388 6.06 -39.12 43.77
C GLY E 388 6.13 -38.04 44.83
N ASP E 389 7.13 -37.16 44.68
CA ASP E 389 7.32 -36.05 45.60
C ASP E 389 6.51 -34.81 45.21
N HIS E 390 5.44 -35.00 44.43
CA HIS E 390 4.68 -33.86 43.93
C HIS E 390 4.08 -33.05 45.07
N ALA E 391 3.64 -33.72 46.14
CA ALA E 391 3.03 -33.01 47.25
C ALA E 391 3.97 -31.93 47.79
N ASN E 392 5.27 -32.16 47.75
CA ASN E 392 6.25 -31.19 48.21
C ASN E 392 6.67 -30.24 47.11
N MET E 393 6.82 -30.73 45.88
CA MET E 393 7.35 -29.90 44.81
C MET E 393 6.32 -28.91 44.27
N PHE E 394 5.06 -29.34 44.18
CA PHE E 394 3.99 -28.54 43.56
C PHE E 394 2.79 -28.47 44.49
N PRO E 395 2.92 -27.74 45.60
CA PRO E 395 1.76 -27.56 46.48
C PRO E 395 0.77 -26.56 45.93
N HIS E 396 1.23 -25.60 45.11
CA HIS E 396 0.32 -24.59 44.58
C HIS E 396 -0.76 -25.21 43.69
N LEU E 397 -0.56 -26.44 43.23
CA LEU E 397 -1.57 -27.15 42.46
C LEU E 397 -2.53 -27.95 43.34
N LYS E 398 -2.37 -27.88 44.66
CA LYS E 398 -3.31 -28.55 45.56
C LYS E 398 -4.71 -27.99 45.39
N LYS E 399 -4.84 -26.67 45.28
CA LYS E 399 -6.11 -26.01 45.05
C LYS E 399 -5.99 -25.09 43.84
N LYS E 400 -7.07 -25.00 43.06
CA LYS E 400 -7.09 -24.24 41.82
C LYS E 400 -8.31 -23.33 41.79
N ALA E 401 -8.32 -22.45 40.79
CA ALA E 401 -9.46 -21.57 40.53
C ALA E 401 -9.61 -21.39 39.03
N VAL E 402 -10.84 -21.10 38.60
CA VAL E 402 -11.13 -20.89 37.19
C VAL E 402 -11.87 -19.57 37.04
N ILE E 403 -11.82 -19.02 35.83
CA ILE E 403 -12.53 -17.79 35.47
C ILE E 403 -13.66 -18.15 34.52
N ASP E 404 -14.87 -17.69 34.85
CA ASP E 404 -16.04 -18.04 34.06
C ASP E 404 -15.91 -17.53 32.63
N PHE E 405 -15.76 -18.44 31.67
CA PHE E 405 -15.71 -18.04 30.27
C PHE E 405 -16.98 -17.30 29.88
N LYS E 406 -18.13 -17.73 30.42
CA LYS E 406 -19.41 -17.07 30.22
C LYS E 406 -19.95 -17.31 28.81
N SER E 407 -19.13 -17.92 27.96
CA SER E 407 -19.49 -18.26 26.58
C SER E 407 -20.62 -17.42 26.00
N ILE E 411 -19.60 -25.07 34.87
CA ILE E 411 -18.62 -24.22 34.22
C ILE E 411 -17.37 -25.02 33.86
N TYR E 412 -16.63 -24.52 32.87
CA TYR E 412 -15.44 -25.22 32.41
C TYR E 412 -14.39 -25.23 33.51
N ASP E 413 -13.94 -26.44 33.89
CA ASP E 413 -12.92 -26.57 34.93
C ASP E 413 -11.51 -26.67 34.37
N ASN E 414 -11.35 -26.97 33.09
CA ASN E 414 -10.04 -27.18 32.48
C ASN E 414 -9.85 -26.30 31.27
N ARG E 415 -10.36 -25.07 31.32
CA ARG E 415 -10.23 -24.12 30.22
C ARG E 415 -9.36 -22.93 30.58
N ILE E 416 -9.67 -22.24 31.67
CA ILE E 416 -8.82 -21.16 32.19
C ILE E 416 -8.70 -21.39 33.69
N VAL E 417 -7.48 -21.74 34.14
CA VAL E 417 -7.25 -22.13 35.53
C VAL E 417 -6.14 -21.27 36.12
N LEU E 418 -6.22 -21.06 37.43
CA LEU E 418 -5.23 -20.28 38.16
C LEU E 418 -4.80 -21.04 39.40
N ASN E 419 -3.51 -20.95 39.71
CA ASN E 419 -2.94 -21.64 40.85
C ASN E 419 -1.99 -20.69 41.59
N GLY E 420 -1.83 -20.92 42.89
CA GLY E 420 -0.97 -20.08 43.69
C GLY E 420 -1.12 -20.31 45.17
N ILE E 421 -0.04 -20.06 45.92
CA ILE E 421 -0.09 -20.20 47.37
C ILE E 421 -0.98 -19.11 47.97
N ASP E 422 -0.94 -17.92 47.41
CA ASP E 422 -1.72 -16.79 47.88
C ASP E 422 -3.09 -16.69 47.21
N LEU E 423 -3.46 -17.69 46.41
CA LEU E 423 -4.72 -17.63 45.67
C LEU E 423 -5.89 -17.35 46.59
N LYS E 424 -5.94 -18.01 47.75
CA LYS E 424 -7.03 -17.79 48.69
C LYS E 424 -7.12 -16.32 49.10
N ALA E 425 -5.98 -15.74 49.49
CA ALA E 425 -5.99 -14.34 49.93
C ALA E 425 -6.38 -13.41 48.78
N PHE E 426 -5.91 -13.70 47.57
CA PHE E 426 -6.30 -12.88 46.42
C PHE E 426 -7.80 -12.92 46.19
N LEU E 427 -8.41 -14.10 46.26
CA LEU E 427 -9.85 -14.21 46.05
C LEU E 427 -10.62 -13.40 47.08
N ASP E 428 -10.11 -13.30 48.30
CA ASP E 428 -10.78 -12.51 49.34
C ASP E 428 -10.83 -11.03 48.99
N SER E 429 -9.90 -10.55 48.16
CA SER E 429 -9.96 -9.17 47.69
C SER E 429 -10.88 -8.98 46.50
N LEU E 430 -11.49 -10.06 46.00
CA LEU E 430 -12.39 -9.98 44.86
C LEU E 430 -13.83 -9.92 45.32
N PRO E 431 -14.64 -9.03 44.74
CA PRO E 431 -16.01 -8.85 45.25
C PRO E 431 -16.96 -9.97 44.89
N ASP E 432 -16.87 -10.51 43.68
CA ASP E 432 -17.87 -11.43 43.14
C ASP E 432 -17.33 -12.84 42.97
N VAL E 433 -16.54 -13.31 43.93
CA VAL E 433 -16.01 -14.67 43.87
C VAL E 433 -17.14 -15.66 44.08
N LYS E 434 -17.28 -16.61 43.15
CA LYS E 434 -18.31 -17.63 43.19
C LYS E 434 -17.69 -18.99 43.46
N ILE E 435 -18.49 -19.89 44.04
CA ILE E 435 -18.01 -21.17 44.51
C ILE E 435 -18.87 -22.28 43.91
N VAL E 436 -18.22 -23.31 43.40
CA VAL E 436 -18.89 -24.50 42.87
C VAL E 436 -18.42 -25.69 43.67
N LYS E 437 -19.36 -26.36 44.35
CA LYS E 437 -19.01 -27.51 45.17
C LYS E 437 -18.67 -28.71 44.30
N MET E 438 -17.65 -29.46 44.70
CA MET E 438 -17.17 -30.60 43.94
C MET E 438 -17.78 -31.90 44.47
N LEU E 454 -12.36 -30.32 47.22
CA LEU E 454 -13.63 -30.11 47.91
C LEU E 454 -14.53 -29.13 47.17
N ASN E 455 -13.92 -28.08 46.60
CA ASN E 455 -14.68 -27.02 45.96
C ASN E 455 -13.80 -26.31 44.95
N MET E 456 -14.44 -25.58 44.05
CA MET E 456 -13.75 -24.85 42.98
C MET E 456 -14.25 -23.41 42.91
N PRO E 457 -13.40 -22.42 43.20
CA PRO E 457 -13.80 -21.03 42.99
C PRO E 457 -13.96 -20.72 41.51
N VAL E 458 -14.78 -19.70 41.21
CA VAL E 458 -15.03 -19.25 39.85
C VAL E 458 -15.06 -17.73 39.83
N ILE E 459 -14.38 -17.13 38.87
CA ILE E 459 -14.31 -15.68 38.73
C ILE E 459 -15.23 -15.27 37.59
N PRO E 460 -16.17 -14.35 37.82
CA PRO E 460 -17.08 -13.94 36.76
C PRO E 460 -16.37 -13.10 35.70
N MET E 461 -17.03 -12.95 34.55
CA MET E 461 -16.48 -12.18 33.45
C MET E 461 -16.55 -10.68 33.74
N ASN E 462 -15.79 -10.24 34.73
CA ASN E 462 -15.74 -8.85 35.15
C ASN E 462 -14.43 -8.20 34.68
N THR E 463 -14.20 -6.97 35.13
CA THR E 463 -13.01 -6.24 34.69
C THR E 463 -11.73 -6.99 35.05
N ILE E 464 -11.72 -7.67 36.20
CA ILE E 464 -10.52 -8.42 36.59
C ILE E 464 -10.21 -9.48 35.54
N ALA E 465 -11.22 -10.28 35.17
CA ALA E 465 -11.01 -11.26 34.10
C ALA E 465 -10.58 -10.58 32.81
N GLU E 466 -11.05 -9.36 32.57
CA GLU E 466 -10.64 -8.61 31.38
C GLU E 466 -9.14 -8.35 31.39
N ALA E 467 -8.60 -7.92 32.54
CA ALA E 467 -7.17 -7.66 32.63
C ALA E 467 -6.37 -8.94 32.45
N VAL E 468 -6.83 -10.04 33.05
CA VAL E 468 -6.13 -11.31 32.92
C VAL E 468 -6.10 -11.76 31.47
N ILE E 469 -7.26 -11.72 30.80
CA ILE E 469 -7.33 -12.13 29.40
C ILE E 469 -6.44 -11.23 28.56
N GLU E 470 -6.46 -9.92 28.83
CA GLU E 470 -5.56 -9.02 28.14
C GLU E 470 -4.10 -9.43 28.34
N MET E 471 -3.75 -9.81 29.57
CA MET E 471 -2.40 -10.31 29.83
C MET E 471 -2.09 -11.52 28.96
N ILE E 472 -2.96 -12.51 28.96
CA ILE E 472 -2.71 -13.73 28.18
C ILE E 472 -2.68 -13.41 26.70
N ASN E 473 -3.66 -12.65 26.21
CA ASN E 473 -3.74 -12.36 24.79
C ASN E 473 -2.52 -11.57 24.32
N ARG E 474 -2.07 -10.61 25.11
CA ARG E 474 -0.87 -9.85 24.75
C ARG E 474 0.41 -10.64 25.01
N GLY E 475 0.33 -11.78 25.66
CA GLY E 475 1.53 -12.55 25.97
C GLY E 475 2.47 -11.84 26.93
N GLN E 476 1.93 -10.98 27.79
CA GLN E 476 2.75 -10.23 28.72
C GLN E 476 3.28 -11.15 29.82
N ILE E 477 4.41 -10.75 30.41
CA ILE E 477 5.06 -11.58 31.42
C ILE E 477 4.18 -11.72 32.65
N GLN E 478 3.70 -10.59 33.18
CA GLN E 478 2.97 -10.59 34.44
C GLN E 478 2.21 -9.28 34.56
N ILE E 479 1.27 -9.26 35.51
CA ILE E 479 0.51 -8.06 35.84
C ILE E 479 0.34 -7.99 37.35
N THR E 480 -0.15 -6.85 37.82
CA THR E 480 -0.41 -6.62 39.23
C THR E 480 -1.88 -6.24 39.40
N ILE E 481 -2.55 -6.85 40.38
CA ILE E 481 -3.96 -6.63 40.64
C ILE E 481 -4.15 -6.56 42.15
N ASN E 482 -4.52 -5.39 42.66
CA ASN E 482 -4.69 -5.18 44.10
C ASN E 482 -3.40 -5.48 44.86
N GLY E 483 -2.26 -5.24 44.23
CA GLY E 483 -0.96 -5.57 44.79
C GLY E 483 -0.57 -7.02 44.58
N PHE E 484 -1.55 -7.92 44.56
CA PHE E 484 -1.26 -9.33 44.30
C PHE E 484 -0.60 -9.49 42.95
N SER E 485 0.39 -10.38 42.88
CA SER E 485 1.19 -10.58 41.68
C SER E 485 0.63 -11.74 40.86
N ILE E 486 0.43 -11.50 39.57
CA ILE E 486 -0.08 -12.50 38.63
C ILE E 486 0.97 -12.72 37.55
N SER E 487 1.18 -13.98 37.18
CA SER E 487 2.21 -14.35 36.22
C SER E 487 1.62 -15.21 35.12
N ASN E 488 2.16 -15.04 33.91
CA ASN E 488 1.73 -15.83 32.77
C ASN E 488 2.36 -17.21 32.81
N GLY E 489 1.55 -18.23 32.53
CA GLY E 489 2.01 -19.61 32.66
C GLY E 489 3.15 -19.97 31.73
N LEU E 490 3.35 -19.22 30.66
CA LEU E 490 4.37 -19.52 29.67
C LEU E 490 5.66 -18.75 29.89
N ALA E 491 5.72 -17.90 30.91
CA ALA E 491 6.92 -17.10 31.19
C ALA E 491 7.51 -17.41 32.56
N THR E 492 7.20 -18.58 33.13
CA THR E 492 7.75 -18.94 34.42
C THR E 492 9.27 -18.86 34.41
N THR E 493 9.89 -19.16 33.27
CA THR E 493 11.34 -19.06 33.16
C THR E 493 11.82 -17.64 33.47
N GLN E 494 11.26 -16.65 32.76
CA GLN E 494 11.66 -15.27 32.98
C GLN E 494 11.35 -14.82 34.40
N ILE E 495 10.33 -15.41 35.02
CA ILE E 495 9.94 -15.04 36.38
C ILE E 495 10.93 -15.60 37.39
N ASN E 496 11.05 -16.92 37.44
CA ASN E 496 11.95 -17.58 38.37
C ASN E 496 12.36 -18.91 37.74
N ASN E 497 13.59 -18.94 37.20
CA ASN E 497 14.11 -20.17 36.61
C ASN E 497 13.93 -21.34 37.56
N LYS E 498 14.34 -21.15 38.81
CA LYS E 498 14.23 -22.20 39.81
C LYS E 498 12.80 -22.72 39.91
N ALA E 499 11.82 -21.85 39.71
CA ALA E 499 10.42 -22.26 39.83
C ALA E 499 10.08 -23.35 38.81
N ALA E 500 10.41 -23.14 37.54
CA ALA E 500 10.12 -24.14 36.53
C ALA E 500 10.95 -25.40 36.75
N THR E 501 12.20 -25.25 37.20
CA THR E 501 13.04 -26.40 37.48
C THR E 501 12.47 -27.30 38.56
N GLY E 502 11.35 -26.92 39.19
CA GLY E 502 10.82 -27.64 40.32
C GLY E 502 11.60 -27.51 41.60
N GLU E 503 12.80 -26.94 41.54
CA GLU E 503 13.62 -26.77 42.74
C GLU E 503 13.00 -25.78 43.71
N GLU E 504 12.11 -24.92 43.24
CA GLU E 504 11.49 -23.88 44.05
C GLU E 504 10.01 -23.79 43.73
N VAL E 505 9.19 -23.62 44.76
CA VAL E 505 7.74 -23.43 44.57
C VAL E 505 7.51 -22.00 44.10
N PRO E 506 6.66 -21.79 43.10
CA PRO E 506 6.44 -20.43 42.60
C PRO E 506 5.95 -19.52 43.72
N ARG E 507 6.43 -18.27 43.69
CA ARG E 507 6.03 -17.27 44.66
C ARG E 507 4.97 -16.32 44.12
N THR E 508 4.32 -16.67 43.01
CA THR E 508 3.31 -15.83 42.37
C THR E 508 2.10 -16.69 42.02
N ILE E 509 1.07 -16.04 41.48
CA ILE E 509 -0.12 -16.72 40.99
C ILE E 509 0.04 -16.96 39.50
N ILE E 510 -0.14 -18.21 39.09
CA ILE E 510 0.08 -18.63 37.71
C ILE E 510 -1.26 -18.83 37.03
N VAL E 511 -1.40 -18.28 35.82
CA VAL E 511 -2.61 -18.42 35.02
C VAL E 511 -2.29 -19.35 33.87
N THR E 512 -3.05 -20.44 33.75
CA THR E 512 -2.89 -21.40 32.67
C THR E 512 -4.19 -21.47 31.88
N THR E 513 -4.09 -21.32 30.57
CA THR E 513 -5.26 -21.32 29.70
C THR E 513 -4.98 -22.21 28.49
N ARG E 514 -6.05 -22.81 27.96
CA ARG E 514 -5.95 -23.52 26.69
C ARG E 514 -5.51 -22.60 25.57
N SER E 515 -5.76 -21.29 25.72
CA SER E 515 -5.37 -20.32 24.70
C SER E 515 -3.87 -20.39 24.42
N GLN E 516 -3.06 -20.53 25.47
CA GLN E 516 -1.62 -20.56 25.28
C GLN E 516 -1.19 -21.76 24.46
N TYR E 517 -1.82 -22.92 24.69
CA TYR E 517 -1.48 -24.15 23.98
C TYR E 517 -2.42 -24.45 22.83
N GLY E 518 -3.37 -23.55 22.54
CA GLY E 518 -4.24 -23.72 21.39
C GLY E 518 -5.13 -24.95 21.44
N LEU E 519 -5.72 -25.22 22.60
CA LEU E 519 -6.64 -26.35 22.62
C LEU E 519 -8.06 -25.88 22.29
N PRO E 520 -8.90 -26.76 21.75
CA PRO E 520 -10.27 -26.36 21.44
C PRO E 520 -11.03 -25.97 22.69
N GLU E 521 -11.84 -24.91 22.57
CA GLU E 521 -12.55 -24.37 23.72
C GLU E 521 -13.75 -25.22 24.11
N ASP E 522 -14.36 -25.91 23.15
CA ASP E 522 -15.57 -26.70 23.39
C ASP E 522 -15.38 -28.12 22.87
N ALA E 523 -14.26 -28.74 23.23
CA ALA E 523 -13.93 -30.07 22.75
C ALA E 523 -13.23 -30.85 23.85
N ILE E 524 -13.39 -32.17 23.82
CA ILE E 524 -12.67 -33.04 24.73
C ILE E 524 -11.19 -33.03 24.36
N VAL E 525 -10.33 -33.01 25.38
CA VAL E 525 -8.89 -32.96 25.20
C VAL E 525 -8.30 -34.23 25.81
N TYR E 526 -7.98 -35.20 24.97
CA TYR E 526 -7.25 -36.39 25.38
C TYR E 526 -5.76 -36.11 25.33
N CYS E 527 -5.04 -36.47 26.39
CA CYS E 527 -3.63 -36.14 26.51
C CYS E 527 -2.82 -37.39 26.82
N ASN E 528 -1.60 -37.41 26.30
CA ASN E 528 -0.60 -38.40 26.70
C ASN E 528 0.76 -37.72 26.58
N PHE E 529 1.23 -37.16 27.69
CA PHE E 529 2.51 -36.45 27.71
C PHE E 529 3.67 -37.41 27.99
N ASN E 530 3.71 -38.51 27.24
CA ASN E 530 4.73 -39.51 27.38
C ASN E 530 5.61 -39.51 26.14
N GLN E 531 6.88 -39.88 26.33
CA GLN E 531 7.83 -39.88 25.22
C GLN E 531 7.30 -40.71 24.06
N LEU E 532 7.43 -40.16 22.85
CA LEU E 532 6.92 -40.84 21.67
C LEU E 532 7.49 -42.25 21.51
N TYR E 533 8.56 -42.58 22.23
CA TYR E 533 9.17 -43.90 22.11
C TYR E 533 8.17 -45.01 22.43
N LYS E 534 7.26 -44.78 23.37
CA LYS E 534 6.33 -45.81 23.83
C LYS E 534 5.01 -45.73 23.06
N ILE E 535 5.10 -45.86 21.74
CA ILE E 535 3.93 -45.84 20.87
C ILE E 535 4.07 -46.95 19.84
N ASP E 536 3.00 -47.70 19.63
CA ASP E 536 2.93 -48.75 18.63
C ASP E 536 1.70 -48.57 17.77
N PRO E 537 1.69 -49.16 16.57
CA PRO E 537 0.53 -48.98 15.68
C PRO E 537 -0.79 -49.36 16.34
N SER E 538 -0.80 -50.43 17.13
CA SER E 538 -2.03 -50.85 17.79
C SER E 538 -2.53 -49.78 18.76
N THR E 539 -1.61 -49.18 19.54
CA THR E 539 -2.01 -48.13 20.46
C THR E 539 -2.57 -46.92 19.72
N LEU E 540 -1.91 -46.51 18.64
CA LEU E 540 -2.40 -45.39 17.85
C LEU E 540 -3.77 -45.71 17.24
N GLN E 541 -3.93 -46.94 16.73
CA GLN E 541 -5.20 -47.31 16.13
C GLN E 541 -6.33 -47.26 17.15
N MET E 542 -6.09 -47.74 18.37
CA MET E 542 -7.10 -47.68 19.41
C MET E 542 -7.47 -46.24 19.73
N TRP E 543 -6.47 -45.37 19.85
CA TRP E 543 -6.75 -43.96 20.14
C TRP E 543 -7.49 -43.29 18.99
N ALA E 544 -7.11 -43.61 17.75
CA ALA E 544 -7.84 -43.08 16.61
C ALA E 544 -9.30 -43.49 16.66
N ASN E 545 -9.57 -44.76 16.97
CA ASN E 545 -10.94 -45.22 17.09
C ASN E 545 -11.70 -44.41 18.14
N ILE E 546 -11.08 -44.18 19.29
CA ILE E 546 -11.72 -43.40 20.35
C ILE E 546 -11.99 -41.98 19.88
N LEU E 547 -11.07 -41.41 19.09
CA LEU E 547 -11.26 -40.05 18.61
C LEU E 547 -12.46 -39.94 17.69
N LYS E 548 -12.67 -40.92 16.81
CA LYS E 548 -13.84 -40.90 15.94
C LYS E 548 -15.13 -41.02 16.75
N ARG E 549 -15.17 -41.95 17.71
CA ARG E 549 -16.38 -42.15 18.50
C ARG E 549 -16.70 -40.97 19.39
N VAL E 550 -15.74 -40.10 19.67
CA VAL E 550 -16.00 -38.87 20.39
C VAL E 550 -15.78 -37.70 19.44
N PRO E 551 -16.82 -37.25 18.74
CA PRO E 551 -16.65 -36.15 17.79
C PRO E 551 -16.21 -34.87 18.48
N ASN E 552 -15.48 -34.05 17.74
CA ASN E 552 -14.92 -32.77 18.18
C ASN E 552 -13.77 -32.95 19.15
N SER E 553 -13.46 -34.18 19.56
CA SER E 553 -12.37 -34.42 20.49
C SER E 553 -11.02 -34.32 19.78
N VAL E 554 -10.01 -33.87 20.53
CA VAL E 554 -8.65 -33.73 20.02
C VAL E 554 -7.70 -34.47 20.95
N LEU E 555 -6.55 -34.86 20.40
CA LEU E 555 -5.51 -35.54 21.15
C LEU E 555 -4.30 -34.63 21.26
N TRP E 556 -3.85 -34.41 22.50
CA TRP E 556 -2.76 -33.48 22.79
C TRP E 556 -1.50 -34.27 23.12
N LEU E 557 -0.45 -34.08 22.33
CA LEU E 557 0.83 -34.73 22.53
C LEU E 557 1.94 -33.69 22.47
N LEU E 558 3.17 -34.15 22.71
CA LEU E 558 4.34 -33.29 22.80
C LEU E 558 5.35 -33.66 21.73
N ARG E 559 6.00 -32.66 21.16
CA ARG E 559 7.12 -32.91 20.27
C ARG E 559 8.25 -33.52 21.11
N PHE E 560 8.44 -34.83 20.99
CA PHE E 560 9.32 -35.52 21.93
C PHE E 560 9.77 -36.86 21.37
N PRO E 561 10.69 -36.88 20.39
CA PRO E 561 11.31 -35.72 19.73
C PRO E 561 10.42 -35.13 18.65
N ALA E 562 10.72 -33.91 18.19
CA ALA E 562 9.90 -33.28 17.17
C ALA E 562 9.87 -34.09 15.88
N VAL E 563 10.92 -34.87 15.62
CA VAL E 563 10.99 -35.65 14.39
C VAL E 563 9.86 -36.68 14.31
N GLY E 564 9.31 -37.08 15.47
CA GLY E 564 8.22 -38.05 15.46
C GLY E 564 6.89 -37.48 15.04
N GLU E 565 6.76 -36.15 15.02
CA GLU E 565 5.48 -35.54 14.64
C GLU E 565 5.07 -35.90 13.22
N PRO E 566 5.90 -35.73 12.20
CA PRO E 566 5.47 -36.07 10.83
C PRO E 566 5.02 -37.52 10.69
N ASN E 567 5.72 -38.46 11.34
CA ASN E 567 5.32 -39.86 11.26
C ASN E 567 3.94 -40.07 11.87
N ILE E 568 3.70 -39.48 13.05
CA ILE E 568 2.42 -39.66 13.72
C ILE E 568 1.30 -39.08 12.87
N GLN E 569 1.50 -37.87 12.35
CA GLN E 569 0.45 -37.23 11.56
C GLN E 569 0.15 -38.03 10.30
N GLN E 570 1.18 -38.55 9.64
CA GLN E 570 0.95 -39.36 8.45
C GLN E 570 0.16 -40.62 8.77
N TYR E 571 0.50 -41.28 9.88
CA TYR E 571 -0.26 -42.45 10.29
C TYR E 571 -1.71 -42.09 10.58
N ALA E 572 -1.94 -40.93 11.18
CA ALA E 572 -3.30 -40.49 11.44
C ALA E 572 -4.08 -40.30 10.14
N GLN E 573 -3.46 -39.66 9.15
CA GLN E 573 -4.12 -39.46 7.86
C GLN E 573 -4.46 -40.79 7.21
N ASN E 574 -3.53 -41.75 7.25
CA ASN E 574 -3.83 -43.08 6.75
C ASN E 574 -4.94 -43.74 7.56
N MET E 575 -5.09 -43.36 8.83
CA MET E 575 -6.12 -43.91 9.70
C MET E 575 -7.43 -43.13 9.61
N GLY E 576 -7.50 -42.11 8.76
CA GLY E 576 -8.72 -41.36 8.55
C GLY E 576 -8.87 -40.10 9.38
N LEU E 577 -7.85 -39.74 10.15
CA LEU E 577 -7.93 -38.56 11.02
C LEU E 577 -7.37 -37.34 10.30
N PRO E 578 -8.14 -36.27 10.16
CA PRO E 578 -7.58 -35.04 9.59
C PRO E 578 -6.45 -34.50 10.45
N GLN E 579 -5.60 -33.68 9.83
CA GLN E 579 -4.43 -33.17 10.53
C GLN E 579 -4.82 -32.38 11.77
N ASN E 580 -5.94 -31.66 11.70
CA ASN E 580 -6.34 -30.79 12.81
C ASN E 580 -6.77 -31.54 14.06
N ARG E 581 -6.97 -32.86 13.97
CA ARG E 581 -7.46 -33.62 15.11
C ARG E 581 -6.38 -33.88 16.17
N ILE E 582 -5.11 -33.71 15.84
CA ILE E 582 -4.00 -33.94 16.77
C ILE E 582 -3.22 -32.65 16.92
N ILE E 583 -2.99 -32.24 18.17
CA ILE E 583 -2.27 -31.02 18.48
C ILE E 583 -1.02 -31.38 19.27
N PHE E 584 0.14 -30.93 18.78
CA PHE E 584 1.42 -31.18 19.43
C PHE E 584 1.94 -29.89 20.04
N SER E 585 2.49 -30.00 21.24
CA SER E 585 3.07 -28.88 21.95
C SER E 585 4.52 -29.19 22.32
N PRO E 586 5.36 -28.17 22.43
CA PRO E 586 6.77 -28.41 22.77
C PRO E 586 6.94 -28.89 24.20
N VAL E 587 8.05 -29.59 24.43
CA VAL E 587 8.38 -30.04 25.77
C VAL E 587 8.58 -28.82 26.66
N ALA E 588 7.84 -28.76 27.76
CA ALA E 588 7.83 -27.61 28.64
C ALA E 588 8.54 -27.92 29.95
N PRO E 589 9.07 -26.89 30.63
CA PRO E 589 9.68 -27.10 31.95
C PRO E 589 8.79 -27.93 32.86
N LYS E 590 9.39 -28.59 33.86
CA LYS E 590 8.64 -29.50 34.71
C LYS E 590 7.39 -28.86 35.27
N GLU E 591 7.53 -27.67 35.88
CA GLU E 591 6.38 -26.98 36.44
C GLU E 591 5.27 -26.84 35.39
N GLU E 592 5.62 -26.36 34.21
CA GLU E 592 4.62 -26.23 33.14
C GLU E 592 4.03 -27.58 32.77
N HIS E 593 4.87 -28.61 32.67
CA HIS E 593 4.40 -29.92 32.24
C HIS E 593 3.27 -30.43 33.14
N VAL E 594 3.51 -30.44 34.45
CA VAL E 594 2.47 -30.89 35.37
C VAL E 594 1.30 -29.91 35.36
N ARG E 595 1.59 -28.61 35.32
CA ARG E 595 0.54 -27.60 35.37
C ARG E 595 -0.43 -27.74 34.22
N ARG E 596 0.08 -27.80 32.98
CA ARG E 596 -0.79 -27.80 31.82
C ARG E 596 -1.68 -29.03 31.76
N GLY E 597 -1.37 -30.07 32.52
CA GLY E 597 -2.21 -31.25 32.54
C GLY E 597 -3.63 -30.96 33.00
N GLN E 598 -3.80 -29.92 33.82
CA GLN E 598 -5.14 -29.56 34.27
C GLN E 598 -6.03 -29.20 33.10
N LEU E 599 -5.47 -28.57 32.07
CA LEU E 599 -6.26 -28.17 30.91
C LEU E 599 -6.81 -29.37 30.13
N ALA E 600 -6.19 -30.54 30.29
CA ALA E 600 -6.66 -31.72 29.58
C ALA E 600 -7.89 -32.32 30.28
N ASP E 601 -8.63 -33.13 29.53
CA ASP E 601 -9.81 -33.80 30.04
C ASP E 601 -9.56 -35.24 30.45
N VAL E 602 -8.78 -35.98 29.67
CA VAL E 602 -8.47 -37.38 29.97
C VAL E 602 -7.06 -37.68 29.46
N CYS E 603 -6.40 -38.60 30.14
CA CYS E 603 -5.07 -39.06 29.76
C CYS E 603 -5.15 -40.50 29.29
N LEU E 604 -4.50 -40.80 28.18
CA LEU E 604 -4.48 -42.15 27.60
C LEU E 604 -3.09 -42.72 27.85
N ASP E 605 -2.99 -43.63 28.83
CA ASP E 605 -1.71 -44.21 29.17
C ASP E 605 -1.20 -45.11 28.04
N THR E 606 0.12 -45.16 27.89
CA THR E 606 0.71 -46.01 26.88
C THR E 606 0.67 -47.46 27.36
N PRO E 607 -0.04 -48.36 26.66
CA PRO E 607 -0.07 -49.75 27.11
C PRO E 607 1.30 -50.42 27.10
N LEU E 608 2.15 -50.08 26.13
CA LEU E 608 3.47 -50.70 26.06
C LEU E 608 4.29 -50.35 27.30
N CYS E 609 4.40 -49.06 27.61
CA CYS E 609 5.08 -48.59 28.81
C CYS E 609 4.12 -47.66 29.54
N ASN E 610 3.41 -48.19 30.53
CA ASN E 610 2.51 -47.37 31.33
C ASN E 610 3.29 -46.17 31.82
N GLY E 611 2.92 -44.97 31.38
CA GLY E 611 3.70 -43.80 31.72
C GLY E 611 3.95 -43.76 33.22
N HIS E 612 5.21 -43.98 33.62
CA HIS E 612 5.50 -44.15 35.05
C HIS E 612 5.56 -42.80 35.76
N THR E 613 6.53 -41.97 35.39
CA THR E 613 6.61 -40.64 35.98
C THR E 613 5.49 -39.74 35.46
N THR E 614 5.27 -39.75 34.13
CA THR E 614 4.20 -38.94 33.55
C THR E 614 2.87 -39.26 34.20
N GLY E 615 2.63 -40.53 34.54
CA GLY E 615 1.42 -40.91 35.24
C GLY E 615 1.23 -40.10 36.50
N MET E 616 2.19 -40.21 37.43
CA MET E 616 2.12 -39.45 38.66
C MET E 616 1.90 -37.97 38.39
N ASP E 617 2.54 -37.44 37.35
CA ASP E 617 2.39 -36.02 37.02
C ASP E 617 0.95 -35.68 36.64
N VAL E 618 0.41 -36.36 35.62
CA VAL E 618 -0.95 -36.08 35.18
C VAL E 618 -1.93 -36.33 36.32
N LEU E 619 -1.74 -37.42 37.05
CA LEU E 619 -2.54 -37.69 38.24
C LEU E 619 -2.57 -36.48 39.16
N TRP E 620 -1.39 -35.98 39.53
CA TRP E 620 -1.32 -34.79 40.38
C TRP E 620 -2.09 -33.63 39.77
N ALA E 621 -2.08 -33.52 38.44
CA ALA E 621 -2.84 -32.47 37.77
C ALA E 621 -4.34 -32.67 37.88
N GLY E 622 -4.79 -33.83 38.37
CA GLY E 622 -6.20 -34.12 38.46
C GLY E 622 -6.83 -34.68 37.20
N THR E 623 -6.05 -34.81 36.13
CA THR E 623 -6.60 -35.28 34.86
C THR E 623 -6.64 -36.80 34.85
N PRO E 624 -7.81 -37.42 34.75
CA PRO E 624 -7.88 -38.88 34.79
C PRO E 624 -7.18 -39.52 33.58
N MET E 625 -6.70 -40.73 33.79
CA MET E 625 -6.03 -41.51 32.77
C MET E 625 -6.55 -42.94 32.77
N VAL E 626 -6.56 -43.56 31.59
CA VAL E 626 -7.04 -44.92 31.40
C VAL E 626 -5.85 -45.78 30.99
N THR E 627 -5.78 -46.99 31.55
CA THR E 627 -4.65 -47.88 31.32
C THR E 627 -5.14 -49.31 31.15
N MET E 628 -4.43 -50.05 30.30
CA MET E 628 -4.67 -51.48 30.08
C MET E 628 -3.41 -52.24 30.46
N PRO E 629 -3.33 -52.80 31.67
CA PRO E 629 -2.10 -53.48 32.09
C PRO E 629 -1.79 -54.67 31.17
N GLY E 630 -0.50 -54.87 30.92
CA GLY E 630 -0.06 -55.94 30.05
C GLY E 630 0.70 -57.03 30.76
N GLU E 631 1.74 -57.56 30.13
CA GLU E 631 2.55 -58.64 30.67
C GLU E 631 3.84 -58.16 31.31
N THR E 632 4.49 -57.15 30.73
CA THR E 632 5.72 -56.63 31.30
C THR E 632 5.42 -55.75 32.51
N LEU E 633 6.46 -55.49 33.31
CA LEU E 633 6.30 -54.65 34.49
C LEU E 633 5.88 -53.23 34.10
N ALA E 634 6.53 -52.67 33.07
CA ALA E 634 6.22 -51.30 32.68
C ALA E 634 4.79 -51.15 32.20
N SER E 635 4.26 -52.16 31.50
CA SER E 635 2.92 -52.14 30.93
C SER E 635 1.83 -52.17 32.00
N ARG E 636 2.20 -52.10 33.28
CA ARG E 636 1.22 -52.22 34.36
C ARG E 636 1.37 -51.17 35.45
N VAL E 637 2.43 -50.36 35.42
CA VAL E 637 2.68 -49.42 36.52
C VAL E 637 1.50 -48.48 36.69
N ALA E 638 0.96 -47.97 35.59
CA ALA E 638 -0.18 -47.05 35.67
C ALA E 638 -1.31 -47.65 36.50
N ALA E 639 -1.67 -48.90 36.21
CA ALA E 639 -2.73 -49.57 36.96
C ALA E 639 -2.50 -49.45 38.46
N SER E 640 -1.32 -49.87 38.93
CA SER E 640 -1.02 -49.79 40.36
C SER E 640 -1.25 -48.39 40.90
N GLN E 641 -0.82 -47.37 40.15
CA GLN E 641 -1.09 -45.99 40.56
C GLN E 641 -2.59 -45.78 40.73
N LEU E 642 -3.37 -46.19 39.74
CA LEU E 642 -4.82 -46.02 39.80
C LEU E 642 -5.40 -46.75 41.01
N THR E 643 -5.02 -48.01 41.19
CA THR E 643 -5.53 -48.80 42.31
C THR E 643 -5.35 -48.06 43.64
N CYS E 644 -4.21 -47.41 43.82
CA CYS E 644 -3.99 -46.63 45.03
C CYS E 644 -5.00 -45.49 45.13
N LEU E 645 -5.23 -44.78 44.03
CA LEU E 645 -6.25 -43.73 43.99
C LEU E 645 -7.65 -44.27 43.93
N GLY E 646 -7.85 -45.59 44.06
CA GLY E 646 -9.19 -46.13 44.04
C GLY E 646 -9.97 -45.86 42.78
N CYS E 647 -9.29 -45.56 41.68
CA CYS E 647 -9.93 -45.24 40.40
C CYS E 647 -10.02 -46.47 39.51
N LEU E 648 -10.23 -47.64 40.12
CA LEU E 648 -10.28 -48.90 39.39
C LEU E 648 -11.14 -48.81 38.14
N GLU E 649 -12.16 -47.95 38.15
CA GLU E 649 -13.02 -47.78 36.99
C GLU E 649 -12.26 -47.37 35.74
N LEU E 650 -10.98 -47.04 35.87
CA LEU E 650 -10.16 -46.56 34.77
C LEU E 650 -9.20 -47.64 34.24
N ILE E 651 -9.33 -48.88 34.70
CA ILE E 651 -8.49 -49.98 34.25
C ILE E 651 -9.29 -50.81 33.24
N ALA E 652 -8.71 -51.01 32.06
CA ALA E 652 -9.36 -51.78 30.99
C ALA E 652 -8.74 -53.17 30.89
N LYS E 653 -9.59 -54.17 30.69
CA LYS E 653 -9.14 -55.56 30.62
C LYS E 653 -8.81 -56.01 29.20
N ASN E 654 -9.11 -55.20 28.18
CA ASN E 654 -8.77 -55.53 26.81
C ASN E 654 -8.84 -54.25 25.98
N ARG E 655 -8.56 -54.39 24.68
CA ARG E 655 -8.58 -53.24 23.79
C ARG E 655 -9.96 -52.58 23.77
N GLN E 656 -11.01 -53.39 23.66
CA GLN E 656 -12.36 -52.84 23.55
C GLN E 656 -12.74 -52.06 24.80
N GLU E 657 -12.43 -52.60 25.98
CA GLU E 657 -12.76 -51.90 27.22
C GLU E 657 -12.06 -50.56 27.32
N TYR E 658 -10.78 -50.51 26.92
CA TYR E 658 -10.06 -49.24 26.91
C TYR E 658 -10.78 -48.22 26.03
N GLU E 659 -11.11 -48.62 24.80
CA GLU E 659 -11.76 -47.70 23.87
C GLU E 659 -13.13 -47.27 24.40
N ASP E 660 -13.90 -48.21 24.93
CA ASP E 660 -15.23 -47.88 25.44
C ASP E 660 -15.14 -46.91 26.61
N ILE E 661 -14.20 -47.12 27.52
CA ILE E 661 -14.07 -46.23 28.68
C ILE E 661 -13.68 -44.83 28.21
N ALA E 662 -12.76 -44.73 27.26
CA ALA E 662 -12.35 -43.42 26.77
C ALA E 662 -13.51 -42.69 26.10
N VAL E 663 -14.30 -43.41 25.30
CA VAL E 663 -15.44 -42.78 24.63
C VAL E 663 -16.49 -42.36 25.66
N LYS E 664 -16.72 -43.20 26.67
CA LYS E 664 -17.73 -42.87 27.68
C LYS E 664 -17.36 -41.58 28.41
N LEU E 665 -16.10 -41.41 28.77
CA LEU E 665 -15.69 -40.20 29.48
C LEU E 665 -15.82 -38.96 28.60
N GLY E 666 -15.73 -39.12 27.28
CA GLY E 666 -15.86 -38.00 26.38
C GLY E 666 -17.27 -37.63 25.99
N THR E 667 -18.26 -38.46 26.35
CA THR E 667 -19.65 -38.20 26.06
C THR E 667 -20.49 -37.97 27.32
N ASP E 668 -20.39 -38.87 28.29
CA ASP E 668 -21.11 -38.70 29.55
C ASP E 668 -20.40 -37.63 30.38
N LEU E 669 -20.75 -36.37 30.16
CA LEU E 669 -20.06 -35.27 30.83
C LEU E 669 -20.21 -35.36 32.34
N GLU E 670 -21.38 -35.77 32.81
CA GLU E 670 -21.58 -35.95 34.25
C GLU E 670 -20.63 -36.99 34.81
N TYR E 671 -20.46 -38.11 34.09
CA TYR E 671 -19.50 -39.12 34.53
C TYR E 671 -18.08 -38.55 34.52
N LEU E 672 -17.75 -37.78 33.48
CA LEU E 672 -16.43 -37.14 33.42
C LEU E 672 -16.22 -36.20 34.60
N LYS E 673 -17.24 -35.41 34.93
CA LYS E 673 -17.13 -34.51 36.08
C LYS E 673 -16.97 -35.30 37.37
N LYS E 674 -17.73 -36.39 37.52
CA LYS E 674 -17.58 -37.23 38.71
C LYS E 674 -16.19 -37.81 38.81
N VAL E 675 -15.66 -38.32 37.71
CA VAL E 675 -14.33 -38.94 37.73
C VAL E 675 -13.26 -37.91 38.05
N ARG E 676 -13.36 -36.72 37.46
CA ARG E 676 -12.37 -35.68 37.72
C ARG E 676 -12.38 -35.27 39.19
N GLY E 677 -13.57 -35.16 39.78
CA GLY E 677 -13.65 -34.88 41.21
C GLY E 677 -13.05 -35.99 42.05
N LYS E 678 -13.30 -37.24 41.67
CA LYS E 678 -12.74 -38.36 42.41
C LYS E 678 -11.21 -38.35 42.34
N VAL E 679 -10.66 -38.04 41.17
CA VAL E 679 -9.20 -37.91 41.05
C VAL E 679 -8.70 -36.75 41.90
N TRP E 680 -9.43 -35.63 41.88
CA TRP E 680 -9.01 -34.46 42.63
C TRP E 680 -8.92 -34.76 44.12
N LYS E 681 -9.87 -35.50 44.66
CA LYS E 681 -9.85 -35.87 46.07
C LYS E 681 -8.89 -37.02 46.34
N GLN E 682 -8.92 -38.05 45.50
CA GLN E 682 -8.07 -39.22 45.74
C GLN E 682 -6.59 -38.87 45.64
N ARG E 683 -6.23 -37.87 44.84
CA ARG E 683 -4.83 -37.47 44.76
C ARG E 683 -4.30 -36.96 46.09
N ILE E 684 -5.18 -36.59 47.01
CA ILE E 684 -4.79 -36.16 48.36
C ILE E 684 -5.02 -37.26 49.38
N SER E 685 -6.23 -37.83 49.40
CA SER E 685 -6.55 -38.86 50.39
C SER E 685 -5.75 -40.13 50.14
N SER E 686 -5.60 -40.54 48.88
CA SER E 686 -4.92 -41.78 48.57
C SER E 686 -3.45 -41.70 48.97
N PRO E 687 -2.85 -42.81 49.40
CA PRO E 687 -1.45 -42.79 49.84
C PRO E 687 -0.46 -42.70 48.67
N LEU E 688 -0.96 -42.44 47.46
CA LEU E 688 -0.08 -42.42 46.30
C LEU E 688 1.00 -41.35 46.45
N PHE E 689 0.64 -40.18 46.97
CA PHE E 689 1.56 -39.06 47.10
C PHE E 689 1.98 -38.82 48.55
N ASN E 690 1.67 -39.75 49.45
CA ASN E 690 2.04 -39.63 50.87
C ASN E 690 3.45 -40.22 51.03
N THR E 691 4.46 -39.35 50.94
CA THR E 691 5.84 -39.81 51.02
C THR E 691 6.16 -40.39 52.39
N LYS E 692 5.68 -39.74 53.46
CA LYS E 692 5.97 -40.23 54.81
C LYS E 692 5.39 -41.63 55.01
N GLN E 693 4.15 -41.86 54.56
CA GLN E 693 3.57 -43.19 54.67
C GLN E 693 4.36 -44.21 53.85
N TYR E 694 4.78 -43.83 52.65
CA TYR E 694 5.58 -44.73 51.83
C TYR E 694 6.90 -45.06 52.52
N THR E 695 7.55 -44.06 53.11
CA THR E 695 8.82 -44.30 53.80
C THR E 695 8.64 -45.28 54.95
N MET E 696 7.59 -45.10 55.75
CA MET E 696 7.36 -45.99 56.88
C MET E 696 7.05 -47.41 56.41
N GLU E 697 6.24 -47.54 55.36
CA GLU E 697 5.96 -48.85 54.80
C GLU E 697 7.21 -49.50 54.24
N LEU E 698 8.04 -48.72 53.55
CA LEU E 698 9.32 -49.24 53.08
C LEU E 698 10.20 -49.66 54.25
N GLU E 699 10.16 -48.88 55.34
CA GLU E 699 10.91 -49.23 56.54
C GLU E 699 10.46 -50.58 57.08
N ARG E 700 9.14 -50.81 57.12
CA ARG E 700 8.63 -52.09 57.61
C ARG E 700 9.11 -53.24 56.72
N LEU E 701 9.11 -53.05 55.40
CA LEU E 701 9.61 -54.08 54.50
C LEU E 701 11.09 -54.33 54.73
N TYR E 702 11.85 -53.27 55.03
CA TYR E 702 13.27 -53.43 55.34
C TYR E 702 13.45 -54.37 56.53
N LEU E 703 12.65 -54.18 57.57
CA LEU E 703 12.76 -55.02 58.76
C LEU E 703 12.41 -56.47 58.44
N GLN E 704 11.41 -56.70 57.61
CA GLN E 704 11.07 -58.06 57.22
C GLN E 704 12.26 -58.74 56.55
N MET E 705 12.94 -58.03 55.65
CA MET E 705 14.10 -58.60 54.98
C MET E 705 15.23 -58.90 55.96
N TRP E 706 15.49 -57.97 56.89
CA TRP E 706 16.56 -58.20 57.86
C TRP E 706 16.26 -59.39 58.75
N GLU E 707 15.00 -59.54 59.18
CA GLU E 707 14.62 -60.73 59.93
C GLU E 707 14.94 -61.99 59.15
N HIS E 708 14.67 -61.97 57.85
CA HIS E 708 14.98 -63.12 57.01
C HIS E 708 16.47 -63.44 57.04
N TYR E 709 17.31 -62.41 56.90
CA TYR E 709 18.76 -62.63 56.88
C TYR E 709 19.32 -62.91 58.26
N ALA E 710 18.72 -62.34 59.31
CA ALA E 710 19.24 -62.54 60.66
C ALA E 710 19.25 -64.01 61.05
N ALA E 711 18.16 -64.72 60.77
CA ALA E 711 18.10 -66.15 61.01
C ALA E 711 18.83 -66.97 59.96
N GLY E 712 19.44 -66.30 58.97
CA GLY E 712 20.19 -66.97 57.93
C GLY E 712 19.38 -67.45 56.75
N ASN E 713 18.05 -67.37 56.84
CA ASN E 713 17.20 -67.86 55.75
C ASN E 713 17.54 -67.15 54.45
N LYS E 714 17.69 -67.93 53.38
CA LYS E 714 17.97 -67.37 52.08
C LYS E 714 16.78 -66.57 51.57
N PRO E 715 17.01 -65.62 50.67
CA PRO E 715 15.93 -64.72 50.24
C PRO E 715 14.70 -65.49 49.77
N ASP E 716 13.53 -64.94 50.10
CA ASP E 716 12.26 -65.52 49.72
C ASP E 716 11.24 -64.41 49.50
N HIS E 717 10.17 -64.74 48.78
CA HIS E 717 9.18 -63.73 48.41
C HIS E 717 8.55 -63.12 49.66
N MET E 718 8.26 -61.82 49.59
CA MET E 718 7.67 -61.08 50.69
C MET E 718 6.23 -60.74 50.36
N ILE E 719 5.33 -60.96 51.32
CA ILE E 719 3.92 -60.63 51.17
C ILE E 719 3.21 -60.71 52.51
N ALA F 2 5.63 -9.52 19.31
CA ALA F 2 5.51 -10.97 19.23
C ALA F 2 5.47 -11.59 20.63
N PHE F 3 5.70 -12.90 20.71
CA PHE F 3 5.64 -13.65 21.97
C PHE F 3 4.25 -13.51 22.61
N SER F 4 3.28 -14.07 21.90
CA SER F 4 1.88 -14.02 22.30
C SER F 4 1.32 -15.42 22.53
N PRO F 5 0.06 -15.56 22.96
CA PRO F 5 -0.54 -16.89 23.08
C PRO F 5 -0.85 -17.46 21.71
N LYS F 6 -1.55 -18.61 21.65
CA LYS F 6 -1.81 -19.26 20.37
C LYS F 6 -3.10 -18.75 19.74
N TYR F 7 -4.23 -18.87 20.45
CA TYR F 7 -5.50 -18.35 19.97
C TYR F 7 -6.02 -17.30 20.96
N LEU F 8 -6.63 -16.25 20.40
CA LEU F 8 -7.07 -15.12 21.21
C LEU F 8 -8.25 -15.50 22.10
N LEU F 9 -8.51 -14.64 23.08
CA LEU F 9 -9.57 -14.86 24.07
C LEU F 9 -10.58 -13.73 23.95
N ARG F 10 -11.82 -14.07 23.66
CA ARG F 10 -12.88 -13.08 23.53
C ARG F 10 -13.38 -12.63 24.90
N LEU F 11 -14.18 -11.57 24.90
CA LEU F 11 -14.70 -10.99 26.13
C LEU F 11 -16.00 -10.24 25.86
N PRO F 12 -17.03 -10.89 25.29
CA PRO F 12 -18.28 -10.20 25.01
C PRO F 12 -18.91 -9.56 26.25
N THR G 7 20.62 -25.50 31.85
CA THR G 7 19.66 -25.02 32.83
C THR G 7 18.40 -24.48 32.16
N HIS G 8 18.36 -23.17 31.92
CA HIS G 8 17.25 -22.56 31.20
C HIS G 8 17.70 -21.57 30.15
N ALA G 9 19.02 -21.37 29.95
CA ALA G 9 19.53 -20.40 29.01
C ALA G 9 19.01 -20.65 27.60
N ASP G 10 18.44 -21.85 27.37
CA ASP G 10 17.79 -22.12 26.11
C ASP G 10 16.72 -21.08 25.80
N SER G 11 15.97 -20.68 26.83
CA SER G 11 14.98 -19.63 26.63
C SER G 11 15.64 -18.32 26.20
N LEU G 12 16.80 -18.01 26.78
CA LEU G 12 17.57 -16.86 26.30
C LEU G 12 18.05 -17.08 24.87
N ASN G 13 18.37 -18.33 24.52
CA ASN G 13 18.90 -18.61 23.19
C ASN G 13 17.85 -18.40 22.11
N ASN G 14 16.65 -18.97 22.28
CA ASN G 14 15.63 -18.85 21.26
C ASN G 14 15.05 -17.44 21.21
N LEU G 15 14.88 -16.80 22.38
CA LEU G 15 14.45 -15.41 22.40
C LEU G 15 15.48 -14.53 21.70
N ALA G 16 16.76 -14.79 21.93
CA ALA G 16 17.81 -14.07 21.22
C ALA G 16 17.76 -14.34 19.72
N ASN G 17 17.52 -15.60 19.35
CA ASN G 17 17.46 -15.95 17.92
C ASN G 17 16.40 -15.13 17.21
N ILE G 18 15.21 -15.01 17.81
CA ILE G 18 14.18 -14.16 17.21
C ILE G 18 14.60 -12.70 17.27
N LYS G 19 15.23 -12.29 18.38
CA LYS G 19 15.72 -10.91 18.48
C LYS G 19 16.71 -10.60 17.36
N ARG G 20 17.60 -11.54 17.06
CA ARG G 20 18.48 -11.40 15.91
C ARG G 20 17.69 -11.32 14.61
N GLU G 21 16.64 -12.13 14.50
CA GLU G 21 15.88 -12.27 13.26
C GLU G 21 15.19 -10.95 12.90
N GLN G 22 15.74 -10.27 11.89
CA GLN G 22 15.41 -8.88 11.56
C GLN G 22 15.16 -8.06 12.82
N GLY G 23 16.17 -8.05 13.69
CA GLY G 23 16.07 -7.29 14.92
C GLY G 23 17.40 -6.71 15.37
N ASN G 24 17.48 -6.31 16.64
CA ASN G 24 18.71 -5.76 17.19
C ASN G 24 19.70 -6.90 17.41
N ILE G 25 20.70 -6.99 16.53
CA ILE G 25 21.69 -8.04 16.65
C ILE G 25 22.41 -7.94 17.99
N GLU G 26 22.76 -6.72 18.40
CA GLU G 26 23.44 -6.53 19.69
C GLU G 26 22.57 -7.03 20.84
N GLU G 27 21.26 -6.79 20.77
CA GLU G 27 20.37 -7.34 21.79
C GLU G 27 20.50 -8.85 21.86
N ALA G 28 20.33 -9.53 20.73
CA ALA G 28 20.41 -10.98 20.71
C ALA G 28 21.77 -11.45 21.20
N VAL G 29 22.83 -10.73 20.83
CA VAL G 29 24.15 -11.06 21.36
C VAL G 29 24.12 -11.06 22.89
N ARG G 30 23.48 -10.06 23.48
CA ARG G 30 23.43 -9.96 24.94
C ARG G 30 22.74 -11.18 25.55
N LEU G 31 21.65 -11.65 24.94
CA LEU G 31 20.97 -12.81 25.47
C LEU G 31 21.88 -14.04 25.48
N TYR G 32 22.62 -14.28 24.40
CA TYR G 32 23.55 -15.40 24.39
C TYR G 32 24.63 -15.25 25.45
N ARG G 33 25.15 -14.02 25.61
CA ARG G 33 26.15 -13.80 26.66
C ARG G 33 25.60 -14.19 28.02
N LYS G 34 24.39 -13.73 28.35
CA LYS G 34 23.77 -14.10 29.61
C LYS G 34 23.52 -15.60 29.68
N ALA G 35 23.03 -16.19 28.59
CA ALA G 35 22.78 -17.63 28.57
C ALA G 35 24.07 -18.41 28.80
N LEU G 36 25.16 -18.00 28.17
CA LEU G 36 26.44 -18.67 28.39
C LEU G 36 26.88 -18.52 29.84
N GLU G 37 26.67 -17.34 30.43
CA GLU G 37 27.00 -17.15 31.83
C GLU G 37 26.21 -18.12 32.70
N VAL G 38 24.93 -18.32 32.37
CA VAL G 38 24.11 -19.29 33.10
C VAL G 38 24.66 -20.70 32.90
N PHE G 39 24.90 -21.08 31.64
CA PHE G 39 25.39 -22.41 31.30
C PHE G 39 26.72 -22.29 30.59
N PRO G 40 27.85 -22.49 31.29
CA PRO G 40 29.15 -22.36 30.62
C PRO G 40 29.34 -23.31 29.45
N GLU G 41 28.75 -24.51 29.52
CA GLU G 41 28.89 -25.51 28.46
C GLU G 41 27.67 -25.55 27.54
N PHE G 42 27.04 -24.41 27.30
CA PHE G 42 25.91 -24.34 26.37
C PHE G 42 26.45 -24.44 24.95
N ALA G 43 26.40 -25.66 24.38
CA ALA G 43 27.02 -25.89 23.08
C ALA G 43 26.46 -24.94 22.03
N ALA G 44 25.14 -24.79 21.99
CA ALA G 44 24.53 -23.89 21.00
C ALA G 44 24.97 -22.45 21.23
N ALA G 45 25.00 -22.02 22.50
CA ALA G 45 25.29 -20.62 22.81
C ALA G 45 26.58 -20.16 22.15
N HIS G 46 27.65 -20.94 22.30
CA HIS G 46 28.90 -20.59 21.63
C HIS G 46 28.74 -20.60 20.12
N SER G 47 28.05 -21.61 19.59
CA SER G 47 27.86 -21.67 18.14
C SER G 47 27.03 -20.50 17.63
N ASN G 48 25.90 -20.23 18.28
CA ASN G 48 25.07 -19.09 17.88
C ASN G 48 25.81 -17.78 18.10
N LEU G 49 26.43 -17.60 19.27
CA LEU G 49 27.17 -16.38 19.53
C LEU G 49 28.35 -16.23 18.57
N ALA G 50 29.04 -17.33 18.28
CA ALA G 50 30.13 -17.28 17.30
C ALA G 50 29.61 -16.88 15.93
N SER G 51 28.45 -17.43 15.53
CA SER G 51 27.88 -17.08 14.24
C SER G 51 27.55 -15.59 14.17
N VAL G 52 26.99 -15.04 15.25
CA VAL G 52 26.68 -13.61 15.27
C VAL G 52 27.96 -12.79 15.26
N LEU G 53 28.98 -13.23 16.00
CA LEU G 53 30.27 -12.54 15.96
C LEU G 53 30.84 -12.50 14.55
N GLN G 54 30.53 -13.50 13.73
CA GLN G 54 30.89 -13.44 12.31
C GLN G 54 30.21 -12.26 11.64
N GLN G 55 28.91 -12.08 11.88
CA GLN G 55 28.19 -10.96 11.30
C GLN G 55 28.74 -9.63 11.80
N GLN G 56 29.03 -9.54 13.09
CA GLN G 56 29.62 -8.32 13.63
C GLN G 56 30.94 -7.98 12.94
N GLY G 57 31.61 -8.99 12.40
CA GLY G 57 32.93 -8.81 11.82
C GLY G 57 34.07 -9.15 12.75
N LYS G 58 33.78 -9.42 14.02
CA LYS G 58 34.81 -9.82 14.99
C LYS G 58 34.93 -11.34 14.91
N LEU G 59 35.94 -11.81 14.17
CA LEU G 59 36.05 -13.22 13.80
C LEU G 59 36.79 -14.05 14.83
N GLN G 60 37.91 -13.54 15.36
CA GLN G 60 38.75 -14.35 16.24
C GLN G 60 37.95 -14.88 17.42
N GLU G 61 37.19 -14.01 18.09
CA GLU G 61 36.40 -14.45 19.24
C GLU G 61 35.35 -15.47 18.82
N ALA G 62 34.68 -15.23 17.69
CA ALA G 62 33.73 -16.21 17.19
C ALA G 62 34.37 -17.57 17.02
N LEU G 63 35.60 -17.60 16.50
CA LEU G 63 36.33 -18.85 16.37
C LEU G 63 36.47 -19.54 17.73
N MET G 64 36.81 -18.77 18.77
CA MET G 64 36.97 -19.35 20.10
C MET G 64 35.68 -19.98 20.60
N HIS G 65 34.55 -19.28 20.41
CA HIS G 65 33.27 -19.86 20.80
C HIS G 65 32.97 -21.13 20.00
N TYR G 66 33.23 -21.08 18.69
CA TYR G 66 33.06 -22.28 17.87
C TYR G 66 33.92 -23.42 18.40
N LYS G 67 35.19 -23.13 18.71
CA LYS G 67 36.09 -24.16 19.22
C LYS G 67 35.56 -24.76 20.51
N GLU G 68 35.12 -23.90 21.44
CA GLU G 68 34.55 -24.41 22.69
C GLU G 68 33.28 -25.20 22.44
N ALA G 69 32.48 -24.80 21.46
CA ALA G 69 31.28 -25.57 21.13
C ALA G 69 31.64 -26.99 20.74
N ILE G 70 32.69 -27.16 19.92
CA ILE G 70 33.12 -28.49 19.54
C ILE G 70 33.61 -29.26 20.77
N ARG G 71 34.26 -28.57 21.71
CA ARG G 71 34.67 -29.22 22.94
C ARG G 71 33.45 -29.78 23.68
N ILE G 72 32.38 -29.00 23.77
CA ILE G 72 31.19 -29.45 24.50
C ILE G 72 30.59 -30.68 23.83
N SER G 73 30.38 -30.60 22.52
CA SER G 73 29.80 -31.70 21.75
C SER G 73 30.65 -31.93 20.51
N PRO G 74 31.55 -32.91 20.53
CA PRO G 74 32.43 -33.15 19.37
C PRO G 74 31.68 -33.63 18.13
N THR G 75 30.41 -34.00 18.26
CA THR G 75 29.60 -34.44 17.13
C THR G 75 28.70 -33.33 16.59
N PHE G 76 28.88 -32.08 17.04
CA PHE G 76 28.07 -30.96 16.58
C PHE G 76 28.54 -30.59 15.18
N ALA G 77 28.12 -31.41 14.20
CA ALA G 77 28.61 -31.24 12.84
C ALA G 77 28.29 -29.85 12.29
N ASP G 78 27.16 -29.26 12.69
CA ASP G 78 26.80 -27.96 12.17
C ASP G 78 27.85 -26.92 12.54
N ALA G 79 28.34 -26.94 13.79
CA ALA G 79 29.32 -25.95 14.18
C ALA G 79 30.70 -26.35 13.68
N TYR G 80 30.77 -26.73 12.42
CA TYR G 80 31.99 -26.97 11.67
C TYR G 80 32.03 -26.18 10.37
N SER G 81 30.92 -26.15 9.63
CA SER G 81 30.88 -25.39 8.38
C SER G 81 30.96 -23.89 8.65
N ASN G 82 30.12 -23.39 9.57
CA ASN G 82 30.25 -22.00 9.99
C ASN G 82 31.61 -21.76 10.62
N MET G 83 32.08 -22.70 11.43
CA MET G 83 33.45 -22.64 11.92
C MET G 83 34.44 -22.57 10.78
N GLY G 84 34.25 -23.43 9.77
CA GLY G 84 35.08 -23.35 8.58
C GLY G 84 34.92 -22.03 7.84
N ASN G 85 33.69 -21.50 7.82
CA ASN G 85 33.47 -20.20 7.21
C ASN G 85 34.26 -19.12 7.93
N THR G 86 34.29 -19.16 9.27
CA THR G 86 35.08 -18.21 10.02
C THR G 86 36.55 -18.28 9.62
N LEU G 87 37.10 -19.50 9.56
CA LEU G 87 38.48 -19.65 9.12
C LEU G 87 38.65 -19.19 7.67
N LYS G 88 37.67 -19.50 6.82
CA LYS G 88 37.74 -19.08 5.42
C LYS G 88 37.77 -17.56 5.31
N GLU G 89 36.93 -16.87 6.08
CA GLU G 89 36.94 -15.41 6.07
C GLU G 89 38.28 -14.85 6.56
N MET G 90 39.00 -15.62 7.37
CA MET G 90 40.26 -15.18 7.92
C MET G 90 41.44 -15.44 6.98
N GLN G 91 41.18 -15.92 5.77
CA GLN G 91 42.20 -16.14 4.75
C GLN G 91 43.14 -17.27 5.14
N ASP G 92 42.57 -18.35 5.69
CA ASP G 92 43.30 -19.52 6.17
C ASP G 92 42.62 -20.79 5.67
N VAL G 93 42.41 -20.88 4.36
CA VAL G 93 41.74 -22.01 3.72
C VAL G 93 42.19 -23.32 4.36
N GLN G 94 43.51 -23.46 4.57
CA GLN G 94 44.01 -24.60 5.32
C GLN G 94 43.36 -24.63 6.70
N GLY G 95 42.79 -25.76 7.05
CA GLY G 95 41.98 -25.84 8.28
C GLY G 95 40.50 -25.58 8.03
N ALA G 96 40.18 -24.49 7.33
CA ALA G 96 38.81 -24.30 6.87
C ALA G 96 38.38 -25.48 6.01
N LEU G 97 39.26 -25.93 5.12
CA LEU G 97 39.02 -27.18 4.41
C LEU G 97 38.93 -28.35 5.38
N GLN G 98 39.74 -28.32 6.45
CA GLN G 98 39.68 -29.38 7.45
C GLN G 98 38.33 -29.41 8.14
N CYS G 99 37.78 -28.24 8.48
CA CYS G 99 36.47 -28.19 9.13
C CYS G 99 35.40 -28.80 8.25
N TYR G 100 35.40 -28.46 6.96
CA TYR G 100 34.38 -28.98 6.05
C TYR G 100 34.50 -30.49 5.93
N THR G 101 35.72 -30.98 5.72
CA THR G 101 35.92 -32.43 5.55
C THR G 101 35.54 -33.18 6.82
N ARG G 102 35.94 -32.67 7.98
CA ARG G 102 35.57 -33.33 9.23
C ARG G 102 34.05 -33.35 9.40
N ALA G 103 33.37 -32.28 8.97
CA ALA G 103 31.91 -32.27 9.02
C ALA G 103 31.33 -33.38 8.17
N ILE G 104 31.84 -33.54 6.95
CA ILE G 104 31.40 -34.65 6.10
C ILE G 104 31.67 -35.98 6.79
N GLN G 105 32.85 -36.11 7.39
CA GLN G 105 33.21 -37.36 8.07
C GLN G 105 32.23 -37.68 9.18
N ILE G 106 31.89 -36.68 10.00
CA ILE G 106 30.90 -36.89 11.04
C ILE G 106 29.52 -37.11 10.43
N ASN G 107 29.12 -36.27 9.49
CA ASN G 107 27.81 -36.35 8.85
C ASN G 107 27.99 -36.38 7.34
N PRO G 108 27.99 -37.57 6.72
CA PRO G 108 28.07 -37.63 5.25
C PRO G 108 26.90 -36.98 4.54
N ALA G 109 25.78 -36.77 5.22
CA ALA G 109 24.59 -36.17 4.63
C ALA G 109 24.45 -34.69 4.94
N PHE G 110 25.54 -34.04 5.37
CA PHE G 110 25.52 -32.64 5.77
C PHE G 110 25.72 -31.78 4.53
N ALA G 111 24.61 -31.41 3.88
CA ALA G 111 24.68 -30.73 2.60
C ALA G 111 25.39 -29.39 2.69
N ASP G 112 25.33 -28.73 3.83
CA ASP G 112 25.95 -27.40 3.95
C ASP G 112 27.46 -27.48 3.75
N ALA G 113 28.10 -28.47 4.36
CA ALA G 113 29.55 -28.59 4.25
C ALA G 113 29.96 -28.92 2.81
N HIS G 114 29.16 -29.72 2.11
CA HIS G 114 29.47 -30.01 0.71
C HIS G 114 29.49 -28.74 -0.11
N SER G 115 28.52 -27.86 0.08
CA SER G 115 28.53 -26.57 -0.62
C SER G 115 29.79 -25.78 -0.27
N ASN G 116 30.16 -25.76 1.01
CA ASN G 116 31.37 -25.04 1.42
C ASN G 116 32.60 -25.62 0.74
N LEU G 117 32.71 -26.95 0.72
CA LEU G 117 33.83 -27.59 0.04
C LEU G 117 33.85 -27.20 -1.44
N ALA G 118 32.69 -27.26 -2.10
CA ALA G 118 32.61 -26.85 -3.49
C ALA G 118 33.02 -25.39 -3.67
N SER G 119 32.60 -24.53 -2.73
CA SER G 119 32.95 -23.12 -2.83
C SER G 119 34.45 -22.91 -2.82
N ILE G 120 35.17 -23.62 -1.95
CA ILE G 120 36.62 -23.48 -1.91
C ILE G 120 37.23 -23.96 -3.21
N HIS G 121 36.73 -25.10 -3.74
CA HIS G 121 37.21 -25.57 -5.03
C HIS G 121 36.98 -24.53 -6.11
N LYS G 122 35.81 -23.89 -6.11
CA LYS G 122 35.56 -22.81 -7.05
C LYS G 122 36.55 -21.67 -6.85
N ASP G 123 36.83 -21.33 -5.59
CA ASP G 123 37.79 -20.26 -5.30
C ASP G 123 39.18 -20.63 -5.78
N SER G 124 39.60 -21.88 -5.57
CA SER G 124 40.91 -22.32 -6.02
C SER G 124 40.99 -22.48 -7.53
N GLY G 125 39.86 -22.38 -8.23
CA GLY G 125 39.80 -22.57 -9.67
C GLY G 125 39.36 -23.94 -10.11
N ASN G 126 39.29 -24.91 -9.20
CA ASN G 126 38.87 -26.26 -9.55
C ASN G 126 37.34 -26.28 -9.71
N ILE G 127 36.91 -25.64 -10.80
CA ILE G 127 35.47 -25.54 -11.06
C ILE G 127 34.82 -26.92 -11.16
N PRO G 128 35.37 -27.89 -11.89
CA PRO G 128 34.68 -29.19 -12.01
C PRO G 128 34.43 -29.87 -10.67
N GLU G 129 35.37 -29.78 -9.74
CA GLU G 129 35.15 -30.39 -8.43
C GLU G 129 34.18 -29.58 -7.59
N ALA G 130 34.20 -28.25 -7.73
CA ALA G 130 33.16 -27.44 -7.11
C ALA G 130 31.78 -27.84 -7.63
N ILE G 131 31.67 -28.05 -8.94
CA ILE G 131 30.41 -28.47 -9.53
C ILE G 131 29.97 -29.81 -8.94
N ALA G 132 30.91 -30.75 -8.81
CA ALA G 132 30.57 -32.06 -8.27
C ALA G 132 30.10 -31.95 -6.83
N SER G 133 30.83 -31.20 -6.00
CA SER G 133 30.43 -31.05 -4.60
C SER G 133 29.10 -30.30 -4.48
N TYR G 134 28.90 -29.27 -5.30
CA TYR G 134 27.62 -28.59 -5.31
C TYR G 134 26.49 -29.55 -5.68
N ARG G 135 26.70 -30.33 -6.74
CA ARG G 135 25.68 -31.29 -7.15
C ARG G 135 25.36 -32.27 -6.02
N THR G 136 26.39 -32.74 -5.31
CA THR G 136 26.16 -33.60 -4.16
C THR G 136 25.39 -32.87 -3.07
N ALA G 137 25.72 -31.61 -2.83
CA ALA G 137 25.02 -30.83 -1.81
C ALA G 137 23.54 -30.72 -2.13
N LEU G 138 23.22 -30.40 -3.39
CA LEU G 138 21.82 -30.30 -3.79
C LEU G 138 21.13 -31.66 -3.77
N LYS G 139 21.87 -32.73 -4.07
CA LYS G 139 21.30 -34.07 -3.97
C LYS G 139 20.85 -34.36 -2.53
N LEU G 140 21.65 -33.97 -1.55
CA LEU G 140 21.27 -34.14 -0.16
C LEU G 140 20.08 -33.25 0.20
N LYS G 141 20.07 -32.01 -0.30
CA LYS G 141 19.00 -31.06 0.01
C LYS G 141 18.70 -30.25 -1.24
N PRO G 142 17.71 -30.68 -2.03
CA PRO G 142 17.42 -29.96 -3.29
C PRO G 142 17.09 -28.49 -3.08
N ASP G 143 16.36 -28.15 -2.01
CA ASP G 143 16.00 -26.77 -1.74
C ASP G 143 17.17 -26.10 -1.02
N PHE G 144 18.15 -25.69 -1.82
CA PHE G 144 19.39 -25.12 -1.31
C PHE G 144 19.82 -24.00 -2.26
N PRO G 145 19.23 -22.81 -2.11
CA PRO G 145 19.48 -21.75 -3.11
C PRO G 145 20.94 -21.40 -3.30
N ASP G 146 21.73 -21.39 -2.22
CA ASP G 146 23.11 -20.94 -2.32
C ASP G 146 23.92 -21.84 -3.26
N ALA G 147 23.83 -23.16 -3.05
CA ALA G 147 24.55 -24.07 -3.93
C ALA G 147 24.02 -24.00 -5.36
N TYR G 148 22.70 -23.91 -5.52
CA TYR G 148 22.12 -23.88 -6.86
C TYR G 148 22.66 -22.71 -7.66
N CYS G 149 22.69 -21.52 -7.04
CA CYS G 149 23.20 -20.35 -7.74
C CYS G 149 24.68 -20.46 -8.03
N ASN G 150 25.47 -20.90 -7.04
CA ASN G 150 26.90 -21.08 -7.27
C ASN G 150 27.14 -22.13 -8.35
N LEU G 151 26.40 -23.24 -8.31
CA LEU G 151 26.55 -24.26 -9.35
C LEU G 151 26.22 -23.68 -10.72
N ALA G 152 25.16 -22.89 -10.81
CA ALA G 152 24.77 -22.31 -12.09
C ALA G 152 25.86 -21.38 -12.63
N HIS G 153 26.41 -20.52 -11.75
CA HIS G 153 27.53 -19.68 -12.17
C HIS G 153 28.70 -20.54 -12.65
N CYS G 154 29.08 -21.54 -11.85
CA CYS G 154 30.13 -22.46 -12.28
C CYS G 154 29.84 -23.00 -13.67
N LEU G 155 28.65 -23.60 -13.84
CA LEU G 155 28.27 -24.13 -15.14
C LEU G 155 28.44 -23.08 -16.23
N GLN G 156 28.04 -21.83 -15.94
CA GLN G 156 28.19 -20.76 -16.92
C GLN G 156 29.66 -20.52 -17.24
N ILE G 157 30.53 -20.61 -16.23
CA ILE G 157 31.96 -20.41 -16.47
C ILE G 157 32.48 -21.46 -17.43
N VAL G 158 31.91 -22.66 -17.41
CA VAL G 158 32.35 -23.76 -18.26
C VAL G 158 31.42 -23.98 -19.45
N CYS G 159 30.45 -23.09 -19.64
CA CYS G 159 29.57 -23.15 -20.80
C CYS G 159 28.74 -24.43 -20.84
N ASP G 160 28.40 -24.97 -19.67
CA ASP G 160 27.49 -26.10 -19.56
C ASP G 160 26.06 -25.55 -19.55
N TRP G 161 25.57 -25.23 -20.75
CA TRP G 161 24.25 -24.63 -20.93
C TRP G 161 23.13 -25.64 -20.82
N THR G 162 23.42 -26.83 -20.28
CA THR G 162 22.41 -27.87 -20.11
C THR G 162 21.21 -27.32 -19.36
N ASP G 163 20.05 -27.32 -20.02
CA ASP G 163 18.79 -26.90 -19.42
C ASP G 163 18.76 -25.40 -19.13
N TYR G 164 19.53 -24.61 -19.87
CA TYR G 164 19.69 -23.19 -19.58
C TYR G 164 18.39 -22.52 -19.15
N ASP G 165 17.37 -22.61 -20.01
CA ASP G 165 16.15 -21.83 -19.81
C ASP G 165 15.54 -22.08 -18.42
N GLU G 166 15.14 -23.33 -18.15
CA GLU G 166 14.48 -23.63 -16.88
C GLU G 166 15.39 -23.30 -15.71
N ARG G 167 16.70 -23.45 -15.88
CA ARG G 167 17.64 -23.01 -14.84
C ARG G 167 17.54 -21.51 -14.62
N MET G 168 17.45 -20.74 -15.71
CA MET G 168 17.40 -19.29 -15.57
C MET G 168 16.14 -18.86 -14.82
N LYS G 169 14.99 -19.42 -15.19
CA LYS G 169 13.75 -19.06 -14.49
C LYS G 169 13.75 -19.58 -13.05
N LYS G 170 14.42 -20.71 -12.80
CA LYS G 170 14.56 -21.17 -11.43
C LYS G 170 15.36 -20.18 -10.61
N LEU G 171 16.41 -19.59 -11.20
CA LEU G 171 17.15 -18.54 -10.52
C LEU G 171 16.27 -17.34 -10.23
N VAL G 172 15.49 -16.90 -11.23
CA VAL G 172 14.65 -15.72 -11.04
C VAL G 172 13.66 -15.93 -9.92
N SER G 173 13.02 -17.09 -9.88
CA SER G 173 12.08 -17.39 -8.79
C SER G 173 12.80 -17.39 -7.45
N ILE G 174 14.00 -17.97 -7.40
CA ILE G 174 14.75 -18.02 -6.15
C ILE G 174 15.11 -16.62 -5.68
N VAL G 175 15.53 -15.75 -6.61
CA VAL G 175 15.86 -14.38 -6.24
C VAL G 175 14.63 -13.66 -5.69
N ALA G 176 13.49 -13.83 -6.37
CA ALA G 176 12.27 -13.15 -5.94
C ALA G 176 11.85 -13.60 -4.54
N ASP G 177 11.82 -14.92 -4.31
CA ASP G 177 11.38 -15.42 -3.01
C ASP G 177 12.30 -14.94 -1.90
N GLN G 178 13.62 -14.95 -2.15
CA GLN G 178 14.55 -14.50 -1.13
C GLN G 178 14.42 -13.00 -0.87
N LEU G 179 14.09 -12.22 -1.91
CA LEU G 179 13.87 -10.79 -1.71
C LEU G 179 12.59 -10.54 -0.91
N GLU G 180 11.60 -11.43 -1.02
CA GLU G 180 10.36 -11.25 -0.29
C GLU G 180 10.59 -11.24 1.22
N LYS G 181 11.44 -12.14 1.70
CA LYS G 181 11.65 -12.33 3.14
C LYS G 181 12.81 -11.51 3.67
N ASN G 182 13.38 -10.60 2.86
CA ASN G 182 14.54 -9.81 3.22
C ASN G 182 15.80 -10.65 3.40
N ARG G 183 15.78 -11.90 2.92
CA ARG G 183 16.97 -12.74 2.98
C ARG G 183 17.95 -12.34 1.90
N LEU G 184 19.23 -12.55 2.18
CA LEU G 184 20.28 -12.21 1.23
C LEU G 184 20.13 -13.07 -0.02
N PRO G 185 19.98 -12.47 -1.20
CA PRO G 185 19.84 -13.29 -2.42
C PRO G 185 21.07 -14.14 -2.67
N SER G 186 20.83 -15.37 -3.13
CA SER G 186 21.93 -16.30 -3.40
C SER G 186 22.73 -15.92 -4.64
N VAL G 187 22.27 -14.97 -5.43
CA VAL G 187 22.99 -14.55 -6.63
C VAL G 187 23.86 -13.35 -6.27
N HIS G 188 25.16 -13.47 -6.52
CA HIS G 188 26.08 -12.38 -6.27
C HIS G 188 25.76 -11.21 -7.21
N PRO G 189 25.89 -9.97 -6.75
CA PRO G 189 25.56 -8.84 -7.63
C PRO G 189 26.37 -8.81 -8.91
N HIS G 190 27.63 -9.23 -8.87
CA HIS G 190 28.43 -9.28 -10.09
C HIS G 190 27.82 -10.26 -11.08
N HIS G 191 27.33 -11.40 -10.59
CA HIS G 191 26.70 -12.40 -11.44
C HIS G 191 25.31 -11.99 -11.91
N SER G 192 24.68 -11.01 -11.25
CA SER G 192 23.34 -10.60 -11.64
C SER G 192 23.30 -10.11 -13.08
N MET G 193 24.39 -9.53 -13.57
CA MET G 193 24.46 -9.01 -14.93
C MET G 193 24.37 -10.10 -15.98
N LEU G 194 24.54 -11.37 -15.60
CA LEU G 194 24.57 -12.48 -16.54
C LEU G 194 23.23 -13.19 -16.67
N TYR G 195 22.21 -12.77 -15.90
CA TYR G 195 20.95 -13.49 -15.89
C TYR G 195 19.80 -12.54 -16.18
N PRO G 196 18.73 -13.05 -16.81
CA PRO G 196 17.55 -12.22 -17.13
C PRO G 196 16.70 -11.92 -15.90
N LEU G 197 17.12 -10.90 -15.16
CA LEU G 197 16.40 -10.42 -14.00
C LEU G 197 15.95 -8.98 -14.23
N SER G 198 14.82 -8.62 -13.65
CA SER G 198 14.39 -7.23 -13.67
C SER G 198 15.47 -6.36 -13.03
N HIS G 199 15.71 -5.19 -13.63
CA HIS G 199 16.73 -4.30 -13.11
C HIS G 199 16.47 -3.93 -11.65
N GLY G 200 15.22 -3.99 -11.20
CA GLY G 200 14.95 -3.86 -9.79
C GLY G 200 15.58 -4.96 -8.97
N PHE G 201 15.50 -6.20 -9.46
CA PHE G 201 16.21 -7.31 -8.82
C PHE G 201 17.68 -6.98 -8.65
N ARG G 202 18.32 -6.49 -9.71
CA ARG G 202 19.75 -6.21 -9.66
C ARG G 202 20.07 -5.12 -8.64
N LYS G 203 19.27 -4.04 -8.65
CA LYS G 203 19.49 -2.98 -7.66
C LYS G 203 19.26 -3.49 -6.25
N ALA G 204 18.24 -4.33 -6.07
CA ALA G 204 17.97 -4.88 -4.74
C ALA G 204 19.14 -5.71 -4.25
N ILE G 205 19.73 -6.54 -5.13
CA ILE G 205 20.88 -7.34 -4.73
C ILE G 205 22.02 -6.43 -4.28
N ALA G 206 22.29 -5.37 -5.06
CA ALA G 206 23.36 -4.45 -4.70
C ALA G 206 23.11 -3.81 -3.34
N GLU G 207 21.88 -3.34 -3.11
CA GLU G 207 21.59 -2.66 -1.86
C GLU G 207 21.76 -3.59 -0.67
N ARG G 208 21.26 -4.82 -0.78
CA ARG G 208 21.41 -5.77 0.33
C ARG G 208 22.88 -5.94 0.69
N HIS G 209 23.73 -6.13 -0.31
CA HIS G 209 25.16 -6.32 -0.05
C HIS G 209 25.79 -5.05 0.51
N GLY G 210 25.45 -3.88 -0.04
CA GLY G 210 25.93 -2.64 0.53
C GLY G 210 25.47 -2.45 1.96
N ASN G 211 24.20 -2.78 2.23
CA ASN G 211 23.70 -2.71 3.59
C ASN G 211 24.43 -3.67 4.51
N LEU G 212 24.99 -4.75 3.95
CA LEU G 212 25.83 -5.64 4.74
C LEU G 212 27.09 -4.92 5.22
N CYS G 213 27.69 -4.10 4.36
CA CYS G 213 28.84 -3.32 4.77
C CYS G 213 28.51 -2.40 5.93
N LEU G 214 27.33 -1.76 5.89
CA LEU G 214 26.93 -0.88 6.98
C LEU G 214 26.81 -1.65 8.29
N ASP G 215 26.20 -2.84 8.25
CA ASP G 215 26.07 -3.64 9.47
C ASP G 215 27.43 -4.08 9.99
N LYS G 216 28.39 -4.35 9.08
CA LYS G 216 29.73 -4.72 9.53
C LYS G 216 30.43 -3.56 10.24
N ILE G 217 30.26 -2.34 9.72
CA ILE G 217 30.97 -1.21 10.30
C ILE G 217 30.29 -0.66 11.56
N ASN G 218 29.03 -1.01 11.79
CA ASN G 218 28.34 -0.49 12.98
C ASN G 218 29.05 -0.89 14.26
N VAL G 219 29.73 -2.04 14.27
CA VAL G 219 30.36 -2.51 15.49
C VAL G 219 31.41 -1.53 15.98
N LEU G 220 31.97 -0.72 15.08
CA LEU G 220 33.02 0.21 15.48
C LEU G 220 32.47 1.41 16.23
N HIS G 221 31.24 1.81 15.93
CA HIS G 221 30.57 2.94 16.59
C HIS G 221 31.24 4.28 16.29
N LYS G 222 32.07 4.35 15.27
CA LYS G 222 32.78 5.60 14.98
C LYS G 222 31.80 6.69 14.56
N PRO G 223 31.89 7.89 15.13
CA PRO G 223 30.98 8.96 14.72
C PRO G 223 31.27 9.39 13.29
N PRO G 224 30.29 9.95 12.59
CA PRO G 224 30.53 10.36 11.20
C PRO G 224 31.69 11.33 11.11
N TYR G 225 32.50 11.16 10.07
CA TYR G 225 33.65 12.01 9.87
C TYR G 225 33.23 13.41 9.45
N GLU G 226 33.96 14.42 9.93
CA GLU G 226 33.73 15.81 9.52
C GLU G 226 34.59 16.10 8.31
N HIS G 227 33.95 16.34 7.17
CA HIS G 227 34.51 16.50 5.83
C HIS G 227 34.94 17.94 5.59
N PRO G 228 36.05 18.14 4.86
CA PRO G 228 36.46 19.51 4.54
C PRO G 228 35.39 20.22 3.73
N LYS G 229 35.20 21.51 4.03
CA LYS G 229 34.24 22.34 3.33
C LYS G 229 34.90 23.33 2.38
N ASP G 230 36.23 23.31 2.25
CA ASP G 230 36.92 24.24 1.38
C ASP G 230 38.27 23.65 1.01
N LEU G 231 38.90 24.24 -0.01
CA LEU G 231 40.22 23.84 -0.46
C LEU G 231 41.32 24.71 0.12
N LYS G 232 40.99 25.61 1.06
CA LYS G 232 42.01 26.49 1.63
C LYS G 232 43.10 25.69 2.33
N LEU G 233 42.71 24.66 3.10
CA LEU G 233 43.70 23.83 3.77
C LEU G 233 44.51 22.98 2.79
N SER G 234 44.04 22.82 1.56
CA SER G 234 44.76 22.07 0.54
C SER G 234 45.36 22.97 -0.53
N ASP G 235 45.48 24.26 -0.26
CA ASP G 235 46.03 25.23 -1.21
C ASP G 235 45.21 25.27 -2.50
N GLY G 236 43.89 25.20 -2.35
CA GLY G 236 43.02 25.22 -3.51
C GLY G 236 43.16 24.00 -4.41
N ARG G 237 43.74 22.92 -3.90
CA ARG G 237 43.99 21.71 -4.67
C ARG G 237 42.99 20.64 -4.22
N LEU G 238 42.23 20.10 -5.17
CA LEU G 238 41.27 19.06 -4.85
C LEU G 238 42.02 17.76 -4.56
N ARG G 239 41.76 17.18 -3.39
CA ARG G 239 42.40 15.93 -2.99
C ARG G 239 41.50 14.78 -3.40
N VAL G 240 41.96 14.00 -4.37
CA VAL G 240 41.19 12.88 -4.92
C VAL G 240 41.93 11.59 -4.56
N GLY G 241 41.24 10.68 -3.88
CA GLY G 241 41.82 9.41 -3.50
C GLY G 241 41.28 8.25 -4.30
N TYR G 242 42.18 7.53 -4.98
CA TYR G 242 41.81 6.37 -5.78
C TYR G 242 42.06 5.11 -4.97
N VAL G 243 40.98 4.44 -4.56
CA VAL G 243 41.04 3.27 -3.71
C VAL G 243 40.81 2.04 -4.57
N SER G 244 41.80 1.17 -4.64
CA SER G 244 41.68 -0.04 -5.45
C SER G 244 42.67 -1.08 -4.95
N SER G 245 42.29 -2.35 -5.09
CA SER G 245 43.15 -3.49 -4.77
C SER G 245 43.89 -4.01 -5.99
N ASP G 246 43.82 -3.31 -7.12
CA ASP G 246 44.36 -3.76 -8.39
C ASP G 246 45.46 -2.83 -8.88
N PHE G 247 46.33 -2.40 -7.98
CA PHE G 247 47.49 -1.58 -8.34
C PHE G 247 48.65 -2.51 -8.64
N GLY G 248 48.73 -2.96 -9.89
CA GLY G 248 49.76 -3.90 -10.30
C GLY G 248 49.47 -4.54 -11.65
N ASN G 249 49.73 -5.84 -11.75
CA ASN G 249 49.45 -6.59 -12.99
C ASN G 249 47.99 -7.02 -12.99
N HIS G 250 47.12 -6.03 -13.17
CA HIS G 250 45.68 -6.22 -13.22
C HIS G 250 45.12 -5.35 -14.33
N PRO G 251 44.01 -5.76 -14.94
CA PRO G 251 43.44 -4.94 -16.04
C PRO G 251 43.23 -3.49 -15.65
N THR G 252 42.81 -3.23 -14.41
CA THR G 252 42.62 -1.86 -13.96
C THR G 252 43.87 -1.03 -14.20
N SER G 253 45.04 -1.54 -13.78
CA SER G 253 46.28 -0.81 -13.97
C SER G 253 46.68 -0.74 -15.44
N HIS G 254 46.39 -1.78 -16.22
CA HIS G 254 46.69 -1.75 -17.65
C HIS G 254 45.88 -0.70 -18.39
N LEU G 255 44.83 -0.15 -17.78
CA LEU G 255 43.98 0.85 -18.39
C LEU G 255 44.33 2.27 -17.96
N MET G 256 44.46 2.49 -16.65
CA MET G 256 44.55 3.84 -16.09
C MET G 256 45.85 4.11 -15.36
N GLN G 257 46.91 3.35 -15.64
CA GLN G 257 48.17 3.57 -14.92
C GLN G 257 48.68 4.97 -15.14
N SER G 258 48.55 5.50 -16.36
CA SER G 258 49.03 6.83 -16.67
C SER G 258 48.12 7.94 -16.13
N ILE G 259 46.88 7.60 -15.74
CA ILE G 259 45.95 8.63 -15.31
C ILE G 259 46.50 9.43 -14.14
N PRO G 260 46.98 8.82 -13.06
CA PRO G 260 47.45 9.63 -11.91
C PRO G 260 48.51 10.65 -12.27
N GLY G 261 49.46 10.29 -13.13
CA GLY G 261 50.51 11.23 -13.50
C GLY G 261 50.01 12.39 -14.34
N MET G 262 48.90 12.20 -15.05
CA MET G 262 48.38 13.22 -15.95
C MET G 262 47.49 14.24 -15.25
N HIS G 263 47.13 14.02 -13.99
CA HIS G 263 46.33 14.99 -13.26
C HIS G 263 47.11 16.29 -13.12
N ASN G 264 46.41 17.41 -13.21
CA ASN G 264 47.05 18.71 -13.12
C ASN G 264 47.44 18.98 -11.66
N PRO G 265 48.73 19.16 -11.36
CA PRO G 265 49.12 19.40 -9.96
C PRO G 265 48.65 20.74 -9.43
N ASP G 266 48.54 21.75 -10.30
CA ASP G 266 48.12 23.07 -9.84
C ASP G 266 46.74 23.02 -9.19
N LYS G 267 45.85 22.16 -9.68
CA LYS G 267 44.48 22.09 -9.20
C LYS G 267 44.16 20.80 -8.44
N PHE G 268 45.01 19.78 -8.52
CA PHE G 268 44.70 18.48 -7.95
C PHE G 268 45.86 17.91 -7.15
N GLU G 269 45.53 17.19 -6.09
CA GLU G 269 46.47 16.41 -5.30
C GLU G 269 45.97 14.98 -5.27
N VAL G 270 46.73 14.06 -5.87
CA VAL G 270 46.30 12.69 -6.10
C VAL G 270 46.79 11.80 -4.97
N PHE G 271 45.87 11.05 -4.37
CA PHE G 271 46.19 10.06 -3.35
C PHE G 271 45.76 8.69 -3.87
N CYS G 272 46.68 7.73 -3.83
CA CYS G 272 46.41 6.36 -4.26
C CYS G 272 46.42 5.45 -3.04
N TYR G 273 45.26 4.86 -2.74
CA TYR G 273 45.09 3.98 -1.60
C TYR G 273 44.97 2.56 -2.11
N ALA G 274 46.01 1.76 -1.92
CA ALA G 274 46.07 0.40 -2.44
C ALA G 274 45.66 -0.58 -1.35
N LEU G 275 44.72 -1.47 -1.68
CA LEU G 275 44.31 -2.53 -0.78
C LEU G 275 45.04 -3.84 -1.04
N SER G 276 46.03 -3.83 -1.93
CA SER G 276 46.81 -5.01 -2.25
C SER G 276 48.30 -4.74 -2.01
N PRO G 277 49.05 -5.75 -1.59
CA PRO G 277 50.50 -5.57 -1.43
C PRO G 277 51.18 -5.43 -2.79
N ASP G 278 52.35 -4.78 -2.76
CA ASP G 278 53.11 -4.57 -3.97
C ASP G 278 53.50 -5.91 -4.60
N ASP G 279 53.14 -6.09 -5.87
CA ASP G 279 53.47 -7.30 -6.60
C ASP G 279 54.78 -7.19 -7.37
N GLY G 280 55.51 -6.10 -7.18
CA GLY G 280 56.79 -5.93 -7.84
C GLY G 280 56.70 -5.63 -9.32
N THR G 281 55.52 -5.35 -9.82
CA THR G 281 55.33 -5.04 -11.24
C THR G 281 55.56 -3.56 -11.49
N ASN G 282 56.04 -3.24 -12.70
CA ASN G 282 56.23 -1.85 -13.06
C ASN G 282 54.92 -1.08 -13.07
N PHE G 283 53.78 -1.76 -13.19
CA PHE G 283 52.49 -1.09 -13.08
C PHE G 283 52.34 -0.42 -11.72
N ARG G 284 52.56 -1.18 -10.65
CA ARG G 284 52.54 -0.60 -9.32
C ARG G 284 53.65 0.43 -9.14
N VAL G 285 54.80 0.19 -9.76
CA VAL G 285 55.92 1.14 -9.66
C VAL G 285 55.49 2.50 -10.20
N LYS G 286 54.86 2.53 -11.38
CA LYS G 286 54.44 3.79 -11.98
C LYS G 286 53.42 4.49 -11.11
N VAL G 287 52.40 3.77 -10.64
CA VAL G 287 51.37 4.38 -9.80
C VAL G 287 52.00 4.91 -8.52
N MET G 288 52.90 4.14 -7.91
CA MET G 288 53.50 4.57 -6.65
C MET G 288 54.30 5.86 -6.83
N ALA G 289 55.04 5.98 -7.93
CA ALA G 289 55.93 7.12 -8.15
C ALA G 289 55.22 8.33 -8.75
N GLU G 290 54.47 8.13 -9.83
CA GLU G 290 53.85 9.26 -10.52
C GLU G 290 52.80 9.96 -9.66
N ALA G 291 52.01 9.19 -8.93
CA ALA G 291 50.95 9.78 -8.12
C ALA G 291 51.54 10.72 -7.08
N ASN G 292 50.80 11.78 -6.77
CA ASN G 292 51.28 12.75 -5.79
C ASN G 292 51.64 12.07 -4.48
N HIS G 293 50.79 11.16 -4.01
CA HIS G 293 51.07 10.39 -2.79
C HIS G 293 50.47 9.00 -2.95
N PHE G 294 51.18 8.00 -2.43
CA PHE G 294 50.74 6.61 -2.46
C PHE G 294 50.61 6.07 -1.05
N ILE G 295 49.53 5.33 -0.80
CA ILE G 295 49.23 4.76 0.50
C ILE G 295 48.95 3.27 0.32
N ASP G 296 49.54 2.46 1.20
CA ASP G 296 49.40 1.00 1.15
C ASP G 296 48.52 0.57 2.32
N LEU G 297 47.20 0.57 2.09
CA LEU G 297 46.25 0.13 3.10
C LEU G 297 46.28 -1.38 3.30
N SER G 298 47.01 -2.12 2.47
CA SER G 298 47.14 -3.56 2.67
C SER G 298 47.80 -3.87 4.01
N GLN G 299 48.50 -2.91 4.60
CA GLN G 299 49.10 -3.05 5.92
C GLN G 299 48.19 -2.57 7.04
N ILE G 300 46.95 -2.20 6.72
CA ILE G 300 46.01 -1.70 7.71
C ILE G 300 44.73 -2.50 7.62
N PRO G 301 44.71 -3.76 8.08
CA PRO G 301 43.49 -4.57 7.96
C PRO G 301 42.29 -3.98 8.68
N CYS G 302 42.50 -3.32 9.82
CA CYS G 302 41.39 -2.73 10.56
C CYS G 302 40.80 -1.60 9.75
N ASN G 303 39.58 -1.80 9.25
CA ASN G 303 38.96 -0.79 8.40
C ASN G 303 38.80 0.54 9.13
N GLY G 304 38.64 0.51 10.45
CA GLY G 304 38.53 1.75 11.20
C GLY G 304 39.76 2.62 11.07
N LYS G 305 40.95 2.02 11.26
CA LYS G 305 42.18 2.79 11.12
C LYS G 305 42.37 3.29 9.71
N ALA G 306 42.06 2.46 8.71
CA ALA G 306 42.20 2.88 7.32
C ALA G 306 41.30 4.07 7.02
N ALA G 307 40.04 3.99 7.46
CA ALA G 307 39.11 5.10 7.22
C ALA G 307 39.61 6.38 7.88
N ASP G 308 40.14 6.29 9.09
CA ASP G 308 40.72 7.45 9.73
C ASP G 308 41.92 7.98 8.93
N ARG G 309 42.71 7.09 8.37
CA ARG G 309 43.86 7.51 7.56
C ARG G 309 43.40 8.30 6.34
N ILE G 310 42.33 7.84 5.67
CA ILE G 310 41.78 8.61 4.57
C ILE G 310 41.30 9.97 5.05
N HIS G 311 40.61 10.00 6.19
CA HIS G 311 40.07 11.26 6.69
C HIS G 311 41.16 12.28 6.98
N GLN G 312 42.22 11.87 7.68
CA GLN G 312 43.28 12.82 8.02
C GLN G 312 44.00 13.32 6.79
N ASP G 313 44.01 12.54 5.71
CA ASP G 313 44.56 13.02 4.45
C ASP G 313 43.74 14.14 3.84
N GLY G 314 42.53 14.38 4.34
CA GLY G 314 41.68 15.43 3.81
C GLY G 314 41.21 15.19 2.40
N ILE G 315 40.85 13.96 2.06
CA ILE G 315 40.38 13.65 0.71
C ILE G 315 39.01 14.26 0.51
N HIS G 316 38.85 15.02 -0.59
CA HIS G 316 37.56 15.61 -0.91
C HIS G 316 36.69 14.67 -1.74
N ILE G 317 37.29 13.98 -2.71
CA ILE G 317 36.58 13.01 -3.54
C ILE G 317 37.29 11.68 -3.45
N LEU G 318 36.55 10.63 -3.10
CA LEU G 318 37.10 9.28 -2.95
C LEU G 318 36.51 8.38 -4.03
N VAL G 319 37.37 7.70 -4.77
CA VAL G 319 36.97 6.92 -5.94
C VAL G 319 37.07 5.44 -5.58
N ASN G 320 35.95 4.72 -5.74
CA ASN G 320 35.91 3.28 -5.53
C ASN G 320 36.18 2.59 -6.86
N MET G 321 37.33 1.93 -6.97
CA MET G 321 37.72 1.23 -8.18
C MET G 321 37.53 -0.27 -8.09
N ASN G 322 36.81 -0.75 -7.07
CA ASN G 322 36.62 -2.17 -6.84
C ASN G 322 35.17 -2.62 -6.96
N GLY G 323 34.23 -1.84 -6.45
CA GLY G 323 32.85 -2.28 -6.47
C GLY G 323 32.70 -3.59 -5.71
N TYR G 324 31.95 -4.52 -6.29
CA TYR G 324 31.72 -5.83 -5.69
C TYR G 324 32.66 -6.90 -6.24
N THR G 325 33.88 -6.52 -6.60
CA THR G 325 34.83 -7.45 -7.18
C THR G 325 35.75 -8.04 -6.10
N LYS G 326 36.66 -8.90 -6.54
CA LYS G 326 37.61 -9.53 -5.62
C LYS G 326 38.49 -8.48 -4.95
N GLY G 327 38.74 -8.67 -3.65
CA GLY G 327 39.62 -7.79 -2.91
C GLY G 327 39.02 -6.47 -2.50
N ALA G 328 37.72 -6.28 -2.68
CA ALA G 328 37.08 -5.01 -2.34
C ALA G 328 37.03 -4.82 -0.83
N ARG G 329 37.17 -3.57 -0.39
CA ARG G 329 37.04 -3.19 1.00
C ARG G 329 36.02 -2.08 1.14
N ASN G 330 34.83 -2.30 0.57
CA ASN G 330 33.80 -1.27 0.53
C ASN G 330 33.37 -0.82 1.91
N GLU G 331 33.69 -1.60 2.95
CA GLU G 331 33.41 -1.15 4.31
C GLU G 331 34.01 0.23 4.57
N LEU G 332 35.14 0.53 3.93
CA LEU G 332 35.75 1.85 4.08
C LEU G 332 34.80 2.94 3.59
N PHE G 333 34.19 2.75 2.41
CA PHE G 333 33.26 3.73 1.90
C PHE G 333 31.99 3.80 2.74
N ALA G 334 31.63 2.71 3.42
CA ALA G 334 30.49 2.75 4.33
C ALA G 334 30.73 3.70 5.50
N LEU G 335 31.98 3.96 5.84
CA LEU G 335 32.32 4.88 6.92
C LEU G 335 32.39 6.32 6.45
N ARG G 336 32.27 6.58 5.15
CA ARG G 336 32.26 7.91 4.59
C ARG G 336 33.43 8.77 5.09
N PRO G 337 34.67 8.36 4.84
CA PRO G 337 35.82 9.19 5.21
C PRO G 337 35.94 10.45 4.37
N ALA G 338 35.24 10.55 3.24
CA ALA G 338 35.32 11.71 2.37
C ALA G 338 33.94 12.23 2.05
N PRO G 339 33.81 13.51 1.72
CA PRO G 339 32.49 14.08 1.41
C PRO G 339 31.88 13.49 0.16
N ILE G 340 32.66 13.40 -0.92
CA ILE G 340 32.18 12.88 -2.20
C ILE G 340 32.84 11.54 -2.46
N GLN G 341 32.04 10.51 -2.68
CA GLN G 341 32.52 9.18 -2.99
C GLN G 341 31.77 8.65 -4.20
N ALA G 342 32.53 8.22 -5.23
CA ALA G 342 31.94 7.77 -6.48
C ALA G 342 32.70 6.57 -7.00
N MET G 343 32.02 5.81 -7.86
CA MET G 343 32.59 4.61 -8.46
C MET G 343 33.15 4.94 -9.84
N TRP G 344 34.26 4.29 -10.18
CA TRP G 344 34.94 4.50 -11.44
C TRP G 344 35.12 3.16 -12.14
N LEU G 345 35.95 3.13 -13.18
CA LEU G 345 36.27 1.88 -13.87
C LEU G 345 36.40 0.75 -12.86
N GLY G 346 35.84 -0.40 -13.22
CA GLY G 346 35.79 -1.53 -12.31
C GLY G 346 34.46 -2.25 -12.38
N TYR G 347 33.78 -2.35 -11.24
CA TYR G 347 32.51 -3.06 -11.20
C TYR G 347 31.55 -2.45 -12.22
N PRO G 348 31.20 -3.19 -13.28
CA PRO G 348 30.29 -2.65 -14.30
C PRO G 348 28.82 -2.80 -13.90
N GLY G 349 28.43 -2.09 -12.85
CA GLY G 349 27.07 -2.17 -12.37
C GLY G 349 26.85 -1.20 -11.23
N THR G 350 25.62 -1.20 -10.73
CA THR G 350 25.23 -0.30 -9.66
C THR G 350 25.69 -0.84 -8.31
N SER G 351 26.17 0.05 -7.46
CA SER G 351 26.55 -0.35 -6.10
C SER G 351 25.33 -0.57 -5.23
N GLY G 352 24.25 0.18 -5.46
CA GLY G 352 23.08 0.10 -4.60
C GLY G 352 23.35 0.46 -3.17
N ALA G 353 24.44 1.19 -2.91
CA ALA G 353 24.88 1.50 -1.57
C ALA G 353 24.61 2.95 -1.23
N LEU G 354 24.15 3.20 0.00
CA LEU G 354 23.86 4.55 0.43
C LEU G 354 25.10 5.42 0.45
N PHE G 355 26.26 4.84 0.76
CA PHE G 355 27.49 5.61 0.86
C PHE G 355 28.10 5.95 -0.49
N MET G 356 27.63 5.34 -1.58
CA MET G 356 28.14 5.64 -2.92
C MET G 356 27.29 6.74 -3.53
N ASP G 357 27.91 7.90 -3.78
CA ASP G 357 27.16 9.07 -4.26
C ASP G 357 27.00 9.06 -5.77
N TYR G 358 28.04 8.66 -6.50
CA TYR G 358 28.07 8.84 -7.94
C TYR G 358 28.57 7.57 -8.62
N ILE G 359 28.36 7.52 -9.93
CA ILE G 359 28.85 6.43 -10.76
C ILE G 359 29.34 7.01 -12.08
N ILE G 360 30.66 7.14 -12.24
CA ILE G 360 31.20 7.69 -13.48
C ILE G 360 30.74 6.81 -14.64
N THR G 361 30.04 7.41 -15.59
CA THR G 361 29.47 6.66 -16.69
C THR G 361 29.59 7.51 -17.95
N ASP G 362 28.85 7.11 -18.98
CA ASP G 362 28.82 7.82 -20.26
C ASP G 362 27.50 7.54 -20.94
N GLN G 363 27.00 8.54 -21.68
CA GLN G 363 25.81 8.33 -22.49
C GLN G 363 26.02 7.13 -23.40
N GLU G 364 24.96 6.34 -23.56
CA GLU G 364 25.01 5.05 -24.25
C GLU G 364 25.65 3.98 -23.38
N THR G 365 26.31 4.39 -22.29
CA THR G 365 26.74 3.39 -21.31
C THR G 365 25.63 3.16 -20.30
N SER G 366 25.17 4.24 -19.68
CA SER G 366 24.01 4.24 -18.81
C SER G 366 23.08 5.35 -19.31
N PRO G 367 22.33 5.09 -20.40
CA PRO G 367 21.40 6.10 -20.90
C PRO G 367 20.56 6.72 -19.81
N ALA G 368 20.09 7.95 -20.04
CA ALA G 368 19.36 8.67 -18.99
C ALA G 368 18.08 7.95 -18.60
N GLU G 369 17.37 7.38 -19.57
CA GLU G 369 16.11 6.70 -19.29
C GLU G 369 16.28 5.52 -18.36
N VAL G 370 17.48 4.95 -18.26
CA VAL G 370 17.72 3.77 -17.45
C VAL G 370 18.40 4.13 -16.13
N ALA G 371 18.35 5.40 -15.73
CA ALA G 371 19.01 5.82 -14.50
C ALA G 371 18.44 5.16 -13.26
N GLU G 372 17.21 4.64 -13.34
CA GLU G 372 16.62 3.96 -12.19
C GLU G 372 17.41 2.71 -11.81
N GLN G 373 18.07 2.08 -12.79
CA GLN G 373 18.85 0.88 -12.50
C GLN G 373 19.94 1.16 -11.47
N TYR G 374 20.55 2.35 -11.55
CA TYR G 374 21.67 2.71 -10.69
C TYR G 374 21.18 3.57 -9.53
N SER G 375 21.52 3.16 -8.31
CA SER G 375 21.18 3.96 -7.15
C SER G 375 22.04 5.21 -7.06
N GLU G 376 23.27 5.15 -7.55
CA GLU G 376 24.15 6.31 -7.54
C GLU G 376 23.73 7.31 -8.62
N LYS G 377 23.98 8.58 -8.33
CA LYS G 377 23.70 9.65 -9.30
C LYS G 377 24.70 9.57 -10.45
N LEU G 378 24.18 9.61 -11.67
CA LEU G 378 25.03 9.49 -12.85
C LEU G 378 25.96 10.69 -12.97
N ALA G 379 27.17 10.43 -13.46
CA ALA G 379 28.23 11.42 -13.60
C ALA G 379 28.78 11.40 -15.02
N TYR G 380 27.89 11.48 -16.00
CA TYR G 380 28.23 11.30 -17.41
C TYR G 380 29.58 11.92 -17.76
N MET G 381 30.49 11.08 -18.29
CA MET G 381 31.73 11.52 -18.89
C MET G 381 31.47 11.91 -20.33
N PRO G 382 32.30 12.77 -20.93
CA PRO G 382 31.92 13.39 -22.20
C PRO G 382 31.61 12.38 -23.30
N HIS G 383 32.64 11.65 -23.70
CA HIS G 383 32.58 10.46 -24.53
C HIS G 383 32.71 9.24 -23.61
N THR G 384 33.08 8.10 -24.21
CA THR G 384 33.24 6.84 -23.46
C THR G 384 33.74 7.06 -22.05
N PHE G 385 33.13 6.37 -21.08
CA PHE G 385 33.63 6.39 -19.72
C PHE G 385 34.80 5.44 -19.52
N PHE G 386 34.94 4.45 -20.40
CA PHE G 386 36.06 3.53 -20.35
C PHE G 386 37.33 4.21 -20.83
N ILE G 387 38.48 3.65 -20.43
CA ILE G 387 39.77 4.16 -20.87
C ILE G 387 40.73 3.00 -21.05
N GLY G 388 41.93 3.29 -21.56
CA GLY G 388 42.93 2.27 -21.80
C GLY G 388 44.29 2.84 -22.07
N ASP G 389 45.32 2.28 -21.44
CA ASP G 389 46.69 2.78 -21.56
C ASP G 389 47.46 2.11 -22.69
N HIS G 390 46.76 1.55 -23.68
CA HIS G 390 47.41 0.79 -24.74
C HIS G 390 48.41 1.64 -25.51
N ALA G 391 48.07 2.91 -25.75
CA ALA G 391 48.97 3.78 -26.51
C ALA G 391 50.35 3.83 -25.89
N ASN G 392 50.45 3.66 -24.57
CA ASN G 392 51.72 3.70 -23.87
C ASN G 392 52.34 2.32 -23.71
N MET G 393 51.54 1.31 -23.36
CA MET G 393 52.11 -0.02 -23.12
C MET G 393 52.53 -0.70 -24.42
N PHE G 394 51.76 -0.54 -25.49
CA PHE G 394 52.02 -1.23 -26.76
C PHE G 394 52.09 -0.23 -27.90
N PRO G 395 53.08 0.67 -27.87
CA PRO G 395 53.26 1.61 -28.99
C PRO G 395 53.85 0.98 -30.23
N HIS G 396 54.50 -0.19 -30.11
CA HIS G 396 55.03 -0.86 -31.30
C HIS G 396 53.94 -1.33 -32.24
N LEU G 397 52.71 -1.39 -31.77
CA LEU G 397 51.56 -1.78 -32.60
C LEU G 397 50.94 -0.59 -33.32
N LYS G 398 51.49 0.62 -33.14
CA LYS G 398 50.95 1.79 -33.81
C LYS G 398 51.12 1.68 -35.32
N LYS G 399 52.27 1.18 -35.78
CA LYS G 399 52.50 0.91 -37.20
C LYS G 399 52.85 -0.55 -37.39
N LYS G 400 52.48 -1.10 -38.54
CA LYS G 400 52.72 -2.50 -38.86
C LYS G 400 53.15 -2.63 -40.31
N ALA G 401 53.70 -3.79 -40.64
CA ALA G 401 54.08 -4.14 -42.00
C ALA G 401 53.72 -5.59 -42.25
N VAL G 402 53.59 -5.95 -43.53
CA VAL G 402 53.16 -7.28 -43.92
C VAL G 402 54.13 -7.84 -44.95
N ILE G 403 54.06 -9.16 -45.13
CA ILE G 403 54.87 -9.89 -46.10
C ILE G 403 53.93 -10.52 -47.10
N ASP G 404 54.17 -10.27 -48.39
CA ASP G 404 53.28 -10.76 -49.44
C ASP G 404 53.61 -12.21 -49.73
N PHE G 405 52.75 -13.12 -49.26
CA PHE G 405 53.01 -14.55 -49.45
C PHE G 405 52.87 -14.96 -50.90
N LYS G 406 51.84 -14.48 -51.58
CA LYS G 406 51.57 -14.85 -52.97
C LYS G 406 51.42 -13.61 -53.84
N SER G 407 50.92 -13.78 -55.06
CA SER G 407 50.67 -12.66 -55.96
C SER G 407 49.97 -11.51 -55.24
N ILE G 411 46.99 -6.33 -50.97
CA ILE G 411 47.11 -7.72 -50.56
C ILE G 411 46.62 -7.88 -49.13
N TYR G 412 46.72 -9.11 -48.61
CA TYR G 412 46.25 -9.38 -47.27
C TYR G 412 47.00 -8.52 -46.25
N ASP G 413 46.28 -8.07 -45.22
CA ASP G 413 46.85 -7.28 -44.15
C ASP G 413 46.90 -8.02 -42.82
N ASN G 414 46.18 -9.13 -42.68
CA ASN G 414 46.00 -9.82 -41.42
C ASN G 414 46.50 -11.26 -41.47
N ARG G 415 47.52 -11.52 -42.28
CA ARG G 415 48.07 -12.88 -42.41
C ARG G 415 49.50 -12.98 -41.93
N ILE G 416 50.41 -12.16 -42.46
CA ILE G 416 51.80 -12.10 -41.99
C ILE G 416 52.09 -10.65 -41.64
N VAL G 417 52.30 -10.39 -40.35
CA VAL G 417 52.44 -9.03 -39.85
C VAL G 417 53.75 -8.89 -39.09
N LEU G 418 54.31 -7.69 -39.14
CA LEU G 418 55.56 -7.37 -38.46
C LEU G 418 55.39 -6.05 -37.72
N ASN G 419 55.74 -6.04 -36.44
CA ASN G 419 55.65 -4.88 -35.60
C ASN G 419 57.01 -4.61 -34.97
N GLY G 420 57.28 -3.34 -34.70
CA GLY G 420 58.55 -2.99 -34.08
C GLY G 420 58.81 -1.50 -34.00
N ILE G 421 59.43 -1.07 -32.90
CA ILE G 421 59.79 0.34 -32.76
C ILE G 421 60.83 0.72 -33.81
N ASP G 422 61.75 -0.18 -34.11
CA ASP G 422 62.79 0.04 -35.12
C ASP G 422 62.38 -0.48 -36.49
N LEU G 423 61.09 -0.69 -36.73
CA LEU G 423 60.65 -1.30 -37.97
C LEU G 423 60.98 -0.42 -39.18
N LYS G 424 60.85 0.90 -39.01
CA LYS G 424 61.09 1.81 -40.14
C LYS G 424 62.54 1.72 -40.61
N ALA G 425 63.49 1.75 -39.68
CA ALA G 425 64.90 1.68 -40.06
C ALA G 425 65.22 0.36 -40.75
N PHE G 426 64.66 -0.75 -40.25
CA PHE G 426 64.87 -2.04 -40.89
C PHE G 426 64.29 -2.06 -42.29
N LEU G 427 63.10 -1.47 -42.47
CA LEU G 427 62.48 -1.47 -43.80
C LEU G 427 63.32 -0.70 -44.81
N ASP G 428 63.90 0.43 -44.39
CA ASP G 428 64.76 1.20 -45.30
C ASP G 428 65.98 0.41 -45.75
N SER G 429 66.37 -0.63 -45.00
CA SER G 429 67.49 -1.47 -45.37
C SER G 429 67.12 -2.54 -46.40
N LEU G 430 65.83 -2.64 -46.77
CA LEU G 430 65.40 -3.65 -47.72
C LEU G 430 65.25 -3.04 -49.11
N PRO G 431 65.56 -3.81 -50.16
CA PRO G 431 65.59 -3.24 -51.52
C PRO G 431 64.21 -2.97 -52.11
N ASP G 432 63.27 -3.89 -51.93
CA ASP G 432 62.00 -3.87 -52.66
C ASP G 432 60.81 -3.63 -51.74
N VAL G 433 60.94 -2.68 -50.82
CA VAL G 433 59.82 -2.33 -49.94
C VAL G 433 58.74 -1.63 -50.76
N LYS G 434 57.51 -2.11 -50.64
CA LYS G 434 56.36 -1.53 -51.31
C LYS G 434 55.44 -0.87 -50.30
N ILE G 435 54.69 0.12 -50.76
CA ILE G 435 53.82 0.93 -49.90
C ILE G 435 52.40 0.85 -50.42
N VAL G 436 51.46 0.56 -49.53
CA VAL G 436 50.04 0.51 -49.85
C VAL G 436 49.35 1.66 -49.12
N LYS G 437 48.78 2.59 -49.89
CA LYS G 437 48.08 3.72 -49.30
C LYS G 437 46.68 3.31 -48.87
N MET G 438 46.28 3.76 -47.68
CA MET G 438 45.01 3.37 -47.10
C MET G 438 43.89 4.33 -47.51
N LEU G 454 47.70 5.58 -42.24
CA LEU G 454 48.05 6.36 -43.41
C LEU G 454 48.53 5.46 -44.55
N ASN G 455 49.38 4.50 -44.21
CA ASN G 455 49.95 3.59 -45.21
C ASN G 455 50.44 2.33 -44.52
N MET G 456 50.66 1.29 -45.33
CA MET G 456 51.13 0.01 -44.83
C MET G 456 52.25 -0.54 -45.70
N PRO G 457 53.47 -0.65 -45.18
CA PRO G 457 54.55 -1.26 -45.96
C PRO G 457 54.29 -2.72 -46.24
N VAL G 458 54.86 -3.22 -47.34
CA VAL G 458 54.73 -4.61 -47.73
C VAL G 458 56.10 -5.12 -48.19
N ILE G 459 56.48 -6.29 -47.69
CA ILE G 459 57.73 -6.94 -48.08
C ILE G 459 57.42 -8.01 -49.12
N PRO G 460 58.06 -8.00 -50.27
CA PRO G 460 57.79 -9.03 -51.28
C PRO G 460 58.39 -10.38 -50.87
N MET G 461 57.92 -11.43 -51.54
CA MET G 461 58.36 -12.79 -51.29
C MET G 461 59.78 -12.96 -51.84
N ASN G 462 60.75 -12.43 -51.09
CA ASN G 462 62.15 -12.43 -51.50
C ASN G 462 62.96 -13.27 -50.51
N THR G 463 64.28 -13.23 -50.66
CA THR G 463 65.15 -14.03 -49.81
C THR G 463 64.97 -13.65 -48.34
N ILE G 464 64.85 -12.35 -48.05
CA ILE G 464 64.65 -11.91 -46.68
C ILE G 464 63.35 -12.47 -46.12
N ALA G 465 62.27 -12.37 -46.90
CA ALA G 465 60.99 -12.92 -46.47
C ALA G 465 61.09 -14.43 -46.26
N GLU G 466 61.82 -15.12 -47.15
CA GLU G 466 62.06 -16.55 -46.97
C GLU G 466 62.77 -16.82 -45.64
N ALA G 467 63.73 -15.97 -45.28
CA ALA G 467 64.41 -16.14 -44.00
C ALA G 467 63.43 -16.01 -42.84
N VAL G 468 62.55 -15.01 -42.90
CA VAL G 468 61.57 -14.82 -41.83
C VAL G 468 60.61 -16.00 -41.78
N ILE G 469 60.22 -16.52 -42.94
CA ILE G 469 59.29 -17.64 -42.99
C ILE G 469 59.91 -18.88 -42.34
N GLU G 470 61.17 -19.17 -42.65
CA GLU G 470 61.80 -20.35 -42.06
C GLU G 470 61.95 -20.18 -40.54
N MET G 471 62.25 -18.98 -40.07
CA MET G 471 62.29 -18.75 -38.64
C MET G 471 60.96 -19.11 -38.00
N ILE G 472 59.86 -18.65 -38.60
CA ILE G 472 58.54 -18.93 -38.04
C ILE G 472 58.23 -20.42 -38.14
N ASN G 473 58.43 -21.00 -39.33
CA ASN G 473 58.07 -22.40 -39.54
C ASN G 473 58.93 -23.34 -38.70
N ARG G 474 60.23 -23.07 -38.60
CA ARG G 474 61.13 -23.93 -37.86
C ARG G 474 61.14 -23.62 -36.37
N GLY G 475 60.18 -22.84 -35.89
CA GLY G 475 60.05 -22.60 -34.46
C GLY G 475 61.25 -21.95 -33.82
N GLN G 476 62.02 -21.18 -34.58
CA GLN G 476 63.21 -20.53 -34.04
C GLN G 476 62.84 -19.25 -33.32
N ILE G 477 63.46 -19.03 -32.16
CA ILE G 477 63.07 -17.92 -31.30
C ILE G 477 63.27 -16.59 -32.01
N GLN G 478 64.42 -16.40 -32.65
CA GLN G 478 64.77 -15.10 -33.20
C GLN G 478 65.82 -15.27 -34.28
N ILE G 479 66.03 -14.19 -35.04
CA ILE G 479 67.02 -14.15 -36.10
C ILE G 479 67.58 -12.73 -36.17
N THR G 480 68.58 -12.52 -37.01
CA THR G 480 69.18 -11.21 -37.22
C THR G 480 69.22 -10.93 -38.73
N ILE G 481 68.73 -9.76 -39.11
CA ILE G 481 68.72 -9.33 -40.51
C ILE G 481 69.27 -7.92 -40.57
N ASN G 482 70.45 -7.76 -41.16
CA ASN G 482 71.11 -6.44 -41.26
C ASN G 482 71.30 -5.82 -39.88
N GLY G 483 71.58 -6.65 -38.88
CA GLY G 483 71.75 -6.19 -37.52
C GLY G 483 70.48 -5.97 -36.74
N PHE G 484 69.32 -6.15 -37.36
CA PHE G 484 68.04 -5.94 -36.69
C PHE G 484 67.56 -7.24 -36.07
N SER G 485 67.18 -7.17 -34.80
CA SER G 485 66.66 -8.36 -34.12
C SER G 485 65.23 -8.63 -34.59
N ILE G 486 64.99 -9.85 -35.05
CA ILE G 486 63.67 -10.29 -35.48
C ILE G 486 63.25 -11.43 -34.55
N SER G 487 62.13 -11.24 -33.86
CA SER G 487 61.68 -12.17 -32.84
C SER G 487 60.39 -12.85 -33.28
N ASN G 488 60.33 -14.16 -33.07
CA ASN G 488 59.10 -14.90 -33.31
C ASN G 488 58.06 -14.47 -32.28
N GLY G 489 56.91 -14.00 -32.77
CA GLY G 489 55.90 -13.44 -31.89
C GLY G 489 55.38 -14.40 -30.84
N LEU G 490 55.60 -15.69 -31.04
CA LEU G 490 55.13 -16.70 -30.10
C LEU G 490 56.12 -16.96 -28.97
N ALA G 491 57.30 -16.34 -29.02
CA ALA G 491 58.38 -16.60 -28.06
C ALA G 491 58.75 -15.36 -27.25
N THR G 492 57.83 -14.41 -27.10
CA THR G 492 58.17 -13.18 -26.40
C THR G 492 58.56 -13.43 -24.94
N THR G 493 58.03 -14.51 -24.34
CA THR G 493 58.27 -14.74 -22.92
C THR G 493 59.74 -14.94 -22.61
N GLN G 494 60.42 -15.79 -23.40
CA GLN G 494 61.82 -16.08 -23.10
C GLN G 494 62.74 -14.93 -23.49
N ILE G 495 62.39 -14.20 -24.56
CA ILE G 495 63.23 -13.08 -24.98
C ILE G 495 63.17 -11.96 -23.95
N ASN G 496 61.97 -11.58 -23.54
CA ASN G 496 61.80 -10.56 -22.50
C ASN G 496 60.41 -10.76 -21.87
N ASN G 497 60.38 -11.40 -20.70
CA ASN G 497 59.11 -11.61 -20.02
C ASN G 497 58.45 -10.29 -19.67
N LYS G 498 59.26 -9.26 -19.38
CA LYS G 498 58.70 -7.94 -19.10
C LYS G 498 57.93 -7.41 -20.29
N ALA G 499 58.49 -7.56 -21.49
CA ALA G 499 57.80 -7.09 -22.70
C ALA G 499 56.51 -7.86 -22.93
N ALA G 500 56.53 -9.18 -22.71
CA ALA G 500 55.35 -9.99 -22.95
C ALA G 500 54.21 -9.59 -22.02
N THR G 501 54.52 -9.32 -20.75
CA THR G 501 53.50 -8.89 -19.80
C THR G 501 53.05 -7.46 -20.03
N GLY G 502 53.75 -6.69 -20.85
CA GLY G 502 53.44 -5.29 -21.07
C GLY G 502 54.18 -4.33 -20.17
N GLU G 503 54.92 -4.83 -19.17
CA GLU G 503 55.68 -3.95 -18.28
C GLU G 503 56.81 -3.23 -19.00
N GLU G 504 57.22 -3.73 -20.16
CA GLU G 504 58.24 -3.08 -20.98
C GLU G 504 57.78 -3.07 -22.43
N VAL G 505 58.08 -1.99 -23.14
CA VAL G 505 57.80 -1.97 -24.59
C VAL G 505 58.83 -2.83 -25.29
N PRO G 506 58.43 -3.79 -26.12
CA PRO G 506 59.40 -4.68 -26.75
C PRO G 506 60.47 -3.90 -27.50
N ARG G 507 61.72 -4.29 -27.30
CA ARG G 507 62.86 -3.66 -27.97
C ARG G 507 63.25 -4.36 -29.26
N THR G 508 62.50 -5.38 -29.66
CA THR G 508 62.79 -6.16 -30.86
C THR G 508 61.63 -6.04 -31.85
N ILE G 509 61.84 -6.61 -33.04
CA ILE G 509 60.83 -6.64 -34.09
C ILE G 509 60.15 -8.01 -34.03
N ILE G 510 58.83 -8.02 -33.87
CA ILE G 510 58.06 -9.23 -33.63
C ILE G 510 57.30 -9.58 -34.90
N VAL G 511 57.33 -10.86 -35.27
CA VAL G 511 56.63 -11.36 -36.44
C VAL G 511 55.47 -12.22 -35.98
N THR G 512 54.29 -11.94 -36.50
CA THR G 512 53.07 -12.67 -36.19
C THR G 512 52.46 -13.22 -37.47
N THR G 513 51.99 -14.46 -37.42
CA THR G 513 51.39 -15.10 -38.58
C THR G 513 50.19 -15.93 -38.15
N ARG G 514 49.20 -16.02 -39.05
CA ARG G 514 48.09 -16.94 -38.83
C ARG G 514 48.59 -18.37 -38.65
N SER G 515 49.71 -18.69 -39.29
CA SER G 515 50.27 -20.05 -39.20
C SER G 515 50.60 -20.43 -37.76
N GLN G 516 51.04 -19.47 -36.95
CA GLN G 516 51.43 -19.79 -35.57
C GLN G 516 50.25 -20.36 -34.80
N TYR G 517 49.07 -19.79 -34.95
CA TYR G 517 47.90 -20.18 -34.20
C TYR G 517 46.94 -21.08 -34.98
N GLY G 518 47.34 -21.51 -36.17
CA GLY G 518 46.51 -22.42 -36.94
C GLY G 518 45.33 -21.78 -37.62
N LEU G 519 45.34 -20.47 -37.82
CA LEU G 519 44.26 -19.81 -38.52
C LEU G 519 44.36 -20.08 -40.03
N PRO G 520 43.24 -20.31 -40.71
CA PRO G 520 43.28 -20.61 -42.14
C PRO G 520 44.04 -19.53 -42.91
N GLU G 521 44.79 -19.97 -43.91
CA GLU G 521 45.71 -19.06 -44.60
C GLU G 521 44.98 -17.87 -45.21
N ASP G 522 43.85 -18.12 -45.87
CA ASP G 522 43.04 -17.07 -46.48
C ASP G 522 41.58 -17.32 -46.14
N ALA G 523 41.14 -16.77 -45.00
CA ALA G 523 39.78 -16.99 -44.55
C ALA G 523 39.36 -15.87 -43.62
N ILE G 524 38.05 -15.70 -43.49
CA ILE G 524 37.51 -14.76 -42.50
C ILE G 524 37.76 -15.31 -41.11
N VAL G 525 38.29 -14.48 -40.23
CA VAL G 525 38.63 -14.89 -38.87
C VAL G 525 37.80 -14.01 -37.92
N TYR G 526 36.59 -14.47 -37.60
CA TYR G 526 35.80 -13.83 -36.56
C TYR G 526 36.41 -14.19 -35.21
N CYS G 527 36.67 -13.19 -34.38
CA CYS G 527 37.43 -13.40 -33.16
C CYS G 527 36.66 -12.90 -31.94
N ASN G 528 36.91 -13.56 -30.81
CA ASN G 528 36.39 -13.13 -29.52
C ASN G 528 37.32 -13.68 -28.46
N PHE G 529 37.90 -12.80 -27.64
CA PHE G 529 38.93 -13.19 -26.70
C PHE G 529 38.49 -13.15 -25.24
N ASN G 530 37.32 -12.58 -24.95
CA ASN G 530 36.86 -12.49 -23.57
C ASN G 530 36.56 -13.88 -23.02
N GLN G 531 36.38 -13.95 -21.71
CA GLN G 531 36.16 -15.24 -21.05
C GLN G 531 34.91 -15.93 -21.60
N LEU G 532 34.95 -17.27 -21.63
CA LEU G 532 33.85 -18.03 -22.20
C LEU G 532 32.54 -17.83 -21.45
N TYR G 533 32.60 -17.54 -20.14
CA TYR G 533 31.38 -17.28 -19.39
C TYR G 533 30.50 -16.26 -20.10
N LYS G 534 31.12 -15.34 -20.86
CA LYS G 534 30.40 -14.28 -21.56
C LYS G 534 29.50 -14.81 -22.67
N ILE G 535 29.62 -16.09 -23.01
CA ILE G 535 28.86 -16.67 -24.12
C ILE G 535 27.57 -17.27 -23.59
N ASP G 536 26.49 -17.09 -24.36
CA ASP G 536 25.17 -17.57 -24.03
C ASP G 536 24.64 -18.42 -25.17
N PRO G 537 23.72 -19.36 -24.89
CA PRO G 537 23.14 -20.19 -25.95
C PRO G 537 22.81 -19.39 -27.19
N SER G 538 22.05 -18.31 -27.03
CA SER G 538 21.70 -17.46 -28.16
C SER G 538 22.93 -16.92 -28.86
N THR G 539 23.85 -16.33 -28.10
CA THR G 539 25.06 -15.73 -28.67
C THR G 539 25.72 -16.68 -29.64
N LEU G 540 25.90 -17.94 -29.22
CA LEU G 540 26.45 -18.96 -30.11
C LEU G 540 25.60 -19.08 -31.38
N GLN G 541 24.30 -19.29 -31.21
CA GLN G 541 23.42 -19.47 -32.36
C GLN G 541 23.57 -18.33 -33.37
N MET G 542 23.50 -17.08 -32.88
CA MET G 542 23.74 -15.92 -33.74
C MET G 542 25.00 -16.11 -34.56
N TRP G 543 26.12 -16.36 -33.88
CA TRP G 543 27.39 -16.57 -34.57
C TRP G 543 27.34 -17.80 -35.46
N ALA G 544 26.72 -18.89 -34.97
CA ALA G 544 26.53 -20.06 -35.82
C ALA G 544 25.83 -19.67 -37.11
N ASN G 545 24.79 -18.83 -37.02
CA ASN G 545 24.13 -18.34 -38.22
C ASN G 545 25.08 -17.50 -39.07
N ILE G 546 25.91 -16.68 -38.43
CA ILE G 546 26.85 -15.84 -39.18
C ILE G 546 27.82 -16.72 -39.95
N LEU G 547 28.37 -17.75 -39.30
CA LEU G 547 29.31 -18.64 -39.97
C LEU G 547 28.65 -19.41 -41.09
N LYS G 548 27.42 -19.88 -40.88
CA LYS G 548 26.71 -20.59 -41.94
C LYS G 548 26.49 -19.70 -43.15
N ARG G 549 26.14 -18.43 -42.93
CA ARG G 549 25.99 -17.50 -44.03
C ARG G 549 27.32 -17.09 -44.65
N VAL G 550 28.44 -17.27 -43.92
CA VAL G 550 29.74 -16.92 -44.45
C VAL G 550 30.64 -18.16 -44.42
N PRO G 551 30.67 -18.96 -45.48
CA PRO G 551 31.62 -20.06 -45.53
C PRO G 551 33.05 -19.55 -45.63
N ASN G 552 33.99 -20.42 -45.25
CA ASN G 552 35.41 -20.14 -45.08
C ASN G 552 35.69 -19.19 -43.93
N SER G 553 34.69 -18.88 -43.11
CA SER G 553 34.86 -18.05 -41.94
C SER G 553 34.99 -18.93 -40.71
N VAL G 554 35.91 -18.56 -39.81
CA VAL G 554 36.14 -19.30 -38.58
C VAL G 554 36.06 -18.34 -37.42
N LEU G 555 35.84 -18.90 -36.23
CA LEU G 555 35.68 -18.13 -35.00
C LEU G 555 36.90 -18.37 -34.12
N TRP G 556 37.75 -17.35 -34.00
CA TRP G 556 38.94 -17.42 -33.16
C TRP G 556 38.54 -17.20 -31.71
N LEU G 557 38.62 -18.25 -30.90
CA LEU G 557 38.29 -18.21 -29.49
C LEU G 557 39.50 -18.62 -28.67
N LEU G 558 39.34 -18.61 -27.35
CA LEU G 558 40.43 -18.94 -26.43
C LEU G 558 39.96 -20.03 -25.47
N ARG G 559 40.88 -20.95 -25.16
CA ARG G 559 40.66 -21.95 -24.13
C ARG G 559 40.78 -21.25 -22.79
N PHE G 560 39.71 -20.55 -22.41
CA PHE G 560 39.77 -19.53 -21.36
C PHE G 560 38.40 -19.44 -20.68
N PRO G 561 38.04 -20.42 -19.86
CA PRO G 561 38.80 -21.64 -19.50
C PRO G 561 38.78 -22.71 -20.59
N ALA G 562 39.74 -23.64 -20.56
CA ALA G 562 39.81 -24.68 -21.58
C ALA G 562 38.73 -25.74 -21.43
N VAL G 563 38.18 -25.92 -20.23
CA VAL G 563 37.15 -26.93 -20.02
C VAL G 563 35.92 -26.64 -20.86
N GLY G 564 35.69 -25.37 -21.21
CA GLY G 564 34.54 -25.00 -22.00
C GLY G 564 34.66 -25.27 -23.49
N GLU G 565 35.87 -25.54 -23.98
CA GLU G 565 36.05 -25.80 -25.40
C GLU G 565 35.18 -26.94 -25.91
N PRO G 566 35.09 -28.08 -25.24
CA PRO G 566 34.24 -29.17 -25.74
C PRO G 566 32.77 -28.81 -25.71
N ASN G 567 32.32 -28.25 -24.59
CA ASN G 567 30.92 -27.84 -24.49
C ASN G 567 30.55 -26.88 -25.61
N ILE G 568 31.39 -25.87 -25.85
CA ILE G 568 31.14 -24.92 -26.93
C ILE G 568 31.06 -25.65 -28.27
N GLN G 569 32.04 -26.50 -28.55
CA GLN G 569 32.04 -27.22 -29.82
C GLN G 569 30.86 -28.17 -29.92
N GLN G 570 30.51 -28.83 -28.81
CA GLN G 570 29.37 -29.73 -28.82
C GLN G 570 28.10 -29.00 -29.26
N TYR G 571 27.83 -27.84 -28.65
CA TYR G 571 26.65 -27.08 -29.05
C TYR G 571 26.76 -26.62 -30.50
N ALA G 572 27.95 -26.19 -30.93
CA ALA G 572 28.14 -25.80 -32.32
C ALA G 572 27.86 -26.96 -33.26
N GLN G 573 28.33 -28.16 -32.92
CA GLN G 573 28.02 -29.33 -33.74
C GLN G 573 26.53 -29.61 -33.75
N ASN G 574 25.87 -29.52 -32.59
CA ASN G 574 24.42 -29.68 -32.56
C ASN G 574 23.70 -28.57 -33.30
N MET G 575 24.32 -27.41 -33.43
CA MET G 575 23.78 -26.29 -34.18
C MET G 575 24.05 -26.41 -35.68
N GLY G 576 24.76 -27.45 -36.11
CA GLY G 576 25.09 -27.64 -37.50
C GLY G 576 26.47 -27.14 -37.89
N LEU G 577 27.25 -26.62 -36.94
CA LEU G 577 28.59 -26.14 -37.24
C LEU G 577 29.59 -27.27 -37.07
N PRO G 578 30.33 -27.65 -38.11
CA PRO G 578 31.36 -28.68 -37.95
C PRO G 578 32.49 -28.19 -37.07
N GLN G 579 33.25 -29.16 -36.54
CA GLN G 579 34.25 -28.84 -35.52
C GLN G 579 35.29 -27.86 -36.05
N ASN G 580 35.74 -28.06 -37.28
CA ASN G 580 36.82 -27.23 -37.83
C ASN G 580 36.42 -25.76 -38.01
N ARG G 581 35.13 -25.43 -37.91
CA ARG G 581 34.69 -24.06 -38.11
C ARG G 581 35.05 -23.14 -36.94
N ILE G 582 35.39 -23.71 -35.78
CA ILE G 582 35.74 -22.92 -34.60
C ILE G 582 37.17 -23.25 -34.19
N ILE G 583 37.99 -22.22 -34.04
CA ILE G 583 39.41 -22.37 -33.74
C ILE G 583 39.65 -21.84 -32.32
N PHE G 584 40.19 -22.70 -31.46
CA PHE G 584 40.52 -22.34 -30.09
C PHE G 584 42.03 -22.25 -29.93
N SER G 585 42.49 -21.19 -29.27
CA SER G 585 43.89 -21.00 -28.95
C SER G 585 44.06 -20.75 -27.47
N PRO G 586 45.23 -21.06 -26.92
CA PRO G 586 45.45 -20.86 -25.49
C PRO G 586 45.58 -19.38 -25.14
N VAL G 587 45.31 -19.09 -23.87
CA VAL G 587 45.53 -17.75 -23.36
C VAL G 587 47.02 -17.41 -23.47
N ALA G 588 47.32 -16.16 -23.78
CA ALA G 588 48.68 -15.72 -24.06
C ALA G 588 49.02 -14.49 -23.25
N PRO G 589 50.32 -14.16 -23.15
CA PRO G 589 50.73 -12.94 -22.46
C PRO G 589 49.97 -11.71 -22.95
N LYS G 590 49.98 -10.63 -22.16
CA LYS G 590 49.29 -9.42 -22.57
C LYS G 590 49.74 -8.97 -23.96
N GLU G 591 51.05 -8.93 -24.20
CA GLU G 591 51.56 -8.49 -25.48
C GLU G 591 51.09 -9.40 -26.61
N GLU G 592 51.19 -10.72 -26.41
CA GLU G 592 50.70 -11.64 -27.43
C GLU G 592 49.20 -11.51 -27.62
N HIS G 593 48.45 -11.41 -26.52
CA HIS G 593 46.99 -11.34 -26.62
C HIS G 593 46.57 -10.13 -27.45
N VAL G 594 47.21 -8.99 -27.24
CA VAL G 594 46.88 -7.80 -28.00
C VAL G 594 47.37 -7.92 -29.45
N ARG G 595 48.62 -8.37 -29.63
CA ARG G 595 49.21 -8.40 -30.96
C ARG G 595 48.51 -9.40 -31.88
N ARG G 596 48.16 -10.58 -31.36
CA ARG G 596 47.57 -11.61 -32.20
C ARG G 596 46.28 -11.14 -32.86
N GLY G 597 45.58 -10.19 -32.26
CA GLY G 597 44.34 -9.71 -32.84
C GLY G 597 44.53 -9.15 -34.23
N GLN G 598 45.73 -8.65 -34.53
CA GLN G 598 46.02 -8.16 -35.88
C GLN G 598 45.76 -9.24 -36.92
N LEU G 599 46.06 -10.50 -36.60
CA LEU G 599 45.81 -11.59 -37.53
C LEU G 599 44.33 -11.71 -37.87
N ALA G 600 43.46 -11.31 -36.95
CA ALA G 600 42.02 -11.37 -37.18
C ALA G 600 41.58 -10.25 -38.12
N ASP G 601 40.34 -10.35 -38.58
CA ASP G 601 39.74 -9.33 -39.43
C ASP G 601 38.50 -8.68 -38.83
N VAL G 602 37.75 -9.39 -37.99
CA VAL G 602 36.58 -8.81 -37.32
C VAL G 602 36.40 -9.52 -35.98
N CYS G 603 35.95 -8.76 -34.99
CA CYS G 603 35.68 -9.28 -33.65
C CYS G 603 34.19 -9.20 -33.37
N LEU G 604 33.63 -10.28 -32.86
CA LEU G 604 32.21 -10.33 -32.49
C LEU G 604 32.10 -10.22 -30.98
N ASP G 605 31.43 -9.17 -30.52
CA ASP G 605 31.30 -8.94 -29.08
C ASP G 605 30.31 -9.92 -28.46
N THR G 606 30.49 -10.18 -27.17
CA THR G 606 29.54 -11.02 -26.44
C THR G 606 28.39 -10.17 -25.96
N PRO G 607 27.22 -10.28 -26.57
CA PRO G 607 26.09 -9.41 -26.19
C PRO G 607 25.89 -9.30 -24.67
N LEU G 608 26.06 -10.39 -23.94
CA LEU G 608 25.78 -10.39 -22.51
C LEU G 608 26.68 -9.44 -21.72
N CYS G 609 27.98 -9.75 -21.63
CA CYS G 609 28.94 -8.90 -20.94
C CYS G 609 29.79 -8.10 -21.91
N ASN G 610 29.23 -7.78 -23.08
CA ASN G 610 29.90 -7.01 -24.11
C ASN G 610 31.39 -7.33 -24.16
N GLY G 611 32.21 -6.28 -24.15
CA GLY G 611 33.65 -6.43 -24.21
C GLY G 611 34.45 -5.52 -23.30
N HIS G 612 33.90 -5.12 -22.15
CA HIS G 612 34.65 -4.23 -21.27
C HIS G 612 36.06 -4.79 -21.07
N THR G 613 37.06 -4.08 -21.56
CA THR G 613 38.42 -4.64 -21.58
C THR G 613 38.43 -5.85 -22.52
N THR G 614 39.51 -6.06 -23.25
CA THR G 614 39.63 -7.08 -24.27
C THR G 614 38.83 -6.66 -25.51
N GLY G 615 38.02 -5.62 -25.42
CA GLY G 615 37.47 -4.95 -26.58
C GLY G 615 38.34 -3.75 -26.86
N MET G 616 38.76 -3.08 -25.79
CA MET G 616 39.78 -2.05 -25.93
C MET G 616 41.04 -2.63 -26.56
N ASP G 617 41.44 -3.83 -26.12
CA ASP G 617 42.58 -4.50 -26.72
C ASP G 617 42.33 -4.77 -28.20
N VAL G 618 41.14 -5.30 -28.51
CA VAL G 618 40.81 -5.60 -29.90
C VAL G 618 40.80 -4.33 -30.74
N LEU G 619 40.19 -3.27 -30.22
CA LEU G 619 40.14 -2.02 -30.96
C LEU G 619 41.53 -1.45 -31.19
N TRP G 620 42.40 -1.50 -30.17
CA TRP G 620 43.77 -1.06 -30.36
C TRP G 620 44.46 -1.83 -31.46
N ALA G 621 44.11 -3.10 -31.65
CA ALA G 621 44.68 -3.92 -32.70
C ALA G 621 44.24 -3.49 -34.09
N GLY G 622 43.25 -2.61 -34.19
CA GLY G 622 42.69 -2.23 -35.47
C GLY G 622 41.62 -3.17 -35.99
N THR G 623 41.14 -4.10 -35.16
CA THR G 623 40.12 -5.06 -35.58
C THR G 623 38.73 -4.47 -35.38
N PRO G 624 37.90 -4.38 -36.42
CA PRO G 624 36.53 -3.93 -36.21
C PRO G 624 35.78 -4.84 -35.25
N MET G 625 34.89 -4.25 -34.47
CA MET G 625 34.14 -4.96 -33.44
C MET G 625 32.65 -4.73 -33.65
N VAL G 626 31.87 -5.80 -33.59
CA VAL G 626 30.42 -5.74 -33.76
C VAL G 626 29.76 -6.01 -32.42
N THR G 627 28.89 -5.10 -32.00
CA THR G 627 28.22 -5.21 -30.71
C THR G 627 26.72 -4.95 -30.88
N MET G 628 25.93 -5.61 -30.04
CA MET G 628 24.49 -5.41 -29.94
C MET G 628 24.21 -4.99 -28.50
N PRO G 629 24.27 -3.69 -28.21
CA PRO G 629 24.08 -3.24 -26.83
C PRO G 629 22.70 -3.55 -26.30
N GLY G 630 22.62 -3.82 -25.00
CA GLY G 630 21.37 -4.12 -24.34
C GLY G 630 21.02 -3.12 -23.25
N GLU G 631 20.84 -3.61 -22.02
CA GLU G 631 20.52 -2.75 -20.89
C GLU G 631 21.58 -2.78 -19.80
N THR G 632 21.96 -3.96 -19.33
CA THR G 632 22.99 -4.10 -18.32
C THR G 632 24.18 -3.21 -18.66
N LEU G 633 24.67 -2.46 -17.67
CA LEU G 633 25.82 -1.61 -17.90
C LEU G 633 26.94 -2.39 -18.57
N ALA G 634 27.07 -3.68 -18.23
CA ALA G 634 28.04 -4.54 -18.89
C ALA G 634 27.87 -4.50 -20.40
N SER G 635 26.69 -4.90 -20.88
CA SER G 635 26.37 -4.62 -22.26
C SER G 635 26.46 -3.10 -22.49
N ARG G 636 26.63 -2.73 -23.75
CA ARG G 636 26.71 -1.35 -24.21
C ARG G 636 28.08 -0.72 -23.93
N VAL G 637 28.96 -1.38 -23.18
CA VAL G 637 30.26 -0.77 -22.90
C VAL G 637 31.07 -0.66 -24.18
N ALA G 638 31.07 -1.72 -24.99
CA ALA G 638 31.72 -1.65 -26.29
C ALA G 638 31.13 -0.55 -27.15
N ALA G 639 29.80 -0.46 -27.18
CA ALA G 639 29.14 0.61 -27.93
C ALA G 639 29.73 1.96 -27.58
N SER G 640 29.85 2.24 -26.28
CA SER G 640 30.48 3.48 -25.83
C SER G 640 31.83 3.66 -26.49
N GLN G 641 32.65 2.60 -26.49
CA GLN G 641 33.93 2.64 -27.18
C GLN G 641 33.72 2.85 -28.68
N LEU G 642 32.81 2.07 -29.27
CA LEU G 642 32.58 2.17 -30.71
C LEU G 642 32.05 3.56 -31.07
N THR G 643 31.13 4.11 -30.28
CA THR G 643 30.65 5.45 -30.53
C THR G 643 31.77 6.47 -30.43
N CYS G 644 32.57 6.40 -29.35
CA CYS G 644 33.70 7.30 -29.23
C CYS G 644 34.71 7.09 -30.33
N LEU G 645 34.81 5.87 -30.85
CA LEU G 645 35.73 5.59 -31.95
C LEU G 645 35.23 6.17 -33.27
N GLY G 646 33.94 6.43 -33.39
CA GLY G 646 33.37 6.87 -34.65
C GLY G 646 33.07 5.75 -35.60
N CYS G 647 32.56 4.62 -35.10
CA CYS G 647 32.24 3.44 -35.88
C CYS G 647 30.82 2.98 -35.58
N LEU G 648 29.88 3.93 -35.66
CA LEU G 648 28.49 3.63 -35.32
C LEU G 648 27.95 2.46 -36.14
N GLU G 649 28.44 2.29 -37.36
CA GLU G 649 27.92 1.24 -38.24
C GLU G 649 28.17 -0.16 -37.71
N LEU G 650 29.03 -0.31 -36.71
CA LEU G 650 29.32 -1.60 -36.09
C LEU G 650 28.36 -1.94 -34.96
N ILE G 651 27.38 -1.09 -34.68
CA ILE G 651 26.48 -1.25 -33.54
C ILE G 651 25.12 -1.68 -34.07
N ALA G 652 24.66 -2.85 -33.62
CA ALA G 652 23.38 -3.40 -34.04
C ALA G 652 22.33 -3.17 -32.97
N LYS G 653 21.09 -2.94 -33.41
CA LYS G 653 19.98 -2.73 -32.49
C LYS G 653 19.19 -3.99 -32.19
N ASN G 654 19.43 -5.09 -32.91
CA ASN G 654 18.79 -6.35 -32.61
C ASN G 654 19.62 -7.48 -33.20
N ARG G 655 19.21 -8.71 -32.90
CA ARG G 655 19.97 -9.88 -33.32
C ARG G 655 20.17 -9.90 -34.83
N GLN G 656 19.10 -9.64 -35.58
CA GLN G 656 19.19 -9.74 -37.04
C GLN G 656 20.18 -8.71 -37.59
N GLU G 657 20.16 -7.49 -37.04
CA GLU G 657 21.13 -6.50 -37.48
C GLU G 657 22.55 -6.94 -37.19
N TYR G 658 22.77 -7.54 -36.02
CA TYR G 658 24.09 -8.07 -35.68
C TYR G 658 24.56 -9.08 -36.71
N GLU G 659 23.70 -10.05 -37.03
CA GLU G 659 24.07 -11.08 -38.00
C GLU G 659 24.33 -10.48 -39.37
N ASP G 660 23.48 -9.53 -39.79
CA ASP G 660 23.64 -8.91 -41.11
C ASP G 660 24.93 -8.10 -41.18
N ILE G 661 25.25 -7.36 -40.12
CA ILE G 661 26.46 -6.55 -40.13
C ILE G 661 27.69 -7.44 -40.29
N ALA G 662 27.73 -8.54 -39.52
CA ALA G 662 28.85 -9.47 -39.63
C ALA G 662 28.91 -10.08 -41.02
N VAL G 663 27.77 -10.50 -41.57
CA VAL G 663 27.76 -11.13 -42.89
C VAL G 663 28.32 -10.18 -43.94
N LYS G 664 27.90 -8.91 -43.90
CA LYS G 664 28.39 -7.95 -44.87
C LYS G 664 29.89 -7.74 -44.74
N LEU G 665 30.41 -7.68 -43.51
CA LEU G 665 31.84 -7.55 -43.31
C LEU G 665 32.58 -8.74 -43.91
N GLY G 666 32.01 -9.93 -43.81
CA GLY G 666 32.64 -11.12 -44.34
C GLY G 666 32.48 -11.36 -45.82
N THR G 667 31.63 -10.56 -46.49
CA THR G 667 31.39 -10.73 -47.92
C THR G 667 31.87 -9.54 -48.73
N ASP G 668 31.49 -8.32 -48.35
CA ASP G 668 31.94 -7.11 -49.04
C ASP G 668 33.35 -6.80 -48.58
N LEU G 669 34.33 -7.40 -49.26
CA LEU G 669 35.72 -7.26 -48.83
C LEU G 669 36.22 -5.83 -48.94
N GLU G 670 35.74 -5.07 -49.94
CA GLU G 670 36.10 -3.67 -50.01
C GLU G 670 35.54 -2.90 -48.83
N TYR G 671 34.30 -3.19 -48.44
CA TYR G 671 33.72 -2.57 -47.25
C TYR G 671 34.50 -2.95 -46.00
N LEU G 672 34.93 -4.21 -45.91
CA LEU G 672 35.72 -4.65 -44.76
C LEU G 672 37.03 -3.90 -44.67
N LYS G 673 37.71 -3.71 -45.80
CA LYS G 673 38.94 -2.93 -45.80
C LYS G 673 38.67 -1.48 -45.41
N LYS G 674 37.56 -0.94 -45.90
CA LYS G 674 37.18 0.43 -45.55
C LYS G 674 36.94 0.57 -44.05
N VAL G 675 36.22 -0.38 -43.46
CA VAL G 675 35.95 -0.32 -42.03
C VAL G 675 37.25 -0.50 -41.23
N ARG G 676 38.07 -1.47 -41.63
CA ARG G 676 39.33 -1.70 -40.93
C ARG G 676 40.22 -0.47 -40.98
N GLY G 677 40.33 0.17 -42.15
CA GLY G 677 41.12 1.38 -42.23
C GLY G 677 40.62 2.46 -41.29
N LYS G 678 39.30 2.64 -41.20
CA LYS G 678 38.76 3.66 -40.32
C LYS G 678 39.09 3.35 -38.86
N VAL G 679 38.95 2.08 -38.45
CA VAL G 679 39.31 1.71 -37.09
C VAL G 679 40.81 1.94 -36.86
N TRP G 680 41.62 1.61 -37.86
CA TRP G 680 43.06 1.81 -37.76
C TRP G 680 43.39 3.27 -37.48
N LYS G 681 42.69 4.19 -38.15
CA LYS G 681 42.95 5.62 -37.94
C LYS G 681 42.22 6.15 -36.72
N GLN G 682 40.95 5.78 -36.54
CA GLN G 682 40.16 6.33 -35.45
C GLN G 682 40.72 5.96 -34.08
N ARG G 683 41.36 4.78 -33.96
CA ARG G 683 41.91 4.40 -32.68
C ARG G 683 42.95 5.40 -32.18
N ILE G 684 43.54 6.17 -33.07
CA ILE G 684 44.49 7.22 -32.71
C ILE G 684 43.82 8.59 -32.67
N SER G 685 43.00 8.90 -33.67
CA SER G 685 42.34 10.20 -33.72
C SER G 685 41.34 10.36 -32.58
N SER G 686 40.46 9.38 -32.39
CA SER G 686 39.40 9.52 -31.40
C SER G 686 39.98 9.60 -29.99
N PRO G 687 39.26 10.24 -29.06
CA PRO G 687 39.72 10.37 -27.68
C PRO G 687 39.67 9.08 -26.87
N LEU G 688 39.36 7.94 -27.49
CA LEU G 688 39.25 6.70 -26.75
C LEU G 688 40.58 6.30 -26.12
N PHE G 689 41.68 6.49 -26.84
CA PHE G 689 43.01 6.13 -26.35
C PHE G 689 43.85 7.35 -26.01
N ASN G 690 43.27 8.55 -26.01
CA ASN G 690 43.97 9.74 -25.57
C ASN G 690 43.77 9.85 -24.06
N THR G 691 44.69 9.25 -23.30
CA THR G 691 44.54 9.19 -21.86
C THR G 691 44.54 10.59 -21.25
N LYS G 692 45.36 11.50 -21.77
CA LYS G 692 45.40 12.85 -21.22
C LYS G 692 44.04 13.53 -21.34
N GLN G 693 43.38 13.39 -22.48
CA GLN G 693 42.02 13.91 -22.61
C GLN G 693 41.11 13.34 -21.54
N TYR G 694 41.16 12.02 -21.34
CA TYR G 694 40.34 11.41 -20.30
C TYR G 694 40.58 12.07 -18.95
N THR G 695 41.85 12.17 -18.54
CA THR G 695 42.17 12.78 -17.26
C THR G 695 41.57 14.18 -17.16
N MET G 696 41.75 14.98 -18.22
CA MET G 696 41.26 16.35 -18.20
C MET G 696 39.74 16.39 -17.98
N GLU G 697 39.01 15.58 -18.75
CA GLU G 697 37.56 15.53 -18.60
C GLU G 697 37.15 14.91 -17.27
N LEU G 698 37.91 13.94 -16.78
CA LEU G 698 37.66 13.42 -15.44
C LEU G 698 37.81 14.52 -14.40
N GLU G 699 38.87 15.32 -14.51
CA GLU G 699 39.04 16.45 -13.60
C GLU G 699 37.89 17.43 -13.73
N ARG G 700 37.45 17.70 -14.97
CA ARG G 700 36.34 18.62 -15.19
C ARG G 700 35.09 18.15 -14.45
N LEU G 701 34.80 16.85 -14.53
CA LEU G 701 33.66 16.31 -13.79
C LEU G 701 33.88 16.36 -12.29
N TYR G 702 35.13 16.12 -11.84
CA TYR G 702 35.45 16.28 -10.43
C TYR G 702 35.04 17.66 -9.93
N LEU G 703 35.41 18.70 -10.68
CA LEU G 703 35.12 20.06 -10.25
C LEU G 703 33.62 20.30 -10.14
N GLN G 704 32.84 19.84 -11.12
CA GLN G 704 31.40 20.00 -11.05
C GLN G 704 30.84 19.35 -9.78
N MET G 705 31.42 18.21 -9.38
CA MET G 705 30.97 17.54 -8.17
C MET G 705 31.29 18.34 -6.93
N TRP G 706 32.47 18.98 -6.90
CA TRP G 706 32.85 19.78 -5.74
C TRP G 706 32.00 21.04 -5.62
N GLU G 707 31.71 21.70 -6.75
CA GLU G 707 30.85 22.88 -6.71
C GLU G 707 29.47 22.52 -6.16
N HIS G 708 28.93 21.38 -6.59
CA HIS G 708 27.64 20.94 -6.08
C HIS G 708 27.68 20.78 -4.56
N TYR G 709 28.75 20.15 -4.05
CA TYR G 709 28.86 19.93 -2.61
C TYR G 709 29.19 21.23 -1.87
N ALA G 710 30.00 22.09 -2.49
CA ALA G 710 30.40 23.33 -1.83
C ALA G 710 29.20 24.23 -1.55
N ALA G 711 28.28 24.34 -2.51
CA ALA G 711 27.08 25.14 -2.35
C ALA G 711 26.02 24.44 -1.51
N GLY G 712 26.35 23.30 -0.90
CA GLY G 712 25.39 22.55 -0.11
C GLY G 712 24.49 21.64 -0.91
N ASN G 713 24.57 21.67 -2.24
CA ASN G 713 23.71 20.83 -3.06
C ASN G 713 24.03 19.36 -2.84
N LYS G 714 22.97 18.54 -2.76
CA LYS G 714 23.18 17.12 -2.58
C LYS G 714 23.40 16.43 -3.92
N PRO G 715 24.11 15.30 -3.92
CA PRO G 715 24.45 14.62 -5.18
C PRO G 715 23.30 14.52 -6.17
N ASP G 716 23.52 15.01 -7.38
CA ASP G 716 22.51 14.98 -8.43
C ASP G 716 23.18 14.77 -9.77
N HIS G 717 22.38 14.31 -10.74
CA HIS G 717 22.92 13.89 -12.03
C HIS G 717 23.70 15.01 -12.69
N MET G 718 24.69 14.64 -13.49
CA MET G 718 25.54 15.58 -14.20
C MET G 718 25.36 15.42 -15.71
N ILE G 719 25.87 16.40 -16.45
CA ILE G 719 25.79 16.38 -17.91
C ILE G 719 26.72 17.43 -18.50
N ALA H 2 59.65 -28.31 -31.65
CA ALA H 2 58.48 -27.85 -30.90
C ALA H 2 58.52 -26.34 -30.69
N PHE H 3 57.44 -25.79 -30.13
CA PHE H 3 57.32 -24.35 -29.92
C PHE H 3 57.27 -23.62 -31.26
N SER H 4 56.51 -24.18 -32.21
CA SER H 4 56.53 -23.79 -33.62
C SER H 4 55.12 -23.74 -34.20
N PRO H 5 54.97 -23.35 -35.48
CA PRO H 5 53.63 -23.11 -36.03
C PRO H 5 52.74 -24.34 -35.98
N LYS H 6 51.42 -24.10 -35.92
CA LYS H 6 50.47 -25.19 -36.01
C LYS H 6 50.39 -25.75 -37.43
N TYR H 7 50.61 -24.91 -38.45
CA TYR H 7 50.67 -25.38 -39.82
C TYR H 7 51.82 -24.70 -40.54
N LEU H 8 52.43 -25.42 -41.48
CA LEU H 8 53.54 -24.92 -42.27
C LEU H 8 53.03 -24.01 -43.39
N LEU H 9 53.95 -23.27 -44.00
CA LEU H 9 53.61 -22.45 -45.15
C LEU H 9 54.75 -22.56 -46.17
N ARG H 10 54.48 -23.26 -47.28
CA ARG H 10 55.50 -23.54 -48.28
C ARG H 10 55.78 -22.29 -49.11
N LEU H 11 56.87 -22.35 -49.87
CA LEU H 11 57.31 -21.22 -50.69
C LEU H 11 58.09 -21.77 -51.88
N PRO H 12 58.12 -21.02 -53.00
CA PRO H 12 58.81 -21.45 -54.22
C PRO H 12 60.32 -21.21 -54.15
#